data_9MUC
#
_entry.id   9MUC
#
_cell.length_a   1.00
_cell.length_b   1.00
_cell.length_c   1.00
_cell.angle_alpha   90.00
_cell.angle_beta   90.00
_cell.angle_gamma   90.00
#
_symmetry.space_group_name_H-M   'P 1'
#
loop_
_entity.id
_entity.type
_entity.pdbx_description
1 polymer "Inosine-5'-monophosphate dehydrogenase 2"
2 non-polymer 'INOSINIC ACID'
3 non-polymer NICOTINAMIDE-ADENINE-DINUCLEOTIDE
#
_entity_poly.entity_id   1
_entity_poly.type   'polypeptide(L)'
_entity_poly.pdbx_seq_one_letter_code
;SEFELMADYLISGGTSYVPDDGLTAQQLFNCGDGLTYNDFLILPGYIDFTADQVDLTSALTKKITLKTPLVSSPMDTVTE
AGMAIAMALTGGIGFIHHNCTPEFQANEVRKVKKYEQGFITDPVVLSPKDRVRDVFEAKARHGFCGIPITDTGRMGSRLV
GIISRDIDFLKEEEHDCFLEEIMTKREDLVVAPAGITLKEANEILQRSKKGKLPIVNEDDELVAIIARTDLKKNRDYPLA
SKDAKKQLLCGAAIGTHEDDKYRLDLLAQAGVDVVVLDSSQGNSIFQINMIKYIKDKYPNLQVIGGNVVTAAQAKNLIDA
GVDALRVGMGSGSICITQEVLACGRPQATAVYKVSEYARRFGVPVIADGGIQNVGHIAKALALGASTVMMGSLLAATTEA
PGEYFFSDGIRLKKYRGMGSLDAMDKHLSSQNRYFSEADKIKVAQGVSGAVQDKGSIHKFVPYLIAGIQHSCQDIGAKSL
TQVRAMMYSGELKFEKRTSSAQVEGGVHSLHSYEKRLF
;
_entity_poly.pdbx_strand_id   A,B,C,D,E,F,G,H
#
loop_
_chem_comp.id
_chem_comp.type
_chem_comp.name
_chem_comp.formula
IMP non-polymer 'INOSINIC ACID' 'C10 H13 N4 O8 P'
NAD non-polymer NICOTINAMIDE-ADENINE-DINUCLEOTIDE 'C21 H27 N7 O14 P2'
#
# COMPACT_ATOMS: atom_id res chain seq x y z
N MET A 6 0.71 16.11 40.63
CA MET A 6 -0.65 16.04 40.01
C MET A 6 -0.63 15.32 38.66
N ALA A 7 -1.78 14.85 38.15
CA ALA A 7 -1.85 14.14 36.88
C ALA A 7 -1.54 15.01 35.66
N ASP A 8 -1.77 16.33 35.72
CA ASP A 8 -1.50 17.25 34.59
C ASP A 8 -0.02 17.25 34.18
N TYR A 9 0.89 16.90 35.09
CA TYR A 9 2.32 16.76 34.80
C TYR A 9 2.78 15.29 34.82
N LEU A 10 2.24 14.42 35.69
CA LEU A 10 2.72 13.04 35.79
C LEU A 10 2.40 12.13 34.58
N ILE A 11 1.30 12.36 33.85
CA ILE A 11 0.91 11.56 32.67
C ILE A 11 2.03 11.61 31.61
N SER A 12 2.48 12.81 31.26
CA SER A 12 3.56 13.07 30.29
C SER A 12 4.09 14.47 30.63
N GLY A 13 5.31 14.55 31.17
CA GLY A 13 5.91 15.79 31.66
C GLY A 13 6.06 16.91 30.66
N GLY A 14 5.25 17.95 30.79
CA GLY A 14 5.28 19.17 29.96
C GLY A 14 4.88 19.01 28.49
N THR A 15 4.72 17.78 28.00
CA THR A 15 4.34 17.51 26.61
C THR A 15 2.82 17.57 26.46
N SER A 16 2.29 18.63 25.86
CA SER A 16 0.84 18.75 25.61
C SER A 16 0.42 17.79 24.51
N TYR A 17 -0.89 17.62 24.29
CA TYR A 17 -1.39 16.68 23.27
C TYR A 17 -0.90 17.00 21.85
N VAL A 18 -0.94 18.26 21.39
CA VAL A 18 -0.46 18.67 20.05
C VAL A 18 -1.04 17.80 18.91
N PRO A 19 -2.28 18.06 18.44
CA PRO A 19 -2.93 17.29 17.36
C PRO A 19 -2.00 17.00 16.16
N ASP A 20 -2.04 15.79 15.62
CA ASP A 20 -1.17 15.41 14.50
C ASP A 20 -1.85 15.75 13.16
N ASP A 21 -1.19 16.58 12.37
CA ASP A 21 -1.67 17.07 11.08
C ASP A 21 -0.48 17.53 10.22
N GLY A 22 -0.41 17.07 8.98
CA GLY A 22 0.70 17.37 8.06
C GLY A 22 1.74 16.25 8.01
N LEU A 23 2.73 16.38 7.14
CA LEU A 23 3.77 15.38 6.94
C LEU A 23 5.13 15.87 7.42
N THR A 24 5.96 14.97 7.97
CA THR A 24 7.36 15.31 8.33
C THR A 24 8.21 15.33 7.05
N ALA A 25 9.39 15.95 7.05
CA ALA A 25 10.22 15.98 5.85
C ALA A 25 10.58 14.57 5.39
N GLN A 26 10.84 13.66 6.33
CA GLN A 26 11.20 12.28 6.03
C GLN A 26 10.09 11.61 5.21
N GLN A 27 8.83 11.67 5.63
CA GLN A 27 7.76 11.02 4.88
C GLN A 27 7.37 11.80 3.61
N LEU A 28 7.63 13.12 3.53
CA LEU A 28 7.39 13.89 2.31
C LEU A 28 8.39 13.47 1.21
N PHE A 29 9.67 13.28 1.54
CA PHE A 29 10.73 12.94 0.58
C PHE A 29 11.02 11.44 0.43
N ASN A 30 10.17 10.58 1.00
CA ASN A 30 10.23 9.11 0.86
C ASN A 30 9.15 8.57 -0.09
N CYS A 31 8.35 9.44 -0.71
CA CYS A 31 7.31 9.06 -1.68
C CYS A 31 7.90 8.68 -3.06
N GLY A 32 9.19 8.96 -3.29
CA GLY A 32 9.88 8.66 -4.56
C GLY A 32 9.64 9.68 -5.68
N ASP A 33 8.68 10.58 -5.50
CA ASP A 33 8.39 11.63 -6.46
C ASP A 33 9.54 12.66 -6.44
N GLY A 34 9.79 13.32 -7.56
CA GLY A 34 10.83 14.33 -7.66
C GLY A 34 10.25 15.70 -7.40
N LEU A 35 10.53 16.26 -6.22
CA LEU A 35 9.96 17.52 -5.78
C LEU A 35 10.89 18.73 -5.92
N THR A 36 10.33 19.82 -6.43
CA THR A 36 10.92 21.16 -6.56
C THR A 36 10.35 22.04 -5.45
N TYR A 37 10.95 23.19 -5.16
CA TYR A 37 10.47 24.10 -4.11
C TYR A 37 8.97 24.46 -4.23
N ASN A 38 8.45 24.65 -5.44
CA ASN A 38 7.04 25.01 -5.67
C ASN A 38 6.04 23.86 -5.40
N ASP A 39 6.48 22.62 -5.21
CA ASP A 39 5.60 21.47 -5.01
C ASP A 39 5.10 21.27 -3.57
N PHE A 40 5.59 22.04 -2.60
CA PHE A 40 5.22 21.88 -1.20
C PHE A 40 5.34 23.19 -0.41
N LEU A 41 4.76 23.20 0.79
CA LEU A 41 4.77 24.32 1.74
C LEU A 41 5.11 23.82 3.14
N ILE A 42 5.44 24.77 4.03
CA ILE A 42 5.75 24.52 5.43
C ILE A 42 4.53 24.99 6.24
N LEU A 43 3.97 24.14 7.09
CA LEU A 43 2.80 24.49 7.89
C LEU A 43 3.21 25.46 9.03
N PRO A 44 2.35 26.40 9.43
CA PRO A 44 2.66 27.35 10.50
C PRO A 44 2.72 26.67 11.87
N GLY A 45 3.44 27.27 12.82
CA GLY A 45 3.60 26.72 14.18
C GLY A 45 3.05 27.64 15.27
N TYR A 46 3.86 27.92 16.29
CA TYR A 46 3.52 28.75 17.43
C TYR A 46 4.48 29.94 17.53
N ILE A 47 3.96 31.13 17.80
CA ILE A 47 4.74 32.37 17.86
C ILE A 47 4.81 32.95 19.28
N ASP A 48 6.02 33.10 19.81
CA ASP A 48 6.26 33.71 21.12
C ASP A 48 7.48 34.64 21.11
N PHE A 49 7.73 35.28 19.97
CA PHE A 49 8.83 36.24 19.78
C PHE A 49 8.56 37.11 18.54
N THR A 50 9.23 38.26 18.43
CA THR A 50 9.12 39.16 17.27
C THR A 50 10.12 38.77 16.19
N ALA A 51 9.88 39.08 14.91
CA ALA A 51 10.77 38.67 13.84
C ALA A 51 12.21 39.23 13.93
N ASP A 52 12.43 40.32 14.67
CA ASP A 52 13.75 40.92 14.84
C ASP A 52 14.65 40.13 15.81
N GLN A 53 14.12 39.12 16.50
CA GLN A 53 14.87 38.29 17.45
C GLN A 53 15.34 36.97 16.83
N VAL A 54 15.14 36.78 15.52
CA VAL A 54 15.56 35.55 14.81
C VAL A 54 17.02 35.65 14.40
N ASP A 55 17.83 34.69 14.80
CA ASP A 55 19.28 34.62 14.49
C ASP A 55 19.51 33.82 13.20
N LEU A 56 20.26 34.41 12.27
CA LEU A 56 20.57 33.83 10.96
C LEU A 56 22.04 33.40 10.83
N THR A 57 22.71 33.17 11.95
CA THR A 57 24.11 32.71 11.93
C THR A 57 24.17 31.33 11.28
N SER A 58 25.13 31.11 10.39
CA SER A 58 25.24 29.84 9.66
C SER A 58 26.68 29.45 9.33
N ALA A 59 26.93 28.16 9.19
CA ALA A 59 28.24 27.62 8.88
C ALA A 59 28.41 27.42 7.37
N LEU A 60 29.41 28.09 6.81
CA LEU A 60 29.79 27.94 5.40
C LEU A 60 30.55 26.61 5.22
N THR A 61 31.43 26.27 6.17
CA THR A 61 32.22 25.03 6.17
C THR A 61 32.33 24.48 7.59
N LYS A 62 33.19 23.51 7.86
CA LYS A 62 33.39 22.95 9.22
C LYS A 62 33.89 23.99 10.23
N LYS A 63 34.64 25.01 9.80
CA LYS A 63 35.16 26.06 10.70
C LYS A 63 35.08 27.51 10.17
N ILE A 64 34.16 27.81 9.27
CA ILE A 64 33.90 29.18 8.78
C ILE A 64 32.42 29.48 9.07
N THR A 65 32.16 30.51 9.85
CA THR A 65 30.80 30.93 10.25
C THR A 65 30.49 32.32 9.71
N LEU A 66 29.28 32.50 9.19
CA LEU A 66 28.75 33.74 8.61
C LEU A 66 27.55 34.22 9.42
N LYS A 67 27.29 35.54 9.37
CA LYS A 67 26.16 36.19 10.05
C LYS A 67 24.81 35.95 9.37
N THR A 68 24.82 35.71 8.07
CA THR A 68 23.66 35.44 7.20
C THR A 68 23.98 34.25 6.28
N PRO A 69 23.00 33.49 5.77
CA PRO A 69 23.25 32.30 4.95
C PRO A 69 23.39 32.55 3.45
N LEU A 70 23.61 33.78 3.01
CA LEU A 70 23.65 34.14 1.58
C LEU A 70 25.06 34.13 0.98
N VAL A 71 25.20 33.51 -0.20
CA VAL A 71 26.47 33.38 -0.94
C VAL A 71 26.30 33.77 -2.41
N SER A 72 27.30 34.35 -3.05
CA SER A 72 27.24 34.71 -4.48
C SER A 72 27.88 33.61 -5.33
N SER A 73 27.19 33.24 -6.42
CA SER A 73 27.65 32.20 -7.30
C SER A 73 28.92 32.58 -8.09
N PRO A 74 29.88 31.65 -8.28
CA PRO A 74 31.11 31.90 -9.02
C PRO A 74 30.88 31.87 -10.53
N MET A 75 30.38 32.98 -11.08
CA MET A 75 30.10 33.20 -12.50
C MET A 75 30.67 34.54 -12.98
N ASP A 76 31.00 34.65 -14.26
CA ASP A 76 31.62 35.87 -14.80
C ASP A 76 30.65 37.06 -14.94
N THR A 77 29.36 36.84 -14.76
CA THR A 77 28.30 37.85 -14.77
C THR A 77 27.68 38.02 -13.37
N VAL A 78 28.32 37.46 -12.33
CA VAL A 78 27.82 37.59 -10.95
C VAL A 78 28.89 38.05 -9.96
N THR A 79 30.02 37.33 -9.85
CA THR A 79 30.98 37.61 -8.78
C THR A 79 32.42 37.98 -9.17
N GLU A 80 32.76 39.23 -8.91
CA GLU A 80 34.10 39.80 -9.02
C GLU A 80 34.38 40.55 -7.69
N ALA A 81 35.47 41.32 -7.59
CA ALA A 81 35.81 41.99 -6.34
C ALA A 81 34.70 42.87 -5.75
N GLY A 82 33.97 43.64 -6.55
CA GLY A 82 32.90 44.52 -6.05
C GLY A 82 31.76 43.74 -5.42
N MET A 83 31.31 42.67 -6.08
CA MET A 83 30.26 41.81 -5.53
C MET A 83 30.75 41.10 -4.26
N ALA A 84 31.98 40.59 -4.25
CA ALA A 84 32.53 39.90 -3.08
C ALA A 84 32.64 40.85 -1.87
N ILE A 85 33.09 42.10 -2.08
CA ILE A 85 33.15 43.11 -1.01
C ILE A 85 31.74 43.37 -0.47
N ALA A 86 30.76 43.59 -1.34
CA ALA A 86 29.39 43.88 -0.91
C ALA A 86 28.76 42.70 -0.13
N MET A 87 28.93 41.46 -0.58
CA MET A 87 28.40 40.29 0.13
C MET A 87 29.11 40.12 1.46
N ALA A 88 30.43 40.33 1.53
CA ALA A 88 31.15 40.22 2.79
C ALA A 88 30.67 41.28 3.80
N LEU A 89 30.45 42.52 3.35
CA LEU A 89 29.98 43.62 4.21
C LEU A 89 28.56 43.39 4.70
N THR A 90 27.70 42.76 3.89
CA THR A 90 26.31 42.44 4.29
C THR A 90 26.23 41.23 5.23
N GLY A 91 27.32 40.49 5.44
CA GLY A 91 27.39 39.36 6.37
C GLY A 91 27.46 37.96 5.75
N GLY A 92 27.54 37.89 4.42
CA GLY A 92 27.65 36.66 3.64
C GLY A 92 29.04 36.51 3.07
N ILE A 93 29.20 35.99 1.85
CA ILE A 93 30.50 35.81 1.18
C ILE A 93 30.28 35.69 -0.35
N GLY A 94 31.32 35.87 -1.14
CA GLY A 94 31.28 35.67 -2.58
C GLY A 94 32.44 34.80 -3.07
N PHE A 95 32.20 33.98 -4.08
CA PHE A 95 33.21 33.12 -4.68
C PHE A 95 33.56 33.70 -6.06
N ILE A 96 34.82 34.09 -6.27
CA ILE A 96 35.23 34.69 -7.53
C ILE A 96 35.34 33.63 -8.64
N HIS A 97 34.82 33.91 -9.84
CA HIS A 97 34.84 32.99 -10.99
C HIS A 97 36.28 32.77 -11.49
N HIS A 98 36.52 31.68 -12.22
CA HIS A 98 37.88 31.33 -12.71
C HIS A 98 38.05 31.28 -14.23
N ASN A 99 37.10 31.75 -15.04
CA ASN A 99 37.28 31.66 -16.50
C ASN A 99 38.25 32.72 -17.08
N CYS A 100 38.78 33.58 -16.21
CA CYS A 100 39.81 34.57 -16.47
C CYS A 100 41.21 33.90 -16.33
N THR A 101 42.27 34.70 -16.35
CA THR A 101 43.62 34.17 -16.13
C THR A 101 43.89 34.05 -14.62
N PRO A 102 44.81 33.21 -14.16
CA PRO A 102 45.11 33.07 -12.74
C PRO A 102 45.57 34.36 -12.06
N GLU A 103 46.37 35.17 -12.76
CA GLU A 103 46.88 36.46 -12.27
C GLU A 103 45.73 37.43 -11.99
N PHE A 104 44.73 37.47 -12.88
CA PHE A 104 43.56 38.31 -12.71
C PHE A 104 42.74 37.87 -11.48
N GLN A 105 42.44 36.58 -11.33
CA GLN A 105 41.64 36.12 -10.18
C GLN A 105 42.37 36.39 -8.86
N ALA A 106 43.68 36.20 -8.81
CA ALA A 106 44.48 36.49 -7.62
C ALA A 106 44.42 37.99 -7.28
N ASN A 107 44.46 38.88 -8.29
CA ASN A 107 44.35 40.31 -8.06
C ASN A 107 42.97 40.67 -7.51
N GLU A 108 41.90 40.05 -8.01
CA GLU A 108 40.55 40.32 -7.49
C GLU A 108 40.44 39.87 -6.03
N VAL A 109 41.00 38.71 -5.64
CA VAL A 109 40.99 38.26 -4.24
C VAL A 109 41.76 39.26 -3.39
N ARG A 110 42.91 39.75 -3.86
CA ARG A 110 43.73 40.73 -3.13
C ARG A 110 42.96 42.03 -2.89
N LYS A 111 42.17 42.50 -3.86
CA LYS A 111 41.32 43.71 -3.72
C LYS A 111 40.29 43.50 -2.61
N VAL A 112 39.71 42.31 -2.50
CA VAL A 112 38.74 41.98 -1.44
C VAL A 112 39.43 41.94 -0.07
N LYS A 113 40.63 41.35 0.04
CA LYS A 113 41.38 41.26 1.31
C LYS A 113 41.98 42.60 1.77
N LYS A 114 42.22 43.55 0.87
CA LYS A 114 42.80 44.89 1.19
C LYS A 114 41.77 45.98 1.51
N TYR A 115 40.47 45.68 1.52
CA TYR A 115 39.43 46.67 1.78
C TYR A 115 39.48 47.26 3.20
N PRO A 238 28.74 45.95 10.76
CA PRO A 238 27.98 45.37 11.87
C PRO A 238 27.96 43.85 11.83
N LEU A 239 27.48 43.29 10.72
CA LEU A 239 27.38 41.85 10.45
C LEU A 239 28.47 41.35 9.48
N ALA A 240 29.45 42.17 9.10
CA ALA A 240 30.46 41.78 8.10
C ALA A 240 31.26 40.52 8.45
N SER A 241 31.40 39.62 7.46
CA SER A 241 32.17 38.38 7.62
C SER A 241 33.66 38.71 7.45
N LYS A 242 34.44 38.50 8.51
CA LYS A 242 35.88 38.82 8.60
C LYS A 242 36.67 37.65 9.19
N ASP A 243 38.00 37.69 9.05
CA ASP A 243 38.93 36.67 9.60
C ASP A 243 39.61 37.17 10.90
N ALA A 244 40.59 36.44 11.42
CA ALA A 244 41.32 36.82 12.64
C ALA A 244 42.08 38.14 12.48
N LYS A 245 42.64 38.38 11.29
CA LYS A 245 43.37 39.61 10.92
C LYS A 245 42.43 40.79 10.60
N LYS A 246 41.12 40.65 10.86
CA LYS A 246 40.05 41.64 10.65
C LYS A 246 39.85 42.06 9.19
N GLN A 247 40.27 41.24 8.23
CA GLN A 247 40.09 41.45 6.80
C GLN A 247 38.83 40.74 6.32
N LEU A 248 38.19 41.24 5.26
CA LEU A 248 36.98 40.65 4.71
C LEU A 248 37.23 39.22 4.23
N LEU A 249 36.34 38.28 4.56
CA LEU A 249 36.47 36.91 4.08
C LEU A 249 36.28 36.89 2.56
N CYS A 250 37.02 36.03 1.86
CA CYS A 250 36.87 35.89 0.41
C CYS A 250 37.06 34.43 -0.01
N GLY A 251 36.29 34.02 -1.02
CA GLY A 251 36.34 32.68 -1.60
C GLY A 251 36.63 32.75 -3.10
N ALA A 252 37.06 31.63 -3.68
CA ALA A 252 37.36 31.54 -5.11
C ALA A 252 37.14 30.12 -5.63
N ALA A 253 36.88 30.01 -6.92
CA ALA A 253 36.68 28.73 -7.60
C ALA A 253 37.90 28.35 -8.42
N ILE A 254 38.13 27.04 -8.59
CA ILE A 254 39.18 26.46 -9.45
C ILE A 254 38.61 25.24 -10.18
N GLY A 255 39.31 24.75 -11.19
CA GLY A 255 38.97 23.54 -11.95
C GLY A 255 39.71 22.32 -11.41
N THR A 256 39.67 21.21 -12.13
CA THR A 256 40.32 19.93 -11.73
C THR A 256 41.46 19.50 -12.66
N HIS A 257 41.95 20.37 -13.53
CA HIS A 257 43.06 20.08 -14.44
C HIS A 257 44.40 20.37 -13.76
N GLU A 258 45.51 19.85 -14.27
CA GLU A 258 46.83 20.06 -13.65
C GLU A 258 47.23 21.54 -13.58
N ASP A 259 46.81 22.38 -14.52
CA ASP A 259 47.10 23.81 -14.51
C ASP A 259 46.38 24.55 -13.38
N ASP A 260 45.34 23.97 -12.78
CA ASP A 260 44.66 24.61 -11.66
C ASP A 260 45.54 24.60 -10.39
N LYS A 261 46.61 23.80 -10.33
CA LYS A 261 47.52 23.78 -9.17
C LYS A 261 48.33 25.08 -9.11
N TYR A 262 48.79 25.61 -10.25
CA TYR A 262 49.47 26.91 -10.25
C TYR A 262 48.48 28.01 -9.85
N ARG A 263 47.24 27.95 -10.38
CA ARG A 263 46.17 28.88 -10.00
C ARG A 263 45.89 28.77 -8.50
N LEU A 264 45.87 27.57 -7.92
CA LEU A 264 45.65 27.35 -6.49
C LEU A 264 46.74 28.06 -5.67
N ASP A 265 48.00 27.97 -6.09
CA ASP A 265 49.13 28.62 -5.43
C ASP A 265 48.97 30.14 -5.44
N LEU A 266 48.60 30.73 -6.57
CA LEU A 266 48.40 32.18 -6.65
C LEU A 266 47.23 32.63 -5.75
N LEU A 267 46.12 31.91 -5.74
CA LEU A 267 44.97 32.21 -4.87
C LEU A 267 45.36 32.08 -3.39
N ALA A 268 46.16 31.07 -3.03
CA ALA A 268 46.63 30.87 -1.66
C ALA A 268 47.55 32.03 -1.22
N GLN A 269 48.49 32.47 -2.06
CA GLN A 269 49.36 33.59 -1.74
C GLN A 269 48.61 34.93 -1.67
N ALA A 270 47.53 35.08 -2.44
CA ALA A 270 46.68 36.28 -2.41
C ALA A 270 45.86 36.36 -1.10
N GLY A 271 45.78 35.29 -0.31
CA GLY A 271 45.07 35.25 0.96
C GLY A 271 43.65 34.68 0.92
N VAL A 272 43.29 33.83 -0.06
CA VAL A 272 41.95 33.23 -0.10
C VAL A 272 41.70 32.39 1.17
N ASP A 273 40.47 32.39 1.68
CA ASP A 273 40.10 31.67 2.91
C ASP A 273 39.44 30.31 2.62
N VAL A 274 38.67 30.20 1.54
CA VAL A 274 37.94 29.01 1.14
C VAL A 274 37.90 28.86 -0.38
N VAL A 275 37.99 27.63 -0.87
CA VAL A 275 38.04 27.34 -2.31
C VAL A 275 37.02 26.28 -2.70
N VAL A 276 36.36 26.49 -3.84
CA VAL A 276 35.36 25.55 -4.35
C VAL A 276 35.82 24.93 -5.65
N LEU A 277 35.74 23.61 -5.74
CA LEU A 277 36.11 22.88 -6.96
C LEU A 277 34.86 22.93 -7.86
N ASP A 278 34.89 23.77 -8.89
CA ASP A 278 33.74 24.03 -9.75
C ASP A 278 33.55 23.02 -10.90
N SER A 279 32.51 22.20 -10.83
CA SER A 279 32.17 21.20 -11.85
C SER A 279 30.68 20.85 -11.80
N SER A 280 30.12 20.38 -12.91
CA SER A 280 28.72 19.95 -13.00
C SER A 280 28.47 18.65 -12.25
N GLN A 281 29.40 17.70 -12.34
CA GLN A 281 29.40 16.40 -11.68
C GLN A 281 30.73 16.26 -10.96
N GLY A 282 30.72 16.37 -9.63
CA GLY A 282 31.95 16.34 -8.83
C GLY A 282 32.35 14.98 -8.28
N ASN A 283 31.61 13.89 -8.51
CA ASN A 283 32.02 12.57 -8.04
C ASN A 283 32.97 11.93 -9.08
N SER A 284 34.19 12.44 -9.17
CA SER A 284 35.17 11.99 -10.17
C SER A 284 36.59 11.80 -9.60
N ILE A 285 37.39 10.99 -10.29
CA ILE A 285 38.78 10.71 -9.89
C ILE A 285 39.61 11.99 -9.94
N PHE A 286 39.35 12.89 -10.89
CA PHE A 286 40.05 14.16 -11.01
C PHE A 286 39.82 15.09 -9.81
N GLN A 287 38.57 15.19 -9.34
CA GLN A 287 38.25 16.03 -8.18
C GLN A 287 38.80 15.42 -6.89
N ILE A 288 38.71 14.10 -6.70
CA ILE A 288 39.22 13.40 -5.50
C ILE A 288 40.75 13.55 -5.43
N ASN A 289 41.46 13.45 -6.56
CA ASN A 289 42.90 13.68 -6.57
C ASN A 289 43.23 15.14 -6.20
N MET A 290 42.47 16.11 -6.72
CA MET A 290 42.67 17.52 -6.41
C MET A 290 42.45 17.79 -4.91
N ILE A 291 41.40 17.23 -4.30
CA ILE A 291 41.09 17.43 -2.87
C ILE A 291 42.25 16.93 -2.00
N LYS A 292 42.78 15.73 -2.29
CA LYS A 292 43.89 15.17 -1.51
C LYS A 292 45.17 15.98 -1.71
N TYR A 293 45.44 16.49 -2.91
CA TYR A 293 46.60 17.34 -3.16
C TYR A 293 46.52 18.63 -2.32
N ILE A 294 45.34 19.28 -2.28
CA ILE A 294 45.14 20.51 -1.51
C ILE A 294 45.30 20.21 -0.01
N LYS A 295 44.72 19.12 0.51
CA LYS A 295 44.84 18.78 1.94
C LYS A 295 46.28 18.47 2.35
N ASP A 296 47.06 17.82 1.51
CA ASP A 296 48.48 17.54 1.80
C ASP A 296 49.32 18.83 1.78
N LYS A 297 49.09 19.72 0.81
CA LYS A 297 49.87 20.97 0.62
C LYS A 297 49.44 22.18 1.44
N TYR A 298 48.14 22.39 1.63
CA TYR A 298 47.56 23.50 2.39
C TYR A 298 46.58 22.97 3.44
N PRO A 299 47.05 22.46 4.59
CA PRO A 299 46.16 21.94 5.64
C PRO A 299 45.24 23.01 6.26
N ASN A 300 45.62 24.29 6.15
CA ASN A 300 44.85 25.43 6.65
C ASN A 300 43.68 25.85 5.74
N LEU A 301 43.73 25.54 4.44
CA LEU A 301 42.71 25.96 3.47
C LEU A 301 41.44 25.11 3.54
N GLN A 302 40.27 25.76 3.46
CA GLN A 302 38.98 25.06 3.43
C GLN A 302 38.63 24.73 1.97
N VAL A 303 38.24 23.49 1.69
CA VAL A 303 37.92 22.98 0.35
C VAL A 303 36.47 22.52 0.27
N ILE A 304 35.73 23.06 -0.68
CA ILE A 304 34.32 22.76 -0.92
C ILE A 304 34.21 21.94 -2.19
N GLY A 305 33.56 20.78 -2.12
CA GLY A 305 33.40 19.88 -3.26
C GLY A 305 32.02 19.98 -3.89
N GLY A 306 31.89 19.50 -5.11
CA GLY A 306 30.64 19.54 -5.84
C GLY A 306 30.81 19.69 -7.35
N ASN A 307 29.71 19.72 -8.09
CA ASN A 307 28.34 19.60 -7.58
C ASN A 307 27.88 18.14 -7.48
N VAL A 308 27.10 17.83 -6.45
CA VAL A 308 26.50 16.51 -6.17
C VAL A 308 25.00 16.63 -5.90
N VAL A 309 24.24 15.57 -6.16
CA VAL A 309 22.78 15.50 -5.93
C VAL A 309 22.33 14.20 -5.25
N THR A 310 23.25 13.29 -4.92
CA THR A 310 22.96 12.00 -4.26
C THR A 310 23.90 11.71 -3.09
N ALA A 311 23.44 10.91 -2.13
CA ALA A 311 24.24 10.54 -0.97
C ALA A 311 25.47 9.68 -1.37
N ALA A 312 25.36 8.88 -2.43
CA ALA A 312 26.45 8.06 -2.95
C ALA A 312 27.61 8.96 -3.42
N GLN A 313 27.31 10.00 -4.20
CA GLN A 313 28.32 10.98 -4.62
C GLN A 313 28.89 11.72 -3.39
N ALA A 314 28.04 12.10 -2.44
CA ALA A 314 28.51 12.82 -1.25
C ALA A 314 29.49 12.00 -0.41
N LYS A 315 29.31 10.67 -0.31
CA LYS A 315 30.19 9.79 0.46
C LYS A 315 31.63 9.81 -0.06
N ASN A 316 31.86 9.70 -1.35
CA ASN A 316 33.23 9.72 -1.89
C ASN A 316 33.97 11.02 -1.58
N LEU A 317 33.29 12.17 -1.68
CA LEU A 317 33.89 13.48 -1.39
C LEU A 317 34.11 13.69 0.12
N ILE A 318 33.21 13.23 0.99
CA ILE A 318 33.39 13.35 2.45
C ILE A 318 34.59 12.47 2.85
N ASP A 319 34.73 11.27 2.28
CA ASP A 319 35.87 10.37 2.51
C ASP A 319 37.18 10.94 1.93
N ALA A 320 37.12 11.75 0.87
CA ALA A 320 38.28 12.44 0.31
C ALA A 320 38.82 13.51 1.28
N GLY A 321 37.95 14.07 2.14
CA GLY A 321 38.29 15.07 3.15
C GLY A 321 37.74 16.49 2.89
N VAL A 322 36.61 16.66 2.20
CA VAL A 322 36.06 18.02 1.96
C VAL A 322 35.53 18.64 3.26
N ASP A 323 35.36 19.95 3.27
CA ASP A 323 34.88 20.72 4.42
C ASP A 323 33.42 21.20 4.30
N ALA A 324 32.85 21.13 3.09
CA ALA A 324 31.45 21.44 2.74
C ALA A 324 31.10 20.80 1.38
N LEU A 325 29.83 20.81 0.99
CA LEU A 325 29.34 20.26 -0.27
C LEU A 325 28.46 21.25 -1.01
N ARG A 326 28.52 21.24 -2.33
CA ARG A 326 27.73 22.10 -3.21
C ARG A 326 26.67 21.21 -3.88
N VAL A 327 25.40 21.53 -3.71
CA VAL A 327 24.30 20.70 -4.19
C VAL A 327 23.43 21.34 -5.26
N GLY A 328 23.24 20.64 -6.36
CA GLY A 328 22.42 21.06 -7.49
C GLY A 328 22.98 20.61 -8.82
N MET A 329 22.12 20.16 -9.73
CA MET A 329 22.50 19.71 -11.08
C MET A 329 21.32 19.89 -12.03
N GLY A 330 21.43 20.88 -12.91
CA GLY A 330 20.40 21.19 -13.89
C GLY A 330 19.26 22.09 -13.39
N SER A 331 19.31 22.56 -12.15
CA SER A 331 18.30 23.43 -11.52
C SER A 331 18.53 24.94 -11.76
N GLY A 332 19.66 25.34 -12.33
CA GLY A 332 19.97 26.75 -12.57
C GLY A 332 19.09 27.38 -13.63
N SER A 333 18.79 28.67 -13.50
CA SER A 333 17.92 29.37 -14.45
C SER A 333 18.43 29.39 -15.90
N ILE A 334 19.75 29.34 -16.07
CA ILE A 334 20.48 29.33 -17.35
C ILE A 334 21.07 27.95 -17.65
N CYS A 335 20.54 26.87 -17.06
CA CYS A 335 21.11 25.53 -17.22
C CYS A 335 20.19 24.67 -18.08
N ILE A 336 20.73 24.04 -19.11
CA ILE A 336 20.01 23.11 -20.00
C ILE A 336 20.56 21.69 -19.88
N THR A 337 21.34 21.38 -18.85
CA THR A 337 21.95 20.04 -18.64
C THR A 337 20.92 18.91 -18.60
N GLN A 338 19.75 19.09 -17.96
CA GLN A 338 18.72 18.05 -17.89
C GLN A 338 18.15 17.68 -19.26
N GLU A 339 17.99 18.64 -20.17
CA GLU A 339 17.50 18.38 -21.53
C GLU A 339 18.61 17.91 -22.47
N VAL A 340 19.85 18.36 -22.28
CA VAL A 340 20.98 17.98 -23.14
C VAL A 340 21.61 16.65 -22.72
N LEU A 341 21.91 16.43 -21.45
CA LEU A 341 22.59 15.21 -21.00
C LEU A 341 21.69 14.19 -20.27
N ALA A 342 20.40 14.50 -20.04
CA ALA A 342 19.44 13.64 -19.35
C ALA A 342 19.78 13.25 -17.90
N CYS A 343 20.71 14.00 -17.29
CA CYS A 343 21.20 13.75 -15.95
C CYS A 343 20.94 14.95 -15.02
N GLY A 344 20.63 14.67 -13.76
CA GLY A 344 20.37 15.67 -12.72
C GLY A 344 19.33 15.18 -11.71
N ARG A 345 18.73 16.12 -10.97
CA ARG A 345 17.70 15.81 -9.97
C ARG A 345 16.90 17.06 -9.57
N PRO A 346 15.61 16.95 -9.22
CA PRO A 346 14.84 18.12 -8.74
C PRO A 346 15.52 18.69 -7.48
N GLN A 347 15.63 20.02 -7.36
CA GLN A 347 16.45 20.64 -6.32
C GLN A 347 16.02 20.39 -4.87
N ALA A 348 14.74 20.39 -4.51
CA ALA A 348 14.33 20.21 -3.11
C ALA A 348 14.71 18.82 -2.56
N THR A 349 14.38 17.74 -3.27
CA THR A 349 14.73 16.37 -2.87
C THR A 349 16.25 16.17 -2.85
N ALA A 350 16.99 16.70 -3.83
CA ALA A 350 18.44 16.58 -3.81
C ALA A 350 19.05 17.26 -2.57
N VAL A 351 18.60 18.47 -2.24
CA VAL A 351 19.09 19.17 -1.05
C VAL A 351 18.77 18.37 0.20
N TYR A 352 17.55 17.88 0.37
CA TYR A 352 17.18 17.09 1.53
C TYR A 352 18.03 15.82 1.65
N LYS A 353 18.12 15.01 0.60
CA LYS A 353 18.88 13.75 0.60
C LYS A 353 20.36 13.94 0.86
N VAL A 354 21.01 14.91 0.21
CA VAL A 354 22.43 15.18 0.45
C VAL A 354 22.64 15.74 1.86
N SER A 355 21.81 16.66 2.33
CA SER A 355 21.96 17.23 3.67
C SER A 355 21.74 16.20 4.77
N GLU A 356 20.80 15.28 4.60
CA GLU A 356 20.54 14.22 5.57
C GLU A 356 21.78 13.36 5.75
N TYR A 357 22.44 12.98 4.65
CA TYR A 357 23.66 12.19 4.70
C TYR A 357 24.85 13.00 5.25
N ALA A 358 25.07 14.23 4.78
CA ALA A 358 26.21 15.05 5.22
C ALA A 358 26.15 15.47 6.69
N ARG A 359 24.95 15.52 7.30
CA ARG A 359 24.75 15.84 8.72
C ARG A 359 25.44 14.79 9.62
N ARG A 360 25.48 13.52 9.20
CA ARG A 360 26.10 12.41 9.96
C ARG A 360 27.60 12.60 10.20
N PHE A 361 28.26 13.46 9.41
CA PHE A 361 29.70 13.73 9.51
C PHE A 361 30.03 15.19 9.84
N GLY A 362 29.05 16.01 10.23
CA GLY A 362 29.27 17.42 10.55
C GLY A 362 29.66 18.28 9.34
N VAL A 363 29.28 17.89 8.13
CA VAL A 363 29.64 18.61 6.90
C VAL A 363 28.44 19.44 6.42
N PRO A 364 28.54 20.78 6.34
CA PRO A 364 27.43 21.61 5.88
C PRO A 364 27.24 21.54 4.36
N VAL A 365 26.01 21.79 3.93
CA VAL A 365 25.59 21.79 2.52
C VAL A 365 25.24 23.20 2.05
N ILE A 366 25.74 23.56 0.86
CA ILE A 366 25.43 24.82 0.19
C ILE A 366 24.36 24.48 -0.87
N ALA A 367 23.19 25.11 -0.82
CA ALA A 367 22.14 24.86 -1.80
C ALA A 367 22.37 25.79 -2.99
N ASP A 368 22.57 25.23 -4.17
CA ASP A 368 22.88 25.98 -5.38
C ASP A 368 21.92 25.74 -6.57
N GLY A 369 21.31 26.80 -7.09
CA GLY A 369 20.44 26.73 -8.26
C GLY A 369 18.96 26.67 -7.96
N GLY A 370 18.15 27.39 -8.75
CA GLY A 370 16.69 27.41 -8.63
C GLY A 370 16.08 28.43 -7.67
N ILE A 371 16.85 29.34 -7.08
CA ILE A 371 16.33 30.34 -6.13
C ILE A 371 15.76 31.53 -6.94
N GLN A 372 14.46 31.78 -6.83
CA GLN A 372 13.75 32.86 -7.55
C GLN A 372 13.12 33.92 -6.65
N ASN A 373 12.94 33.63 -5.37
CA ASN A 373 12.35 34.49 -4.35
C ASN A 373 12.78 34.04 -2.96
N VAL A 374 12.55 34.87 -1.95
CA VAL A 374 12.91 34.58 -0.55
C VAL A 374 12.21 33.33 0.00
N GLY A 375 11.01 32.99 -0.48
CA GLY A 375 10.34 31.74 -0.10
C GLY A 375 11.16 30.52 -0.52
N HIS A 376 11.84 30.56 -1.68
CA HIS A 376 12.71 29.47 -2.08
C HIS A 376 13.89 29.36 -1.11
N ILE A 377 14.46 30.47 -0.64
CA ILE A 377 15.59 30.48 0.30
C ILE A 377 15.17 29.84 1.63
N ALA A 378 14.00 30.19 2.16
CA ALA A 378 13.49 29.64 3.41
C ALA A 378 13.26 28.13 3.33
N LYS A 379 12.75 27.63 2.20
CA LYS A 379 12.54 26.20 1.96
C LYS A 379 13.87 25.46 1.88
N ALA A 380 14.86 25.96 1.15
CA ALA A 380 16.16 25.29 1.05
C ALA A 380 16.81 25.17 2.44
N LEU A 381 16.77 26.23 3.26
CA LEU A 381 17.31 26.21 4.63
C LEU A 381 16.55 25.24 5.52
N ALA A 382 15.21 25.19 5.41
CA ALA A 382 14.41 24.29 6.22
C ALA A 382 14.60 22.81 5.85
N LEU A 383 14.99 22.49 4.61
CA LEU A 383 15.23 21.12 4.17
C LEU A 383 16.62 20.56 4.57
N GLY A 384 17.46 21.35 5.23
CA GLY A 384 18.77 20.90 5.71
C GLY A 384 19.98 21.67 5.23
N ALA A 385 19.86 22.55 4.24
CA ALA A 385 21.01 23.32 3.77
C ALA A 385 21.43 24.34 4.84
N SER A 386 22.72 24.64 4.91
CA SER A 386 23.26 25.62 5.86
C SER A 386 23.46 27.00 5.24
N THR A 387 23.67 27.06 3.92
CA THR A 387 23.84 28.30 3.15
C THR A 387 23.19 28.12 1.79
N VAL A 388 22.90 29.24 1.11
CA VAL A 388 22.24 29.28 -0.20
C VAL A 388 23.06 30.10 -1.17
N MET A 389 23.29 29.57 -2.37
CA MET A 389 24.04 30.20 -3.47
C MET A 389 23.07 30.53 -4.58
N MET A 390 23.22 31.72 -5.15
CA MET A 390 22.33 32.23 -6.19
C MET A 390 23.07 33.03 -7.27
N GLY A 391 22.80 32.78 -8.54
CA GLY A 391 23.37 33.53 -9.64
C GLY A 391 22.40 34.58 -10.19
N SER A 392 21.22 34.17 -10.63
CA SER A 392 20.23 35.09 -11.24
C SER A 392 19.55 36.06 -10.27
N LEU A 393 19.36 35.70 -9.00
CA LEU A 393 18.74 36.62 -8.05
C LEU A 393 19.60 37.87 -7.83
N LEU A 394 20.92 37.72 -7.85
CA LEU A 394 21.91 38.80 -7.71
C LEU A 394 22.35 39.37 -9.06
N ALA A 395 21.92 38.80 -10.19
CA ALA A 395 22.24 39.31 -11.51
C ALA A 395 21.51 40.64 -11.72
N ALA A 396 22.06 41.48 -12.59
CA ALA A 396 21.53 42.81 -12.90
C ALA A 396 21.44 43.76 -11.68
N THR A 397 22.33 43.55 -10.71
CA THR A 397 22.52 44.42 -9.55
C THR A 397 23.67 45.38 -9.90
N THR A 398 23.84 46.45 -9.13
CA THR A 398 24.88 47.45 -9.38
C THR A 398 26.30 46.88 -9.29
N GLU A 399 26.58 46.02 -8.31
CA GLU A 399 27.91 45.44 -8.09
C GLU A 399 28.24 44.23 -8.99
N ALA A 400 27.27 43.68 -9.73
CA ALA A 400 27.50 42.56 -10.64
C ALA A 400 28.37 43.02 -11.84
N PRO A 401 29.25 42.16 -12.39
CA PRO A 401 30.10 42.51 -13.53
C PRO A 401 29.30 42.81 -14.81
N GLY A 402 29.86 43.68 -15.66
CA GLY A 402 29.24 44.10 -16.92
C GLY A 402 28.40 45.37 -16.76
N GLU A 403 28.24 46.14 -17.82
CA GLU A 403 27.47 47.39 -17.80
C GLU A 403 26.01 47.19 -18.24
N TYR A 404 25.13 48.10 -17.86
CA TYR A 404 23.71 48.02 -18.23
C TYR A 404 23.48 48.48 -19.68
N PHE A 405 22.35 48.07 -20.25
CA PHE A 405 21.91 48.44 -21.59
C PHE A 405 20.36 48.45 -21.60
N PHE A 406 19.77 49.24 -22.50
CA PHE A 406 18.32 49.39 -22.62
C PHE A 406 17.75 48.59 -23.79
N SER A 407 16.53 48.07 -23.62
CA SER A 407 15.74 47.33 -24.62
C SER A 407 14.29 47.28 -24.15
N ASP A 408 13.32 47.38 -25.06
CA ASP A 408 11.87 47.39 -24.74
C ASP A 408 11.45 48.52 -23.78
N GLY A 409 12.25 49.58 -23.66
CA GLY A 409 11.99 50.71 -22.77
C GLY A 409 12.40 50.50 -21.30
N ILE A 410 13.07 49.39 -20.97
CA ILE A 410 13.53 49.05 -19.61
C ILE A 410 15.02 48.69 -19.59
N ARG A 411 15.66 48.87 -18.43
CA ARG A 411 17.10 48.59 -18.25
C ARG A 411 17.32 47.14 -17.82
N LEU A 412 18.39 46.53 -18.31
CA LEU A 412 18.72 45.13 -18.03
C LEU A 412 20.23 44.91 -18.19
N LYS A 413 20.72 43.76 -17.73
CA LYS A 413 22.13 43.35 -17.78
C LYS A 413 22.25 41.91 -18.24
N LYS A 414 23.36 41.55 -18.88
CA LYS A 414 23.60 40.20 -19.39
C LYS A 414 23.86 39.20 -18.24
N TYR A 415 23.39 37.98 -18.43
CA TYR A 415 23.55 36.87 -17.51
C TYR A 415 23.65 35.59 -18.36
N ARG A 416 24.73 34.83 -18.21
CA ARG A 416 24.95 33.63 -19.03
C ARG A 416 25.48 32.46 -18.22
N GLY A 417 25.22 31.24 -18.68
CA GLY A 417 25.72 30.04 -18.03
C GLY A 417 27.19 29.81 -18.38
N MET A 418 27.98 29.27 -17.46
CA MET A 418 29.41 29.01 -17.68
C MET A 418 29.65 27.95 -18.77
N GLY A 419 28.67 27.08 -19.00
CA GLY A 419 28.64 26.03 -20.01
C GLY A 419 27.99 26.46 -21.33
N SER A 420 27.63 27.74 -21.49
CA SER A 420 27.09 28.26 -22.77
C SER A 420 28.28 28.39 -23.74
N LEU A 421 28.05 28.39 -25.06
CA LEU A 421 29.16 28.48 -26.02
C LEU A 421 29.98 29.78 -25.89
N ASP A 422 29.35 30.88 -25.51
CA ASP A 422 29.99 32.18 -25.33
C ASP A 422 31.00 32.18 -24.18
N ALA A 423 30.64 31.59 -23.03
CA ALA A 423 31.50 31.51 -21.86
C ALA A 423 32.68 30.52 -21.98
N MET A 424 32.72 29.69 -23.03
CA MET A 424 33.78 28.68 -23.26
C MET A 424 34.23 28.66 -24.72
N ILE A 441 32.49 18.80 -31.12
CA ILE A 441 33.58 18.87 -30.15
C ILE A 441 33.10 19.55 -28.86
N LYS A 442 32.43 20.70 -28.97
CA LYS A 442 31.89 21.47 -27.84
C LYS A 442 30.38 21.26 -27.74
N VAL A 443 29.89 20.84 -26.57
CA VAL A 443 28.47 20.63 -26.29
C VAL A 443 28.04 21.65 -25.25
N ALA A 444 27.09 22.51 -25.59
CA ALA A 444 26.64 23.56 -24.68
C ALA A 444 25.67 23.02 -23.63
N GLN A 445 25.89 23.39 -22.37
CA GLN A 445 25.02 23.03 -21.24
C GLN A 445 24.38 24.26 -20.57
N GLY A 446 24.62 25.45 -21.10
CA GLY A 446 24.05 26.71 -20.60
C GLY A 446 23.60 27.63 -21.72
N VAL A 447 22.91 28.71 -21.38
CA VAL A 447 22.42 29.72 -22.34
C VAL A 447 22.87 31.12 -21.92
N SER A 448 22.96 32.02 -22.90
CA SER A 448 23.30 33.43 -22.66
C SER A 448 22.03 34.25 -22.79
N GLY A 449 21.78 35.14 -21.86
CA GLY A 449 20.59 35.99 -21.88
C GLY A 449 20.78 37.27 -21.08
N ALA A 450 19.69 37.79 -20.54
CA ALA A 450 19.65 39.01 -19.75
C ALA A 450 18.46 39.02 -18.79
N VAL A 451 18.64 39.71 -17.66
CA VAL A 451 17.61 39.90 -16.63
C VAL A 451 17.51 41.41 -16.37
N GLN A 452 16.37 41.90 -15.88
CA GLN A 452 16.21 43.34 -15.69
C GLN A 452 16.85 43.88 -14.41
N ASP A 453 17.05 45.20 -14.35
CA ASP A 453 17.71 45.87 -13.23
C ASP A 453 17.06 45.56 -11.87
N LYS A 454 17.88 45.43 -10.84
CA LYS A 454 17.49 45.07 -9.47
C LYS A 454 18.00 46.06 -8.41
N GLY A 455 18.74 47.11 -8.78
CA GLY A 455 19.27 48.07 -7.81
C GLY A 455 20.57 47.59 -7.18
N SER A 456 20.93 48.13 -6.01
CA SER A 456 22.16 47.74 -5.30
C SER A 456 21.91 46.61 -4.31
N ILE A 457 22.93 45.78 -4.03
CA ILE A 457 22.74 44.68 -3.07
C ILE A 457 22.72 45.19 -1.63
N HIS A 458 23.27 46.38 -1.34
CA HIS A 458 23.21 46.99 0.00
C HIS A 458 21.77 47.33 0.39
N LYS A 459 20.83 47.35 -0.57
CA LYS A 459 19.39 47.57 -0.36
C LYS A 459 18.57 46.28 -0.61
N PHE A 460 19.07 45.36 -1.44
CA PHE A 460 18.38 44.10 -1.73
C PHE A 460 18.66 43.00 -0.69
N VAL A 461 19.88 42.86 -0.20
CA VAL A 461 20.20 41.85 0.84
C VAL A 461 19.42 42.09 2.13
N PRO A 462 19.29 43.32 2.68
CA PRO A 462 18.47 43.51 3.88
C PRO A 462 17.01 43.09 3.66
N TYR A 463 16.47 43.23 2.45
CA TYR A 463 15.12 42.74 2.14
C TYR A 463 15.07 41.20 2.25
N LEU A 464 16.06 40.48 1.70
CA LEU A 464 16.15 39.02 1.81
C LEU A 464 16.27 38.60 3.28
N ILE A 465 17.04 39.32 4.09
CA ILE A 465 17.21 39.06 5.52
C ILE A 465 15.86 39.20 6.25
N ALA A 466 15.12 40.29 5.99
CA ALA A 466 13.84 40.51 6.64
C ALA A 466 12.83 39.41 6.27
N GLY A 467 12.80 38.98 5.00
CA GLY A 467 11.91 37.91 4.54
C GLY A 467 12.26 36.57 5.19
N ILE A 468 13.54 36.21 5.29
CA ILE A 468 13.97 34.98 5.97
C ILE A 468 13.51 34.99 7.43
N GLN A 469 13.69 36.12 8.13
CA GLN A 469 13.27 36.26 9.53
C GLN A 469 11.74 36.14 9.66
N HIS A 470 10.95 36.76 8.77
CA HIS A 470 9.49 36.66 8.82
C HIS A 470 9.04 35.23 8.56
N SER A 471 9.70 34.51 7.66
CA SER A 471 9.36 33.11 7.41
C SER A 471 9.65 32.25 8.65
N CYS A 472 10.79 32.47 9.32
CA CYS A 472 11.12 31.77 10.56
C CYS A 472 10.11 32.07 11.68
N GLN A 473 9.62 33.31 11.77
CA GLN A 473 8.64 33.65 12.79
C GLN A 473 7.32 32.93 12.50
N ASP A 474 6.90 32.84 11.24
CA ASP A 474 5.65 32.17 10.87
C ASP A 474 5.66 30.68 11.21
N ILE A 475 6.77 29.98 10.99
CA ILE A 475 6.91 28.55 11.28
C ILE A 475 7.18 28.28 12.77
N GLY A 476 7.58 29.29 13.56
CA GLY A 476 7.80 29.19 15.00
C GLY A 476 9.22 28.85 15.49
N ALA A 477 10.28 29.31 14.82
CA ALA A 477 11.66 29.05 15.27
C ALA A 477 12.48 30.34 15.42
N LYS A 478 13.25 30.44 16.50
CA LYS A 478 14.10 31.60 16.84
C LYS A 478 15.45 31.64 16.11
N SER A 479 15.79 30.63 15.33
CA SER A 479 17.02 30.58 14.53
C SER A 479 16.98 29.50 13.46
N LEU A 480 17.87 29.59 12.47
CA LEU A 480 17.97 28.59 11.41
C LEU A 480 18.38 27.23 11.98
N THR A 481 19.27 27.23 12.99
CA THR A 481 19.68 26.02 13.72
C THR A 481 18.45 25.36 14.31
N GLN A 482 17.56 26.13 14.97
CA GLN A 482 16.34 25.57 15.54
C GLN A 482 15.43 25.02 14.42
N VAL A 483 15.32 25.71 13.27
CA VAL A 483 14.50 25.26 12.14
C VAL A 483 14.93 23.86 11.70
N ARG A 484 16.23 23.64 11.47
CA ARG A 484 16.75 22.33 11.06
C ARG A 484 16.63 21.28 12.17
N ALA A 485 16.83 21.66 13.44
CA ALA A 485 16.67 20.75 14.56
C ALA A 485 15.21 20.26 14.65
N MET A 486 14.22 21.15 14.52
CA MET A 486 12.83 20.72 14.57
C MET A 486 12.40 20.02 13.27
N MET A 487 13.09 20.24 12.15
CA MET A 487 12.84 19.51 10.91
C MET A 487 13.27 18.05 11.06
N TYR A 488 14.46 17.79 11.60
CA TYR A 488 14.94 16.43 11.80
C TYR A 488 14.19 15.70 12.92
N SER A 489 13.68 16.41 13.93
CA SER A 489 12.92 15.79 15.03
C SER A 489 11.48 15.43 14.65
N GLY A 490 10.96 15.92 13.53
CA GLY A 490 9.58 15.66 13.09
C GLY A 490 8.56 16.68 13.57
N GLU A 491 8.97 17.67 14.37
CA GLU A 491 8.11 18.73 14.87
C GLU A 491 7.71 19.70 13.74
N LEU A 492 8.59 20.03 12.80
CA LEU A 492 8.23 20.89 11.65
C LEU A 492 7.37 20.05 10.69
N LYS A 493 6.31 20.61 10.11
CA LYS A 493 5.39 19.88 9.23
C LYS A 493 5.27 20.53 7.85
N PHE A 494 5.04 19.71 6.85
CA PHE A 494 4.97 20.08 5.45
C PHE A 494 3.71 19.55 4.78
N GLU A 495 3.35 20.13 3.63
CA GLU A 495 2.22 19.69 2.84
C GLU A 495 2.51 19.88 1.34
N LYS A 496 2.09 18.94 0.51
CA LYS A 496 2.22 19.00 -0.95
C LYS A 496 1.25 20.01 -1.55
N ARG A 497 1.49 20.43 -2.79
CA ARG A 497 0.60 21.30 -3.55
C ARG A 497 0.34 20.70 -4.93
N THR A 498 -0.93 20.62 -5.31
CA THR A 498 -1.33 20.22 -6.67
C THR A 498 -1.11 21.40 -7.61
N SER A 499 -1.34 21.23 -8.92
CA SER A 499 -1.23 22.35 -9.86
C SER A 499 -2.29 23.40 -9.53
N SER A 500 -3.52 22.99 -9.21
CA SER A 500 -4.59 23.90 -8.81
C SER A 500 -4.22 24.64 -7.52
N ALA A 501 -3.54 23.98 -6.58
CA ALA A 501 -3.07 24.60 -5.34
C ALA A 501 -2.04 25.69 -5.63
N GLN A 502 -1.13 25.47 -6.58
CA GLN A 502 -0.15 26.50 -6.97
C GLN A 502 -0.84 27.69 -7.63
N VAL A 503 -1.83 27.43 -8.49
CA VAL A 503 -2.63 28.49 -9.15
C VAL A 503 -3.37 29.33 -8.10
N GLU A 504 -3.96 28.70 -7.08
CA GLU A 504 -4.64 29.40 -5.98
C GLU A 504 -3.65 30.17 -5.06
N GLY A 505 -2.46 29.64 -4.83
CA GLY A 505 -1.45 30.26 -3.98
C GLY A 505 -0.82 31.54 -4.56
N GLY A 506 -0.72 31.64 -5.88
CA GLY A 506 -0.21 32.84 -6.58
C GLY A 506 -1.31 33.90 -6.74
N VAL A 507 -1.01 35.05 -7.36
CA VAL A 507 -2.04 36.08 -7.61
C VAL A 507 -2.99 35.54 -8.68
N HIS A 508 -4.30 35.68 -8.50
CA HIS A 508 -5.29 35.17 -9.44
C HIS A 508 -6.57 36.00 -9.42
N SER A 509 -7.40 35.85 -10.45
CA SER A 509 -8.73 36.48 -10.62
C SER A 509 -8.80 38.02 -10.58
N LEU A 510 -7.75 38.72 -11.02
CA LEU A 510 -7.71 40.19 -11.06
C LEU A 510 -7.60 40.66 -12.51
N HIS A 511 -8.19 41.82 -12.83
CA HIS A 511 -8.13 42.40 -14.18
C HIS A 511 -6.70 42.87 -14.48
N SER A 512 -6.09 43.54 -13.50
CA SER A 512 -4.71 44.02 -13.51
C SER A 512 -4.23 44.26 -12.06
N TYR A 513 -2.92 44.29 -11.84
CA TYR A 513 -2.29 44.49 -10.54
C TYR A 513 -0.80 44.87 -10.63
N GLU A 514 -0.25 45.37 -9.53
CA GLU A 514 1.17 45.69 -9.39
C GLU A 514 1.76 44.87 -8.23
N LYS A 515 2.85 44.14 -8.47
CA LYS A 515 3.53 43.30 -7.48
C LYS A 515 4.84 43.97 -7.09
N ARG A 516 4.81 44.68 -5.96
CA ARG A 516 5.92 45.44 -5.38
C ARG A 516 6.40 44.66 -4.15
N LEU A 517 7.68 44.32 -4.10
CA LEU A 517 8.24 43.49 -3.02
C LEU A 517 8.68 44.25 -1.76
N PHE A 518 9.31 45.42 -1.93
CA PHE A 518 9.82 46.29 -0.86
C PHE A 518 10.02 47.73 -1.37
N MET B 6 -41.91 -9.46 7.95
CA MET B 6 -41.38 -10.00 6.66
C MET B 6 -39.87 -9.77 6.53
N ALA B 7 -39.19 -10.52 5.64
CA ALA B 7 -37.74 -10.38 5.44
C ALA B 7 -37.32 -9.03 4.83
N ASP B 8 -38.18 -8.39 4.04
CA ASP B 8 -37.85 -7.10 3.41
C ASP B 8 -37.53 -6.00 4.45
N TYR B 9 -38.06 -6.14 5.68
CA TYR B 9 -37.76 -5.24 6.78
C TYR B 9 -36.87 -5.90 7.85
N LEU B 10 -37.02 -7.20 8.13
CA LEU B 10 -36.24 -7.85 9.20
C LEU B 10 -34.74 -8.02 8.91
N ILE B 11 -34.30 -8.15 7.65
CA ILE B 11 -32.87 -8.31 7.29
C ILE B 11 -32.07 -7.10 7.79
N SER B 12 -32.53 -5.89 7.46
CA SER B 12 -31.94 -4.61 7.85
C SER B 12 -33.07 -3.58 7.74
N GLY B 13 -33.52 -3.02 8.86
CA GLY B 13 -34.68 -2.14 8.92
C GLY B 13 -34.59 -0.84 8.13
N GLY B 14 -35.34 -0.75 7.03
CA GLY B 14 -35.43 0.44 6.17
C GLY B 14 -34.17 0.84 5.39
N THR B 15 -33.02 0.20 5.65
CA THR B 15 -31.76 0.49 4.96
C THR B 15 -31.67 -0.31 3.67
N SER B 16 -31.87 0.34 2.53
CA SER B 16 -31.76 -0.32 1.21
C SER B 16 -30.28 -0.63 0.93
N TYR B 17 -29.99 -1.40 -0.12
CA TYR B 17 -28.61 -1.77 -0.44
C TYR B 17 -27.69 -0.56 -0.71
N VAL B 18 -28.12 0.43 -1.49
CA VAL B 18 -27.31 1.65 -1.79
C VAL B 18 -25.87 1.32 -2.27
N PRO B 19 -25.65 0.97 -3.55
CA PRO B 19 -24.33 0.64 -4.09
C PRO B 19 -23.21 1.60 -3.66
N ASP B 20 -22.05 1.08 -3.30
CA ASP B 20 -20.93 1.91 -2.84
C ASP B 20 -20.10 2.38 -4.04
N ASP B 21 -19.99 3.70 -4.19
CA ASP B 21 -19.28 4.35 -5.27
C ASP B 21 -18.88 5.77 -4.85
N GLY B 22 -17.61 6.14 -5.03
CA GLY B 22 -17.07 7.43 -4.61
C GLY B 22 -16.31 7.35 -3.28
N LEU B 23 -15.71 8.46 -2.86
CA LEU B 23 -14.94 8.54 -1.63
C LEU B 23 -15.62 9.43 -0.59
N THR B 24 -15.51 9.08 0.69
CA THR B 24 -16.00 9.94 1.78
C THR B 24 -15.01 11.10 1.99
N ALA B 25 -15.40 12.19 2.63
CA ALA B 25 -14.47 13.30 2.84
C ALA B 25 -13.23 12.86 3.63
N GLN B 26 -13.42 11.99 4.61
CA GLN B 26 -12.33 11.48 5.44
C GLN B 26 -11.27 10.79 4.57
N GLN B 27 -11.65 9.88 3.68
CA GLN B 27 -10.66 9.18 2.86
C GLN B 27 -10.13 10.07 1.71
N LEU B 28 -10.87 11.09 1.27
CA LEU B 28 -10.38 12.06 0.27
C LEU B 28 -9.25 12.92 0.86
N PHE B 29 -9.39 13.41 2.10
CA PHE B 29 -8.42 14.30 2.75
C PHE B 29 -7.38 13.58 3.63
N ASN B 30 -7.31 12.25 3.55
CA ASN B 30 -6.33 11.41 4.24
C ASN B 30 -5.23 10.90 3.28
N CYS B 31 -5.26 11.30 2.00
CA CYS B 31 -4.25 10.92 1.00
C CYS B 31 -2.94 11.72 1.15
N GLY B 32 -2.94 12.77 1.97
CA GLY B 32 -1.78 13.64 2.23
C GLY B 32 -1.52 14.69 1.15
N ASP B 33 -2.22 14.61 0.03
CA ASP B 33 -2.11 15.56 -1.06
C ASP B 33 -2.75 16.91 -0.65
N GLY B 34 -2.25 18.01 -1.20
CA GLY B 34 -2.75 19.34 -0.92
C GLY B 34 -3.84 19.72 -1.90
N LEU B 35 -5.09 19.57 -1.51
CA LEU B 35 -6.25 19.81 -2.36
C LEU B 35 -6.84 21.21 -2.22
N THR B 36 -7.16 21.81 -3.35
CA THR B 36 -7.86 23.08 -3.56
C THR B 36 -9.28 22.80 -4.03
N TYR B 37 -10.20 23.76 -3.99
CA TYR B 37 -11.58 23.57 -4.44
C TYR B 37 -11.72 22.96 -5.84
N ASN B 38 -10.86 23.36 -6.79
CA ASN B 38 -10.91 22.86 -8.16
C ASN B 38 -10.42 21.39 -8.34
N ASP B 39 -9.83 20.77 -7.34
CA ASP B 39 -9.28 19.41 -7.41
C ASP B 39 -10.28 18.28 -7.20
N PHE B 40 -11.52 18.59 -6.82
CA PHE B 40 -12.54 17.57 -6.51
C PHE B 40 -13.96 18.07 -6.77
N LEU B 41 -14.91 17.14 -6.78
CA LEU B 41 -16.35 17.36 -6.94
C LEU B 41 -17.13 16.56 -5.91
N ILE B 42 -18.42 16.91 -5.78
CA ILE B 42 -19.38 16.25 -4.90
C ILE B 42 -20.32 15.43 -5.80
N LEU B 43 -20.46 14.14 -5.53
CA LEU B 43 -21.31 13.27 -6.32
C LEU B 43 -22.80 13.56 -6.05
N PRO B 44 -23.68 13.44 -7.03
CA PRO B 44 -25.11 13.71 -6.84
C PRO B 44 -25.78 12.63 -5.97
N GLY B 45 -26.90 12.98 -5.33
CA GLY B 45 -27.63 12.06 -4.44
C GLY B 45 -29.05 11.76 -4.92
N TYR B 46 -30.02 11.92 -4.03
CA TYR B 46 -31.45 11.69 -4.29
C TYR B 46 -32.26 12.96 -4.03
N ILE B 47 -33.20 13.27 -4.91
CA ILE B 47 -34.02 14.49 -4.83
C ILE B 47 -35.48 14.19 -4.52
N ASP B 48 -36.00 14.73 -3.42
CA ASP B 48 -37.41 14.61 -3.04
C ASP B 48 -37.97 15.94 -2.49
N PHE B 49 -37.48 17.06 -3.04
CA PHE B 49 -37.89 18.42 -2.68
C PHE B 49 -37.46 19.42 -3.76
N THR B 50 -38.07 20.60 -3.79
CA THR B 50 -37.70 21.68 -4.74
C THR B 50 -36.61 22.57 -4.14
N ALA B 51 -35.82 23.27 -4.95
CA ALA B 51 -34.71 24.08 -4.43
C ALA B 51 -35.14 25.22 -3.49
N ASP B 52 -36.39 25.68 -3.56
CA ASP B 52 -36.93 26.75 -2.70
C ASP B 52 -37.20 26.31 -1.25
N GLN B 53 -37.11 25.01 -0.96
CA GLN B 53 -37.34 24.45 0.37
C GLN B 53 -36.03 24.21 1.14
N VAL B 54 -34.89 24.63 0.59
CA VAL B 54 -33.57 24.46 1.23
C VAL B 54 -33.31 25.59 2.22
N ASP B 55 -33.02 25.27 3.48
CA ASP B 55 -32.73 26.24 4.54
C ASP B 55 -31.21 26.51 4.64
N LEU B 56 -30.85 27.79 4.61
CA LEU B 56 -29.46 28.26 4.66
C LEU B 56 -29.09 28.92 5.99
N THR B 57 -29.83 28.63 7.06
CA THR B 57 -29.53 29.18 8.38
C THR B 57 -28.17 28.65 8.84
N SER B 58 -27.33 29.52 9.38
CA SER B 58 -25.98 29.14 9.80
C SER B 58 -25.48 29.92 11.02
N ALA B 59 -24.57 29.32 11.78
CA ALA B 59 -24.00 29.92 12.97
C ALA B 59 -22.69 30.64 12.65
N LEU B 60 -22.66 31.94 12.93
CA LEU B 60 -21.47 32.76 12.78
C LEU B 60 -20.50 32.48 13.92
N THR B 61 -21.03 32.33 15.14
CA THR B 61 -20.26 32.02 16.36
C THR B 61 -21.05 31.03 17.23
N LYS B 62 -20.64 30.79 18.49
CA LYS B 62 -21.36 29.88 19.40
C LYS B 62 -22.80 30.33 19.69
N LYS B 63 -23.10 31.63 19.66
CA LYS B 63 -24.46 32.17 19.91
C LYS B 63 -24.93 33.28 18.97
N ILE B 64 -24.41 33.36 17.75
CA ILE B 64 -24.89 34.32 16.72
C ILE B 64 -25.30 33.49 15.51
N THR B 65 -26.56 33.59 15.10
CA THR B 65 -27.12 32.84 13.96
C THR B 65 -27.55 33.80 12.86
N LEU B 66 -27.25 33.46 11.61
CA LEU B 66 -27.55 34.22 10.41
C LEU B 66 -28.50 33.41 9.50
N LYS B 67 -29.26 34.12 8.66
CA LYS B 67 -30.20 33.53 7.70
C LYS B 67 -29.52 32.92 6.49
N THR B 68 -28.34 33.41 6.14
CA THR B 68 -27.48 32.96 5.01
C THR B 68 -26.02 32.86 5.49
N PRO B 69 -25.17 32.04 4.87
CA PRO B 69 -23.79 31.84 5.32
C PRO B 69 -22.76 32.82 4.76
N LEU B 70 -23.18 33.96 4.21
CA LEU B 70 -22.28 34.91 3.55
C LEU B 70 -21.79 36.04 4.46
N VAL B 71 -20.48 36.32 4.42
CA VAL B 71 -19.82 37.35 5.23
C VAL B 71 -18.88 38.22 4.37
N SER B 72 -18.74 39.50 4.68
CA SER B 72 -17.83 40.40 3.95
C SER B 72 -16.48 40.52 4.65
N SER B 73 -15.40 40.41 3.88
CA SER B 73 -14.05 40.46 4.43
C SER B 73 -13.68 41.85 4.97
N PRO B 74 -12.95 41.95 6.11
CA PRO B 74 -12.52 43.21 6.69
C PRO B 74 -11.31 43.79 5.97
N MET B 75 -11.57 44.46 4.84
CA MET B 75 -10.58 45.12 3.99
C MET B 75 -11.04 46.54 3.65
N ASP B 76 -10.10 47.44 3.38
CA ASP B 76 -10.42 48.86 3.10
C ASP B 76 -11.03 49.10 1.71
N THR B 77 -11.05 48.09 0.86
CA THR B 77 -11.66 48.10 -0.48
C THR B 77 -12.87 47.16 -0.54
N VAL B 78 -13.34 46.66 0.61
CA VAL B 78 -14.51 45.77 0.66
C VAL B 78 -15.56 46.22 1.67
N THR B 79 -15.21 46.38 2.95
CA THR B 79 -16.22 46.61 3.99
C THR B 79 -16.14 47.89 4.82
N GLU B 80 -17.12 48.76 4.60
CA GLU B 80 -17.40 49.97 5.37
C GLU B 80 -18.90 49.94 5.73
N ALA B 81 -19.46 51.01 6.28
CA ALA B 81 -20.87 51.02 6.69
C ALA B 81 -21.87 50.60 5.61
N GLY B 82 -21.71 51.07 4.36
CA GLY B 82 -22.64 50.74 3.27
C GLY B 82 -22.67 49.24 2.95
N MET B 83 -21.50 48.62 2.84
CA MET B 83 -21.39 47.18 2.58
C MET B 83 -21.96 46.40 3.77
N ALA B 84 -21.66 46.80 5.01
CA ALA B 84 -22.14 46.13 6.21
C ALA B 84 -23.67 46.20 6.31
N ILE B 85 -24.29 47.35 6.02
CA ILE B 85 -25.74 47.50 6.01
C ILE B 85 -26.36 46.57 4.94
N ALA B 86 -25.81 46.56 3.73
CA ALA B 86 -26.34 45.72 2.66
C ALA B 86 -26.23 44.22 2.98
N MET B 87 -25.09 43.78 3.53
CA MET B 87 -24.92 42.39 3.92
C MET B 87 -25.86 42.03 5.07
N ALA B 88 -26.04 42.92 6.05
CA ALA B 88 -26.96 42.63 7.14
C ALA B 88 -28.41 42.53 6.64
N LEU B 89 -28.83 43.39 5.71
CA LEU B 89 -30.18 43.39 5.13
C LEU B 89 -30.42 42.14 4.28
N THR B 90 -29.41 41.64 3.59
CA THR B 90 -29.53 40.42 2.79
C THR B 90 -29.52 39.14 3.63
N GLY B 91 -29.22 39.22 4.93
CA GLY B 91 -29.25 38.09 5.85
C GLY B 91 -27.89 37.56 6.34
N GLY B 92 -26.81 38.21 5.93
CA GLY B 92 -25.44 37.89 6.30
C GLY B 92 -24.88 38.90 7.28
N ILE B 93 -23.61 39.25 7.19
CA ILE B 93 -22.97 40.25 8.07
C ILE B 93 -21.69 40.78 7.41
N GLY B 94 -21.17 41.91 7.88
CA GLY B 94 -19.91 42.48 7.41
C GLY B 94 -19.00 42.86 8.57
N PHE B 95 -17.69 42.70 8.39
CA PHE B 95 -16.69 43.08 9.38
C PHE B 95 -15.97 44.33 8.89
N ILE B 96 -16.05 45.43 9.64
CA ILE B 96 -15.43 46.70 9.22
C ILE B 96 -13.92 46.63 9.42
N HIS B 97 -13.14 47.09 8.42
CA HIS B 97 -11.66 47.10 8.45
C HIS B 97 -11.14 48.06 9.52
N HIS B 98 -9.89 47.89 9.97
CA HIS B 98 -9.30 48.71 11.03
C HIS B 98 -8.06 49.53 10.63
N ASN B 99 -7.71 49.66 9.35
CA ASN B 99 -6.48 50.42 9.01
C ASN B 99 -6.68 51.96 9.07
N CYS B 100 -7.90 52.40 9.41
CA CYS B 100 -8.29 53.77 9.69
C CYS B 100 -7.99 54.11 11.16
N THR B 101 -8.47 55.26 11.65
CA THR B 101 -8.32 55.63 13.07
C THR B 101 -9.45 54.96 13.87
N PRO B 102 -9.29 54.73 15.19
CA PRO B 102 -10.32 54.11 16.02
C PRO B 102 -11.67 54.87 16.02
N GLU B 103 -11.61 56.20 16.04
CA GLU B 103 -12.79 57.08 16.02
C GLU B 103 -13.61 56.88 14.75
N PHE B 104 -12.93 56.74 13.60
CA PHE B 104 -13.58 56.48 12.33
C PHE B 104 -14.28 55.12 12.32
N GLN B 105 -13.62 54.05 12.75
CA GLN B 105 -14.22 52.70 12.76
C GLN B 105 -15.44 52.66 13.68
N ALA B 106 -15.37 53.31 14.85
CA ALA B 106 -16.49 53.38 15.79
C ALA B 106 -17.68 54.12 15.17
N ASN B 107 -17.43 55.20 14.42
CA ASN B 107 -18.48 55.94 13.73
C ASN B 107 -19.14 55.07 12.64
N GLU B 108 -18.36 54.28 11.90
CA GLU B 108 -18.93 53.37 10.88
C GLU B 108 -19.81 52.31 11.55
N VAL B 109 -19.39 51.72 12.68
CA VAL B 109 -20.22 50.74 13.41
C VAL B 109 -21.51 51.41 13.86
N ARG B 110 -21.44 52.65 14.39
CA ARG B 110 -22.62 53.39 14.84
C ARG B 110 -23.60 53.64 13.69
N LYS B 111 -23.12 53.94 12.48
CA LYS B 111 -23.97 54.12 11.29
C LYS B 111 -24.72 52.83 10.97
N VAL B 112 -24.08 51.66 11.10
CA VAL B 112 -24.71 50.36 10.87
C VAL B 112 -25.78 50.07 11.94
N LYS B 113 -25.51 50.35 13.22
CA LYS B 113 -26.46 50.10 14.32
C LYS B 113 -27.65 51.08 14.36
N LYS B 114 -27.53 52.27 13.75
CA LYS B 114 -28.60 53.30 13.71
C LYS B 114 -29.54 53.23 12.49
N TYR B 115 -29.36 52.26 11.60
CA TYR B 115 -30.18 52.12 10.39
C TYR B 115 -31.66 51.81 10.68
N PRO B 238 -36.78 40.87 5.48
CA PRO B 238 -37.29 39.50 5.51
C PRO B 238 -36.32 38.53 6.18
N LEU B 239 -35.09 38.46 5.65
CA LEU B 239 -33.99 37.63 6.15
C LEU B 239 -32.92 38.43 6.92
N ALA B 240 -33.13 39.73 7.19
CA ALA B 240 -32.12 40.58 7.83
C ALA B 240 -31.60 40.08 9.18
N SER B 241 -30.27 40.08 9.36
CA SER B 241 -29.62 39.66 10.60
C SER B 241 -29.68 40.82 11.61
N LYS B 242 -30.39 40.61 12.72
CA LYS B 242 -30.64 41.61 13.76
C LYS B 242 -30.39 41.06 15.18
N ASP B 243 -30.29 41.95 16.17
CA ASP B 243 -30.08 41.61 17.59
C ASP B 243 -31.40 41.68 18.40
N ALA B 244 -31.33 41.52 19.72
CA ALA B 244 -32.50 41.59 20.61
C ALA B 244 -33.19 42.96 20.57
N LYS B 245 -32.41 44.05 20.43
CA LYS B 245 -32.89 45.44 20.31
C LYS B 245 -33.39 45.77 18.89
N LYS B 246 -33.51 44.78 18.01
CA LYS B 246 -33.99 44.87 16.62
C LYS B 246 -33.13 45.77 15.70
N GLN B 247 -31.86 45.95 16.02
CA GLN B 247 -30.89 46.71 15.24
C GLN B 247 -30.07 45.77 14.37
N LEU B 248 -29.54 46.25 13.23
CA LEU B 248 -28.74 45.43 12.32
C LEU B 248 -27.47 44.92 13.01
N LEU B 249 -27.16 43.64 12.87
CA LEU B 249 -25.93 43.07 13.43
C LEU B 249 -24.72 43.69 12.73
N CYS B 250 -23.63 43.93 13.46
CA CYS B 250 -22.40 44.48 12.89
C CYS B 250 -21.18 43.86 13.58
N GLY B 251 -20.13 43.64 12.79
CA GLY B 251 -18.84 43.13 13.26
C GLY B 251 -17.71 44.08 12.90
N ALA B 252 -16.57 43.94 13.56
CA ALA B 252 -15.39 44.76 13.32
C ALA B 252 -14.10 44.00 13.62
N ALA B 253 -13.01 44.42 13.00
CA ALA B 253 -11.71 43.83 13.19
C ALA B 253 -10.81 44.71 14.05
N ILE B 254 -9.87 44.11 14.79
CA ILE B 254 -8.84 44.79 15.58
C ILE B 254 -7.51 44.02 15.43
N GLY B 255 -6.42 44.63 15.86
CA GLY B 255 -5.09 44.03 15.87
C GLY B 255 -4.76 43.41 17.23
N THR B 256 -3.49 43.04 17.45
CA THR B 256 -3.02 42.43 18.70
C THR B 256 -2.01 43.29 19.48
N HIS B 257 -1.87 44.57 19.13
CA HIS B 257 -0.96 45.49 19.82
C HIS B 257 -1.68 46.15 21.01
N GLU B 258 -0.94 46.75 21.95
CA GLU B 258 -1.55 47.36 23.14
C GLU B 258 -2.52 48.50 22.83
N ASP B 259 -2.32 49.26 21.75
CA ASP B 259 -3.23 50.34 21.36
C ASP B 259 -4.58 49.80 20.83
N ASP B 260 -4.68 48.52 20.48
CA ASP B 260 -5.95 47.96 20.06
C ASP B 260 -6.94 47.84 21.22
N LYS B 261 -6.51 47.96 22.49
CA LYS B 261 -7.41 47.92 23.65
C LYS B 261 -8.25 49.20 23.70
N TYR B 262 -7.69 50.38 23.39
CA TYR B 262 -8.49 51.59 23.32
C TYR B 262 -9.49 51.49 22.14
N ARG B 263 -9.03 50.96 21.00
CA ARG B 263 -9.90 50.73 19.84
C ARG B 263 -11.02 49.75 20.22
N LEU B 264 -10.73 48.69 20.98
CA LEU B 264 -11.73 47.71 21.44
C LEU B 264 -12.81 48.39 22.27
N ASP B 265 -12.42 49.30 23.18
CA ASP B 265 -13.34 50.05 24.02
C ASP B 265 -14.27 50.94 23.19
N LEU B 266 -13.74 51.65 22.19
CA LEU B 266 -14.57 52.48 21.31
C LEU B 266 -15.55 51.64 20.50
N LEU B 267 -15.12 50.51 19.93
CA LEU B 267 -15.99 49.60 19.19
C LEU B 267 -17.08 49.03 20.10
N ALA B 268 -16.74 48.67 21.35
CA ALA B 268 -17.70 48.15 22.32
C ALA B 268 -18.75 49.20 22.70
N GLN B 269 -18.37 50.46 22.93
CA GLN B 269 -19.31 51.55 23.24
C GLN B 269 -20.19 51.90 22.03
N ALA B 270 -19.68 51.75 20.80
CA ALA B 270 -20.45 51.98 19.58
C ALA B 270 -21.55 50.91 19.37
N GLY B 271 -21.48 49.77 20.07
CA GLY B 271 -22.46 48.68 20.00
C GLY B 271 -22.06 47.49 19.12
N VAL B 272 -20.77 47.22 18.87
CA VAL B 272 -20.37 46.07 18.04
C VAL B 272 -20.85 44.77 18.70
N ASP B 273 -21.26 43.78 17.91
CA ASP B 273 -21.78 42.49 18.41
C ASP B 273 -20.72 41.37 18.40
N VAL B 274 -19.81 41.41 17.44
CA VAL B 274 -18.76 40.39 17.26
C VAL B 274 -17.46 41.03 16.74
N VAL B 275 -16.32 40.57 17.22
CA VAL B 275 -15.01 41.12 16.87
C VAL B 275 -14.04 40.06 16.40
N VAL B 276 -13.28 40.34 15.36
CA VAL B 276 -12.33 39.41 14.80
C VAL B 276 -10.90 39.92 14.99
N LEU B 277 -10.02 39.08 15.51
CA LEU B 277 -8.60 39.43 15.70
C LEU B 277 -7.94 39.15 14.35
N ASP B 278 -7.65 40.21 13.60
CA ASP B 278 -7.12 40.11 12.24
C ASP B 278 -5.59 39.95 12.16
N SER B 279 -5.13 38.78 11.72
CA SER B 279 -3.71 38.45 11.56
C SER B 279 -3.52 37.31 10.55
N SER B 280 -2.37 37.23 9.93
CA SER B 280 -2.03 36.17 8.99
C SER B 280 -1.76 34.84 9.69
N GLN B 281 -1.17 34.89 10.88
CA GLN B 281 -0.82 33.73 11.70
C GLN B 281 -1.34 33.99 13.12
N GLY B 282 -2.52 33.47 13.46
CA GLY B 282 -3.15 33.73 14.75
C GLY B 282 -2.72 32.84 15.91
N ASN B 283 -1.83 31.85 15.75
CA ASN B 283 -1.39 31.03 16.87
C ASN B 283 -0.18 31.70 17.55
N SER B 284 -0.42 32.76 18.30
CA SER B 284 0.66 33.54 18.94
C SER B 284 0.35 34.00 20.36
N ILE B 285 1.39 34.34 21.13
CA ILE B 285 1.28 34.82 22.50
C ILE B 285 0.48 36.13 22.54
N PHE B 286 0.66 37.01 21.55
CA PHE B 286 -0.05 38.28 21.47
C PHE B 286 -1.56 38.11 21.28
N GLN B 287 -2.00 37.19 20.40
CA GLN B 287 -3.43 36.95 20.18
C GLN B 287 -4.07 36.26 21.39
N ILE B 288 -3.40 35.28 22.01
CA ILE B 288 -3.91 34.56 23.19
C ILE B 288 -4.08 35.52 24.37
N ASN B 289 -3.13 36.44 24.57
CA ASN B 289 -3.26 37.47 25.61
C ASN B 289 -4.45 38.39 25.31
N MET B 290 -4.63 38.83 24.07
CA MET B 290 -5.74 39.69 23.69
C MET B 290 -7.09 38.98 23.93
N ILE B 291 -7.23 37.70 23.59
CA ILE B 291 -8.48 36.94 23.77
C ILE B 291 -8.86 36.88 25.25
N LYS B 292 -7.90 36.59 26.13
CA LYS B 292 -8.16 36.50 27.56
C LYS B 292 -8.50 37.87 28.15
N TYR B 293 -7.86 38.95 27.69
CA TYR B 293 -8.19 40.31 28.13
C TYR B 293 -9.64 40.67 27.76
N ILE B 294 -10.07 40.35 26.53
CA ILE B 294 -11.43 40.62 26.08
C ILE B 294 -12.42 39.79 26.90
N LYS B 295 -12.16 38.51 27.15
CA LYS B 295 -13.08 37.67 27.94
C LYS B 295 -13.22 38.13 29.39
N ASP B 296 -12.15 38.61 30.01
CA ASP B 296 -12.22 39.15 31.37
C ASP B 296 -12.99 40.49 31.42
N LYS B 297 -12.78 41.38 30.44
CA LYS B 297 -13.38 42.72 30.42
C LYS B 297 -14.79 42.82 29.80
N TYR B 298 -15.06 42.08 28.75
CA TYR B 298 -16.33 42.05 28.03
C TYR B 298 -16.84 40.61 27.87
N PRO B 299 -17.44 40.00 28.92
CA PRO B 299 -17.95 38.62 28.84
C PRO B 299 -19.09 38.45 27.82
N ASN B 300 -19.79 39.53 27.49
CA ASN B 300 -20.89 39.54 26.51
C ASN B 300 -20.43 39.59 25.04
N LEU B 301 -19.19 39.99 24.74
CA LEU B 301 -18.70 40.14 23.37
C LEU B 301 -18.22 38.82 22.76
N GLN B 302 -18.57 38.56 21.50
CA GLN B 302 -18.13 37.37 20.78
C GLN B 302 -16.77 37.67 20.12
N VAL B 303 -15.78 36.79 20.29
CA VAL B 303 -14.41 36.96 19.77
C VAL B 303 -14.06 35.86 18.79
N ILE B 304 -13.64 36.23 17.59
CA ILE B 304 -13.27 35.31 16.52
C ILE B 304 -11.75 35.35 16.37
N GLY B 305 -11.11 34.19 16.43
CA GLY B 305 -9.66 34.08 16.29
C GLY B 305 -9.23 33.64 14.91
N GLY B 306 -7.97 33.87 14.58
CA GLY B 306 -7.42 33.51 13.28
C GLY B 306 -6.32 34.45 12.80
N ASN B 307 -5.76 34.18 11.63
CA ASN B 307 -6.09 33.04 10.77
C ASN B 307 -5.26 31.79 11.13
N VAL B 308 -5.88 30.62 11.03
CA VAL B 308 -5.29 29.29 11.27
C VAL B 308 -5.57 28.34 10.11
N VAL B 309 -4.72 27.34 9.90
CA VAL B 309 -4.87 26.32 8.84
C VAL B 309 -4.59 24.89 9.34
N THR B 310 -4.30 24.71 10.63
CA THR B 310 -4.04 23.38 11.24
C THR B 310 -4.78 23.19 12.56
N ALA B 311 -5.06 21.93 12.92
CA ALA B 311 -5.74 21.60 14.17
C ALA B 311 -4.89 21.98 15.40
N ALA B 312 -3.56 21.93 15.28
CA ALA B 312 -2.64 22.33 16.34
C ALA B 312 -2.81 23.81 16.68
N GLN B 313 -2.85 24.68 15.67
CA GLN B 313 -3.13 26.11 15.87
C GLN B 313 -4.54 26.31 16.44
N ALA B 314 -5.53 25.57 15.94
CA ALA B 314 -6.91 25.73 16.41
C ALA B 314 -7.07 25.37 17.89
N LYS B 315 -6.33 24.37 18.40
CA LYS B 315 -6.42 23.96 19.80
C LYS B 315 -6.02 25.07 20.79
N ASN B 316 -4.94 25.78 20.55
CA ASN B 316 -4.51 26.85 21.45
C ASN B 316 -5.55 27.97 21.56
N LEU B 317 -6.17 28.36 20.44
CA LEU B 317 -7.20 29.40 20.40
C LEU B 317 -8.51 28.93 21.03
N ILE B 318 -8.94 27.67 20.82
CA ILE B 318 -10.16 27.14 21.45
C ILE B 318 -9.94 27.10 22.97
N ASP B 319 -8.75 26.69 23.44
CA ASP B 319 -8.39 26.69 24.86
C ASP B 319 -8.25 28.11 25.44
N ALA B 320 -7.93 29.11 24.62
CA ALA B 320 -7.89 30.51 25.02
C ALA B 320 -9.31 31.04 25.30
N GLY B 321 -10.33 30.45 24.67
CA GLY B 321 -11.75 30.79 24.83
C GLY B 321 -12.42 31.48 23.63
N VAL B 322 -11.98 31.26 22.39
CA VAL B 322 -12.63 31.91 21.23
C VAL B 322 -14.03 31.36 20.98
N ASP B 323 -14.84 32.09 20.23
CA ASP B 323 -16.24 31.73 19.91
C ASP B 323 -16.44 31.23 18.46
N ALA B 324 -15.44 31.43 17.58
CA ALA B 324 -15.36 30.96 16.21
C ALA B 324 -13.89 31.01 15.72
N LEU B 325 -13.60 30.46 14.54
CA LEU B 325 -12.26 30.44 13.96
C LEU B 325 -12.29 30.91 12.50
N ARG B 326 -11.23 31.59 12.08
CA ARG B 326 -11.07 32.09 10.71
C ARG B 326 -10.00 31.24 10.04
N VAL B 327 -10.34 30.60 8.92
CA VAL B 327 -9.44 29.66 8.25
C VAL B 327 -9.00 30.07 6.87
N GLY B 328 -7.69 30.04 6.64
CA GLY B 328 -7.07 30.39 5.36
C GLY B 328 -5.74 31.09 5.55
N MET B 329 -4.74 30.74 4.73
CA MET B 329 -3.41 31.35 4.75
C MET B 329 -2.76 31.23 3.38
N GLY B 330 -2.69 32.36 2.69
CA GLY B 330 -2.10 32.45 1.35
C GLY B 330 -3.05 32.09 0.21
N SER B 331 -4.32 31.79 0.49
CA SER B 331 -5.34 31.42 -0.51
C SER B 331 -6.08 32.63 -1.12
N GLY B 332 -5.87 33.84 -0.60
CA GLY B 332 -6.55 35.03 -1.11
C GLY B 332 -6.11 35.43 -2.52
N SER B 333 -7.01 36.01 -3.32
CA SER B 333 -6.70 36.40 -4.69
C SER B 333 -5.57 37.42 -4.81
N ILE B 334 -5.41 38.28 -3.78
CA ILE B 334 -4.39 39.33 -3.66
C ILE B 334 -3.29 38.94 -2.65
N CYS B 335 -3.09 37.65 -2.36
CA CYS B 335 -2.12 37.23 -1.35
C CYS B 335 -0.91 36.56 -2.02
N ILE B 336 0.28 36.99 -1.64
CA ILE B 336 1.55 36.42 -2.13
C ILE B 336 2.35 35.79 -0.97
N THR B 337 1.71 35.56 0.19
CA THR B 337 2.34 34.98 1.38
C THR B 337 3.01 33.62 1.10
N GLN B 338 2.39 32.74 0.32
CA GLN B 338 2.97 31.42 0.01
C GLN B 338 4.27 31.52 -0.80
N GLU B 339 4.42 32.51 -1.68
CA GLU B 339 5.65 32.71 -2.46
C GLU B 339 6.69 33.52 -1.68
N VAL B 340 6.26 34.47 -0.84
CA VAL B 340 7.16 35.32 -0.07
C VAL B 340 7.66 34.64 1.21
N LEU B 341 6.79 34.07 2.03
CA LEU B 341 7.18 33.48 3.32
C LEU B 341 7.23 31.94 3.33
N ALA B 342 6.86 31.26 2.23
CA ALA B 342 6.84 29.79 2.10
C ALA B 342 5.92 29.04 3.09
N CYS B 343 4.99 29.75 3.71
CA CYS B 343 4.08 29.22 4.71
C CYS B 343 2.62 29.38 4.29
N GLY B 344 1.79 28.40 4.63
CA GLY B 344 0.36 28.36 4.34
C GLY B 344 -0.14 26.94 4.10
N ARG B 345 -1.30 26.80 3.45
CA ARG B 345 -1.89 25.50 3.12
C ARG B 345 -2.97 25.61 2.05
N PRO B 346 -3.19 24.60 1.19
CA PRO B 346 -4.27 24.65 0.21
C PRO B 346 -5.62 24.79 0.96
N GLN B 347 -6.53 25.63 0.46
CA GLN B 347 -7.74 25.99 1.22
C GLN B 347 -8.73 24.86 1.52
N ALA B 348 -8.99 23.92 0.61
CA ALA B 348 -9.96 22.86 0.87
C ALA B 348 -9.54 21.93 2.02
N THR B 349 -8.32 21.41 2.00
CA THR B 349 -7.79 20.55 3.08
C THR B 349 -7.70 21.32 4.40
N ALA B 350 -7.26 22.59 4.39
CA ALA B 350 -7.19 23.37 5.62
C ALA B 350 -8.60 23.54 6.25
N VAL B 351 -9.60 23.87 5.45
CA VAL B 351 -10.98 24.02 5.95
C VAL B 351 -11.47 22.71 6.53
N TYR B 352 -11.30 21.60 5.83
CA TYR B 352 -11.74 20.30 6.33
C TYR B 352 -11.06 19.94 7.66
N LYS B 353 -9.72 20.00 7.73
CA LYS B 353 -8.94 19.65 8.92
C LYS B 353 -9.26 20.52 10.12
N VAL B 354 -9.34 21.85 9.94
CA VAL B 354 -9.69 22.75 11.05
C VAL B 354 -11.14 22.52 11.48
N SER B 355 -12.08 22.37 10.55
CA SER B 355 -13.48 22.15 10.90
C SER B 355 -13.72 20.83 11.62
N GLU B 356 -13.02 19.77 11.24
CA GLU B 356 -13.14 18.47 11.87
C GLU B 356 -12.74 18.58 13.35
N TYR B 357 -11.63 19.27 13.64
CA TYR B 357 -11.18 19.49 15.01
C TYR B 357 -12.12 20.43 15.79
N ALA B 358 -12.51 21.56 15.20
CA ALA B 358 -13.35 22.55 15.89
C ALA B 358 -14.78 22.06 16.17
N ARG B 359 -15.28 21.08 15.42
CA ARG B 359 -16.60 20.47 15.63
C ARG B 359 -16.68 19.77 17.00
N ARG B 360 -15.58 19.19 17.48
CA ARG B 360 -15.50 18.49 18.77
C ARG B 360 -15.81 19.40 19.97
N PHE B 361 -15.71 20.71 19.81
CA PHE B 361 -15.96 21.69 20.88
C PHE B 361 -17.12 22.64 20.58
N GLY B 362 -17.93 22.39 19.56
CA GLY B 362 -19.04 23.27 19.20
C GLY B 362 -18.62 24.63 18.66
N VAL B 363 -17.41 24.75 18.10
CA VAL B 363 -16.89 26.03 17.59
C VAL B 363 -17.03 26.09 16.07
N PRO B 364 -17.79 27.02 15.49
CA PRO B 364 -17.94 27.12 14.04
C PRO B 364 -16.70 27.70 13.36
N VAL B 365 -16.51 27.34 12.09
CA VAL B 365 -15.40 27.79 11.25
C VAL B 365 -15.90 28.70 10.13
N ILE B 366 -15.19 29.81 9.92
CA ILE B 366 -15.44 30.76 8.83
C ILE B 366 -14.39 30.43 7.75
N ALA B 367 -14.81 30.11 6.53
CA ALA B 367 -13.90 29.82 5.43
C ALA B 367 -13.52 31.13 4.75
N ASP B 368 -12.24 31.47 4.75
CA ASP B 368 -11.74 32.74 4.21
C ASP B 368 -10.67 32.60 3.13
N GLY B 369 -10.91 33.18 1.95
CA GLY B 369 -9.96 33.22 0.86
C GLY B 369 -10.10 32.14 -0.20
N GLY B 370 -9.94 32.51 -1.47
CA GLY B 370 -9.99 31.56 -2.58
C GLY B 370 -11.37 31.28 -3.18
N ILE B 371 -12.40 32.08 -2.88
CA ILE B 371 -13.74 31.87 -3.43
C ILE B 371 -13.89 32.65 -4.74
N GLN B 372 -14.09 31.97 -5.87
CA GLN B 372 -14.24 32.61 -7.20
C GLN B 372 -15.64 32.51 -7.81
N ASN B 373 -16.45 31.57 -7.35
CA ASN B 373 -17.81 31.31 -7.85
C ASN B 373 -18.65 30.60 -6.79
N VAL B 374 -19.96 30.49 -7.01
CA VAL B 374 -20.88 29.86 -6.07
C VAL B 374 -20.55 28.37 -5.84
N GLY B 375 -19.96 27.67 -6.81
CA GLY B 375 -19.50 26.28 -6.62
C GLY B 375 -18.43 26.19 -5.52
N HIS B 376 -17.54 27.18 -5.43
CA HIS B 376 -16.54 27.23 -4.37
C HIS B 376 -17.22 27.39 -3.00
N ILE B 377 -18.26 28.21 -2.91
CA ILE B 377 -19.01 28.43 -1.66
C ILE B 377 -19.65 27.12 -1.20
N ALA B 378 -20.28 26.38 -2.12
CA ALA B 378 -20.93 25.11 -1.82
C ALA B 378 -19.93 24.05 -1.33
N LYS B 379 -18.73 24.00 -1.94
CA LYS B 379 -17.66 23.09 -1.52
C LYS B 379 -17.15 23.44 -0.13
N ALA B 380 -16.87 24.72 0.17
CA ALA B 380 -16.40 25.11 1.49
C ALA B 380 -17.42 24.74 2.57
N LEU B 381 -18.72 24.98 2.34
CA LEU B 381 -19.77 24.62 3.29
C LEU B 381 -19.88 23.10 3.46
N ALA B 382 -19.76 22.33 2.37
CA ALA B 382 -19.86 20.89 2.45
C ALA B 382 -18.65 20.25 3.15
N LEU B 383 -17.48 20.89 3.16
CA LEU B 383 -16.29 20.38 3.85
C LEU B 383 -16.26 20.66 5.36
N GLY B 384 -17.27 21.33 5.92
CA GLY B 384 -17.36 21.57 7.36
C GLY B 384 -17.45 23.03 7.80
N ALA B 385 -17.22 24.01 6.94
CA ALA B 385 -17.32 25.41 7.31
C ALA B 385 -18.79 25.78 7.57
N SER B 386 -19.04 26.69 8.50
CA SER B 386 -20.39 27.16 8.82
C SER B 386 -20.75 28.46 8.10
N THR B 387 -19.76 29.28 7.77
CA THR B 387 -19.93 30.53 7.02
C THR B 387 -18.74 30.71 6.08
N VAL B 388 -18.90 31.56 5.07
CA VAL B 388 -17.89 31.85 4.04
C VAL B 388 -17.65 33.35 3.96
N MET B 389 -16.39 33.75 4.02
CA MET B 389 -15.92 35.13 3.95
C MET B 389 -15.27 35.34 2.60
N MET B 390 -15.64 36.43 1.92
CA MET B 390 -15.16 36.74 0.58
C MET B 390 -14.69 38.18 0.42
N GLY B 391 -13.64 38.35 -0.37
CA GLY B 391 -13.02 39.62 -0.72
C GLY B 391 -13.36 40.00 -2.15
N SER B 392 -12.52 39.63 -3.10
CA SER B 392 -12.68 39.93 -4.52
C SER B 392 -14.05 39.60 -5.11
N LEU B 393 -14.80 38.61 -4.59
CA LEU B 393 -16.12 38.30 -5.11
C LEU B 393 -17.08 39.48 -4.91
N LEU B 394 -16.96 40.19 -3.79
CA LEU B 394 -17.76 41.38 -3.45
C LEU B 394 -17.08 42.69 -3.85
N ALA B 395 -15.85 42.64 -4.35
CA ALA B 395 -15.13 43.82 -4.81
C ALA B 395 -15.79 44.34 -6.11
N ALA B 396 -15.61 45.62 -6.39
CA ALA B 396 -16.20 46.31 -7.55
C ALA B 396 -17.74 46.26 -7.62
N THR B 397 -18.38 46.17 -6.46
CA THR B 397 -19.83 46.28 -6.30
C THR B 397 -20.13 47.75 -5.93
N THR B 398 -21.38 48.16 -6.01
CA THR B 398 -21.81 49.53 -5.74
C THR B 398 -21.55 49.96 -4.30
N GLU B 399 -21.80 49.09 -3.32
CA GLU B 399 -21.61 49.41 -1.89
C GLU B 399 -20.16 49.29 -1.40
N ALA B 400 -19.23 48.72 -2.18
CA ALA B 400 -17.83 48.61 -1.80
C ALA B 400 -17.15 50.00 -1.76
N PRO B 401 -16.20 50.24 -0.85
CA PRO B 401 -15.51 51.52 -0.75
C PRO B 401 -14.67 51.87 -1.99
N GLY B 402 -14.52 53.16 -2.26
CA GLY B 402 -13.78 53.67 -3.42
C GLY B 402 -14.70 53.91 -4.62
N GLU B 403 -14.32 54.81 -5.51
CA GLU B 403 -15.11 55.15 -6.71
C GLU B 403 -14.64 54.36 -7.94
N TYR B 404 -15.52 54.25 -8.95
CA TYR B 404 -15.19 53.55 -10.19
C TYR B 404 -14.32 54.41 -11.13
N PHE B 405 -13.63 53.76 -12.06
CA PHE B 405 -12.80 54.38 -13.09
C PHE B 405 -12.80 53.47 -14.32
N PHE B 406 -12.50 54.04 -15.49
CA PHE B 406 -12.50 53.34 -16.78
C PHE B 406 -11.08 53.07 -17.29
N SER B 407 -10.90 51.93 -17.96
CA SER B 407 -9.65 51.48 -18.63
C SER B 407 -10.00 50.36 -19.60
N ASP B 408 -9.35 50.31 -20.77
CA ASP B 408 -9.62 49.31 -21.83
C ASP B 408 -11.09 49.30 -22.33
N GLY B 409 -11.83 50.40 -22.11
CA GLY B 409 -13.23 50.54 -22.53
C GLY B 409 -14.25 49.91 -21.57
N ILE B 410 -13.85 49.43 -20.40
CA ILE B 410 -14.71 48.79 -19.38
C ILE B 410 -14.51 49.43 -18.00
N ARG B 411 -15.55 49.38 -17.16
CA ARG B 411 -15.52 49.97 -15.81
C ARG B 411 -14.95 48.98 -14.79
N LEU B 412 -14.20 49.47 -13.81
CA LEU B 412 -13.57 48.65 -12.79
C LEU B 412 -13.30 49.48 -11.52
N LYS B 413 -12.96 48.81 -10.42
CA LYS B 413 -12.67 49.42 -9.11
C LYS B 413 -11.41 48.80 -8.50
N LYS B 414 -10.69 49.55 -7.68
CA LYS B 414 -9.47 49.09 -7.01
C LYS B 414 -9.74 48.05 -5.93
N TYR B 415 -8.85 47.07 -5.82
CA TYR B 415 -8.88 46.01 -4.82
C TYR B 415 -7.43 45.71 -4.46
N ARG B 416 -7.07 45.77 -3.18
CA ARG B 416 -5.69 45.55 -2.73
C ARG B 416 -5.61 44.72 -1.47
N GLY B 417 -4.49 44.03 -1.26
CA GLY B 417 -4.26 43.27 -0.06
C GLY B 417 -3.86 44.17 1.09
N MET B 418 -4.25 43.84 2.32
CA MET B 418 -3.92 44.63 3.51
C MET B 418 -2.41 44.64 3.82
N GLY B 419 -1.68 43.61 3.36
CA GLY B 419 -0.24 43.44 3.45
C GLY B 419 0.53 43.99 2.24
N SER B 420 -0.15 44.66 1.29
CA SER B 420 0.54 45.30 0.15
C SER B 420 1.22 46.57 0.68
N LEU B 421 2.26 47.09 0.00
CA LEU B 421 2.98 48.29 0.46
C LEU B 421 2.08 49.53 0.54
N ASP B 422 1.08 49.65 -0.33
CA ASP B 422 0.12 50.77 -0.35
C ASP B 422 -0.77 50.79 0.91
N ALA B 423 -1.30 49.64 1.32
CA ALA B 423 -2.18 49.52 2.48
C ALA B 423 -1.47 49.67 3.85
N MET B 424 -0.13 49.68 3.88
CA MET B 424 0.67 49.80 5.12
C MET B 424 1.83 50.78 4.97
N ILE B 441 12.89 46.93 5.65
CA ILE B 441 12.10 47.08 6.88
C ILE B 441 10.69 46.50 6.69
N LYS B 442 10.03 46.84 5.58
CA LYS B 442 8.67 46.38 5.24
C LYS B 442 8.73 45.28 4.19
N VAL B 443 8.11 44.13 4.45
CA VAL B 443 8.02 43.00 3.50
C VAL B 443 6.58 42.88 3.07
N ALA B 444 6.32 43.02 1.77
CA ALA B 444 4.95 42.97 1.27
C ALA B 444 4.45 41.52 1.13
N GLN B 445 3.23 41.28 1.60
CA GLN B 445 2.55 40.00 1.51
C GLN B 445 1.27 40.03 0.66
N GLY B 446 0.95 41.20 0.08
CA GLY B 446 -0.21 41.41 -0.78
C GLY B 446 0.11 42.29 -1.99
N VAL B 447 -0.82 42.39 -2.92
CA VAL B 447 -0.68 43.22 -4.13
C VAL B 447 -1.86 44.17 -4.30
N SER B 448 -1.65 45.26 -5.01
CA SER B 448 -2.70 46.24 -5.32
C SER B 448 -3.11 46.06 -6.77
N GLY B 449 -4.41 46.03 -7.05
CA GLY B 449 -4.93 45.86 -8.39
C GLY B 449 -6.35 46.39 -8.55
N ALA B 450 -7.09 45.79 -9.48
CA ALA B 450 -8.46 46.15 -9.77
C ALA B 450 -9.24 44.98 -10.39
N VAL B 451 -10.55 44.95 -10.14
CA VAL B 451 -11.48 43.96 -10.70
C VAL B 451 -12.60 44.74 -11.39
N GLN B 452 -13.28 44.15 -12.38
CA GLN B 452 -14.31 44.88 -13.12
C GLN B 452 -15.66 44.94 -12.39
N ASP B 453 -16.53 45.86 -12.81
CA ASP B 453 -17.81 46.14 -12.17
C ASP B 453 -18.68 44.88 -12.04
N LYS B 454 -19.41 44.77 -10.93
CA LYS B 454 -20.26 43.65 -10.56
C LYS B 454 -21.72 44.02 -10.29
N GLY B 455 -22.07 45.32 -10.26
CA GLY B 455 -23.45 45.74 -9.98
C GLY B 455 -23.64 46.04 -8.50
N SER B 456 -24.82 45.77 -7.95
CA SER B 456 -25.14 45.96 -6.53
C SER B 456 -25.25 44.64 -5.79
N ILE B 457 -24.90 44.60 -4.49
CA ILE B 457 -25.00 43.33 -3.76
C ILE B 457 -26.46 42.96 -3.50
N HIS B 458 -27.40 43.91 -3.53
CA HIS B 458 -28.84 43.64 -3.38
C HIS B 458 -29.37 42.79 -4.55
N LYS B 459 -28.63 42.71 -5.67
CA LYS B 459 -28.95 41.87 -6.85
C LYS B 459 -27.99 40.68 -6.97
N PHE B 460 -26.76 40.79 -6.47
CA PHE B 460 -25.77 39.71 -6.55
C PHE B 460 -25.92 38.67 -5.43
N VAL B 461 -26.21 39.06 -4.19
CA VAL B 461 -26.41 38.11 -3.09
C VAL B 461 -27.59 37.16 -3.37
N PRO B 462 -28.77 37.60 -3.85
CA PRO B 462 -29.85 36.65 -4.14
C PRO B 462 -29.44 35.62 -5.21
N TYR B 463 -28.57 35.99 -6.17
CA TYR B 463 -28.04 35.03 -7.14
C TYR B 463 -27.17 33.97 -6.42
N LEU B 464 -26.29 34.38 -5.50
CA LEU B 464 -25.46 33.45 -4.72
C LEU B 464 -26.35 32.51 -3.88
N ILE B 465 -27.42 33.04 -3.29
CA ILE B 465 -28.38 32.25 -2.50
C ILE B 465 -29.05 31.19 -3.37
N ALA B 466 -29.52 31.55 -4.57
CA ALA B 466 -30.17 30.61 -5.47
C ALA B 466 -29.21 29.49 -5.90
N GLY B 467 -27.94 29.84 -6.18
CA GLY B 467 -26.92 28.85 -6.56
C GLY B 467 -26.61 27.89 -5.41
N ILE B 468 -26.49 28.38 -4.17
CA ILE B 468 -26.24 27.51 -3.00
C ILE B 468 -27.40 26.52 -2.84
N GLN B 469 -28.65 26.99 -2.95
CA GLN B 469 -29.83 26.14 -2.85
C GLN B 469 -29.87 25.10 -3.98
N HIS B 470 -29.54 25.46 -5.23
CA HIS B 470 -29.52 24.51 -6.34
C HIS B 470 -28.43 23.46 -6.11
N SER B 471 -27.27 23.84 -5.59
CA SER B 471 -26.21 22.87 -5.29
C SER B 471 -26.66 21.91 -4.19
N CYS B 472 -27.33 22.39 -3.15
CA CYS B 472 -27.89 21.53 -2.10
C CYS B 472 -28.95 20.56 -2.65
N GLN B 473 -29.78 21.01 -3.58
CA GLN B 473 -30.80 20.15 -4.15
C GLN B 473 -30.13 19.04 -4.98
N ASP B 474 -29.09 19.35 -5.75
CA ASP B 474 -28.36 18.38 -6.56
C ASP B 474 -27.73 17.26 -5.72
N ILE B 475 -27.11 17.61 -4.60
CA ILE B 475 -26.47 16.64 -3.71
C ILE B 475 -27.47 15.88 -2.81
N GLY B 476 -28.70 16.37 -2.67
CA GLY B 476 -29.78 15.72 -1.92
C GLY B 476 -29.95 16.10 -0.44
N ALA B 477 -29.71 17.35 -0.04
CA ALA B 477 -29.91 17.78 1.35
C ALA B 477 -30.84 19.01 1.44
N LYS B 478 -31.75 18.99 2.42
CA LYS B 478 -32.74 20.06 2.68
C LYS B 478 -32.19 21.25 3.46
N SER B 479 -30.95 21.21 3.94
CA SER B 479 -30.30 22.32 4.66
C SER B 479 -28.79 22.14 4.73
N LEU B 480 -28.07 23.23 5.03
CA LEU B 480 -26.61 23.16 5.19
C LEU B 480 -26.23 22.27 6.37
N THR B 481 -27.01 22.30 7.45
CA THR B 481 -26.84 21.43 8.62
C THR B 481 -26.90 19.97 8.16
N GLN B 482 -27.88 19.60 7.34
CA GLN B 482 -27.98 18.24 6.83
C GLN B 482 -26.77 17.90 5.94
N VAL B 483 -26.29 18.83 5.11
CA VAL B 483 -25.11 18.62 4.25
C VAL B 483 -23.91 18.21 5.11
N ARG B 484 -23.59 18.97 6.15
CA ARG B 484 -22.46 18.65 7.04
C ARG B 484 -22.70 17.36 7.83
N ALA B 485 -23.93 17.10 8.28
CA ALA B 485 -24.25 15.86 8.99
C ALA B 485 -24.01 14.65 8.09
N MET B 486 -24.46 14.69 6.83
CA MET B 486 -24.23 13.55 5.93
C MET B 486 -22.77 13.49 5.44
N MET B 487 -22.04 14.61 5.49
CA MET B 487 -20.61 14.60 5.17
C MET B 487 -19.83 13.85 6.25
N TYR B 488 -20.09 14.13 7.52
CA TYR B 488 -19.39 13.45 8.62
C TYR B 488 -19.83 11.98 8.77
N SER B 489 -21.07 11.64 8.40
CA SER B 489 -21.55 10.26 8.50
C SER B 489 -21.05 9.36 7.37
N GLY B 490 -20.47 9.91 6.29
CA GLY B 490 -19.97 9.14 5.15
C GLY B 490 -20.98 8.93 4.03
N GLU B 491 -22.20 9.42 4.19
CA GLU B 491 -23.25 9.33 3.19
C GLU B 491 -22.98 10.26 1.98
N LEU B 492 -22.43 11.46 2.19
CA LEU B 492 -22.06 12.35 1.09
C LEU B 492 -20.77 11.80 0.44
N LYS B 493 -20.66 11.80 -0.89
CA LYS B 493 -19.50 11.23 -1.60
C LYS B 493 -18.84 12.26 -2.51
N PHE B 494 -17.54 12.10 -2.69
CA PHE B 494 -16.66 12.99 -3.43
C PHE B 494 -15.80 12.22 -4.44
N GLU B 495 -15.27 12.94 -5.42
CA GLU B 495 -14.37 12.39 -6.41
C GLU B 495 -13.30 13.42 -6.81
N LYS B 496 -12.06 12.99 -7.01
CA LYS B 496 -10.95 13.82 -7.46
C LYS B 496 -11.09 14.18 -8.93
N ARG B 497 -10.37 15.20 -9.39
CA ARG B 497 -10.31 15.60 -10.80
C ARG B 497 -8.86 15.74 -11.24
N THR B 498 -8.50 15.12 -12.36
CA THR B 498 -7.18 15.30 -12.99
C THR B 498 -7.15 16.65 -13.71
N SER B 499 -6.03 17.04 -14.30
CA SER B 499 -5.97 18.29 -15.08
C SER B 499 -6.88 18.17 -16.31
N SER B 500 -6.88 17.00 -16.97
CA SER B 500 -7.77 16.75 -18.12
C SER B 500 -9.23 16.80 -17.70
N ALA B 501 -9.57 16.32 -16.50
CA ALA B 501 -10.92 16.38 -15.95
C ALA B 501 -11.38 17.82 -15.74
N GLN B 502 -10.50 18.69 -15.25
CA GLN B 502 -10.81 20.11 -15.08
C GLN B 502 -11.02 20.79 -16.45
N VAL B 503 -10.19 20.47 -17.44
CA VAL B 503 -10.31 20.99 -18.82
C VAL B 503 -11.65 20.57 -19.41
N GLU B 504 -12.07 19.31 -19.25
CA GLU B 504 -13.37 18.80 -19.72
C GLU B 504 -14.57 19.41 -18.94
N GLY B 505 -14.42 19.66 -17.65
CA GLY B 505 -15.46 20.23 -16.79
C GLY B 505 -15.80 21.69 -17.13
N GLY B 506 -14.80 22.48 -17.53
CA GLY B 506 -14.99 23.87 -17.96
C GLY B 506 -15.55 23.97 -19.40
N VAL B 507 -15.83 25.17 -19.89
CA VAL B 507 -16.30 25.33 -21.28
C VAL B 507 -15.12 25.02 -22.21
N HIS B 508 -15.33 24.23 -23.26
CA HIS B 508 -14.27 23.82 -24.18
C HIS B 508 -14.79 23.56 -25.60
N SER B 509 -13.88 23.47 -26.57
CA SER B 509 -14.12 23.14 -27.98
C SER B 509 -15.10 24.05 -28.77
N LEU B 510 -15.18 25.34 -28.45
CA LEU B 510 -16.04 26.31 -29.13
C LEU B 510 -15.19 27.38 -29.80
N HIS B 511 -15.65 27.91 -30.93
CA HIS B 511 -14.94 28.98 -31.65
C HIS B 511 -15.01 30.29 -30.84
N SER B 512 -16.19 30.59 -30.30
CA SER B 512 -16.49 31.73 -29.43
C SER B 512 -17.77 31.45 -28.62
N TYR B 513 -17.95 32.15 -27.50
CA TYR B 513 -19.10 32.00 -26.60
C TYR B 513 -19.26 33.17 -25.62
N GLU B 514 -20.44 33.27 -25.02
CA GLU B 514 -20.75 34.26 -23.98
C GLU B 514 -21.16 33.51 -22.69
N LYS B 515 -20.52 33.85 -21.57
CA LYS B 515 -20.77 33.23 -20.26
C LYS B 515 -21.49 34.25 -19.38
N ARG B 516 -22.82 34.12 -19.32
CA ARG B 516 -23.74 34.97 -18.56
C ARG B 516 -24.24 34.15 -17.36
N LEU B 517 -24.04 34.65 -16.16
CA LEU B 517 -24.37 33.93 -14.92
C LEU B 517 -25.83 34.04 -14.46
N PHE B 518 -26.42 35.24 -14.57
CA PHE B 518 -27.80 35.57 -14.18
C PHE B 518 -28.27 36.86 -14.87
N MET C 6 -0.46 -34.90 -26.33
CA MET C 6 0.88 -34.29 -26.12
C MET C 6 0.86 -33.19 -25.06
N ALA C 7 2.02 -32.81 -24.50
CA ALA C 7 2.09 -31.78 -23.46
C ALA C 7 1.75 -30.37 -23.96
N ASP C 8 1.96 -30.06 -25.25
CA ASP C 8 1.67 -28.74 -25.81
C ASP C 8 0.18 -28.35 -25.67
N TYR C 9 -0.71 -29.35 -25.58
CA TYR C 9 -2.14 -29.15 -25.35
C TYR C 9 -2.58 -29.57 -23.93
N LEU C 10 -2.00 -30.62 -23.34
CA LEU C 10 -2.44 -31.11 -22.02
C LEU C 10 -2.11 -30.17 -20.84
N ILE C 11 -1.02 -29.39 -20.90
CA ILE C 11 -0.63 -28.45 -19.82
C ILE C 11 -1.77 -27.44 -19.56
N SER C 12 -2.25 -26.79 -20.61
CA SER C 12 -3.34 -25.81 -20.59
C SER C 12 -3.92 -25.76 -22.00
N GLY C 13 -5.16 -26.23 -22.19
CA GLY C 13 -5.79 -26.39 -23.50
C GLY C 13 -5.94 -25.12 -24.31
N GLY C 14 -5.16 -24.99 -25.38
CA GLY C 14 -5.18 -23.89 -26.34
C GLY C 14 -4.78 -22.50 -25.81
N THR C 15 -4.58 -22.34 -24.51
CA THR C 15 -4.20 -21.06 -23.90
C THR C 15 -2.68 -20.90 -23.94
N SER C 16 -2.17 -20.06 -24.84
CA SER C 16 -0.73 -19.77 -24.92
C SER C 16 -0.32 -18.93 -23.71
N TYR C 17 0.99 -18.74 -23.49
CA TYR C 17 1.46 -17.98 -22.33
C TYR C 17 0.93 -16.54 -22.26
N VAL C 18 0.94 -15.77 -23.36
CA VAL C 18 0.41 -14.38 -23.39
C VAL C 18 0.95 -13.49 -22.25
N PRO C 19 2.18 -12.93 -22.36
CA PRO C 19 2.80 -12.09 -21.33
C PRO C 19 1.86 -11.03 -20.72
N ASP C 20 1.92 -10.83 -19.40
CA ASP C 20 1.05 -9.86 -18.73
C ASP C 20 1.70 -8.48 -18.73
N ASP C 21 1.02 -7.51 -19.32
CA ASP C 21 1.48 -6.13 -19.46
C ASP C 21 0.27 -5.20 -19.65
N GLY C 22 0.18 -4.13 -18.86
CA GLY C 22 -0.93 -3.19 -18.89
C GLY C 22 -1.93 -3.46 -17.77
N LEU C 23 -2.94 -2.61 -17.64
CA LEU C 23 -3.97 -2.70 -16.60
C LEU C 23 -5.34 -3.05 -17.18
N THR C 24 -6.14 -3.83 -16.47
CA THR C 24 -7.54 -4.11 -16.86
C THR C 24 -8.41 -2.89 -16.53
N ALA C 25 -9.59 -2.75 -17.12
CA ALA C 25 -10.45 -1.59 -16.81
C ALA C 25 -10.79 -1.53 -15.32
N GLN C 26 -11.01 -2.70 -14.70
CA GLN C 26 -11.34 -2.79 -13.29
C GLN C 26 -10.24 -2.15 -12.44
N GLN C 27 -8.97 -2.51 -12.64
CA GLN C 27 -7.90 -1.94 -11.83
C GLN C 27 -7.56 -0.51 -12.24
N LEU C 28 -7.83 -0.07 -13.47
CA LEU C 28 -7.64 1.32 -13.89
C LEU C 28 -8.64 2.24 -13.17
N PHE C 29 -9.92 1.84 -13.07
CA PHE C 29 -10.98 2.65 -12.48
C PHE C 29 -11.24 2.38 -10.98
N ASN C 30 -10.36 1.63 -10.32
CA ASN C 30 -10.39 1.35 -8.88
C ASN C 30 -9.32 2.16 -8.11
N CYS C 31 -8.54 3.01 -8.80
CA CYS C 31 -7.52 3.86 -8.20
C CYS C 31 -8.12 5.08 -7.46
N GLY C 32 -9.41 5.34 -7.64
CA GLY C 32 -10.14 6.44 -7.01
C GLY C 32 -9.92 7.81 -7.67
N ASP C 33 -8.99 7.90 -8.62
CA ASP C 33 -8.74 9.12 -9.37
C ASP C 33 -9.90 9.38 -10.36
N GLY C 34 -10.15 10.64 -10.67
CA GLY C 34 -11.19 11.03 -11.59
C GLY C 34 -10.66 11.12 -13.01
N LEU C 35 -10.87 10.08 -13.81
CA LEU C 35 -10.34 9.98 -15.15
C LEU C 35 -11.31 10.44 -16.25
N THR C 36 -10.77 11.20 -17.19
CA THR C 36 -11.39 11.69 -18.44
C THR C 36 -10.84 10.88 -19.61
N TYR C 37 -11.47 10.93 -20.78
CA TYR C 37 -11.00 10.19 -21.96
C TYR C 37 -9.52 10.42 -22.31
N ASN C 38 -9.02 11.65 -22.17
CA ASN C 38 -7.63 11.98 -22.47
C ASN C 38 -6.58 11.43 -21.46
N ASP C 39 -7.00 10.89 -20.31
CA ASP C 39 -6.10 10.40 -19.28
C ASP C 39 -5.57 8.98 -19.47
N PHE C 40 -6.08 8.24 -20.46
CA PHE C 40 -5.69 6.85 -20.68
C PHE C 40 -5.79 6.44 -22.16
N LEU C 41 -5.20 5.31 -22.50
CA LEU C 41 -5.22 4.69 -23.82
C LEU C 41 -5.54 3.21 -23.72
N ILE C 42 -5.86 2.58 -24.86
CA ILE C 42 -6.14 1.17 -25.00
C ILE C 42 -4.93 0.52 -25.68
N LEU C 43 -4.34 -0.51 -25.09
CA LEU C 43 -3.17 -1.17 -25.66
C LEU C 43 -3.58 -2.02 -26.88
N PRO C 44 -2.73 -2.13 -27.92
CA PRO C 44 -3.06 -2.91 -29.11
C PRO C 44 -3.07 -4.42 -28.81
N GLY C 45 -3.79 -5.20 -29.62
CA GLY C 45 -3.91 -6.65 -29.46
C GLY C 45 -3.37 -7.44 -30.65
N TYR C 46 -4.17 -8.38 -31.17
CA TYR C 46 -3.84 -9.24 -32.30
C TYR C 46 -4.82 -9.05 -33.45
N ILE C 47 -4.33 -8.97 -34.68
CA ILE C 47 -5.13 -8.72 -35.88
C ILE C 47 -5.19 -9.92 -36.82
N ASP C 48 -6.40 -10.42 -37.08
CA ASP C 48 -6.63 -11.54 -38.01
C ASP C 48 -7.87 -11.30 -38.90
N PHE C 49 -8.14 -10.03 -39.23
CA PHE C 49 -9.27 -9.61 -40.07
C PHE C 49 -9.03 -8.18 -40.59
N THR C 50 -9.73 -7.78 -41.66
CA THR C 50 -9.65 -6.43 -42.22
C THR C 50 -10.67 -5.51 -41.54
N ALA C 51 -10.43 -4.20 -41.51
CA ALA C 51 -11.34 -3.29 -40.80
C ALA C 51 -12.78 -3.27 -41.35
N ASP C 52 -12.99 -3.68 -42.60
CA ASP C 52 -14.31 -3.75 -43.23
C ASP C 52 -15.19 -4.89 -42.70
N GLN C 53 -14.64 -5.81 -41.90
CA GLN C 53 -15.36 -6.93 -41.31
C GLN C 53 -15.80 -6.67 -39.86
N VAL C 54 -15.61 -5.46 -39.34
CA VAL C 54 -16.02 -5.11 -37.97
C VAL C 54 -17.50 -4.73 -37.94
N ASP C 55 -18.29 -5.39 -37.12
CA ASP C 55 -19.73 -5.14 -36.94
C ASP C 55 -19.99 -4.12 -35.82
N LEU C 56 -20.76 -3.08 -36.13
CA LEU C 56 -21.08 -1.99 -35.22
C LEU C 56 -22.55 -2.00 -34.74
N THR C 57 -23.21 -3.17 -34.80
CA THR C 57 -24.59 -3.30 -34.34
C THR C 57 -24.63 -3.04 -32.84
N SER C 58 -25.60 -2.26 -32.37
CA SER C 58 -25.68 -1.90 -30.96
C SER C 58 -27.12 -1.72 -30.47
N ALA C 59 -27.34 -1.92 -29.17
CA ALA C 59 -28.65 -1.79 -28.56
C ALA C 59 -28.86 -0.39 -27.98
N LEU C 60 -29.87 0.31 -28.46
CA LEU C 60 -30.24 1.63 -27.95
C LEU C 60 -30.97 1.46 -26.61
N THR C 61 -31.83 0.44 -26.51
CA THR C 61 -32.60 0.10 -25.29
C THR C 61 -32.68 -1.43 -25.15
N LYS C 62 -33.51 -1.97 -24.25
CA LYS C 62 -33.67 -3.43 -24.06
C LYS C 62 -34.18 -4.16 -25.32
N LYS C 63 -34.96 -3.50 -26.19
CA LYS C 63 -35.50 -4.09 -27.41
C LYS C 63 -35.49 -3.19 -28.66
N ILE C 64 -34.54 -2.25 -28.75
CA ILE C 64 -34.34 -1.41 -29.95
C ILE C 64 -32.87 -1.56 -30.34
N THR C 65 -32.60 -2.03 -31.55
CA THR C 65 -31.24 -2.28 -32.08
C THR C 65 -30.96 -1.38 -33.27
N LEU C 66 -29.75 -0.82 -33.34
CA LEU C 66 -29.27 0.07 -34.39
C LEU C 66 -28.07 -0.55 -35.10
N LYS C 67 -27.82 -0.15 -36.35
CA LYS C 67 -26.70 -0.62 -37.18
C LYS C 67 -25.37 0.02 -36.78
N THR C 68 -25.41 1.22 -36.19
CA THR C 68 -24.26 2.01 -35.71
C THR C 68 -24.58 2.58 -34.32
N PRO C 69 -23.59 2.87 -33.46
CA PRO C 69 -23.83 3.35 -32.10
C PRO C 69 -23.99 4.86 -31.94
N LEU C 70 -24.24 5.61 -33.01
CA LEU C 70 -24.30 7.08 -32.97
C LEU C 70 -25.72 7.64 -32.78
N VAL C 71 -25.87 8.60 -31.87
CA VAL C 71 -27.15 9.25 -31.52
C VAL C 71 -27.00 10.78 -31.49
N SER C 72 -28.04 11.53 -31.89
CA SER C 72 -27.99 13.00 -31.85
C SER C 72 -28.61 13.53 -30.55
N SER C 73 -27.93 14.48 -29.93
CA SER C 73 -28.39 15.04 -28.65
C SER C 73 -29.68 15.86 -28.80
N PRO C 74 -30.63 15.78 -27.85
CA PRO C 74 -31.88 16.53 -27.88
C PRO C 74 -31.68 17.99 -27.45
N MET C 75 -31.20 18.81 -28.38
CA MET C 75 -30.93 20.24 -28.21
C MET C 75 -31.54 21.04 -29.37
N ASP C 76 -31.90 22.31 -29.14
CA ASP C 76 -32.55 23.14 -30.16
C ASP C 76 -31.63 23.61 -31.29
N THR C 77 -30.33 23.40 -31.15
CA THR C 77 -29.27 23.70 -32.12
C THR C 77 -28.63 22.42 -32.67
N VAL C 78 -29.22 21.25 -32.40
CA VAL C 78 -28.71 19.97 -32.90
C VAL C 78 -29.76 19.13 -33.59
N THR C 79 -30.88 18.82 -32.92
CA THR C 79 -31.86 17.85 -33.46
C THR C 79 -33.30 18.29 -33.69
N GLU C 80 -33.67 18.36 -34.97
CA GLU C 80 -35.04 18.59 -35.46
C GLU C 80 -35.32 17.50 -36.53
N ALA C 81 -36.41 17.58 -37.28
CA ALA C 81 -36.75 16.54 -38.26
C ALA C 81 -35.63 16.21 -39.26
N GLY C 82 -34.93 17.21 -39.80
CA GLY C 82 -33.87 16.98 -40.79
C GLY C 82 -32.70 16.19 -40.23
N MET C 83 -32.24 16.54 -39.03
CA MET C 83 -31.16 15.81 -38.37
C MET C 83 -31.63 14.39 -38.02
N ALA C 84 -32.85 14.22 -37.51
CA ALA C 84 -33.37 12.91 -37.15
C ALA C 84 -33.47 12.00 -38.38
N ILE C 85 -33.94 12.52 -39.52
CA ILE C 85 -34.01 11.75 -40.77
C ILE C 85 -32.60 11.35 -41.21
N ALA C 86 -31.64 12.26 -41.20
CA ALA C 86 -30.27 11.95 -41.61
C ALA C 86 -29.61 10.90 -40.69
N MET C 87 -29.77 11.01 -39.37
CA MET C 87 -29.22 10.03 -38.45
C MET C 87 -29.90 8.67 -38.63
N ALA C 88 -31.22 8.63 -38.83
CA ALA C 88 -31.91 7.37 -39.04
C ALA C 88 -31.44 6.69 -40.34
N LEU C 89 -31.25 7.46 -41.43
CA LEU C 89 -30.78 6.95 -42.72
C LEU C 89 -29.34 6.44 -42.65
N THR C 90 -28.49 7.07 -41.84
CA THR C 90 -27.10 6.63 -41.67
C THR C 90 -26.96 5.41 -40.75
N GLY C 91 -28.03 4.99 -40.06
CA GLY C 91 -28.05 3.80 -39.21
C GLY C 91 -28.12 4.02 -37.70
N GLY C 92 -28.21 5.28 -37.28
CA GLY C 92 -28.31 5.70 -35.89
C GLY C 92 -29.72 6.18 -35.57
N ILE C 93 -29.88 7.20 -34.74
CA ILE C 93 -31.18 7.78 -34.36
C ILE C 93 -30.98 9.22 -33.83
N GLY C 94 -32.04 10.02 -33.77
CA GLY C 94 -32.00 11.36 -33.21
C GLY C 94 -33.15 11.59 -32.23
N PHE C 95 -32.90 12.34 -31.16
CA PHE C 95 -33.93 12.67 -30.17
C PHE C 95 -34.32 14.13 -30.37
N ILE C 96 -35.58 14.40 -30.67
CA ILE C 96 -36.05 15.78 -30.91
C ILE C 96 -36.16 16.55 -29.60
N HIS C 97 -35.66 17.79 -29.55
CA HIS C 97 -35.67 18.65 -28.36
C HIS C 97 -37.11 19.05 -27.99
N HIS C 98 -37.34 19.46 -26.74
CA HIS C 98 -38.69 19.83 -26.25
C HIS C 98 -38.87 21.27 -25.80
N ASN C 99 -37.95 22.19 -26.05
CA ASN C 99 -38.15 23.58 -25.56
C ASN C 99 -39.13 24.40 -26.43
N CYS C 100 -39.67 23.77 -27.49
CA CYS C 100 -40.73 24.26 -28.36
C CYS C 100 -42.10 23.93 -27.73
N THR C 101 -43.19 24.12 -28.46
CA THR C 101 -44.53 23.75 -27.99
C THR C 101 -44.77 22.26 -28.28
N PRO C 102 -45.67 21.58 -27.57
CA PRO C 102 -45.96 20.15 -27.80
C PRO C 102 -46.43 19.85 -29.23
N GLU C 103 -47.26 20.73 -29.81
CA GLU C 103 -47.79 20.59 -31.16
C GLU C 103 -46.65 20.60 -32.21
N PHE C 104 -45.68 21.50 -32.03
CA PHE C 104 -44.51 21.57 -32.90
C PHE C 104 -43.67 20.30 -32.81
N GLN C 105 -43.35 19.80 -31.60
CA GLN C 105 -42.53 18.59 -31.45
C GLN C 105 -43.23 17.37 -32.07
N ALA C 106 -44.54 17.25 -31.90
CA ALA C 106 -45.33 16.17 -32.49
C ALA C 106 -45.28 16.23 -34.03
N ASN C 107 -45.36 17.43 -34.62
CA ASN C 107 -45.27 17.58 -36.07
C ASN C 107 -43.87 17.20 -36.56
N GLU C 108 -42.82 17.56 -35.83
CA GLU C 108 -41.44 17.19 -36.17
C GLU C 108 -41.27 15.67 -36.13
N VAL C 109 -41.85 14.95 -35.16
CA VAL C 109 -41.79 13.47 -35.10
C VAL C 109 -42.53 12.88 -36.31
N ARG C 110 -43.70 13.43 -36.65
CA ARG C 110 -44.52 12.96 -37.78
C ARG C 110 -43.77 13.09 -39.11
N LYS C 111 -42.97 14.14 -39.31
CA LYS C 111 -42.14 14.32 -40.52
C LYS C 111 -41.14 13.17 -40.66
N VAL C 112 -40.52 12.74 -39.56
CA VAL C 112 -39.56 11.63 -39.56
C VAL C 112 -40.27 10.30 -39.86
N LYS C 113 -41.44 10.04 -39.27
CA LYS C 113 -42.22 8.81 -39.49
C LYS C 113 -42.84 8.70 -40.89
N LYS C 114 -43.07 9.82 -41.59
CA LYS C 114 -43.66 9.85 -42.95
C LYS C 114 -42.64 9.87 -44.10
N TYR C 115 -41.34 9.79 -43.83
CA TYR C 115 -40.30 9.83 -44.87
C TYR C 115 -40.33 8.61 -45.81
N PRO C 238 -28.98 1.37 -46.67
CA PRO C 238 -28.72 -0.04 -46.38
C PRO C 238 -28.65 -0.36 -44.89
N LEU C 239 -28.17 0.59 -44.09
CA LEU C 239 -28.04 0.52 -42.63
C LEU C 239 -29.17 1.27 -41.89
N ALA C 240 -30.14 1.85 -42.59
CA ALA C 240 -31.19 2.67 -41.97
C ALA C 240 -31.97 1.99 -40.83
N SER C 241 -32.09 2.69 -39.70
CA SER C 241 -32.82 2.21 -38.53
C SER C 241 -34.33 2.43 -38.77
N LYS C 242 -35.08 1.33 -38.84
CA LYS C 242 -36.52 1.29 -39.14
C LYS C 242 -37.29 0.40 -38.15
N ASP C 243 -38.61 0.53 -38.12
CA ASP C 243 -39.51 -0.27 -37.27
C ASP C 243 -40.19 -1.42 -38.07
N ALA C 244 -41.14 -2.13 -37.45
CA ALA C 244 -41.86 -3.23 -38.10
C ALA C 244 -42.68 -2.75 -39.33
N LYS C 245 -43.22 -1.53 -39.28
CA LYS C 245 -43.98 -0.89 -40.36
C LYS C 245 -43.07 -0.25 -41.43
N LYS C 246 -41.75 -0.51 -41.37
CA LYS C 246 -40.70 -0.04 -42.29
C LYS C 246 -40.54 1.49 -42.33
N GLN C 247 -40.97 2.20 -41.30
CA GLN C 247 -40.82 3.65 -41.15
C GLN C 247 -39.53 3.95 -40.37
N LEU C 248 -38.94 5.13 -40.57
CA LEU C 248 -37.72 5.53 -39.88
C LEU C 248 -37.94 5.61 -38.36
N LEU C 249 -37.02 5.06 -37.58
CA LEU C 249 -37.10 5.16 -36.13
C LEU C 249 -36.94 6.63 -35.71
N CYS C 250 -37.66 7.07 -34.68
CA CYS C 250 -37.55 8.43 -34.17
C CYS C 250 -37.72 8.45 -32.64
N GLY C 251 -36.96 9.31 -31.98
CA GLY C 251 -37.02 9.51 -30.54
C GLY C 251 -37.31 10.96 -30.18
N ALA C 252 -37.73 11.21 -28.95
CA ALA C 252 -38.06 12.56 -28.48
C ALA C 252 -37.83 12.69 -26.97
N ALA C 253 -37.58 13.91 -26.51
CA ALA C 253 -37.36 14.22 -25.12
C ALA C 253 -38.58 14.89 -24.50
N ILE C 254 -38.79 14.70 -23.19
CA ILE C 254 -39.84 15.35 -22.40
C ILE C 254 -39.25 15.75 -21.03
N GLY C 255 -39.96 16.58 -20.29
CA GLY C 255 -39.61 17.01 -18.94
C GLY C 255 -40.30 16.14 -17.88
N THR C 256 -40.23 16.55 -16.62
CA THR C 256 -40.86 15.83 -15.49
C THR C 256 -42.00 16.60 -14.81
N HIS C 257 -42.49 17.68 -15.41
CA HIS C 257 -43.60 18.46 -14.87
C HIS C 257 -44.92 17.82 -15.27
N GLU C 258 -46.01 18.08 -14.56
CA GLU C 258 -47.30 17.44 -14.81
C GLU C 258 -47.89 17.72 -16.20
N ASP C 259 -47.51 18.82 -16.84
CA ASP C 259 -47.99 19.16 -18.19
C ASP C 259 -47.21 18.39 -19.28
N ASP C 260 -46.09 17.72 -18.95
CA ASP C 260 -45.38 16.90 -19.92
C ASP C 260 -46.19 15.64 -20.28
N LYS C 261 -47.23 15.31 -19.52
CA LYS C 261 -48.12 14.16 -19.81
C LYS C 261 -48.95 14.45 -21.05
N TYR C 262 -49.44 15.68 -21.26
CA TYR C 262 -50.16 16.02 -22.49
C TYR C 262 -49.17 15.96 -23.67
N ARG C 263 -47.95 16.48 -23.49
CA ARG C 263 -46.88 16.40 -24.49
C ARG C 263 -46.58 14.93 -24.80
N LEU C 264 -46.51 14.05 -23.80
CA LEU C 264 -46.27 12.61 -23.98
C LEU C 264 -47.36 11.99 -24.86
N ASP C 265 -48.62 12.35 -24.64
CA ASP C 265 -49.75 11.87 -25.43
C ASP C 265 -49.65 12.29 -26.89
N LEU C 266 -49.30 13.54 -27.17
CA LEU C 266 -49.13 14.01 -28.54
C LEU C 266 -47.96 13.28 -29.22
N LEU C 267 -46.84 13.10 -28.54
CA LEU C 267 -45.67 12.38 -29.07
C LEU C 267 -46.03 10.91 -29.35
N ALA C 268 -46.81 10.27 -28.47
CA ALA C 268 -47.25 8.88 -28.65
C ALA C 268 -48.18 8.74 -29.85
N GLN C 269 -49.14 9.65 -30.04
CA GLN C 269 -50.05 9.61 -31.19
C GLN C 269 -49.31 9.92 -32.50
N ALA C 270 -48.25 10.73 -32.46
CA ALA C 270 -47.43 11.02 -33.63
C ALA C 270 -46.59 9.80 -34.09
N GLY C 271 -46.47 8.77 -33.25
CA GLY C 271 -45.74 7.54 -33.55
C GLY C 271 -44.32 7.44 -33.02
N VAL C 272 -43.94 8.16 -31.95
CA VAL C 272 -42.58 8.08 -31.39
C VAL C 272 -42.29 6.64 -30.93
N ASP C 273 -41.06 6.17 -31.08
CA ASP C 273 -40.66 4.80 -30.70
C ASP C 273 -39.98 4.74 -29.33
N VAL C 274 -39.23 5.78 -28.96
CA VAL C 274 -38.47 5.87 -27.71
C VAL C 274 -38.46 7.30 -27.15
N VAL C 275 -38.55 7.45 -25.84
CA VAL C 275 -38.61 8.74 -25.17
C VAL C 275 -37.58 8.85 -24.06
N VAL C 276 -36.94 10.01 -23.96
CA VAL C 276 -35.92 10.26 -22.95
C VAL C 276 -36.38 11.33 -21.98
N LEU C 277 -36.28 11.08 -20.68
CA LEU C 277 -36.65 12.06 -19.66
C LEU C 277 -35.42 12.96 -19.51
N ASP C 278 -35.48 14.18 -20.01
CA ASP C 278 -34.35 15.10 -20.05
C ASP C 278 -34.17 15.95 -18.79
N SER C 279 -33.09 15.71 -18.03
CA SER C 279 -32.76 16.43 -16.79
C SER C 279 -31.26 16.31 -16.48
N SER C 280 -30.70 17.27 -15.74
CA SER C 280 -29.30 17.27 -15.33
C SER C 280 -29.01 16.20 -14.26
N GLN C 281 -29.94 16.02 -13.32
CA GLN C 281 -29.89 15.05 -12.24
C GLN C 281 -31.22 14.28 -12.27
N GLY C 282 -31.18 13.04 -12.73
CA GLY C 282 -32.39 12.24 -12.89
C GLY C 282 -32.75 11.32 -11.73
N ASN C 283 -32.01 11.28 -10.62
CA ASN C 283 -32.37 10.45 -9.47
C ASN C 283 -33.33 11.25 -8.57
N SER C 284 -34.58 11.43 -9.01
CA SER C 284 -35.56 12.24 -8.28
C SER C 284 -36.96 11.65 -8.22
N ILE C 285 -37.78 12.11 -7.27
CA ILE C 285 -39.17 11.67 -7.08
C ILE C 285 -39.99 11.99 -8.32
N PHE C 286 -39.76 13.14 -8.94
CA PHE C 286 -40.48 13.58 -10.14
C PHE C 286 -40.24 12.66 -11.35
N GLN C 287 -38.99 12.25 -11.60
CA GLN C 287 -38.66 11.36 -12.70
C GLN C 287 -39.19 9.94 -12.45
N ILE C 288 -39.06 9.41 -11.23
CA ILE C 288 -39.55 8.08 -10.86
C ILE C 288 -41.08 8.00 -11.01
N ASN C 289 -41.80 9.05 -10.60
CA ASN C 289 -43.25 9.10 -10.81
C ASN C 289 -43.60 9.12 -12.30
N MET C 290 -42.88 9.91 -13.10
CA MET C 290 -43.11 9.98 -14.54
C MET C 290 -42.86 8.62 -15.21
N ILE C 291 -41.80 7.90 -14.85
CA ILE C 291 -41.48 6.58 -15.43
C ILE C 291 -42.61 5.59 -15.16
N LYS C 292 -43.11 5.54 -13.91
CA LYS C 292 -44.19 4.63 -13.56
C LYS C 292 -45.50 5.00 -14.27
N TYR C 293 -45.80 6.29 -14.43
CA TYR C 293 -46.99 6.72 -15.18
C TYR C 293 -46.92 6.26 -16.64
N ILE C 294 -45.76 6.41 -17.29
CA ILE C 294 -45.57 6.00 -18.68
C ILE C 294 -45.70 4.48 -18.79
N LYS C 295 -45.10 3.69 -17.89
CA LYS C 295 -45.20 2.22 -17.95
C LYS C 295 -46.62 1.72 -17.74
N ASP C 296 -47.41 2.32 -16.86
CA ASP C 296 -48.80 1.94 -16.67
C ASP C 296 -49.67 2.29 -17.89
N LYS C 297 -49.47 3.47 -18.48
CA LYS C 297 -50.27 3.98 -19.60
C LYS C 297 -49.86 3.51 -21.00
N TYR C 298 -48.56 3.41 -21.27
CA TYR C 298 -47.98 2.99 -22.55
C TYR C 298 -46.97 1.86 -22.34
N PRO C 299 -47.42 0.60 -22.17
CA PRO C 299 -46.53 -0.54 -21.95
C PRO C 299 -45.62 -0.83 -23.17
N ASN C 300 -46.02 -0.40 -24.37
CA ASN C 300 -45.27 -0.55 -25.61
C ASN C 300 -44.13 0.48 -25.81
N LEU C 301 -44.14 1.61 -25.09
CA LEU C 301 -43.16 2.68 -25.28
C LEU C 301 -41.86 2.45 -24.50
N GLN C 302 -40.71 2.70 -25.14
CA GLN C 302 -39.41 2.58 -24.49
C GLN C 302 -39.07 3.89 -23.78
N VAL C 303 -38.65 3.84 -22.50
CA VAL C 303 -38.34 5.01 -21.66
C VAL C 303 -36.89 4.99 -21.22
N ILE C 304 -36.18 6.08 -21.49
CA ILE C 304 -34.76 6.25 -21.15
C ILE C 304 -34.65 7.25 -20.01
N GLY C 305 -33.98 6.87 -18.93
CA GLY C 305 -33.79 7.72 -17.76
C GLY C 305 -32.44 8.40 -17.71
N GLY C 306 -32.34 9.47 -16.95
CA GLY C 306 -31.10 10.21 -16.83
C GLY C 306 -31.29 11.71 -16.56
N ASN C 307 -30.20 12.44 -16.41
CA ASN C 307 -28.82 11.95 -16.44
C ASN C 307 -28.35 11.47 -15.06
N VAL C 308 -27.54 10.41 -15.05
CA VAL C 308 -26.91 9.81 -13.86
C VAL C 308 -25.41 9.61 -14.08
N VAL C 309 -24.64 9.58 -13.00
CA VAL C 309 -23.17 9.38 -13.02
C VAL C 309 -22.69 8.38 -11.95
N THR C 310 -23.58 7.81 -11.15
CA THR C 310 -23.25 6.83 -10.09
C THR C 310 -24.16 5.61 -10.11
N ALA C 311 -23.67 4.47 -9.60
CA ALA C 311 -24.46 3.25 -9.53
C ALA C 311 -25.66 3.38 -8.58
N ALA C 312 -25.56 4.20 -7.52
CA ALA C 312 -26.64 4.46 -6.58
C ALA C 312 -27.83 5.12 -7.29
N GLN C 313 -27.56 6.15 -8.10
CA GLN C 313 -28.60 6.80 -8.92
C GLN C 313 -29.16 5.81 -9.95
N ALA C 314 -28.31 5.01 -10.58
CA ALA C 314 -28.77 4.05 -11.59
C ALA C 314 -29.72 3.00 -10.99
N LYS C 315 -29.51 2.56 -9.75
CA LYS C 315 -30.35 1.56 -9.10
C LYS C 315 -31.82 2.01 -8.96
N ASN C 316 -32.07 3.24 -8.51
CA ASN C 316 -33.44 3.72 -8.35
C ASN C 316 -34.20 3.76 -9.67
N LEU C 317 -33.55 4.19 -10.76
CA LEU C 317 -34.16 4.25 -12.10
C LEU C 317 -34.36 2.86 -12.69
N ILE C 318 -33.43 1.91 -12.51
CA ILE C 318 -33.60 0.54 -13.00
C ILE C 318 -34.77 -0.11 -12.25
N ASP C 319 -34.90 0.11 -10.93
CA ASP C 319 -36.02 -0.40 -10.12
C ASP C 319 -37.35 0.30 -10.49
N ALA C 320 -37.33 1.53 -11.00
CA ALA C 320 -38.51 2.24 -11.49
C ALA C 320 -39.06 1.58 -12.78
N GLY C 321 -38.20 0.91 -13.56
CA GLY C 321 -38.56 0.22 -14.79
C GLY C 321 -38.04 0.85 -16.09
N VAL C 322 -36.92 1.58 -16.09
CA VAL C 322 -36.39 2.17 -17.34
C VAL C 322 -35.85 1.11 -18.28
N ASP C 323 -35.70 1.45 -19.55
CA ASP C 323 -35.22 0.55 -20.61
C ASP C 323 -33.77 0.83 -21.06
N ALA C 324 -33.22 1.99 -20.68
CA ALA C 324 -31.83 2.43 -20.90
C ALA C 324 -31.49 3.58 -19.93
N LEU C 325 -30.23 3.97 -19.86
CA LEU C 325 -29.75 5.06 -19.00
C LEU C 325 -28.89 6.04 -19.78
N ARG C 326 -28.96 7.32 -19.42
CA ARG C 326 -28.20 8.41 -20.03
C ARG C 326 -27.14 8.83 -19.02
N VAL C 327 -25.87 8.79 -19.40
CA VAL C 327 -24.77 9.06 -18.48
C VAL C 327 -23.93 10.27 -18.83
N GLY C 328 -23.73 11.15 -17.85
CA GLY C 328 -22.93 12.37 -17.97
C GLY C 328 -23.49 13.51 -17.16
N MET C 329 -22.63 14.29 -16.50
CA MET C 329 -23.03 15.45 -15.69
C MET C 329 -21.86 16.44 -15.63
N GLY C 330 -22.01 17.55 -16.36
CA GLY C 330 -21.01 18.60 -16.42
C GLY C 330 -19.89 18.38 -17.44
N SER C 331 -19.92 17.29 -18.22
CA SER C 331 -18.93 16.95 -19.24
C SER C 331 -19.18 17.58 -20.62
N GLY C 332 -20.34 18.22 -20.83
CA GLY C 332 -20.68 18.82 -22.13
C GLY C 332 -19.81 20.03 -22.48
N SER C 333 -19.57 20.25 -23.77
CA SER C 333 -18.72 21.37 -24.21
C SER C 333 -19.25 22.75 -23.80
N ILE C 334 -20.58 22.90 -23.75
CA ILE C 334 -21.31 24.11 -23.36
C ILE C 334 -21.84 24.02 -21.92
N CYS C 335 -21.32 23.13 -21.07
CA CYS C 335 -21.84 22.95 -19.71
C CYS C 335 -20.90 23.57 -18.69
N ILE C 336 -21.47 24.36 -17.77
CA ILE C 336 -20.73 25.00 -16.67
C ILE C 336 -21.27 24.50 -15.31
N THR C 337 -22.01 23.39 -15.28
CA THR C 337 -22.60 22.83 -14.06
C THR C 337 -21.55 22.50 -12.98
N GLN C 338 -20.39 21.92 -13.34
CA GLN C 338 -19.36 21.58 -12.35
C GLN C 338 -18.77 22.81 -11.65
N GLU C 339 -18.72 23.96 -12.32
CA GLU C 339 -18.20 25.22 -11.79
C GLU C 339 -19.30 26.01 -11.05
N VAL C 340 -20.55 25.94 -11.50
CA VAL C 340 -21.67 26.66 -10.88
C VAL C 340 -22.26 25.91 -9.69
N LEU C 341 -22.55 24.62 -9.82
CA LEU C 341 -23.20 23.85 -8.75
C LEU C 341 -22.27 22.89 -7.98
N ALA C 342 -20.99 22.77 -8.37
CA ALA C 342 -19.99 21.89 -7.73
C ALA C 342 -20.29 20.39 -7.74
N CYS C 343 -21.22 19.97 -8.60
CA CYS C 343 -21.68 18.61 -8.71
C CYS C 343 -21.45 18.05 -10.11
N GLY C 344 -21.11 16.76 -10.17
CA GLY C 344 -20.85 16.03 -11.42
C GLY C 344 -19.80 14.95 -11.23
N ARG C 345 -19.21 14.48 -12.33
CA ARG C 345 -18.16 13.46 -12.32
C ARG C 345 -17.39 13.42 -13.64
N PRO C 346 -16.09 13.07 -13.67
CA PRO C 346 -15.35 12.92 -14.92
C PRO C 346 -16.02 11.85 -15.80
N GLN C 347 -16.14 12.08 -17.11
CA GLN C 347 -16.94 11.23 -17.98
C GLN C 347 -16.49 9.78 -18.12
N ALA C 348 -15.19 9.47 -18.22
CA ALA C 348 -14.74 8.08 -18.41
C ALA C 348 -15.10 7.18 -17.21
N THR C 349 -14.76 7.59 -15.99
CA THR C 349 -15.09 6.83 -14.77
C THR C 349 -16.60 6.72 -14.58
N ALA C 350 -17.38 7.80 -14.82
CA ALA C 350 -18.82 7.72 -14.69
C ALA C 350 -19.42 6.69 -15.67
N VAL C 351 -18.99 6.70 -16.94
CA VAL C 351 -19.49 5.73 -17.92
C VAL C 351 -19.13 4.31 -17.49
N TYR C 352 -17.89 4.05 -17.07
CA TYR C 352 -17.49 2.72 -16.63
C TYR C 352 -18.32 2.24 -15.43
N LYS C 353 -18.40 3.04 -14.35
CA LYS C 353 -19.12 2.69 -13.12
C LYS C 353 -20.61 2.47 -13.35
N VAL C 354 -21.28 3.35 -14.09
CA VAL C 354 -22.71 3.16 -14.39
C VAL C 354 -22.90 1.94 -15.30
N SER C 355 -22.09 1.75 -16.32
CA SER C 355 -22.23 0.61 -17.24
C SER C 355 -21.99 -0.73 -16.54
N GLU C 356 -21.03 -0.79 -15.62
CA GLU C 356 -20.74 -2.00 -14.87
C GLU C 356 -21.97 -2.43 -14.05
N TYR C 357 -22.63 -1.47 -13.38
CA TYR C 357 -23.83 -1.75 -12.62
C TYR C 357 -25.02 -2.10 -13.53
N ALA C 358 -25.26 -1.33 -14.60
CA ALA C 358 -26.41 -1.54 -15.48
C ALA C 358 -26.35 -2.85 -16.30
N ARG C 359 -25.15 -3.40 -16.52
CA ARG C 359 -24.94 -4.69 -17.22
C ARG C 359 -25.60 -5.84 -16.45
N ARG C 360 -25.62 -5.78 -15.12
CA ARG C 360 -26.19 -6.82 -14.24
C ARG C 360 -27.70 -7.03 -14.47
N PHE C 361 -28.39 -6.06 -15.08
CA PHE C 361 -29.83 -6.12 -15.34
C PHE C 361 -30.19 -6.06 -16.83
N GLY C 362 -29.23 -6.20 -17.73
CA GLY C 362 -29.46 -6.13 -19.17
C GLY C 362 -29.87 -4.74 -19.67
N VAL C 363 -29.52 -3.67 -18.96
CA VAL C 363 -29.90 -2.29 -19.33
C VAL C 363 -28.73 -1.58 -20.02
N PRO C 364 -28.85 -1.16 -21.28
CA PRO C 364 -27.78 -0.47 -21.98
C PRO C 364 -27.60 0.98 -21.50
N VAL C 365 -26.38 1.48 -21.65
CA VAL C 365 -25.98 2.84 -21.28
C VAL C 365 -25.67 3.67 -22.52
N ILE C 366 -26.18 4.90 -22.56
CA ILE C 366 -25.90 5.88 -23.60
C ILE C 366 -24.85 6.84 -23.00
N ALA C 367 -23.70 6.99 -23.65
CA ALA C 367 -22.66 7.89 -23.17
C ALA C 367 -22.92 9.30 -23.73
N ASP C 368 -23.12 10.28 -22.85
CA ASP C 368 -23.46 11.64 -23.24
C ASP C 368 -22.52 12.73 -22.70
N GLY C 369 -21.94 13.53 -23.60
CA GLY C 369 -21.10 14.67 -23.25
C GLY C 369 -19.60 14.41 -23.30
N GLY C 370 -18.82 15.37 -23.80
CA GLY C 370 -17.36 15.29 -23.86
C GLY C 370 -16.75 14.65 -25.12
N ILE C 371 -17.54 14.28 -26.12
CA ILE C 371 -17.03 13.66 -27.35
C ILE C 371 -16.49 14.76 -28.29
N GLN C 372 -15.19 14.72 -28.62
CA GLN C 372 -14.52 15.72 -29.49
C GLN C 372 -13.90 15.14 -30.75
N ASN C 373 -13.70 13.82 -30.80
CA ASN C 373 -13.10 13.09 -31.91
C ASN C 373 -13.50 11.61 -31.84
N VAL C 374 -13.26 10.86 -32.92
CA VAL C 374 -13.59 9.44 -33.00
C VAL C 374 -12.85 8.59 -31.95
N GLY C 375 -11.66 8.99 -31.50
CA GLY C 375 -10.96 8.31 -30.41
C GLY C 375 -11.78 8.36 -29.11
N HIS C 376 -12.47 9.48 -28.84
CA HIS C 376 -13.33 9.57 -27.66
C HIS C 376 -14.50 8.57 -27.79
N ILE C 377 -15.08 8.41 -28.98
CA ILE C 377 -16.20 7.49 -29.23
C ILE C 377 -15.75 6.05 -28.96
N ALA C 378 -14.58 5.65 -29.46
CA ALA C 378 -14.03 4.30 -29.27
C ALA C 378 -13.77 3.99 -27.79
N LYS C 379 -13.26 4.96 -27.01
CA LYS C 379 -13.03 4.83 -25.58
C LYS C 379 -14.34 4.66 -24.82
N ALA C 380 -15.35 5.49 -25.09
CA ALA C 380 -16.65 5.37 -24.41
C ALA C 380 -17.27 3.98 -24.66
N LEU C 381 -17.23 3.47 -25.90
CA LEU C 381 -17.76 2.15 -26.24
C LEU C 381 -16.95 1.04 -25.55
N ALA C 382 -15.62 1.15 -25.49
CA ALA C 382 -14.79 0.14 -24.86
C ALA C 382 -14.95 0.11 -23.33
N LEU C 383 -15.35 1.21 -22.68
CA LEU C 383 -15.57 1.26 -21.24
C LEU C 383 -16.94 0.71 -20.79
N GLY C 384 -17.80 0.27 -21.71
CA GLY C 384 -19.09 -0.34 -21.38
C GLY C 384 -20.33 0.32 -21.97
N ALA C 385 -20.24 1.50 -22.56
CA ALA C 385 -21.40 2.13 -23.16
C ALA C 385 -21.84 1.37 -24.43
N SER C 386 -23.14 1.35 -24.71
CA SER C 386 -23.68 0.68 -25.90
C SER C 386 -23.91 1.65 -27.07
N THR C 387 -24.15 2.92 -26.77
CA THR C 387 -24.35 3.99 -27.76
C THR C 387 -23.71 5.28 -27.24
N VAL C 388 -23.45 6.21 -28.14
CA VAL C 388 -22.82 7.50 -27.83
C VAL C 388 -23.66 8.65 -28.36
N MET C 389 -23.90 9.65 -27.54
CA MET C 389 -24.68 10.85 -27.84
C MET C 389 -23.74 12.05 -27.89
N MET C 390 -23.92 12.89 -28.89
CA MET C 390 -23.06 14.04 -29.13
C MET C 390 -23.84 15.27 -29.61
N GLY C 391 -23.59 16.43 -29.01
CA GLY C 391 -24.19 17.69 -29.40
C GLY C 391 -23.24 18.52 -30.26
N SER C 392 -22.04 18.83 -29.76
CA SER C 392 -21.08 19.69 -30.47
C SER C 392 -20.41 19.05 -31.68
N LEU C 393 -20.21 17.72 -31.71
CA LEU C 393 -19.60 17.07 -32.86
C LEU C 393 -20.50 17.18 -34.10
N LEU C 394 -21.82 17.15 -33.92
CA LEU C 394 -22.82 17.29 -34.99
C LEU C 394 -23.29 18.75 -35.17
N ALA C 395 -22.84 19.68 -34.33
CA ALA C 395 -23.18 21.08 -34.46
C ALA C 395 -22.49 21.66 -35.71
N ALA C 396 -23.08 22.72 -36.28
CA ALA C 396 -22.60 23.38 -37.50
C ALA C 396 -22.52 22.47 -38.74
N THR C 397 -23.38 21.45 -38.78
CA THR C 397 -23.56 20.56 -39.94
C THR C 397 -24.74 21.14 -40.74
N THR C 398 -24.93 20.68 -41.97
CA THR C 398 -25.99 21.17 -42.85
C THR C 398 -27.40 20.90 -42.32
N GLU C 399 -27.63 19.71 -41.75
CA GLU C 399 -28.95 19.31 -41.22
C GLU C 399 -29.28 19.86 -39.82
N ALA C 400 -28.31 20.45 -39.11
CA ALA C 400 -28.55 21.03 -37.80
C ALA C 400 -29.43 22.30 -37.89
N PRO C 401 -30.31 22.57 -36.90
CA PRO C 401 -31.17 23.75 -36.92
C PRO C 401 -30.40 25.08 -36.86
N GLY C 402 -30.97 26.11 -37.46
CA GLY C 402 -30.37 27.45 -37.54
C GLY C 402 -29.57 27.63 -38.84
N GLU C 403 -29.42 28.87 -39.29
CA GLU C 403 -28.69 29.21 -40.52
C GLU C 403 -27.23 29.59 -40.24
N TYR C 404 -26.37 29.47 -41.24
CA TYR C 404 -24.95 29.83 -41.11
C TYR C 404 -24.75 31.36 -41.17
N PHE C 405 -23.63 31.83 -40.62
CA PHE C 405 -23.21 33.23 -40.63
C PHE C 405 -21.67 33.28 -40.64
N PHE C 406 -21.11 34.39 -41.09
CA PHE C 406 -19.66 34.59 -41.21
C PHE C 406 -19.10 35.51 -40.14
N SER C 407 -17.87 35.24 -39.71
CA SER C 407 -17.07 36.01 -38.75
C SER C 407 -15.61 35.59 -38.89
N ASP C 408 -14.66 36.53 -38.77
CA ASP C 408 -13.20 36.26 -38.92
C ASP C 408 -12.82 35.64 -40.29
N GLY C 409 -13.67 35.79 -41.31
CA GLY C 409 -13.46 35.24 -42.65
C GLY C 409 -13.80 33.76 -42.82
N ILE C 410 -14.42 33.12 -41.83
CA ILE C 410 -14.82 31.69 -41.85
C ILE C 410 -16.29 31.52 -41.48
N ARG C 411 -16.92 30.44 -41.97
CA ARG C 411 -18.35 30.17 -41.74
C ARG C 411 -18.55 29.37 -40.44
N LEU C 412 -19.62 29.65 -39.72
CA LEU C 412 -19.93 29.00 -38.44
C LEU C 412 -21.44 29.07 -38.16
N LYS C 413 -21.89 28.30 -37.16
CA LYS C 413 -23.30 28.22 -36.74
C LYS C 413 -23.39 28.27 -35.21
N LYS C 414 -24.50 28.76 -34.68
CA LYS C 414 -24.73 28.88 -33.23
C LYS C 414 -24.94 27.52 -32.58
N TYR C 415 -24.44 27.38 -31.35
CA TYR C 415 -24.57 26.19 -30.51
C TYR C 415 -24.65 26.68 -29.07
N ARG C 416 -25.70 26.33 -28.34
CA ARG C 416 -25.90 26.81 -26.96
C ARG C 416 -26.39 25.70 -26.04
N GLY C 417 -26.11 25.82 -24.75
CA GLY C 417 -26.60 24.87 -23.76
C GLY C 417 -28.06 25.11 -23.42
N MET C 418 -28.81 24.05 -23.14
CA MET C 418 -30.24 24.16 -22.80
C MET C 418 -30.48 24.92 -21.49
N GLY C 419 -29.48 24.93 -20.59
CA GLY C 419 -29.46 25.62 -19.31
C GLY C 419 -28.85 27.02 -19.38
N SER C 420 -28.50 27.52 -20.58
CA SER C 420 -27.99 28.89 -20.75
C SER C 420 -29.18 29.86 -20.62
N LEU C 421 -28.97 31.13 -20.29
CA LEU C 421 -30.08 32.09 -20.11
C LEU C 421 -30.90 32.30 -21.39
N ASP C 422 -30.28 32.22 -22.57
CA ASP C 422 -30.95 32.36 -23.87
C ASP C 422 -31.96 31.24 -24.15
N ALA C 423 -31.57 29.99 -23.88
CA ALA C 423 -32.43 28.81 -24.10
C ALA C 423 -33.60 28.68 -23.12
N MET C 424 -33.63 29.46 -22.04
CA MET C 424 -34.69 29.41 -21.01
C MET C 424 -35.15 30.83 -20.60
N ILE C 441 -33.33 34.50 -9.45
CA ILE C 441 -34.38 33.53 -9.78
C ILE C 441 -33.87 32.46 -10.76
N LYS C 442 -33.19 32.88 -11.83
CA LYS C 442 -32.64 31.98 -12.86
C LYS C 442 -31.13 31.84 -12.70
N VAL C 443 -30.63 30.61 -12.60
CA VAL C 443 -29.20 30.30 -12.49
C VAL C 443 -28.79 29.57 -13.75
N ALA C 444 -27.85 30.13 -14.49
CA ALA C 444 -27.43 29.53 -15.74
C ALA C 444 -26.43 28.38 -15.52
N GLN C 445 -26.66 27.26 -16.19
CA GLN C 445 -25.79 26.08 -16.16
C GLN C 445 -25.16 25.78 -17.53
N GLY C 446 -25.43 26.60 -18.53
CA GLY C 446 -24.89 26.49 -19.89
C GLY C 446 -24.47 27.83 -20.47
N VAL C 447 -23.80 27.80 -21.61
CA VAL C 447 -23.35 29.00 -22.34
C VAL C 447 -23.82 28.97 -23.80
N SER C 448 -23.94 30.14 -24.41
CA SER C 448 -24.30 30.28 -25.82
C SER C 448 -23.05 30.64 -26.60
N GLY C 449 -22.80 29.96 -27.72
CA GLY C 449 -21.64 30.22 -28.55
C GLY C 449 -21.85 29.78 -30.00
N ALA C 450 -20.74 29.44 -30.66
CA ALA C 450 -20.73 28.99 -32.03
C ALA C 450 -19.53 28.09 -32.35
N VAL C 451 -19.71 27.18 -33.30
CA VAL C 451 -18.67 26.28 -33.79
C VAL C 451 -18.60 26.44 -35.31
N GLN C 452 -17.47 26.15 -35.94
CA GLN C 452 -17.32 26.36 -37.39
C GLN C 452 -17.93 25.24 -38.22
N ASP C 453 -18.16 25.50 -39.50
CA ASP C 453 -18.83 24.60 -40.43
C ASP C 453 -18.15 23.22 -40.49
N LYS C 454 -18.97 22.17 -40.61
CA LYS C 454 -18.58 20.77 -40.63
C LYS C 454 -19.03 20.01 -41.88
N GLY C 455 -19.84 20.61 -42.76
CA GLY C 455 -20.33 19.93 -43.97
C GLY C 455 -21.67 19.24 -43.74
N SER C 456 -21.90 18.11 -44.40
CA SER C 456 -23.14 17.32 -44.26
C SER C 456 -22.88 16.03 -43.47
N ILE C 457 -23.87 15.56 -42.70
CA ILE C 457 -23.65 14.33 -41.92
C ILE C 457 -23.64 13.09 -42.81
N HIS C 458 -24.19 13.14 -44.03
CA HIS C 458 -24.14 12.02 -44.97
C HIS C 458 -22.69 11.74 -45.42
N LYS C 459 -21.76 12.68 -45.20
CA LYS C 459 -20.33 12.52 -45.48
C LYS C 459 -19.50 12.43 -44.19
N PHE C 460 -19.97 13.00 -43.08
CA PHE C 460 -19.27 12.98 -41.79
C PHE C 460 -19.50 11.69 -40.99
N VAL C 461 -20.72 11.15 -40.96
CA VAL C 461 -21.01 9.89 -40.26
C VAL C 461 -20.21 8.73 -40.84
N PRO C 462 -20.10 8.51 -42.17
CA PRO C 462 -19.26 7.42 -42.69
C PRO C 462 -17.80 7.56 -42.26
N TYR C 463 -17.29 8.78 -42.07
CA TYR C 463 -15.94 8.97 -41.53
C TYR C 463 -15.86 8.47 -40.08
N LEU C 464 -16.84 8.78 -39.24
CA LEU C 464 -16.91 8.30 -37.85
C LEU C 464 -16.99 6.76 -37.83
N ILE C 465 -17.77 6.16 -38.73
CA ILE C 465 -17.90 4.70 -38.85
C ILE C 465 -16.55 4.06 -39.20
N ALA C 466 -15.83 4.61 -40.19
CA ALA C 466 -14.54 4.09 -40.61
C ALA C 466 -13.53 4.17 -39.47
N GLY C 467 -13.51 5.28 -38.72
CA GLY C 467 -12.62 5.45 -37.57
C GLY C 467 -12.91 4.46 -36.45
N ILE C 468 -14.18 4.24 -36.12
CA ILE C 468 -14.58 3.25 -35.09
C ILE C 468 -14.11 1.85 -35.50
N GLN C 469 -14.29 1.47 -36.77
CA GLN C 469 -13.85 0.17 -37.29
C GLN C 469 -12.32 0.05 -37.22
N HIS C 470 -11.56 1.09 -37.59
CA HIS C 470 -10.09 1.05 -37.54
C HIS C 470 -9.62 0.91 -36.09
N SER C 471 -10.26 1.59 -35.15
CA SER C 471 -9.91 1.46 -33.74
C SER C 471 -10.16 0.04 -33.24
N CYS C 472 -11.28 -0.58 -33.62
CA CYS C 472 -11.58 -1.96 -33.27
C CYS C 472 -10.56 -2.95 -33.87
N GLN C 473 -10.10 -2.70 -35.09
CA GLN C 473 -9.12 -3.57 -35.71
C GLN C 473 -7.78 -3.46 -34.96
N ASP C 474 -7.37 -2.26 -34.55
CA ASP C 474 -6.12 -2.05 -33.83
C ASP C 474 -6.09 -2.78 -32.47
N ILE C 475 -7.19 -2.77 -31.74
CA ILE C 475 -7.31 -3.44 -30.44
C ILE C 475 -7.55 -4.95 -30.56
N GLY C 476 -7.96 -5.44 -31.73
CA GLY C 476 -8.17 -6.86 -32.01
C GLY C 476 -9.57 -7.44 -31.77
N ALA C 477 -10.65 -6.71 -32.04
CA ALA C 477 -12.02 -7.23 -31.87
C ALA C 477 -12.85 -7.07 -33.16
N LYS C 478 -13.60 -8.10 -33.54
CA LYS C 478 -14.47 -8.13 -34.74
C LYS C 478 -15.82 -7.43 -34.56
N SER C 479 -16.17 -6.95 -33.37
CA SER C 479 -17.42 -6.23 -33.11
C SER C 479 -17.37 -5.47 -31.78
N LEU C 480 -18.27 -4.52 -31.60
CA LEU C 480 -18.36 -3.76 -30.34
C LEU C 480 -18.75 -4.69 -29.18
N THR C 481 -19.62 -5.67 -29.43
CA THR C 481 -20.00 -6.70 -28.45
C THR C 481 -18.74 -7.42 -27.99
N GLN C 482 -17.86 -7.85 -28.92
CA GLN C 482 -16.62 -8.52 -28.55
C GLN C 482 -15.72 -7.57 -27.74
N VAL C 483 -15.63 -6.28 -28.09
CA VAL C 483 -14.82 -5.29 -27.37
C VAL C 483 -15.24 -5.26 -25.89
N ARG C 484 -16.53 -5.11 -25.60
CA ARG C 484 -17.03 -5.07 -24.22
C ARG C 484 -16.86 -6.42 -23.51
N ALA C 485 -17.05 -7.54 -24.21
CA ALA C 485 -16.86 -8.86 -23.63
C ALA C 485 -15.40 -9.04 -23.19
N MET C 486 -14.42 -8.66 -24.03
CA MET C 486 -13.02 -8.79 -23.65
C MET C 486 -12.59 -7.72 -22.63
N MET C 487 -13.32 -6.59 -22.54
CA MET C 487 -13.06 -5.60 -21.50
C MET C 487 -13.46 -6.14 -20.13
N TYR C 488 -14.64 -6.75 -20.00
CA TYR C 488 -15.08 -7.31 -18.73
C TYR C 488 -14.29 -8.57 -18.35
N SER C 489 -13.80 -9.35 -19.32
CA SER C 489 -13.02 -10.56 -19.02
C SER C 489 -11.58 -10.26 -18.60
N GLY C 490 -11.08 -9.04 -18.79
CA GLY C 490 -9.70 -8.65 -18.44
C GLY C 490 -8.69 -8.83 -19.57
N GLU C 491 -9.11 -9.34 -20.72
CA GLU C 491 -8.26 -9.53 -21.89
C GLU C 491 -7.89 -8.18 -22.55
N LEU C 492 -8.78 -7.20 -22.58
CA LEU C 492 -8.46 -5.86 -23.11
C LEU C 492 -7.60 -5.13 -22.06
N LYS C 493 -6.56 -4.40 -22.46
CA LYS C 493 -5.65 -3.73 -21.53
C LYS C 493 -5.56 -2.23 -21.79
N PHE C 494 -5.32 -1.47 -20.75
CA PHE C 494 -5.28 -0.02 -20.73
C PHE C 494 -4.03 0.50 -20.05
N GLU C 495 -3.69 1.76 -20.32
CA GLU C 495 -2.56 2.45 -19.71
C GLU C 495 -2.89 3.93 -19.49
N LYS C 496 -2.47 4.48 -18.35
CA LYS C 496 -2.63 5.91 -18.02
C LYS C 496 -1.68 6.77 -18.85
N ARG C 497 -1.95 8.08 -18.91
CA ARG C 497 -1.09 9.07 -19.57
C ARG C 497 -0.82 10.24 -18.63
N THR C 498 0.44 10.60 -18.47
CA THR C 498 0.82 11.81 -17.72
C THR C 498 0.57 13.04 -18.61
N SER C 499 0.79 14.24 -18.09
CA SER C 499 0.63 15.46 -18.91
C SER C 499 1.68 15.46 -20.03
N SER C 500 2.92 15.05 -19.73
CA SER C 500 3.98 14.93 -20.75
C SER C 500 3.61 13.88 -21.81
N ALA C 501 2.95 12.78 -21.41
CA ALA C 501 2.50 11.75 -22.33
C ALA C 501 1.42 12.28 -23.28
N GLN C 502 0.51 13.13 -22.81
CA GLN C 502 -0.50 13.76 -23.67
C GLN C 502 0.16 14.73 -24.67
N VAL C 503 1.15 15.50 -24.22
CA VAL C 503 1.91 16.43 -25.08
C VAL C 503 2.65 15.64 -26.18
N GLU C 504 3.29 14.52 -25.85
CA GLU C 504 3.97 13.65 -26.82
C GLU C 504 2.99 12.94 -27.79
N GLY C 505 1.81 12.55 -27.30
CA GLY C 505 0.79 11.87 -28.10
C GLY C 505 0.15 12.76 -29.17
N GLY C 506 -0.03 14.06 -28.88
CA GLY C 506 -0.55 15.04 -29.84
C GLY C 506 0.52 15.47 -30.86
N VAL C 507 0.16 16.29 -31.84
CA VAL C 507 1.17 16.82 -32.81
C VAL C 507 2.07 17.79 -32.05
N HIS C 508 3.39 17.69 -32.24
CA HIS C 508 4.37 18.52 -31.52
C HIS C 508 5.65 18.73 -32.35
N SER C 509 6.47 19.70 -31.94
CA SER C 509 7.78 20.03 -32.52
C SER C 509 7.85 20.41 -34.00
N LEU C 510 6.79 21.04 -34.54
CA LEU C 510 6.72 21.48 -35.94
C LEU C 510 6.59 23.00 -35.99
N HIS C 511 7.15 23.64 -37.03
CA HIS C 511 7.05 25.10 -37.21
C HIS C 511 5.60 25.47 -37.56
N SER C 512 5.00 24.70 -38.46
CA SER C 512 3.61 24.81 -38.91
C SER C 512 3.15 23.48 -39.53
N TYR C 513 1.84 23.25 -39.61
CA TYR C 513 1.23 22.04 -40.15
C TYR C 513 -0.27 22.21 -40.47
N GLU C 514 -0.80 21.29 -41.27
CA GLU C 514 -2.21 21.19 -41.62
C GLU C 514 -2.75 19.83 -41.12
N LYS C 515 -3.80 19.86 -40.31
CA LYS C 515 -4.45 18.67 -39.73
C LYS C 515 -5.79 18.46 -40.41
N ARG C 516 -5.79 17.56 -41.39
CA ARG C 516 -6.94 17.18 -42.21
C ARG C 516 -7.32 15.74 -41.86
N LEU C 517 -8.58 15.54 -41.46
CA LEU C 517 -9.07 14.25 -40.97
C LEU C 517 -9.53 13.24 -42.03
N PHE C 518 -10.19 13.73 -43.08
CA PHE C 518 -10.72 12.94 -44.21
C PHE C 518 -10.99 13.82 -45.43
N MET D 6 42.19 -9.33 6.37
CA MET D 6 41.65 -8.25 7.23
C MET D 6 40.14 -8.10 7.08
N ALA D 7 39.46 -7.44 8.03
CA ALA D 7 38.00 -7.25 7.98
C ALA D 7 37.54 -6.32 6.85
N ASP D 8 38.37 -5.37 6.42
CA ASP D 8 38.00 -4.41 5.36
C ASP D 8 37.68 -5.13 4.04
N TYR D 9 38.22 -6.34 3.82
CA TYR D 9 37.91 -7.17 2.67
C TYR D 9 37.05 -8.40 3.02
N LEU D 10 37.24 -9.03 4.20
CA LEU D 10 36.51 -10.25 4.56
C LEU D 10 35.00 -10.05 4.81
N ILE D 11 34.55 -8.89 5.29
CA ILE D 11 33.12 -8.61 5.56
C ILE D 11 32.30 -8.76 4.27
N SER D 12 32.73 -8.10 3.20
CA SER D 12 32.11 -8.14 1.87
C SER D 12 33.20 -7.75 0.86
N GLY D 13 33.68 -8.70 0.07
CA GLY D 13 34.81 -8.53 -0.84
C GLY D 13 34.67 -7.44 -1.89
N GLY D 14 35.40 -6.34 -1.73
CA GLY D 14 35.45 -5.21 -2.65
C GLY D 14 34.18 -4.35 -2.76
N THR D 15 33.05 -4.80 -2.22
CA THR D 15 31.78 -4.06 -2.27
C THR D 15 31.72 -3.04 -1.15
N SER D 16 31.87 -1.75 -1.47
CA SER D 16 31.76 -0.67 -0.47
C SER D 16 30.28 -0.50 -0.09
N TYR D 17 29.99 0.29 0.95
CA TYR D 17 28.61 0.49 1.40
C TYR D 17 27.67 1.05 0.32
N VAL D 18 28.08 2.09 -0.44
CA VAL D 18 27.26 2.69 -1.52
C VAL D 18 25.81 3.03 -1.08
N PRO D 19 25.58 4.18 -0.39
CA PRO D 19 24.25 4.58 0.10
C PRO D 19 23.11 4.41 -0.93
N ASP D 20 21.95 3.92 -0.49
CA ASP D 20 20.83 3.66 -1.40
C ASP D 20 19.97 4.93 -1.53
N ASP D 21 19.83 5.42 -2.75
CA ASP D 21 19.10 6.63 -3.09
C ASP D 21 18.68 6.58 -4.57
N GLY D 22 17.41 6.83 -4.85
CA GLY D 22 16.84 6.78 -6.19
C GLY D 22 16.13 5.46 -6.47
N LEU D 23 15.51 5.32 -7.64
CA LEU D 23 14.74 4.15 -8.03
C LEU D 23 15.41 3.39 -9.17
N THR D 24 15.33 2.07 -9.19
CA THR D 24 15.81 1.25 -10.32
C THR D 24 14.80 1.34 -11.47
N ALA D 25 15.17 1.01 -12.70
CA ALA D 25 14.23 1.07 -13.82
C ALA D 25 13.01 0.16 -13.57
N GLN D 26 13.24 -1.01 -12.98
CA GLN D 26 12.18 -1.96 -12.69
C GLN D 26 11.13 -1.32 -11.79
N GLN D 27 11.52 -0.70 -10.68
CA GLN D 27 10.52 -0.10 -9.78
C GLN D 27 9.96 1.22 -10.33
N LEU D 28 10.67 1.94 -11.23
CA LEU D 28 10.13 3.15 -11.87
C LEU D 28 8.99 2.78 -12.84
N PHE D 29 9.14 1.72 -13.64
CA PHE D 29 8.16 1.31 -14.66
C PHE D 29 7.14 0.26 -14.17
N ASN D 30 7.11 -0.02 -12.86
CA ASN D 30 6.14 -0.93 -12.22
C ASN D 30 5.04 -0.16 -11.46
N CYS D 31 5.05 1.17 -11.51
CA CYS D 31 4.04 2.02 -10.86
C CYS D 31 2.71 2.06 -11.66
N GLY D 32 2.69 1.55 -12.89
CA GLY D 32 1.51 1.52 -13.77
C GLY D 32 1.21 2.85 -14.47
N ASP D 33 1.91 3.91 -14.11
CA ASP D 33 1.77 5.21 -14.74
C ASP D 33 2.37 5.18 -16.16
N GLY D 34 1.86 5.97 -17.07
CA GLY D 34 2.34 6.06 -18.44
C GLY D 34 3.40 7.13 -18.56
N LEU D 35 4.67 6.73 -18.55
CA LEU D 35 5.80 7.64 -18.57
C LEU D 35 6.37 7.89 -19.96
N THR D 36 6.66 9.15 -20.24
CA THR D 36 7.33 9.71 -21.42
C THR D 36 8.75 10.11 -21.02
N TYR D 37 9.65 10.35 -21.97
CA TYR D 37 11.04 10.74 -21.67
C TYR D 37 11.16 11.93 -20.70
N ASN D 38 10.30 12.93 -20.83
CA ASN D 38 10.34 14.13 -19.98
C ASN D 38 9.87 13.91 -18.53
N ASP D 39 9.30 12.75 -18.19
CA ASP D 39 8.78 12.47 -16.86
C ASP D 39 9.81 11.98 -15.83
N PHE D 40 11.05 11.71 -16.25
CA PHE D 40 12.08 11.18 -15.37
C PHE D 40 13.49 11.59 -15.81
N LEU D 41 14.47 11.38 -14.93
CA LEU D 41 15.89 11.64 -15.14
C LEU D 41 16.72 10.45 -14.66
N ILE D 42 18.00 10.43 -15.04
CA ILE D 42 18.97 9.42 -14.66
C ILE D 42 19.91 10.08 -13.63
N LEU D 43 20.07 9.50 -12.46
CA LEU D 43 20.93 10.06 -11.42
C LEU D 43 22.41 9.89 -11.79
N PRO D 44 23.30 10.83 -11.43
CA PRO D 44 24.72 10.73 -11.76
C PRO D 44 25.42 9.62 -10.97
N GLY D 45 26.54 9.11 -11.49
CA GLY D 45 27.30 8.03 -10.86
C GLY D 45 28.72 8.44 -10.47
N TYR D 46 29.71 7.66 -10.88
CA TYR D 46 31.14 7.86 -10.62
C TYR D 46 31.92 7.96 -11.92
N ILE D 47 32.84 8.92 -12.00
CA ILE D 47 33.65 9.19 -13.20
C ILE D 47 35.13 8.84 -13.01
N ASP D 48 35.65 7.95 -13.84
CA ASP D 48 37.07 7.57 -13.85
C ASP D 48 37.61 7.41 -15.27
N PHE D 49 37.09 8.21 -16.21
CA PHE D 49 37.49 8.22 -17.61
C PHE D 49 37.01 9.52 -18.30
N THR D 50 37.59 9.87 -19.44
CA THR D 50 37.22 11.06 -20.23
C THR D 50 36.11 10.69 -21.22
N ALA D 51 35.29 11.65 -21.66
CA ALA D 51 34.18 11.35 -22.56
C ALA D 51 34.60 10.76 -23.93
N ASP D 52 35.84 10.97 -24.36
CA ASP D 52 36.36 10.44 -25.63
C ASP D 52 36.65 8.92 -25.58
N GLN D 53 36.59 8.30 -24.40
CA GLN D 53 36.83 6.86 -24.23
C GLN D 53 35.53 6.04 -24.19
N VAL D 54 34.37 6.67 -24.43
CA VAL D 54 33.07 5.98 -24.43
C VAL D 54 32.82 5.33 -25.78
N ASP D 55 32.56 4.02 -25.79
CA ASP D 55 32.27 3.23 -27.00
C ASP D 55 30.76 3.18 -27.28
N LEU D 56 30.36 3.54 -28.49
CA LEU D 56 28.96 3.59 -28.92
C LEU D 56 28.60 2.46 -29.90
N THR D 57 29.36 1.38 -29.91
CA THR D 57 29.08 0.23 -30.79
C THR D 57 27.73 -0.37 -30.39
N SER D 58 26.89 -0.67 -31.36
CA SER D 58 25.55 -1.20 -31.09
C SER D 58 25.04 -2.18 -32.14
N ALA D 59 24.16 -3.08 -31.76
CA ALA D 59 23.59 -4.09 -32.64
C ALA D 59 22.26 -3.62 -33.25
N LEU D 60 22.20 -3.53 -34.57
CA LEU D 60 20.99 -3.19 -35.31
C LEU D 60 20.04 -4.41 -35.31
N THR D 61 20.60 -5.60 -35.50
CA THR D 61 19.87 -6.88 -35.51
C THR D 61 20.70 -7.96 -34.81
N LYS D 62 20.35 -9.25 -34.91
CA LYS D 62 21.11 -10.35 -34.29
C LYS D 62 22.55 -10.48 -34.83
N LYS D 63 22.81 -10.10 -36.09
CA LYS D 63 24.15 -10.17 -36.68
C LYS D 63 24.59 -8.97 -37.54
N ILE D 64 24.06 -7.78 -37.26
CA ILE D 64 24.46 -6.52 -37.92
C ILE D 64 24.86 -5.56 -36.80
N THR D 65 26.11 -5.10 -36.80
CA THR D 65 26.67 -4.19 -35.79
C THR D 65 27.07 -2.86 -36.42
N LEU D 66 26.75 -1.75 -35.75
CA LEU D 66 27.03 -0.39 -36.17
C LEU D 66 27.98 0.29 -35.16
N LYS D 67 28.71 1.30 -35.62
CA LYS D 67 29.65 2.08 -34.80
C LYS D 67 28.95 3.07 -33.88
N THR D 68 27.75 3.52 -34.25
CA THR D 68 26.89 4.47 -33.52
C THR D 68 25.44 3.95 -33.53
N PRO D 69 24.60 4.31 -32.55
CA PRO D 69 23.22 3.79 -32.46
C PRO D 69 22.17 4.56 -33.25
N LEU D 70 22.55 5.42 -34.20
CA LEU D 70 21.64 6.30 -34.93
C LEU D 70 21.14 5.71 -36.26
N VAL D 71 19.82 5.81 -36.49
CA VAL D 71 19.14 5.28 -37.69
C VAL D 71 18.18 6.33 -38.28
N SER D 72 18.00 6.36 -39.60
CA SER D 72 17.07 7.28 -40.26
C SER D 72 15.74 6.60 -40.53
N SER D 73 14.64 7.29 -40.21
CA SER D 73 13.31 6.75 -40.39
C SER D 73 12.91 6.58 -41.86
N PRO D 74 12.21 5.50 -42.23
CA PRO D 74 11.76 5.25 -43.60
C PRO D 74 10.54 6.10 -43.97
N MET D 75 10.76 7.36 -44.31
CA MET D 75 9.75 8.34 -44.70
C MET D 75 10.16 9.06 -46.00
N ASP D 76 9.19 9.54 -46.79
CA ASP D 76 9.48 10.18 -48.07
C ASP D 76 10.08 11.60 -47.95
N THR D 77 10.10 12.16 -46.75
CA THR D 77 10.70 13.45 -46.41
C THR D 77 11.92 13.28 -45.51
N VAL D 78 12.42 12.05 -45.35
CA VAL D 78 13.61 11.79 -44.53
C VAL D 78 14.67 10.96 -45.23
N THR D 79 14.33 9.75 -45.73
CA THR D 79 15.36 8.84 -46.24
C THR D 79 15.26 8.38 -47.70
N GLU D 80 16.22 8.83 -48.49
CA GLU D 80 16.49 8.41 -49.86
C GLU D 80 17.99 8.08 -49.95
N ALA D 81 18.53 7.86 -51.14
CA ALA D 81 19.94 7.49 -51.30
C ALA D 81 20.94 8.43 -50.63
N GLY D 82 20.75 9.75 -50.74
CA GLY D 82 21.68 10.72 -50.14
C GLY D 82 21.73 10.64 -48.62
N MET D 83 20.56 10.55 -47.97
CA MET D 83 20.49 10.40 -46.53
C MET D 83 21.10 9.05 -46.11
N ALA D 84 20.79 7.96 -46.81
CA ALA D 84 21.33 6.64 -46.48
C ALA D 84 22.86 6.63 -46.60
N ILE D 85 23.43 7.23 -47.65
CA ILE D 85 24.89 7.33 -47.80
C ILE D 85 25.47 8.13 -46.63
N ALA D 86 24.90 9.27 -46.29
CA ALA D 86 25.42 10.10 -45.20
C ALA D 86 25.34 9.39 -43.83
N MET D 87 24.25 8.71 -43.51
CA MET D 87 24.13 7.97 -42.25
C MET D 87 25.09 6.78 -42.24
N ALA D 88 25.27 6.07 -43.35
CA ALA D 88 26.21 4.97 -43.40
C ALA D 88 27.65 5.46 -43.20
N LEU D 89 28.03 6.59 -43.80
CA LEU D 89 29.38 7.17 -43.66
C LEU D 89 29.64 7.66 -42.24
N THR D 90 28.63 8.18 -41.56
CA THR D 90 28.75 8.63 -40.16
C THR D 90 28.77 7.48 -39.15
N GLY D 91 28.50 6.24 -39.57
CA GLY D 91 28.56 5.05 -38.72
C GLY D 91 27.23 4.41 -38.31
N GLY D 92 26.12 4.96 -38.80
CA GLY D 92 24.76 4.49 -38.56
C GLY D 92 24.21 3.79 -39.79
N ILE D 93 22.93 3.93 -40.10
CA ILE D 93 22.28 3.35 -41.29
C ILE D 93 20.98 4.11 -41.61
N GLY D 94 20.45 3.96 -42.82
CA GLY D 94 19.18 4.54 -43.22
C GLY D 94 18.27 3.50 -43.88
N PHE D 95 16.96 3.61 -43.66
CA PHE D 95 15.97 2.71 -44.27
C PHE D 95 15.22 3.51 -45.33
N ILE D 96 15.29 3.09 -46.59
CA ILE D 96 14.64 3.81 -47.70
C ILE D 96 13.12 3.56 -47.66
N HIS D 97 12.32 4.63 -47.81
CA HIS D 97 10.84 4.57 -47.81
C HIS D 97 10.32 3.79 -49.01
N HIS D 98 9.08 3.30 -48.95
CA HIS D 98 8.48 2.49 -50.02
C HIS D 98 7.22 3.07 -50.69
N ASN D 99 6.85 4.32 -50.48
CA ASN D 99 5.62 4.84 -51.11
C ASN D 99 5.81 5.20 -52.61
N CYS D 100 7.00 4.98 -53.14
CA CYS D 100 7.41 5.09 -54.53
C CYS D 100 7.12 3.75 -55.25
N THR D 101 7.57 3.60 -56.50
CA THR D 101 7.43 2.34 -57.23
C THR D 101 8.57 1.39 -56.81
N PRO D 102 8.43 0.06 -56.95
CA PRO D 102 9.48 -0.88 -56.59
C PRO D 102 10.80 -0.67 -57.34
N GLU D 103 10.72 -0.32 -58.63
CA GLU D 103 11.88 -0.06 -59.49
C GLU D 103 12.70 1.13 -58.96
N PHE D 104 12.02 2.19 -58.52
CA PHE D 104 12.65 3.37 -57.94
C PHE D 104 13.37 3.03 -56.63
N GLN D 105 12.73 2.32 -55.69
CA GLN D 105 13.36 1.98 -54.41
C GLN D 105 14.59 1.09 -54.62
N ALA D 106 14.52 0.13 -55.55
CA ALA D 106 15.64 -0.74 -55.89
C ALA D 106 16.80 0.08 -56.46
N ASN D 107 16.53 1.09 -57.29
CA ASN D 107 17.55 1.96 -57.84
C ASN D 107 18.22 2.79 -56.73
N GLU D 108 17.45 3.29 -55.76
CA GLU D 108 18.02 4.04 -54.64
C GLU D 108 18.93 3.15 -53.80
N VAL D 109 18.54 1.89 -53.52
CA VAL D 109 19.39 0.95 -52.77
C VAL D 109 20.68 0.71 -53.56
N ARG D 110 20.60 0.54 -54.89
CA ARG D 110 21.76 0.31 -55.76
C ARG D 110 22.72 1.50 -55.70
N LYS D 111 22.22 2.74 -55.66
CA LYS D 111 23.05 3.95 -55.54
C LYS D 111 23.83 3.93 -54.22
N VAL D 112 23.21 3.47 -53.13
CA VAL D 112 23.87 3.36 -51.82
C VAL D 112 24.96 2.28 -51.83
N LYS D 113 24.70 1.12 -52.45
CA LYS D 113 25.66 0.01 -52.53
C LYS D 113 26.83 0.26 -53.49
N LYS D 114 26.68 1.14 -54.48
CA LYS D 114 27.72 1.48 -55.47
C LYS D 114 28.63 2.66 -55.09
N TYR D 115 28.47 3.26 -53.91
CA TYR D 115 29.26 4.41 -53.48
C TYR D 115 30.76 4.09 -53.29
N PRO D 238 36.04 6.30 -41.39
CA PRO D 238 36.58 5.91 -40.10
C PRO D 238 35.64 4.99 -39.34
N LEU D 239 34.40 5.46 -39.10
CA LEU D 239 33.33 4.73 -38.42
C LEU D 239 32.26 4.19 -39.38
N ALA D 240 32.44 4.28 -40.70
CA ALA D 240 31.43 3.87 -41.68
C ALA D 240 30.95 2.41 -41.55
N SER D 241 29.62 2.22 -41.59
CA SER D 241 29.00 0.90 -41.52
C SER D 241 29.04 0.25 -42.91
N LYS D 242 29.79 -0.86 -43.02
CA LYS D 242 30.02 -1.60 -44.27
C LYS D 242 29.78 -3.10 -44.11
N ASP D 243 29.69 -3.83 -45.21
CA ASP D 243 29.50 -5.29 -45.25
C ASP D 243 30.83 -6.03 -45.55
N ALA D 244 30.77 -7.35 -45.76
CA ALA D 244 31.95 -8.16 -46.07
C ALA D 244 32.63 -7.76 -47.39
N LYS D 245 31.86 -7.29 -48.37
CA LYS D 245 32.33 -6.81 -49.68
C LYS D 245 32.79 -5.35 -49.65
N LYS D 246 32.91 -4.75 -48.45
CA LYS D 246 33.34 -3.37 -48.17
C LYS D 246 32.43 -2.29 -48.76
N GLN D 247 31.17 -2.61 -49.05
CA GLN D 247 30.16 -1.69 -49.57
C GLN D 247 29.35 -1.12 -48.40
N LEU D 248 28.81 0.09 -48.54
CA LEU D 248 28.02 0.73 -47.50
C LEU D 248 26.76 -0.09 -47.17
N LEU D 249 26.47 -0.28 -45.89
CA LEU D 249 25.26 -0.99 -45.47
C LEU D 249 24.03 -0.17 -45.89
N CYS D 250 22.96 -0.85 -46.29
CA CYS D 250 21.70 -0.16 -46.66
C CYS D 250 20.50 -1.02 -46.24
N GLY D 251 19.45 -0.35 -45.78
CA GLY D 251 18.19 -0.95 -45.39
C GLY D 251 17.02 -0.38 -46.19
N ALA D 252 15.90 -1.08 -46.21
CA ALA D 252 14.70 -0.65 -46.93
C ALA D 252 13.43 -1.18 -46.25
N ALA D 253 12.32 -0.49 -46.47
CA ALA D 253 11.03 -0.86 -45.93
C ALA D 253 10.11 -1.47 -46.99
N ILE D 254 9.21 -2.36 -46.58
CA ILE D 254 8.17 -2.97 -47.44
C ILE D 254 6.85 -3.05 -46.65
N GLY D 255 5.76 -3.33 -47.35
CA GLY D 255 4.44 -3.51 -46.75
C GLY D 255 4.15 -5.00 -46.49
N THR D 256 2.89 -5.33 -46.21
CA THR D 256 2.45 -6.71 -45.93
C THR D 256 1.43 -7.27 -46.94
N HIS D 257 1.28 -6.64 -48.11
CA HIS D 257 0.37 -7.10 -49.17
C HIS D 257 1.11 -8.03 -50.13
N GLU D 258 0.40 -8.79 -50.98
CA GLU D 258 1.04 -9.72 -51.91
C GLU D 258 1.99 -9.05 -52.91
N ASP D 259 1.73 -7.82 -53.33
CA ASP D 259 2.60 -7.07 -54.25
C ASP D 259 3.96 -6.73 -53.62
N ASP D 260 4.07 -6.74 -52.29
CA ASP D 260 5.34 -6.47 -51.61
C ASP D 260 6.34 -7.60 -51.83
N LYS D 261 5.92 -8.79 -52.29
CA LYS D 261 6.83 -9.91 -52.57
C LYS D 261 7.65 -9.62 -53.85
N TYR D 262 7.05 -9.02 -54.88
CA TYR D 262 7.82 -8.62 -56.07
C TYR D 262 8.79 -7.49 -55.67
N ARG D 263 8.34 -6.54 -54.85
CA ARG D 263 9.19 -5.46 -54.32
C ARG D 263 10.34 -6.08 -53.50
N LEU D 264 10.09 -7.09 -52.67
CA LEU D 264 11.11 -7.77 -51.87
C LEU D 264 12.18 -8.38 -52.78
N ASP D 265 11.78 -9.01 -53.88
CA ASP D 265 12.70 -9.61 -54.85
C ASP D 265 13.60 -8.55 -55.49
N LEU D 266 13.03 -7.42 -55.90
CA LEU D 266 13.82 -6.34 -56.49
C LEU D 266 14.81 -5.76 -55.46
N LEU D 267 14.39 -5.53 -54.21
CA LEU D 267 15.26 -5.04 -53.14
C LEU D 267 16.38 -6.05 -52.85
N ALA D 268 16.08 -7.35 -52.85
CA ALA D 268 17.07 -8.41 -52.62
C ALA D 268 18.11 -8.45 -53.75
N GLN D 269 17.69 -8.35 -55.02
CA GLN D 269 18.62 -8.33 -56.16
C GLN D 269 19.47 -7.05 -56.19
N ALA D 270 18.95 -5.93 -55.70
CA ALA D 270 19.68 -4.68 -55.60
C ALA D 270 20.79 -4.73 -54.52
N GLY D 271 20.77 -5.73 -53.63
CA GLY D 271 21.77 -5.91 -52.59
C GLY D 271 21.40 -5.38 -51.20
N VAL D 272 20.11 -5.24 -50.85
CA VAL D 272 19.72 -4.77 -49.51
C VAL D 272 20.25 -5.74 -48.44
N ASP D 273 20.66 -5.23 -47.28
CA ASP D 273 21.22 -6.03 -46.18
C ASP D 273 20.18 -6.34 -45.09
N VAL D 274 19.25 -5.42 -44.84
CA VAL D 274 18.22 -5.54 -43.81
C VAL D 274 16.91 -4.90 -44.26
N VAL D 275 15.77 -5.50 -43.91
CA VAL D 275 14.45 -5.04 -44.33
C VAL D 275 13.50 -4.91 -43.16
N VAL D 276 12.71 -3.83 -43.16
CA VAL D 276 11.76 -3.55 -42.09
C VAL D 276 10.33 -3.64 -42.62
N LEU D 277 9.48 -4.38 -41.94
CA LEU D 277 8.06 -4.50 -42.32
C LEU D 277 7.37 -3.27 -41.70
N ASP D 278 7.05 -2.28 -42.52
CA ASP D 278 6.50 -1.00 -42.05
C ASP D 278 4.99 -0.99 -41.84
N SER D 279 4.54 -0.89 -40.58
CA SER D 279 3.13 -0.84 -40.19
C SER D 279 2.96 -0.19 -38.81
N SER D 280 1.79 0.38 -38.54
CA SER D 280 1.47 0.99 -37.26
C SER D 280 1.23 -0.04 -36.16
N GLN D 281 0.65 -1.19 -36.52
CA GLN D 281 0.32 -2.30 -35.63
C GLN D 281 0.86 -3.58 -36.27
N GLY D 282 2.05 -4.03 -35.86
CA GLY D 282 2.69 -5.19 -36.47
C GLY D 282 2.31 -6.56 -35.91
N ASN D 283 1.43 -6.69 -34.92
CA ASN D 283 1.02 -7.99 -34.40
C ASN D 283 -0.20 -8.50 -35.20
N SER D 284 0.03 -8.94 -36.44
CA SER D 284 -1.04 -9.38 -37.34
C SER D 284 -0.70 -10.61 -38.17
N ILE D 285 -1.74 -11.29 -38.68
CA ILE D 285 -1.63 -12.49 -39.52
C ILE D 285 -0.86 -12.15 -40.80
N PHE D 286 -1.07 -10.97 -41.38
CA PHE D 286 -0.39 -10.53 -42.60
C PHE D 286 1.14 -10.36 -42.41
N GLN D 287 1.57 -9.75 -41.31
CA GLN D 287 2.99 -9.58 -41.04
C GLN D 287 3.66 -10.91 -40.69
N ILE D 288 3.02 -11.77 -39.90
CA ILE D 288 3.57 -13.10 -39.53
C ILE D 288 3.72 -13.97 -40.79
N ASN D 289 2.75 -13.95 -41.70
CA ASN D 289 2.88 -14.67 -42.97
C ASN D 289 4.05 -14.13 -43.80
N MET D 290 4.21 -12.80 -43.89
CA MET D 290 5.30 -12.19 -44.63
C MET D 290 6.67 -12.58 -44.04
N ILE D 291 6.83 -12.59 -42.70
CA ILE D 291 8.10 -12.94 -42.03
C ILE D 291 8.50 -14.37 -42.38
N LYS D 292 7.56 -15.33 -42.31
CA LYS D 292 7.84 -16.73 -42.62
C LYS D 292 8.15 -16.91 -44.10
N TYR D 293 7.49 -16.19 -45.01
CA TYR D 293 7.79 -16.24 -46.43
C TYR D 293 9.23 -15.76 -46.71
N ILE D 294 9.65 -14.66 -46.08
CA ILE D 294 11.00 -14.13 -46.25
C ILE D 294 12.03 -15.11 -45.70
N LYS D 295 11.81 -15.70 -44.53
CA LYS D 295 12.76 -16.66 -43.94
C LYS D 295 12.91 -17.94 -44.76
N ASP D 296 11.82 -18.46 -45.34
CA ASP D 296 11.91 -19.64 -46.20
C ASP D 296 12.65 -19.35 -47.52
N LYS D 297 12.41 -18.17 -48.13
CA LYS D 297 12.98 -17.78 -49.42
C LYS D 297 14.37 -17.12 -49.39
N TYR D 298 14.63 -16.28 -48.40
CA TYR D 298 15.89 -15.56 -48.21
C TYR D 298 16.44 -15.79 -46.80
N PRO D 299 17.09 -16.93 -46.51
CA PRO D 299 17.65 -17.22 -45.19
C PRO D 299 18.78 -16.26 -44.79
N ASN D 300 19.44 -15.62 -45.76
CA ASN D 300 20.52 -14.65 -45.53
C ASN D 300 20.05 -13.22 -45.17
N LEU D 301 18.77 -12.88 -45.40
CA LEU D 301 18.25 -11.52 -45.17
C LEU D 301 17.79 -11.29 -43.74
N GLN D 302 18.14 -10.14 -43.18
CA GLN D 302 17.71 -9.75 -41.83
C GLN D 302 16.33 -9.07 -41.92
N VAL D 303 15.37 -9.49 -41.09
CA VAL D 303 13.98 -8.99 -41.09
C VAL D 303 13.65 -8.35 -39.75
N ILE D 304 13.19 -7.10 -39.79
CA ILE D 304 12.82 -6.31 -38.62
C ILE D 304 11.30 -6.18 -38.60
N GLY D 305 10.67 -6.55 -37.48
CA GLY D 305 9.23 -6.47 -37.31
C GLY D 305 8.78 -5.26 -36.53
N GLY D 306 7.51 -4.90 -36.64
CA GLY D 306 6.95 -3.76 -35.94
C GLY D 306 5.83 -3.05 -36.70
N ASN D 307 5.26 -2.00 -36.13
CA ASN D 307 5.59 -1.49 -34.80
C ASN D 307 4.79 -2.18 -33.68
N VAL D 308 5.43 -2.37 -32.52
CA VAL D 308 4.86 -2.98 -31.31
C VAL D 308 5.16 -2.10 -30.08
N VAL D 309 4.34 -2.19 -29.06
CA VAL D 309 4.46 -1.44 -27.79
C VAL D 309 4.24 -2.31 -26.55
N THR D 310 3.97 -3.60 -26.70
CA THR D 310 3.74 -4.54 -25.57
C THR D 310 4.50 -5.84 -25.73
N ALA D 311 4.80 -6.52 -24.61
CA ALA D 311 5.50 -7.79 -24.65
C ALA D 311 4.67 -8.90 -25.33
N ALA D 312 3.33 -8.83 -25.23
CA ALA D 312 2.43 -9.78 -25.88
C ALA D 312 2.59 -9.72 -27.40
N GLN D 313 2.60 -8.51 -27.98
CA GLN D 313 2.84 -8.32 -29.40
C GLN D 313 4.26 -8.78 -29.79
N ALA D 314 5.26 -8.47 -28.96
CA ALA D 314 6.64 -8.86 -29.24
C ALA D 314 6.83 -10.38 -29.31
N LYS D 315 6.11 -11.14 -28.47
CA LYS D 315 6.22 -12.62 -28.44
C LYS D 315 5.82 -13.26 -29.78
N ASN D 316 4.72 -12.85 -30.39
CA ASN D 316 4.29 -13.44 -31.67
C ASN D 316 5.31 -13.22 -32.78
N LEU D 317 5.90 -12.02 -32.87
CA LEU D 317 6.91 -11.69 -33.87
C LEU D 317 8.25 -12.41 -33.61
N ILE D 318 8.69 -12.54 -32.34
CA ILE D 318 9.92 -13.27 -32.02
C ILE D 318 9.71 -14.76 -32.37
N ASP D 319 8.54 -15.34 -32.09
CA ASP D 319 8.21 -16.72 -32.46
C ASP D 319 8.06 -16.91 -33.98
N ALA D 320 7.70 -15.86 -34.73
CA ALA D 320 7.65 -15.88 -36.18
C ALA D 320 9.06 -15.97 -36.79
N GLY D 321 10.09 -15.50 -36.07
CA GLY D 321 11.49 -15.55 -36.46
C GLY D 321 12.14 -14.20 -36.82
N VAL D 322 11.70 -13.06 -36.27
CA VAL D 322 12.31 -11.75 -36.60
C VAL D 322 13.73 -11.63 -36.02
N ASP D 323 14.52 -10.70 -36.53
CA ASP D 323 15.91 -10.46 -36.10
C ASP D 323 16.09 -9.19 -35.23
N ALA D 324 15.08 -8.32 -35.20
CA ALA D 324 14.98 -7.11 -34.38
C ALA D 324 13.51 -6.66 -34.29
N LEU D 325 13.20 -5.67 -33.44
CA LEU D 325 11.86 -5.13 -33.24
C LEU D 325 11.85 -3.61 -33.29
N ARG D 326 10.78 -3.03 -33.83
CA ARG D 326 10.59 -1.59 -33.94
C ARG D 326 9.53 -1.18 -32.92
N VAL D 327 9.86 -0.26 -32.02
CA VAL D 327 8.98 0.11 -30.92
C VAL D 327 8.50 1.55 -30.94
N GLY D 328 7.19 1.73 -30.85
CA GLY D 328 6.53 3.04 -30.82
C GLY D 328 5.19 3.04 -31.53
N MET D 329 4.19 3.71 -30.96
CA MET D 329 2.84 3.83 -31.53
C MET D 329 2.17 5.11 -31.05
N GLY D 330 2.06 6.08 -31.94
CA GLY D 330 1.45 7.37 -31.66
C GLY D 330 2.40 8.40 -31.02
N SER D 331 3.67 8.08 -30.83
CA SER D 331 4.69 8.95 -30.24
C SER D 331 5.40 9.87 -31.26
N GLY D 332 5.17 9.68 -32.57
CA GLY D 332 5.81 10.50 -33.59
C GLY D 332 5.35 11.95 -33.59
N SER D 333 6.23 12.89 -33.94
CA SER D 333 5.89 14.32 -33.94
C SER D 333 4.71 14.68 -34.88
N ILE D 334 4.59 13.97 -35.99
CA ILE D 334 3.55 14.09 -37.03
C ILE D 334 2.46 13.00 -36.88
N CYS D 335 2.35 12.35 -35.73
CA CYS D 335 1.40 11.25 -35.57
C CYS D 335 0.20 11.71 -34.74
N ILE D 336 -1.02 11.41 -35.22
CA ILE D 336 -2.28 11.71 -34.53
C ILE D 336 -3.05 10.42 -34.22
N THR D 337 -2.40 9.26 -34.30
CA THR D 337 -3.02 7.94 -34.04
C THR D 337 -3.67 7.84 -32.66
N GLN D 338 -3.06 8.39 -31.60
CA GLN D 338 -3.64 8.33 -30.25
C GLN D 338 -4.96 9.10 -30.13
N GLU D 339 -5.12 10.23 -30.83
CA GLU D 339 -6.37 11.01 -30.85
C GLU D 339 -7.41 10.40 -31.79
N VAL D 340 -6.98 9.85 -32.93
CA VAL D 340 -7.89 9.28 -33.93
C VAL D 340 -8.34 7.85 -33.60
N LEU D 341 -7.43 6.94 -33.27
CA LEU D 341 -7.79 5.54 -33.02
C LEU D 341 -7.81 5.11 -31.55
N ALA D 342 -7.45 6.01 -30.61
CA ALA D 342 -7.42 5.74 -29.16
C ALA D 342 -6.47 4.62 -28.71
N CYS D 343 -5.53 4.23 -29.57
CA CYS D 343 -4.61 3.13 -29.35
C CYS D 343 -3.16 3.62 -29.40
N GLY D 344 -2.31 3.03 -28.55
CA GLY D 344 -0.89 3.34 -28.46
C GLY D 344 -0.36 3.20 -27.03
N ARG D 345 0.79 3.81 -26.75
CA ARG D 345 1.41 3.80 -25.43
C ARG D 345 2.47 4.89 -25.27
N PRO D 346 2.71 5.45 -24.07
CA PRO D 346 3.79 6.43 -23.87
C PRO D 346 5.13 5.77 -24.23
N GLN D 347 6.02 6.50 -24.91
CA GLN D 347 7.23 5.90 -25.48
C GLN D 347 8.25 5.32 -24.49
N ALA D 348 8.52 5.95 -23.34
CA ALA D 348 9.52 5.42 -22.41
C ALA D 348 9.12 4.05 -21.82
N THR D 349 7.91 3.92 -21.29
CA THR D 349 7.42 2.63 -20.76
C THR D 349 7.33 1.57 -21.85
N ALA D 350 6.87 1.92 -23.06
CA ALA D 350 6.82 0.95 -24.15
C ALA D 350 8.22 0.42 -24.50
N VAL D 351 9.22 1.30 -24.61
CA VAL D 351 10.59 0.88 -24.91
C VAL D 351 11.13 -0.02 -23.80
N TYR D 352 10.97 0.35 -22.53
CA TYR D 352 11.43 -0.48 -21.43
C TYR D 352 10.75 -1.87 -21.42
N LYS D 353 9.42 -1.93 -21.47
CA LYS D 353 8.66 -3.18 -21.42
C LYS D 353 8.95 -4.10 -22.59
N VAL D 354 9.07 -3.58 -23.80
CA VAL D 354 9.39 -4.41 -24.97
C VAL D 354 10.85 -4.87 -24.90
N SER D 355 11.78 -4.00 -24.51
CA SER D 355 13.20 -4.37 -24.44
C SER D 355 13.47 -5.41 -23.35
N GLU D 356 12.78 -5.35 -22.22
CA GLU D 356 12.96 -6.32 -21.14
C GLU D 356 12.59 -7.72 -21.64
N TYR D 357 11.49 -7.86 -22.38
CA TYR D 357 11.07 -9.13 -22.94
C TYR D 357 11.98 -9.58 -24.10
N ALA D 358 12.33 -8.70 -25.04
CA ALA D 358 13.16 -9.07 -26.19
C ALA D 358 14.60 -9.46 -25.81
N ARG D 359 15.11 -8.98 -24.67
CA ARG D 359 16.45 -9.33 -24.15
C ARG D 359 16.54 -10.84 -23.84
N ARG D 360 15.45 -11.46 -23.39
CA ARG D 360 15.39 -12.90 -23.06
C ARG D 360 15.69 -13.81 -24.24
N PHE D 361 15.58 -13.32 -25.48
CA PHE D 361 15.83 -14.08 -26.70
C PHE D 361 16.97 -13.52 -27.55
N GLY D 362 17.78 -12.58 -27.05
CA GLY D 362 18.87 -11.97 -27.80
C GLY D 362 18.41 -11.09 -28.97
N VAL D 363 17.20 -10.53 -28.92
CA VAL D 363 16.65 -9.71 -30.01
C VAL D 363 16.75 -8.22 -29.67
N PRO D 364 17.49 -7.40 -30.43
CA PRO D 364 17.60 -5.97 -30.15
C PRO D 364 16.34 -5.19 -30.52
N VAL D 365 16.14 -4.06 -29.84
CA VAL D 365 15.01 -3.14 -30.02
C VAL D 365 15.47 -1.82 -30.62
N ILE D 366 14.74 -1.34 -31.62
CA ILE D 366 14.94 -0.04 -32.25
C ILE D 366 13.88 0.89 -31.63
N ALA D 367 14.30 1.99 -31.00
CA ALA D 367 13.38 2.95 -30.40
C ALA D 367 12.97 3.95 -31.47
N ASP D 368 11.68 4.04 -31.78
CA ASP D 368 11.15 4.88 -32.84
C ASP D 368 10.07 5.87 -32.39
N GLY D 369 10.27 7.17 -32.63
CA GLY D 369 9.30 8.21 -32.34
C GLY D 369 9.49 8.94 -31.02
N GLY D 370 9.27 10.26 -31.02
CA GLY D 370 9.38 11.10 -29.82
C GLY D 370 10.75 11.70 -29.49
N ILE D 371 11.76 11.51 -30.34
CA ILE D 371 13.12 12.03 -30.10
C ILE D 371 13.18 13.51 -30.53
N GLN D 372 13.45 14.42 -29.60
CA GLN D 372 13.51 15.87 -29.84
C GLN D 372 14.88 16.51 -29.55
N ASN D 373 15.73 15.82 -28.79
CA ASN D 373 17.05 16.26 -28.38
C ASN D 373 17.91 15.05 -27.98
N VAL D 374 19.21 15.25 -27.84
CA VAL D 374 20.17 14.19 -27.48
C VAL D 374 19.87 13.57 -26.10
N GLY D 375 19.28 14.31 -25.16
CA GLY D 375 18.84 13.77 -23.87
C GLY D 375 17.79 12.68 -24.07
N HIS D 376 16.88 12.84 -25.04
CA HIS D 376 15.91 11.80 -25.35
C HIS D 376 16.61 10.54 -25.87
N ILE D 377 17.65 10.69 -26.70
CA ILE D 377 18.41 9.55 -27.26
C ILE D 377 19.08 8.78 -26.12
N ALA D 378 19.72 9.47 -25.18
CA ALA D 378 20.40 8.85 -24.03
C ALA D 378 19.43 8.07 -23.14
N LYS D 379 18.22 8.61 -22.90
CA LYS D 379 17.17 7.95 -22.13
C LYS D 379 16.68 6.68 -22.83
N ALA D 380 16.38 6.74 -24.13
CA ALA D 380 15.92 5.56 -24.86
C ALA D 380 16.97 4.43 -24.80
N LEU D 381 18.26 4.75 -24.98
CA LEU D 381 19.34 3.76 -24.91
C LEU D 381 19.47 3.20 -23.48
N ALA D 382 19.35 4.03 -22.45
CA ALA D 382 19.46 3.58 -21.07
C ALA D 382 18.28 2.70 -20.65
N LEU D 383 17.08 2.85 -21.24
CA LEU D 383 15.92 2.03 -20.91
C LEU D 383 15.92 0.65 -21.59
N GLY D 384 16.92 0.31 -22.40
CA GLY D 384 17.04 -1.01 -23.01
C GLY D 384 17.12 -1.05 -24.54
N ALA D 385 16.85 0.04 -25.24
CA ALA D 385 16.93 0.06 -26.70
C ALA D 385 18.40 -0.07 -27.14
N SER D 386 18.64 -0.71 -28.27
CA SER D 386 19.99 -0.87 -28.83
C SER D 386 20.31 0.18 -29.89
N THR D 387 19.28 0.69 -30.57
CA THR D 387 19.40 1.74 -31.59
C THR D 387 18.19 2.68 -31.51
N VAL D 388 18.33 3.87 -32.06
CA VAL D 388 17.30 4.92 -32.04
C VAL D 388 17.03 5.39 -33.47
N MET D 389 15.76 5.41 -33.85
CA MET D 389 15.27 5.85 -35.16
C MET D 389 14.61 7.21 -34.99
N MET D 390 14.94 8.13 -35.88
CA MET D 390 14.44 9.50 -35.82
C MET D 390 13.93 10.03 -37.16
N GLY D 391 12.87 10.81 -37.10
CA GLY D 391 12.22 11.48 -38.21
C GLY D 391 12.54 12.96 -38.21
N SER D 392 11.67 13.75 -37.59
CA SER D 392 11.81 15.22 -37.50
C SER D 392 13.16 15.73 -37.03
N LEU D 393 13.94 14.99 -36.24
CA LEU D 393 15.27 15.44 -35.83
C LEU D 393 16.21 15.58 -37.04
N LEU D 394 16.10 14.68 -38.01
CA LEU D 394 16.88 14.68 -39.24
C LEU D 394 16.16 15.40 -40.39
N ALA D 395 14.92 15.82 -40.20
CA ALA D 395 14.18 16.56 -41.21
C ALA D 395 14.79 17.97 -41.36
N ALA D 396 14.60 18.58 -42.52
CA ALA D 396 15.17 19.88 -42.87
C ALA D 396 16.70 19.96 -42.84
N THR D 397 17.36 18.81 -43.06
CA THR D 397 18.81 18.73 -43.24
C THR D 397 19.07 18.77 -44.75
N THR D 398 20.32 18.99 -45.14
CA THR D 398 20.71 19.10 -46.55
C THR D 398 20.45 17.83 -47.35
N GLU D 399 20.74 16.65 -46.78
CA GLU D 399 20.57 15.36 -47.45
C GLU D 399 19.13 14.81 -47.45
N ALA D 400 18.21 15.39 -46.67
CA ALA D 400 16.82 14.97 -46.64
C ALA D 400 16.12 15.28 -47.99
N PRO D 401 15.17 14.45 -48.46
CA PRO D 401 14.47 14.69 -49.72
C PRO D 401 13.62 15.97 -49.71
N GLY D 402 13.46 16.59 -50.86
CA GLY D 402 12.70 17.83 -51.03
C GLY D 402 13.61 19.08 -50.94
N GLU D 403 13.21 20.17 -51.57
CA GLU D 403 13.96 21.43 -51.59
C GLU D 403 13.49 22.41 -50.51
N TYR D 404 14.34 23.34 -50.11
CA TYR D 404 14.00 24.35 -49.11
C TYR D 404 13.10 25.45 -49.67
N PHE D 405 12.41 26.17 -48.80
CA PHE D 405 11.55 27.31 -49.12
C PHE D 405 11.52 28.27 -47.91
N PHE D 406 11.24 29.54 -48.16
CA PHE D 406 11.20 30.59 -47.13
C PHE D 406 9.78 30.98 -46.74
N SER D 407 9.59 31.31 -45.46
CA SER D 407 8.34 31.80 -44.86
C SER D 407 8.65 32.46 -43.52
N ASP D 408 7.98 33.56 -43.18
CA ASP D 408 8.19 34.31 -41.92
C ASP D 408 9.64 34.83 -41.75
N GLY D 409 10.39 34.94 -42.86
CA GLY D 409 11.79 35.38 -42.87
C GLY D 409 12.82 34.30 -42.53
N ILE D 410 12.42 33.02 -42.44
CA ILE D 410 13.32 31.89 -42.12
C ILE D 410 13.21 30.76 -43.16
N ARG D 411 14.27 29.95 -43.29
CA ARG D 411 14.29 28.82 -44.23
C ARG D 411 13.79 27.55 -43.54
N LEU D 412 13.05 26.73 -44.26
CA LEU D 412 12.43 25.50 -43.72
C LEU D 412 12.15 24.51 -44.86
N LYS D 413 11.86 23.25 -44.50
CA LYS D 413 11.56 22.15 -45.43
C LYS D 413 10.33 21.37 -44.96
N LYS D 414 9.59 20.76 -45.89
CA LYS D 414 8.37 19.99 -45.59
C LYS D 414 8.69 18.68 -44.88
N TYR D 415 7.82 18.29 -43.95
CA TYR D 415 7.90 17.04 -43.19
C TYR D 415 6.46 16.57 -42.98
N ARG D 416 6.12 15.35 -43.38
CA ARG D 416 4.75 14.84 -43.27
C ARG D 416 4.70 13.40 -42.79
N GLY D 417 3.61 13.00 -42.16
CA GLY D 417 3.42 11.63 -41.74
C GLY D 417 3.01 10.74 -42.91
N MET D 418 3.43 9.47 -42.92
CA MET D 418 3.09 8.54 -44.00
C MET D 418 1.59 8.22 -44.06
N GLY D 419 0.88 8.38 -42.94
CA GLY D 419 -0.56 8.21 -42.78
C GLY D 419 -1.36 9.50 -42.97
N SER D 420 -0.72 10.61 -43.38
CA SER D 420 -1.44 11.86 -43.69
C SER D 420 -2.13 11.67 -45.03
N LEU D 421 -3.20 12.44 -45.35
CA LEU D 421 -3.91 12.26 -46.62
C LEU D 421 -3.02 12.50 -47.85
N ASP D 422 -2.08 13.43 -47.75
CA ASP D 422 -1.15 13.78 -48.83
C ASP D 422 -0.21 12.63 -49.19
N ALA D 423 0.35 11.93 -48.20
CA ALA D 423 1.25 10.79 -48.41
C ALA D 423 0.56 9.52 -48.93
N MET D 424 -0.78 9.46 -48.95
CA MET D 424 -1.56 8.30 -49.41
C MET D 424 -2.74 8.72 -50.29
N ILE D 441 -13.78 6.63 -46.39
CA ILE D 441 -12.93 5.55 -46.91
C ILE D 441 -11.49 5.66 -46.39
N LYS D 442 -10.91 6.85 -46.44
CA LYS D 442 -9.54 7.12 -45.95
C LYS D 442 -9.59 7.84 -44.62
N VAL D 443 -8.91 7.30 -43.61
CA VAL D 443 -8.81 7.89 -42.27
C VAL D 443 -7.36 8.31 -42.07
N ALA D 444 -7.12 9.60 -41.87
CA ALA D 444 -5.77 10.11 -41.71
C ALA D 444 -5.25 9.85 -40.28
N GLN D 445 -4.03 9.36 -40.18
CA GLN D 445 -3.34 9.12 -38.91
C GLN D 445 -2.07 9.96 -38.75
N GLY D 446 -1.78 10.84 -39.72
CA GLY D 446 -0.63 11.74 -39.70
C GLY D 446 -0.98 13.13 -40.23
N VAL D 447 -0.05 14.08 -40.09
CA VAL D 447 -0.22 15.46 -40.56
C VAL D 447 0.95 15.88 -41.44
N SER D 448 0.71 16.85 -42.33
CA SER D 448 1.73 17.43 -43.20
C SER D 448 2.10 18.80 -42.65
N GLY D 449 3.38 19.09 -42.54
CA GLY D 449 3.88 20.37 -42.03
C GLY D 449 5.28 20.68 -42.54
N ALA D 450 6.02 21.45 -41.73
CA ALA D 450 7.38 21.85 -42.02
C ALA D 450 8.16 22.14 -40.73
N VAL D 451 9.47 21.91 -40.80
CA VAL D 451 10.42 22.19 -39.70
C VAL D 451 11.52 23.10 -40.29
N GLN D 452 12.20 23.89 -39.46
CA GLN D 452 13.20 24.82 -39.97
C GLN D 452 14.56 24.17 -40.26
N ASP D 453 15.39 24.86 -41.05
CA ASP D 453 16.69 24.34 -41.50
C ASP D 453 17.59 23.91 -40.33
N LYS D 454 18.32 22.82 -40.53
CA LYS D 454 19.19 22.18 -39.55
C LYS D 454 20.65 22.06 -40.03
N GLY D 455 20.97 22.41 -41.28
CA GLY D 455 22.33 22.29 -41.80
C GLY D 455 22.56 20.96 -42.51
N SER D 456 23.72 20.35 -42.32
CA SER D 456 24.08 19.05 -42.92
C SER D 456 24.29 17.99 -41.85
N ILE D 457 23.99 16.73 -42.14
CA ILE D 457 24.16 15.68 -41.13
C ILE D 457 25.63 15.34 -40.86
N HIS D 458 26.56 15.65 -41.78
CA HIS D 458 28.00 15.45 -41.54
C HIS D 458 28.51 16.37 -40.42
N LYS D 459 27.75 17.41 -40.05
CA LYS D 459 28.03 18.34 -38.95
C LYS D 459 27.06 18.14 -37.77
N PHE D 460 25.85 17.64 -38.01
CA PHE D 460 24.87 17.40 -36.95
C PHE D 460 25.05 16.06 -36.24
N VAL D 461 25.36 14.97 -36.94
CA VAL D 461 25.60 13.66 -36.32
C VAL D 461 26.78 13.69 -35.34
N PRO D 462 27.96 14.28 -35.64
CA PRO D 462 29.04 14.34 -34.66
C PRO D 462 28.62 15.07 -33.37
N TYR D 463 27.73 16.06 -33.46
CA TYR D 463 27.19 16.72 -32.26
C TYR D 463 26.36 15.73 -31.42
N LEU D 464 25.50 14.92 -32.05
CA LEU D 464 24.70 13.89 -31.37
C LEU D 464 25.64 12.87 -30.70
N ILE D 465 26.73 12.47 -31.38
CA ILE D 465 27.72 11.53 -30.84
C ILE D 465 28.39 12.12 -29.59
N ALA D 466 28.83 13.38 -29.64
CA ALA D 466 29.48 14.02 -28.50
C ALA D 466 28.52 14.10 -27.31
N GLY D 467 27.25 14.45 -27.53
CA GLY D 467 26.24 14.52 -26.48
C GLY D 467 25.96 13.16 -25.84
N ILE D 468 25.84 12.09 -26.64
CA ILE D 468 25.63 10.72 -26.11
C ILE D 468 26.82 10.33 -25.22
N GLN D 469 28.05 10.59 -25.66
CA GLN D 469 29.25 10.28 -24.89
C GLN D 469 29.29 11.09 -23.57
N HIS D 470 28.95 12.38 -23.59
CA HIS D 470 28.94 13.20 -22.38
C HIS D 470 27.86 12.68 -21.40
N SER D 471 26.70 12.27 -21.90
CA SER D 471 25.66 11.70 -21.04
C SER D 471 26.16 10.39 -20.40
N CYS D 472 26.83 9.53 -21.15
CA CYS D 472 27.42 8.30 -20.61
C CYS D 472 28.50 8.60 -19.55
N GLN D 473 29.31 9.64 -19.76
CA GLN D 473 30.34 9.98 -18.78
C GLN D 473 29.68 10.46 -17.48
N ASP D 474 28.62 11.27 -17.55
CA ASP D 474 27.91 11.77 -16.38
C ASP D 474 27.29 10.66 -15.53
N ILE D 475 26.69 9.65 -16.16
CA ILE D 475 26.08 8.53 -15.44
C ILE D 475 27.12 7.49 -14.97
N GLY D 476 28.35 7.51 -15.50
CA GLY D 476 29.44 6.63 -15.09
C GLY D 476 29.63 5.32 -15.86
N ALA D 477 29.36 5.26 -17.16
CA ALA D 477 29.57 4.04 -17.97
C ALA D 477 30.47 4.29 -19.17
N LYS D 478 31.40 3.36 -19.44
CA LYS D 478 32.36 3.42 -20.54
C LYS D 478 31.80 2.97 -21.90
N SER D 479 30.57 2.47 -21.95
CA SER D 479 29.91 2.06 -23.20
C SER D 479 28.41 1.90 -23.04
N LEU D 480 27.67 1.88 -24.14
CA LEU D 480 26.21 1.67 -24.11
C LEU D 480 25.87 0.28 -23.56
N THR D 481 26.68 -0.73 -23.89
CA THR D 481 26.54 -2.09 -23.34
C THR D 481 26.63 -2.02 -21.82
N GLN D 482 27.62 -1.30 -21.26
CA GLN D 482 27.73 -1.18 -19.82
C GLN D 482 26.51 -0.45 -19.24
N VAL D 483 25.99 0.60 -19.91
CA VAL D 483 24.81 1.34 -19.46
C VAL D 483 23.62 0.39 -19.27
N ARG D 484 23.30 -0.43 -20.27
CA ARG D 484 22.20 -1.40 -20.18
C ARG D 484 22.49 -2.49 -19.17
N ALA D 485 23.72 -2.96 -19.05
CA ALA D 485 24.09 -3.97 -18.06
C ALA D 485 23.85 -3.44 -16.64
N MET D 486 24.27 -2.20 -16.33
CA MET D 486 24.06 -1.64 -15.01
C MET D 486 22.59 -1.22 -14.79
N MET D 487 21.83 -0.97 -15.86
CA MET D 487 20.39 -0.71 -15.76
C MET D 487 19.65 -1.98 -15.33
N TYR D 488 19.93 -3.13 -15.94
CA TYR D 488 19.27 -4.38 -15.56
C TYR D 488 19.74 -4.88 -14.19
N SER D 489 20.98 -4.60 -13.78
CA SER D 489 21.48 -5.04 -12.47
C SER D 489 20.97 -4.20 -11.30
N GLY D 490 20.37 -3.03 -11.53
CA GLY D 490 19.85 -2.15 -10.49
C GLY D 490 20.85 -1.09 -10.00
N GLU D 491 22.07 -1.10 -10.52
CA GLU D 491 23.11 -0.13 -10.18
C GLU D 491 22.80 1.28 -10.75
N LEU D 492 22.22 1.37 -11.96
CA LEU D 492 21.81 2.67 -12.52
C LEU D 492 20.54 3.12 -11.79
N LYS D 493 20.39 4.40 -11.44
CA LYS D 493 19.25 4.92 -10.69
C LYS D 493 18.54 6.06 -11.42
N PHE D 494 17.25 6.17 -11.21
CA PHE D 494 16.34 7.11 -11.85
C PHE D 494 15.48 7.86 -10.83
N GLU D 495 14.91 8.98 -11.26
CA GLU D 495 14.00 9.77 -10.44
C GLU D 495 12.91 10.40 -11.31
N LYS D 496 11.68 10.45 -10.83
CA LYS D 496 10.54 11.09 -11.50
C LYS D 496 10.67 12.61 -11.45
N ARG D 497 9.94 13.31 -12.31
CA ARG D 497 9.83 14.77 -12.32
C ARG D 497 8.37 15.19 -12.33
N THR D 498 8.00 16.09 -11.44
CA THR D 498 6.67 16.73 -11.43
C THR D 498 6.62 17.79 -12.53
N SER D 499 5.48 18.44 -12.74
CA SER D 499 5.39 19.53 -13.72
C SER D 499 6.28 20.70 -13.28
N SER D 500 6.30 21.03 -11.98
CA SER D 500 7.17 22.09 -11.44
C SER D 500 8.65 21.72 -11.62
N ALA D 501 9.01 20.43 -11.51
CA ALA D 501 10.37 19.94 -11.73
C ALA D 501 10.79 20.13 -13.19
N GLN D 502 9.90 19.89 -14.15
CA GLN D 502 10.20 20.11 -15.56
C GLN D 502 10.38 21.61 -15.84
N VAL D 503 9.54 22.47 -15.24
CA VAL D 503 9.65 23.93 -15.37
C VAL D 503 10.99 24.42 -14.82
N GLU D 504 11.44 23.92 -13.66
CA GLU D 504 12.75 24.25 -13.08
C GLU D 504 13.93 23.70 -13.91
N GLY D 505 13.78 22.52 -14.51
CA GLY D 505 14.82 21.87 -15.32
C GLY D 505 15.14 22.59 -16.63
N GLY D 506 14.14 23.20 -17.26
CA GLY D 506 14.30 23.99 -18.50
C GLY D 506 14.79 25.42 -18.22
N VAL D 507 14.98 26.25 -19.25
CA VAL D 507 15.39 27.67 -19.04
C VAL D 507 14.19 28.40 -18.41
N HIS D 508 14.42 29.21 -17.38
CA HIS D 508 13.36 29.95 -16.69
C HIS D 508 13.87 31.26 -16.09
N SER D 509 12.96 32.15 -15.74
CA SER D 509 13.19 33.45 -15.07
C SER D 509 14.16 34.44 -15.75
N LEU D 510 14.22 34.45 -17.08
CA LEU D 510 15.06 35.37 -17.86
C LEU D 510 14.18 36.28 -18.71
N HIS D 511 14.63 37.53 -18.93
CA HIS D 511 13.89 38.49 -19.77
C HIS D 511 13.94 38.05 -21.25
N SER D 512 15.12 37.64 -21.69
CA SER D 512 15.41 37.10 -23.02
C SER D 512 16.71 36.27 -22.98
N TYR D 513 16.90 35.38 -23.95
CA TYR D 513 18.07 34.50 -24.05
C TYR D 513 18.23 33.87 -25.44
N GLU D 514 19.41 33.35 -25.73
CA GLU D 514 19.73 32.61 -26.94
C GLU D 514 20.12 31.17 -26.56
N LYS D 515 19.47 30.16 -27.14
CA LYS D 515 19.72 28.74 -26.87
C LYS D 515 20.40 28.14 -28.10
N ARG D 516 21.73 28.09 -28.04
CA ARG D 516 22.63 27.58 -29.10
C ARG D 516 23.26 26.27 -28.62
N LEU D 517 23.08 25.21 -29.40
CA LEU D 517 23.50 23.85 -29.03
C LEU D 517 24.97 23.51 -29.31
N PHE D 518 25.49 23.92 -30.46
CA PHE D 518 26.86 23.69 -30.94
C PHE D 518 27.27 24.70 -32.01
N MET E 6 30.65 27.03 15.43
CA MET E 6 31.18 25.96 14.54
C MET E 6 30.04 25.16 13.89
N ALA E 7 30.31 24.41 12.81
CA ALA E 7 29.28 23.62 12.12
C ALA E 7 28.75 22.45 12.95
N ASP E 8 29.55 21.90 13.88
CA ASP E 8 29.11 20.76 14.71
C ASP E 8 27.87 21.10 15.56
N TYR E 9 27.64 22.38 15.86
CA TYR E 9 26.45 22.84 16.57
C TYR E 9 25.49 23.63 15.66
N LEU E 10 25.97 24.40 14.68
CA LEU E 10 25.11 25.24 13.85
C LEU E 10 24.20 24.46 12.87
N ILE E 11 24.62 23.28 12.37
CA ILE E 11 23.82 22.46 11.43
C ILE E 11 22.48 22.10 12.07
N SER E 12 22.51 21.57 13.29
CA SER E 12 21.36 21.19 14.11
C SER E 12 21.84 21.22 15.56
N GLY E 13 21.26 22.07 16.41
CA GLY E 13 21.73 22.29 17.77
C GLY E 13 21.58 21.11 18.72
N GLY E 14 22.69 20.44 19.06
CA GLY E 14 22.74 19.33 20.02
C GLY E 14 22.12 18.00 19.56
N THR E 15 21.29 18.01 18.52
CA THR E 15 20.63 16.82 17.99
C THR E 15 21.59 16.01 17.13
N SER E 16 22.08 14.87 17.62
CA SER E 16 22.97 14.00 16.85
C SER E 16 22.17 13.26 15.77
N TYR E 17 22.83 12.56 14.85
CA TYR E 17 22.14 11.86 13.77
C TYR E 17 21.12 10.83 14.26
N VAL E 18 21.45 9.97 15.24
CA VAL E 18 20.53 8.95 15.80
C VAL E 18 19.84 8.09 14.72
N PRO E 19 20.51 7.05 14.17
CA PRO E 19 19.96 6.19 13.13
C PRO E 19 18.51 5.74 13.37
N ASP E 20 17.66 5.77 12.34
CA ASP E 20 16.25 5.38 12.48
C ASP E 20 16.11 3.86 12.31
N ASP E 21 15.55 3.21 13.33
CA ASP E 21 15.36 1.76 13.38
C ASP E 21 14.25 1.43 14.41
N GLY E 22 13.26 0.64 14.01
CA GLY E 22 12.11 0.28 14.85
C GLY E 22 10.88 1.12 14.53
N LEU E 23 9.76 0.82 15.18
CA LEU E 23 8.49 1.51 14.98
C LEU E 23 8.08 2.33 16.19
N THR E 24 7.45 3.49 16.00
CA THR E 24 6.88 4.28 17.10
C THR E 24 5.57 3.62 17.55
N ALA E 25 5.06 3.92 18.74
CA ALA E 25 3.80 3.32 19.20
C ALA E 25 2.65 3.64 18.25
N GLN E 26 2.62 4.86 17.71
CA GLN E 26 1.58 5.29 16.79
C GLN E 26 1.54 4.39 15.56
N GLN E 27 2.67 4.14 14.90
CA GLN E 27 2.67 3.30 13.70
C GLN E 27 2.53 1.80 14.04
N LEU E 28 2.90 1.35 15.25
CA LEU E 28 2.67 -0.03 15.68
C LEU E 28 1.17 -0.31 15.87
N PHE E 29 0.41 0.60 16.49
CA PHE E 29 -1.01 0.42 16.79
C PHE E 29 -1.96 1.01 15.74
N ASN E 30 -1.45 1.42 14.57
CA ASN E 30 -2.22 1.91 13.43
C ASN E 30 -2.31 0.85 12.29
N CYS E 31 -1.74 -0.33 12.49
CA CYS E 31 -1.79 -1.43 11.51
C CYS E 31 -3.17 -2.14 11.48
N GLY E 32 -4.03 -1.86 12.45
CA GLY E 32 -5.38 -2.43 12.57
C GLY E 32 -5.42 -3.83 13.21
N ASP E 33 -4.27 -4.47 13.36
CA ASP E 33 -4.17 -5.78 14.01
C ASP E 33 -4.44 -5.62 15.52
N GLY E 34 -5.00 -6.64 16.14
CA GLY E 34 -5.30 -6.64 17.57
C GLY E 34 -4.13 -7.22 18.35
N LEU E 35 -3.36 -6.37 19.01
CA LEU E 35 -2.14 -6.76 19.72
C LEU E 35 -2.31 -6.91 21.23
N THR E 36 -1.75 -7.99 21.76
CA THR E 36 -1.61 -8.34 23.18
C THR E 36 -0.18 -8.02 23.62
N TYR E 37 0.11 -7.96 24.91
CA TYR E 37 1.46 -7.67 25.41
C TYR E 37 2.55 -8.57 24.83
N ASN E 38 2.29 -9.86 24.61
CA ASN E 38 3.26 -10.81 24.07
C ASN E 38 3.57 -10.62 22.56
N ASP E 39 2.83 -9.79 21.83
CA ASP E 39 3.01 -9.59 20.39
C ASP E 39 4.10 -8.60 20.00
N PHE E 40 4.70 -7.89 20.96
CA PHE E 40 5.69 -6.86 20.69
C PHE E 40 6.68 -6.68 21.84
N LEU E 41 7.77 -5.97 21.57
CA LEU E 41 8.83 -5.62 22.51
C LEU E 41 9.18 -4.14 22.40
N ILE E 42 9.91 -3.64 23.39
CA ILE E 42 10.42 -2.27 23.45
C ILE E 42 11.93 -2.34 23.16
N LEU E 43 12.42 -1.60 22.17
CA LEU E 43 13.83 -1.61 21.82
C LEU E 43 14.66 -0.88 22.89
N PRO E 44 15.90 -1.30 23.15
CA PRO E 44 16.75 -0.65 24.15
C PRO E 44 17.20 0.75 23.71
N GLY E 45 17.56 1.61 24.66
CA GLY E 45 18.01 2.98 24.39
C GLY E 45 19.43 3.26 24.86
N TYR E 46 19.62 4.36 25.60
CA TYR E 46 20.90 4.80 26.15
C TYR E 46 20.84 4.89 27.68
N ILE E 47 21.88 4.42 28.35
CA ILE E 47 21.96 4.37 29.82
C ILE E 47 23.00 5.33 30.39
N ASP E 48 22.57 6.25 31.25
CA ASP E 48 23.46 7.19 31.95
C ASP E 48 23.05 7.37 33.42
N PHE E 49 22.52 6.31 34.03
CA PHE E 49 22.09 6.29 35.43
C PHE E 49 21.94 4.84 35.92
N THR E 50 21.94 4.63 37.23
CA THR E 50 21.75 3.30 37.85
C THR E 50 20.27 3.02 38.07
N ALA E 51 19.86 1.76 38.14
CA ALA E 51 18.43 1.43 38.28
C ALA E 51 17.79 1.95 39.58
N ASP E 52 18.57 2.26 40.61
CA ASP E 52 18.07 2.80 41.88
C ASP E 52 17.65 4.28 41.80
N GLN E 53 17.94 4.96 40.70
CA GLN E 53 17.59 6.36 40.47
C GLN E 53 16.30 6.54 39.66
N VAL E 54 15.57 5.47 39.35
CA VAL E 54 14.33 5.53 38.59
C VAL E 54 13.16 5.83 39.52
N ASP E 55 12.41 6.90 39.23
CA ASP E 55 11.24 7.32 40.02
C ASP E 55 9.96 6.71 39.45
N LEU E 56 9.18 6.07 40.32
CA LEU E 56 7.94 5.38 39.96
C LEU E 56 6.68 6.11 40.46
N THR E 57 6.78 7.41 40.73
CA THR E 57 5.64 8.20 41.17
C THR E 57 4.58 8.22 40.06
N SER E 58 3.32 8.01 40.40
CA SER E 58 2.24 7.96 39.40
C SER E 58 0.91 8.50 39.91
N ALA E 59 0.07 8.99 39.01
CA ALA E 59 -1.23 9.54 39.33
C ALA E 59 -2.32 8.48 39.19
N LEU E 60 -3.03 8.21 40.29
CA LEU E 60 -4.16 7.30 40.32
C LEU E 60 -5.38 7.99 39.69
N THR E 61 -5.58 9.27 39.98
CA THR E 61 -6.68 10.10 39.45
C THR E 61 -6.16 11.52 39.15
N LYS E 62 -7.03 12.49 38.88
CA LYS E 62 -6.63 13.89 38.62
C LYS E 62 -5.90 14.55 39.82
N LYS E 63 -6.19 14.14 41.05
CA LYS E 63 -5.52 14.70 42.25
C LYS E 63 -5.12 13.69 43.34
N ILE E 64 -4.89 12.42 42.99
CA ILE E 64 -4.38 11.40 43.92
C ILE E 64 -3.09 10.84 43.32
N THR E 65 -1.97 10.97 44.02
CA THR E 65 -0.65 10.53 43.58
C THR E 65 -0.12 9.42 44.48
N LEU E 66 0.46 8.38 43.89
CA LEU E 66 1.03 7.22 44.56
C LEU E 66 2.55 7.15 44.29
N LYS E 67 3.28 6.50 45.18
CA LYS E 67 4.74 6.30 45.08
C LYS E 67 5.12 5.23 44.06
N THR E 68 4.23 4.28 43.80
CA THR E 68 4.37 3.15 42.87
C THR E 68 3.08 3.01 42.04
N PRO E 69 3.11 2.45 40.83
CA PRO E 69 1.92 2.34 39.98
C PRO E 69 1.06 1.09 40.20
N LEU E 70 1.22 0.38 41.30
CA LEU E 70 0.52 -0.88 41.56
C LEU E 70 -0.79 -0.75 42.34
N VAL E 71 -1.84 -1.41 41.87
CA VAL E 71 -3.19 -1.39 42.46
C VAL E 71 -3.77 -2.81 42.59
N SER E 72 -4.56 -3.08 43.62
CA SER E 72 -5.20 -4.40 43.80
C SER E 72 -6.62 -4.39 43.25
N SER E 73 -6.97 -5.43 42.49
CA SER E 73 -8.28 -5.54 41.87
C SER E 73 -9.41 -5.74 42.90
N PRO E 74 -10.59 -5.10 42.72
CA PRO E 74 -11.72 -5.25 43.62
C PRO E 74 -12.48 -6.56 43.40
N MET E 75 -11.96 -7.64 43.97
CA MET E 75 -12.50 -9.00 43.89
C MET E 75 -12.56 -9.63 45.28
N ASP E 76 -13.49 -10.56 45.52
CA ASP E 76 -13.67 -11.18 46.84
C ASP E 76 -12.56 -12.18 47.24
N THR E 77 -11.69 -12.53 46.30
CA THR E 77 -10.53 -13.40 46.48
C THR E 77 -9.21 -12.63 46.33
N VAL E 78 -9.28 -11.29 46.28
CA VAL E 78 -8.07 -10.46 46.17
C VAL E 78 -8.00 -9.36 47.21
N THR E 79 -9.02 -8.49 47.31
CA THR E 79 -8.91 -7.30 48.15
C THR E 79 -9.94 -7.11 49.27
N GLU E 80 -9.44 -7.19 50.50
CA GLU E 80 -10.14 -6.87 51.75
C GLU E 80 -9.22 -5.96 52.57
N ALA E 81 -9.53 -5.68 53.84
CA ALA E 81 -8.73 -4.77 54.65
C ALA E 81 -7.23 -5.12 54.72
N GLY E 82 -6.87 -6.40 54.88
CA GLY E 82 -5.46 -6.80 54.98
C GLY E 82 -4.67 -6.51 53.71
N MET E 83 -5.24 -6.84 52.55
CA MET E 83 -4.60 -6.55 51.26
C MET E 83 -4.51 -5.03 51.06
N ALA E 84 -5.57 -4.27 51.35
CA ALA E 84 -5.56 -2.83 51.18
C ALA E 84 -4.49 -2.16 52.08
N ILE E 85 -4.35 -2.60 53.34
CA ILE E 85 -3.31 -2.09 54.25
C ILE E 85 -1.93 -2.40 53.65
N ALA E 86 -1.68 -3.63 53.20
CA ALA E 86 -0.38 -4.00 52.66
C ALA E 86 -0.04 -3.21 51.37
N MET E 87 -1.00 -3.04 50.45
CA MET E 87 -0.75 -2.26 49.24
C MET E 87 -0.51 -0.79 49.59
N ALA E 88 -1.26 -0.23 50.55
CA ALA E 88 -1.05 1.15 50.94
C ALA E 88 0.35 1.35 51.56
N LEU E 89 0.80 0.42 52.41
CA LEU E 89 2.11 0.48 53.07
C LEU E 89 3.25 0.35 52.06
N THR E 90 3.07 -0.46 51.02
CA THR E 90 4.08 -0.64 49.96
C THR E 90 4.14 0.54 48.98
N GLY E 91 3.19 1.47 49.02
CA GLY E 91 3.17 2.68 48.18
C GLY E 91 2.12 2.73 47.08
N GLY E 92 1.25 1.71 47.01
CA GLY E 92 0.16 1.60 46.05
C GLY E 92 -1.19 1.84 46.72
N ILE E 93 -2.23 1.13 46.33
CA ILE E 93 -3.58 1.23 46.91
C ILE E 93 -4.39 -0.04 46.60
N GLY E 94 -5.47 -0.30 47.32
CA GLY E 94 -6.38 -1.40 47.07
C GLY E 94 -7.83 -0.94 47.01
N PHE E 95 -8.64 -1.56 46.15
CA PHE E 95 -10.06 -1.26 46.04
C PHE E 95 -10.83 -2.44 46.64
N ILE E 96 -11.61 -2.19 47.69
CA ILE E 96 -12.35 -3.26 48.38
C ILE E 96 -13.55 -3.69 47.54
N HIS E 97 -13.78 -5.01 47.40
CA HIS E 97 -14.90 -5.57 46.61
C HIS E 97 -16.25 -5.23 47.26
N HIS E 98 -17.34 -5.31 46.48
CA HIS E 98 -18.68 -4.97 46.97
C HIS E 98 -19.71 -6.10 46.94
N ASN E 99 -19.33 -7.36 46.73
CA ASN E 99 -20.36 -8.43 46.68
C ASN E 99 -20.88 -8.86 48.07
N CYS E 100 -20.34 -8.25 49.13
CA CYS E 100 -20.73 -8.35 50.53
C CYS E 100 -21.89 -7.37 50.81
N THR E 101 -22.25 -7.19 52.09
CA THR E 101 -23.26 -6.20 52.49
C THR E 101 -22.59 -4.81 52.61
N PRO E 102 -23.34 -3.70 52.50
CA PRO E 102 -22.77 -2.35 52.62
C PRO E 102 -22.09 -2.10 53.97
N GLU E 103 -22.65 -2.62 55.05
CA GLU E 103 -22.13 -2.49 56.42
C GLU E 103 -20.75 -3.16 56.54
N PHE E 104 -20.58 -4.34 55.93
CA PHE E 104 -19.31 -5.05 55.91
C PHE E 104 -18.24 -4.25 55.15
N GLN E 105 -18.53 -3.76 53.94
CA GLN E 105 -17.54 -3.01 53.15
C GLN E 105 -17.13 -1.72 53.86
N ALA E 106 -18.07 -1.02 54.50
CA ALA E 106 -17.78 0.19 55.25
C ALA E 106 -16.87 -0.12 56.44
N ASN E 107 -17.07 -1.24 57.13
CA ASN E 107 -16.22 -1.65 58.24
C ASN E 107 -14.81 -1.97 57.75
N GLU E 108 -14.66 -2.63 56.59
CA GLU E 108 -13.34 -2.91 56.02
C GLU E 108 -12.61 -1.61 55.68
N VAL E 109 -13.29 -0.61 55.09
CA VAL E 109 -12.67 0.69 54.79
C VAL E 109 -12.21 1.35 56.10
N ARG E 110 -13.04 1.30 57.15
CA ARG E 110 -12.72 1.89 58.46
C ARG E 110 -11.47 1.23 59.08
N LYS E 111 -11.31 -0.08 58.93
CA LYS E 111 -10.11 -0.80 59.41
C LYS E 111 -8.86 -0.29 58.69
N VAL E 112 -8.95 -0.01 57.39
CA VAL E 112 -7.83 0.54 56.61
C VAL E 112 -7.51 1.97 57.05
N LYS E 113 -8.52 2.82 57.27
CA LYS E 113 -8.34 4.22 57.66
C LYS E 113 -7.86 4.40 59.12
N LYS E 114 -8.10 3.44 60.02
CA LYS E 114 -7.67 3.51 61.43
C LYS E 114 -6.36 2.76 61.74
N TYR E 115 -5.60 2.33 60.74
CA TYR E 115 -4.35 1.59 60.95
C TYR E 115 -3.26 2.46 61.59
N PRO E 238 7.82 4.28 54.53
CA PRO E 238 8.74 5.04 53.69
C PRO E 238 8.05 5.60 52.44
N LEU E 239 7.47 4.71 51.63
CA LEU E 239 6.72 5.02 50.40
C LEU E 239 5.20 4.93 50.59
N ALA E 240 4.69 4.75 51.81
CA ALA E 240 3.25 4.56 52.07
C ALA E 240 2.34 5.68 51.55
N SER E 241 1.26 5.30 50.86
CA SER E 241 0.27 6.23 50.31
C SER E 241 -0.69 6.65 51.43
N LYS E 242 -0.67 7.95 51.76
CA LYS E 242 -1.46 8.55 52.85
C LYS E 242 -2.18 9.83 52.42
N ASP E 243 -3.14 10.31 53.21
CA ASP E 243 -3.91 11.54 52.96
C ASP E 243 -3.39 12.71 53.83
N ALA E 244 -4.09 13.86 53.83
CA ALA E 244 -3.70 15.03 54.62
C ALA E 244 -3.70 14.76 56.14
N LYS E 245 -4.63 13.91 56.61
CA LYS E 245 -4.75 13.48 58.02
C LYS E 245 -3.79 12.34 58.38
N LYS E 246 -2.84 12.00 57.49
CA LYS E 246 -1.82 10.96 57.62
C LYS E 246 -2.38 9.54 57.76
N GLN E 247 -3.61 9.29 57.35
CA GLN E 247 -4.24 7.98 57.36
C GLN E 247 -3.97 7.27 56.02
N LEU E 248 -3.91 5.94 56.02
CA LEU E 248 -3.67 5.17 54.81
C LEU E 248 -4.76 5.42 53.76
N LEU E 249 -4.38 5.66 52.51
CA LEU E 249 -5.35 5.84 51.44
C LEU E 249 -6.14 4.54 51.23
N CYS E 250 -7.43 4.63 50.92
CA CYS E 250 -8.26 3.45 50.67
C CYS E 250 -9.29 3.76 49.57
N GLY E 251 -9.56 2.75 48.74
CA GLY E 251 -10.55 2.82 47.67
C GLY E 251 -11.58 1.71 47.81
N ALA E 252 -12.73 1.86 47.15
CA ALA E 252 -13.80 0.87 47.18
C ALA E 252 -14.61 0.88 45.89
N ALA E 253 -15.25 -0.24 45.57
CA ALA E 253 -16.09 -0.39 44.40
C ALA E 253 -17.57 -0.36 44.76
N ILE E 254 -18.41 0.10 43.82
CA ILE E 254 -19.89 0.11 43.93
C ILE E 254 -20.48 -0.27 42.56
N GLY E 255 -21.77 -0.58 42.54
CA GLY E 255 -22.53 -0.89 41.33
C GLY E 255 -23.25 0.35 40.79
N THR E 256 -24.17 0.16 39.85
CA THR E 256 -24.94 1.25 39.22
C THR E 256 -26.45 1.19 39.48
N HIS E 257 -26.92 0.41 40.45
CA HIS E 257 -28.33 0.31 40.81
C HIS E 257 -28.68 1.33 41.90
N GLU E 258 -29.97 1.61 42.15
CA GLU E 258 -30.37 2.60 43.14
C GLU E 258 -29.89 2.26 44.57
N ASP E 259 -29.79 1.00 44.94
CA ASP E 259 -29.32 0.58 46.25
C ASP E 259 -27.83 0.91 46.46
N ASP E 260 -27.06 1.13 45.39
CA ASP E 260 -25.67 1.51 45.54
C ASP E 260 -25.51 2.93 46.10
N LYS E 261 -26.58 3.77 46.11
CA LYS E 261 -26.52 5.12 46.70
C LYS E 261 -26.43 5.04 48.23
N TYR E 262 -27.17 4.11 48.87
CA TYR E 262 -27.03 3.92 50.32
C TYR E 262 -25.63 3.38 50.63
N ARG E 263 -25.13 2.44 49.82
CA ARG E 263 -23.77 1.91 49.95
C ARG E 263 -22.74 3.03 49.78
N LEU E 264 -22.94 3.94 48.83
CA LEU E 264 -22.05 5.09 48.59
C LEU E 264 -21.97 5.97 49.84
N ASP E 265 -23.10 6.24 50.48
CA ASP E 265 -23.19 7.04 51.71
C ASP E 265 -22.42 6.39 52.85
N LEU E 266 -22.57 5.07 53.06
CA LEU E 266 -21.84 4.37 54.10
C LEU E 266 -20.32 4.41 53.83
N LEU E 267 -19.89 4.18 52.59
CA LEU E 267 -18.47 4.24 52.21
C LEU E 267 -17.92 5.65 52.41
N ALA E 268 -18.69 6.70 52.06
CA ALA E 268 -18.29 8.10 52.24
C ALA E 268 -18.13 8.44 53.73
N GLN E 269 -19.07 8.02 54.59
CA GLN E 269 -18.97 8.26 56.04
C GLN E 269 -17.80 7.48 56.67
N ALA E 270 -17.46 6.30 56.13
CA ALA E 270 -16.33 5.50 56.61
C ALA E 270 -14.97 6.15 56.27
N GLY E 271 -14.93 7.15 55.38
CA GLY E 271 -13.72 7.86 55.01
C GLY E 271 -13.05 7.41 53.71
N VAL E 272 -13.76 6.78 52.76
CA VAL E 272 -13.15 6.35 51.47
C VAL E 272 -12.63 7.59 50.71
N ASP E 273 -11.50 7.46 50.02
CA ASP E 273 -10.86 8.55 49.27
C ASP E 273 -11.20 8.53 47.77
N VAL E 274 -11.37 7.33 47.19
CA VAL E 274 -11.65 7.13 45.78
C VAL E 274 -12.58 5.94 45.56
N VAL E 275 -13.50 6.05 44.60
CA VAL E 275 -14.51 5.02 44.33
C VAL E 275 -14.55 4.64 42.86
N VAL E 276 -14.66 3.35 42.59
CA VAL E 276 -14.71 2.84 41.22
C VAL E 276 -16.07 2.24 40.92
N LEU E 277 -16.66 2.63 39.80
CA LEU E 277 -17.96 2.08 39.36
C LEU E 277 -17.64 0.78 38.64
N ASP E 278 -17.90 -0.36 39.28
CA ASP E 278 -17.51 -1.67 38.75
C ASP E 278 -18.52 -2.30 37.78
N SER E 279 -18.14 -2.43 36.51
CA SER E 279 -18.95 -3.01 35.44
C SER E 279 -18.09 -3.51 34.29
N SER E 280 -18.56 -4.49 33.52
CA SER E 280 -17.86 -5.03 32.34
C SER E 280 -17.85 -4.03 31.18
N GLN E 281 -18.96 -3.32 30.97
CA GLN E 281 -19.16 -2.30 29.95
C GLN E 281 -19.69 -1.06 30.66
N GLY E 282 -18.86 -0.04 30.80
CA GLY E 282 -19.22 1.17 31.53
C GLY E 282 -19.80 2.31 30.70
N ASN E 283 -19.94 2.18 29.38
CA ASN E 283 -20.52 3.24 28.57
C ASN E 283 -22.06 3.08 28.55
N SER E 284 -22.72 3.40 29.66
CA SER E 284 -24.17 3.21 29.82
C SER E 284 -24.87 4.37 30.53
N ILE E 285 -26.20 4.47 30.34
CA ILE E 285 -27.06 5.48 30.95
C ILE E 285 -27.01 5.36 32.47
N PHE E 286 -26.96 4.14 33.01
CA PHE E 286 -26.91 3.89 34.44
C PHE E 286 -25.62 4.39 35.10
N GLN E 287 -24.45 4.17 34.47
CA GLN E 287 -23.19 4.64 35.01
C GLN E 287 -23.08 6.17 34.90
N ILE E 288 -23.50 6.78 33.80
CA ILE E 288 -23.47 8.23 33.59
C ILE E 288 -24.38 8.94 34.62
N ASN E 289 -25.56 8.39 34.90
CA ASN E 289 -26.44 8.95 35.93
C ASN E 289 -25.79 8.84 37.31
N MET E 290 -25.16 7.71 37.63
CA MET E 290 -24.47 7.52 38.90
C MET E 290 -23.31 8.53 39.06
N ILE E 291 -22.51 8.77 38.02
CA ILE E 291 -21.36 9.70 38.07
C ILE E 291 -21.85 11.12 38.40
N LYS E 292 -22.93 11.57 37.73
CA LYS E 292 -23.47 12.91 37.96
C LYS E 292 -24.09 13.03 39.35
N TYR E 293 -24.74 11.99 39.87
CA TYR E 293 -25.28 11.99 41.23
C TYR E 293 -24.15 12.14 42.27
N ILE E 294 -23.05 11.40 42.10
CA ILE E 294 -21.91 11.48 43.00
C ILE E 294 -21.27 12.86 42.93
N LYS E 295 -21.08 13.44 41.74
CA LYS E 295 -20.47 14.78 41.61
C LYS E 295 -21.31 15.88 42.24
N ASP E 296 -22.64 15.81 42.12
CA ASP E 296 -23.53 16.79 42.76
C ASP E 296 -23.54 16.65 44.29
N LYS E 297 -23.54 15.41 44.82
CA LYS E 297 -23.62 15.12 46.26
C LYS E 297 -22.28 15.15 47.02
N TYR E 298 -21.22 14.64 46.43
CA TYR E 298 -19.87 14.57 47.02
C TYR E 298 -18.83 15.18 46.08
N PRO E 299 -18.69 16.51 46.01
CA PRO E 299 -17.69 17.14 45.12
C PRO E 299 -16.24 16.81 45.51
N ASN E 300 -15.99 16.42 46.76
CA ASN E 300 -14.67 16.03 47.27
C ASN E 300 -14.22 14.61 46.86
N LEU E 301 -15.16 13.70 46.58
CA LEU E 301 -14.86 12.30 46.26
C LEU E 301 -14.35 12.10 44.83
N GLN E 302 -13.32 11.27 44.66
CA GLN E 302 -12.79 10.92 43.34
C GLN E 302 -13.56 9.71 42.79
N VAL E 303 -14.02 9.78 41.53
CA VAL E 303 -14.83 8.75 40.86
C VAL E 303 -14.11 8.20 39.63
N ILE E 304 -13.95 6.88 39.58
CA ILE E 304 -13.26 6.17 38.49
C ILE E 304 -14.32 5.43 37.69
N GLY E 305 -14.36 5.63 36.38
CA GLY E 305 -15.32 4.97 35.50
C GLY E 305 -14.72 3.81 34.75
N GLY E 306 -15.57 2.93 34.23
CA GLY E 306 -15.12 1.76 33.50
C GLY E 306 -16.06 0.56 33.65
N ASN E 307 -15.74 -0.55 32.99
CA ASN E 307 -14.59 -0.71 32.12
C ASN E 307 -14.89 -0.27 30.66
N VAL E 308 -13.89 0.31 30.01
CA VAL E 308 -13.94 0.77 28.61
C VAL E 308 -12.72 0.26 27.82
N VAL E 309 -12.83 0.11 26.51
CA VAL E 309 -11.75 -0.35 25.62
C VAL E 309 -11.64 0.49 24.33
N THR E 310 -12.47 1.52 24.16
CA THR E 310 -12.47 2.41 22.97
C THR E 310 -12.54 3.89 23.35
N ALA E 311 -12.04 4.77 22.49
CA ALA E 311 -12.07 6.21 22.71
C ALA E 311 -13.51 6.76 22.72
N ALA E 312 -14.43 6.16 21.95
CA ALA E 312 -15.84 6.54 21.92
C ALA E 312 -16.48 6.36 23.29
N GLN E 313 -16.27 5.20 23.93
CA GLN E 313 -16.74 4.95 25.30
C GLN E 313 -16.07 5.92 26.29
N ALA E 314 -14.76 6.17 26.14
CA ALA E 314 -14.06 7.06 27.05
C ALA E 314 -14.60 8.49 27.00
N LYS E 315 -15.01 8.99 25.82
CA LYS E 315 -15.54 10.35 25.67
C LYS E 315 -16.80 10.59 26.51
N ASN E 316 -17.76 9.67 26.50
CA ASN E 316 -18.99 9.86 27.28
C ASN E 316 -18.72 9.94 28.78
N LEU E 317 -17.82 9.10 29.30
CA LEU E 317 -17.46 9.11 30.73
C LEU E 317 -16.63 10.35 31.10
N ILE E 318 -15.71 10.81 30.25
CA ILE E 318 -14.93 12.04 30.52
C ILE E 318 -15.89 13.25 30.53
N ASP E 319 -16.87 13.29 29.62
CA ASP E 319 -17.88 14.36 29.59
C ASP E 319 -18.87 14.26 30.77
N ALA E 320 -19.08 13.07 31.34
CA ALA E 320 -19.88 12.88 32.54
C ALA E 320 -19.18 13.49 33.77
N GLY E 321 -17.85 13.59 33.76
CA GLY E 321 -17.04 14.17 34.83
C GLY E 321 -16.18 13.19 35.62
N VAL E 322 -15.75 12.05 35.08
CA VAL E 322 -14.90 11.10 35.83
C VAL E 322 -13.51 11.67 36.08
N ASP E 323 -12.80 11.11 37.06
CA ASP E 323 -11.44 11.54 37.45
C ASP E 323 -10.33 10.58 36.97
N ALA E 324 -10.67 9.37 36.53
CA ALA E 324 -9.80 8.36 35.93
C ALA E 324 -10.66 7.34 35.14
N LEU E 325 -10.02 6.45 34.39
CA LEU E 325 -10.70 5.41 33.59
C LEU E 325 -10.07 4.04 33.83
N ARG E 326 -10.90 3.00 33.79
CA ARG E 326 -10.48 1.60 33.97
C ARG E 326 -10.57 0.93 32.60
N VAL E 327 -9.47 0.36 32.13
CA VAL E 327 -9.39 -0.20 30.78
C VAL E 327 -9.14 -1.69 30.75
N GLY E 328 -9.99 -2.41 30.01
CA GLY E 328 -9.91 -3.85 29.81
C GLY E 328 -11.26 -4.51 29.71
N MET E 329 -11.42 -5.47 28.80
CA MET E 329 -12.67 -6.20 28.59
C MET E 329 -12.37 -7.58 28.00
N GLY E 330 -12.51 -8.61 28.83
CA GLY E 330 -12.27 -9.99 28.42
C GLY E 330 -10.81 -10.44 28.50
N SER E 331 -9.89 -9.59 28.96
CA SER E 331 -8.46 -9.87 29.11
C SER E 331 -8.09 -10.52 30.45
N GLY E 332 -9.01 -10.63 31.41
CA GLY E 332 -8.72 -11.21 32.72
C GLY E 332 -8.44 -12.70 32.65
N SER E 333 -7.58 -13.21 33.54
CA SER E 333 -7.23 -14.64 33.53
C SER E 333 -8.41 -15.58 33.76
N ILE E 334 -9.40 -15.13 34.55
CA ILE E 334 -10.64 -15.83 34.89
C ILE E 334 -11.84 -15.30 34.08
N CYS E 335 -11.61 -14.62 32.94
CA CYS E 335 -12.68 -14.01 32.16
C CYS E 335 -12.96 -14.81 30.90
N ILE E 336 -14.22 -15.12 30.64
CA ILE E 336 -14.68 -15.83 29.43
C ILE E 336 -15.65 -14.95 28.62
N THR E 337 -15.71 -13.65 28.89
CA THR E 337 -16.60 -12.70 28.20
C THR E 337 -16.39 -12.70 26.68
N GLN E 338 -15.16 -12.79 26.16
CA GLN E 338 -14.91 -12.78 24.72
C GLN E 338 -15.50 -14.01 24.01
N GLU E 339 -15.49 -15.19 24.65
CA GLU E 339 -16.07 -16.41 24.08
C GLU E 339 -17.59 -16.49 24.30
N VAL E 340 -18.10 -15.95 25.41
CA VAL E 340 -19.52 -15.99 25.73
C VAL E 340 -20.30 -14.87 25.04
N LEU E 341 -19.86 -13.62 25.11
CA LEU E 341 -20.59 -12.48 24.55
C LEU E 341 -20.03 -11.93 23.23
N ALA E 342 -18.90 -12.44 22.74
CA ALA E 342 -18.24 -11.99 21.49
C ALA E 342 -17.78 -10.52 21.46
N CYS E 343 -17.70 -9.88 22.63
CA CYS E 343 -17.35 -8.49 22.78
C CYS E 343 -16.11 -8.31 23.66
N GLY E 344 -15.29 -7.32 23.32
CA GLY E 344 -14.06 -6.99 24.02
C GLY E 344 -12.99 -6.44 23.07
N ARG E 345 -11.72 -6.47 23.50
CA ARG E 345 -10.59 -6.02 22.70
C ARG E 345 -9.26 -6.54 23.25
N PRO E 346 -8.24 -6.80 22.42
CA PRO E 346 -6.91 -7.18 22.92
C PRO E 346 -6.37 -6.07 23.85
N GLN E 347 -5.76 -6.43 24.97
CA GLN E 347 -5.41 -5.45 26.01
C GLN E 347 -4.38 -4.38 25.64
N ALA E 348 -3.30 -4.68 24.90
CA ALA E 348 -2.30 -3.66 24.58
C ALA E 348 -2.87 -2.52 23.72
N THR E 349 -3.54 -2.84 22.61
CA THR E 349 -4.18 -1.85 21.74
C THR E 349 -5.27 -1.07 22.47
N ALA E 350 -6.09 -1.72 23.30
CA ALA E 350 -7.12 -1.02 24.07
C ALA E 350 -6.49 0.02 25.02
N VAL E 351 -5.44 -0.36 25.75
CA VAL E 351 -4.75 0.56 26.66
C VAL E 351 -4.16 1.73 25.90
N TYR E 352 -3.46 1.49 24.79
CA TYR E 352 -2.89 2.57 24.00
C TYR E 352 -3.96 3.53 23.46
N LYS E 353 -5.01 3.01 22.81
CA LYS E 353 -6.08 3.82 22.20
C LYS E 353 -6.86 4.62 23.22
N VAL E 354 -7.19 4.04 24.38
CA VAL E 354 -7.91 4.77 25.42
C VAL E 354 -6.98 5.79 26.09
N SER E 355 -5.72 5.46 26.36
CA SER E 355 -4.80 6.39 26.99
C SER E 355 -4.46 7.57 26.09
N GLU E 356 -4.36 7.37 24.79
CA GLU E 356 -4.07 8.44 23.84
C GLU E 356 -5.19 9.49 23.88
N TYR E 357 -6.46 9.06 23.91
CA TYR E 357 -7.59 9.95 23.99
C TYR E 357 -7.72 10.61 25.38
N ALA E 358 -7.58 9.84 26.47
CA ALA E 358 -7.71 10.39 27.82
C ALA E 358 -6.62 11.39 28.20
N ARG E 359 -5.44 11.32 27.57
CA ARG E 359 -4.32 12.26 27.78
C ARG E 359 -4.73 13.70 27.37
N ARG E 360 -5.56 13.86 26.35
CA ARG E 360 -6.04 15.16 25.84
C ARG E 360 -6.82 15.97 26.88
N PHE E 361 -7.33 15.31 27.93
CA PHE E 361 -8.11 15.95 29.01
C PHE E 361 -7.47 15.80 30.39
N GLY E 362 -6.21 15.37 30.49
CA GLY E 362 -5.53 15.18 31.77
C GLY E 362 -6.11 14.06 32.64
N VAL E 363 -6.76 13.06 32.04
CA VAL E 363 -7.39 11.96 32.77
C VAL E 363 -6.51 10.71 32.73
N PRO E 364 -6.02 10.19 33.86
CA PRO E 364 -5.18 9.00 33.85
C PRO E 364 -5.98 7.71 33.60
N VAL E 365 -5.29 6.70 33.07
CA VAL E 365 -5.83 5.38 32.75
C VAL E 365 -5.24 4.32 33.66
N ILE E 366 -6.10 3.46 34.19
CA ILE E 366 -5.71 2.30 34.99
C ILE E 366 -5.77 1.09 34.03
N ALA E 367 -4.68 0.36 33.86
CA ALA E 367 -4.65 -0.82 33.00
C ALA E 367 -5.09 -2.04 33.82
N ASP E 368 -6.18 -2.68 33.43
CA ASP E 368 -6.77 -3.81 34.16
C ASP E 368 -6.91 -5.09 33.33
N GLY E 369 -6.33 -6.20 33.80
CA GLY E 369 -6.45 -7.51 33.19
C GLY E 369 -5.31 -7.93 32.27
N GLY E 370 -4.91 -9.19 32.35
CA GLY E 370 -3.85 -9.77 31.50
C GLY E 370 -2.41 -9.66 32.01
N ILE E 371 -2.18 -9.18 33.23
CA ILE E 371 -0.82 -9.04 33.79
C ILE E 371 -0.37 -10.39 34.37
N GLN E 372 0.70 -10.98 33.84
CA GLN E 372 1.23 -12.30 34.27
C GLN E 372 2.66 -12.25 34.81
N ASN E 373 3.39 -11.17 34.53
CA ASN E 373 4.78 -10.95 34.91
C ASN E 373 5.10 -9.45 34.88
N VAL E 374 6.24 -9.05 35.44
CA VAL E 374 6.67 -7.65 35.50
C VAL E 374 6.92 -7.06 34.10
N GLY E 375 7.28 -7.86 33.11
CA GLY E 375 7.39 -7.38 31.72
C GLY E 375 6.04 -6.88 31.20
N HIS E 376 4.93 -7.54 31.56
CA HIS E 376 3.61 -7.04 31.18
C HIS E 376 3.33 -5.68 31.82
N ILE E 377 3.73 -5.48 33.08
CA ILE E 377 3.52 -4.21 33.80
C ILE E 377 4.26 -3.08 33.09
N ALA E 378 5.53 -3.31 32.71
CA ALA E 378 6.36 -2.32 32.02
C ALA E 378 5.78 -1.92 30.66
N LYS E 379 5.24 -2.89 29.90
CA LYS E 379 4.59 -2.64 28.62
C LYS E 379 3.32 -1.82 28.79
N ALA E 380 2.44 -2.16 29.74
CA ALA E 380 1.22 -1.39 29.97
C ALA E 380 1.54 0.07 30.33
N LEU E 381 2.54 0.31 31.20
CA LEU E 381 2.96 1.66 31.56
C LEU E 381 3.56 2.41 30.36
N ALA E 382 4.38 1.75 29.54
CA ALA E 382 4.99 2.38 28.38
C ALA E 382 3.97 2.72 27.28
N LEU E 383 2.84 2.01 27.19
CA LEU E 383 1.79 2.28 26.20
C LEU E 383 0.84 3.44 26.60
N GLY E 384 1.03 4.06 27.76
CA GLY E 384 0.23 5.21 28.18
C GLY E 384 -0.53 5.08 29.49
N ALA E 385 -0.63 3.90 30.09
CA ALA E 385 -1.33 3.74 31.37
C ALA E 385 -0.52 4.42 32.49
N SER E 386 -1.21 4.96 33.50
CA SER E 386 -0.56 5.61 34.64
C SER E 386 -0.43 4.66 35.84
N THR E 387 -1.32 3.69 35.96
CA THR E 387 -1.31 2.66 37.01
C THR E 387 -1.77 1.34 36.42
N VAL E 388 -1.45 0.24 37.09
CA VAL E 388 -1.76 -1.13 36.68
C VAL E 388 -2.50 -1.85 37.80
N MET E 389 -3.64 -2.46 37.47
CA MET E 389 -4.49 -3.21 38.37
C MET E 389 -4.33 -4.70 38.07
N MET E 390 -4.15 -5.50 39.11
CA MET E 390 -3.90 -6.93 38.96
C MET E 390 -4.76 -7.78 39.91
N GLY E 391 -5.18 -8.93 39.40
CA GLY E 391 -5.97 -9.94 40.07
C GLY E 391 -5.10 -11.14 40.42
N SER E 392 -5.09 -12.14 39.55
CA SER E 392 -4.31 -13.38 39.73
C SER E 392 -2.85 -13.20 40.11
N LEU E 393 -2.18 -12.10 39.75
CA LEU E 393 -0.79 -11.89 40.15
C LEU E 393 -0.66 -11.77 41.67
N LEU E 394 -1.63 -11.14 42.34
CA LEU E 394 -1.70 -10.98 43.79
C LEU E 394 -2.53 -12.07 44.47
N ALA E 395 -3.16 -12.96 43.71
CA ALA E 395 -3.92 -14.06 44.27
C ALA E 395 -2.94 -15.07 44.90
N ALA E 396 -3.43 -15.85 45.86
CA ALA E 396 -2.65 -16.83 46.62
C ALA E 396 -1.45 -16.25 47.39
N THR E 397 -1.55 -14.98 47.78
CA THR E 397 -0.60 -14.29 48.65
C THR E 397 -1.13 -14.43 50.09
N THR E 398 -0.30 -14.13 51.08
CA THR E 398 -0.72 -14.26 52.49
C THR E 398 -1.87 -13.33 52.87
N GLU E 399 -1.87 -12.08 52.41
CA GLU E 399 -2.89 -11.08 52.72
C GLU E 399 -4.19 -11.19 51.91
N ALA E 400 -4.23 -12.01 50.85
CA ALA E 400 -5.43 -12.21 50.05
C ALA E 400 -6.52 -12.96 50.86
N PRO E 401 -7.81 -12.68 50.66
CA PRO E 401 -8.90 -13.35 51.37
C PRO E 401 -9.00 -14.85 51.08
N GLY E 402 -9.48 -15.60 52.07
CA GLY E 402 -9.62 -17.07 51.98
C GLY E 402 -8.38 -17.79 52.53
N GLU E 403 -8.55 -19.03 53.00
CA GLU E 403 -7.46 -19.84 53.56
C GLU E 403 -6.83 -20.76 52.52
N TYR E 404 -5.60 -21.22 52.77
CA TYR E 404 -4.89 -22.13 51.87
C TYR E 404 -5.39 -23.58 52.01
N PHE E 405 -5.13 -24.40 50.99
CA PHE E 405 -5.45 -25.82 50.96
C PHE E 405 -4.43 -26.54 50.05
N PHE E 406 -4.29 -27.84 50.22
CA PHE E 406 -3.33 -28.68 49.48
C PHE E 406 -4.01 -29.59 48.45
N SER E 407 -3.33 -29.81 47.33
CA SER E 407 -3.72 -30.69 46.21
C SER E 407 -2.48 -30.96 45.35
N ASP E 408 -2.31 -32.17 44.84
CA ASP E 408 -1.15 -32.59 44.03
C ASP E 408 0.20 -32.44 44.77
N GLY E 409 0.17 -32.35 46.10
CA GLY E 409 1.36 -32.18 46.95
C GLY E 409 1.89 -30.73 47.05
N ILE E 410 1.14 -29.73 46.57
CA ILE E 410 1.54 -28.31 46.61
C ILE E 410 0.40 -27.44 47.19
N ARG E 411 0.75 -26.28 47.77
CA ARG E 411 -0.22 -25.38 48.40
C ARG E 411 -0.77 -24.38 47.39
N LEU E 412 -2.05 -24.06 47.50
CA LEU E 412 -2.74 -23.13 46.60
C LEU E 412 -3.96 -22.50 47.30
N LYS E 413 -4.52 -21.45 46.70
CA LYS E 413 -5.67 -20.70 47.19
C LYS E 413 -6.68 -20.47 46.06
N LYS E 414 -7.96 -20.35 46.40
CA LYS E 414 -9.04 -20.14 45.43
C LYS E 414 -8.99 -18.73 44.82
N TYR E 415 -9.31 -18.64 43.54
CA TYR E 415 -9.40 -17.39 42.77
C TYR E 415 -10.53 -17.58 41.76
N ARG E 416 -11.52 -16.68 41.77
CA ARG E 416 -12.69 -16.79 40.89
C ARG E 416 -13.10 -15.46 40.28
N GLY E 417 -13.73 -15.48 39.12
CA GLY E 417 -14.23 -14.27 38.50
C GLY E 417 -15.53 -13.81 39.15
N MET E 418 -15.77 -12.50 39.22
CA MET E 418 -16.98 -11.94 39.84
C MET E 418 -18.26 -12.29 39.07
N GLY E 419 -18.14 -12.60 37.78
CA GLY E 419 -19.19 -13.04 36.87
C GLY E 419 -19.33 -14.56 36.77
N SER E 420 -18.59 -15.34 37.59
CA SER E 420 -18.75 -16.80 37.62
C SER E 420 -20.05 -17.10 38.37
N LEU E 421 -20.67 -18.27 38.20
CA LEU E 421 -21.94 -18.58 38.88
C LEU E 421 -21.80 -18.58 40.41
N ASP E 422 -20.65 -18.99 40.94
CA ASP E 422 -20.38 -19.05 42.38
C ASP E 422 -20.37 -17.65 43.02
N ALA E 423 -19.76 -16.66 42.37
CA ALA E 423 -19.68 -15.28 42.88
C ALA E 423 -21.01 -14.50 42.81
N MET E 424 -22.02 -15.04 42.11
CA MET E 424 -23.34 -14.40 41.95
C MET E 424 -24.48 -15.42 42.11
N ILE E 441 -31.59 -17.72 33.12
CA ILE E 441 -31.69 -16.41 33.77
C ILE E 441 -30.30 -15.78 33.98
N LYS E 442 -29.35 -16.56 34.49
CA LYS E 442 -27.97 -16.12 34.76
C LYS E 442 -27.01 -16.62 33.70
N VAL E 443 -26.20 -15.74 33.12
CA VAL E 443 -25.19 -16.08 32.11
C VAL E 443 -23.82 -15.86 32.73
N ALA E 444 -23.02 -16.92 32.86
CA ALA E 444 -21.71 -16.81 33.49
C ALA E 444 -20.68 -16.20 32.53
N GLN E 445 -19.93 -15.20 33.02
CA GLN E 445 -18.86 -14.54 32.27
C GLN E 445 -17.47 -14.75 32.90
N GLY E 446 -17.39 -15.52 33.99
CA GLY E 446 -16.15 -15.85 34.68
C GLY E 446 -16.09 -17.31 35.11
N VAL E 447 -14.93 -17.76 35.61
CA VAL E 447 -14.71 -19.12 36.10
C VAL E 447 -14.13 -19.12 37.51
N SER E 448 -14.35 -20.22 38.24
CA SER E 448 -13.81 -20.41 39.59
C SER E 448 -12.65 -21.40 39.51
N GLY E 449 -11.52 -21.08 40.13
CA GLY E 449 -10.36 -21.95 40.14
C GLY E 449 -9.45 -21.69 41.34
N ALA E 450 -8.16 -21.96 41.14
CA ALA E 450 -7.12 -21.78 42.15
C ALA E 450 -5.75 -21.55 41.51
N VAL E 451 -4.90 -20.80 42.21
CA VAL E 451 -3.51 -20.53 41.80
C VAL E 451 -2.61 -20.93 42.98
N GLN E 452 -1.35 -21.27 42.72
CA GLN E 452 -0.47 -21.73 43.80
C GLN E 452 0.12 -20.60 44.64
N ASP E 453 0.61 -20.93 45.82
CA ASP E 453 1.13 -19.97 46.81
C ASP E 453 2.21 -19.04 46.24
N LYS E 454 2.21 -17.79 46.68
CA LYS E 454 3.09 -16.71 46.24
C LYS E 454 3.85 -16.01 47.38
N GLY E 455 3.61 -16.36 48.64
CA GLY E 455 4.27 -15.69 49.77
C GLY E 455 3.55 -14.41 50.19
N SER E 456 4.21 -13.52 50.92
CA SER E 456 3.63 -12.25 51.36
C SER E 456 3.86 -11.13 50.34
N ILE E 457 2.96 -10.14 50.29
CA ILE E 457 3.16 -9.05 49.33
C ILE E 457 4.25 -8.08 49.80
N HIS E 458 4.58 -8.04 51.10
CA HIS E 458 5.70 -7.22 51.61
C HIS E 458 7.05 -7.71 51.05
N LYS E 459 7.09 -8.93 50.50
CA LYS E 459 8.26 -9.55 49.85
C LYS E 459 8.09 -9.60 48.32
N PHE E 460 6.86 -9.67 47.80
CA PHE E 460 6.60 -9.74 46.36
C PHE E 460 6.54 -8.36 45.69
N VAL E 461 5.93 -7.35 46.30
CA VAL E 461 5.88 -6.00 45.73
C VAL E 461 7.27 -5.40 45.53
N PRO E 462 8.24 -5.47 46.47
CA PRO E 462 9.58 -4.93 46.21
C PRO E 462 10.24 -5.62 45.00
N TYR E 463 9.95 -6.90 44.73
CA TYR E 463 10.44 -7.57 43.53
C TYR E 463 9.84 -6.92 42.27
N LEU E 464 8.53 -6.64 42.25
CA LEU E 464 7.87 -5.96 41.13
C LEU E 464 8.47 -4.56 40.92
N ILE E 465 8.75 -3.83 42.01
CA ILE E 465 9.37 -2.51 41.95
C ILE E 465 10.75 -2.57 41.31
N ALA E 466 11.60 -3.53 41.73
CA ALA E 466 12.94 -3.68 41.19
C ALA E 466 12.90 -4.01 39.70
N GLY E 467 11.98 -4.88 39.27
CA GLY E 467 11.80 -5.25 37.86
C GLY E 467 11.36 -4.06 37.00
N ILE E 468 10.40 -3.25 37.48
CA ILE E 468 9.95 -2.05 36.75
C ILE E 468 11.12 -1.08 36.56
N GLN E 469 11.92 -0.86 37.61
CA GLN E 469 13.09 0.02 37.55
C GLN E 469 14.15 -0.53 36.57
N HIS E 470 14.41 -1.84 36.56
CA HIS E 470 15.38 -2.43 35.63
C HIS E 470 14.88 -2.29 34.19
N SER E 471 13.59 -2.46 33.95
CA SER E 471 13.03 -2.27 32.60
C SER E 471 13.18 -0.82 32.14
N CYS E 472 12.92 0.15 33.03
CA CYS E 472 13.11 1.57 32.71
C CYS E 472 14.58 1.90 32.42
N GLN E 473 15.52 1.29 33.14
CA GLN E 473 16.94 1.54 32.90
C GLN E 473 17.34 0.99 31.53
N ASP E 474 16.85 -0.19 31.14
CA ASP E 474 17.15 -0.80 29.84
C ASP E 474 16.66 0.04 28.66
N ILE E 475 15.47 0.62 28.75
CA ILE E 475 14.91 1.46 27.69
C ILE E 475 15.47 2.89 27.69
N GLY E 476 16.12 3.32 28.78
CA GLY E 476 16.77 4.63 28.90
C GLY E 476 15.94 5.79 29.46
N ALA E 477 15.07 5.58 30.45
CA ALA E 477 14.28 6.66 31.05
C ALA E 477 14.42 6.67 32.58
N LYS E 478 14.58 7.85 33.18
CA LYS E 478 14.74 8.06 34.63
C LYS E 478 13.42 8.04 35.43
N SER E 479 12.27 7.96 34.77
CA SER E 479 10.96 7.89 35.43
C SER E 479 9.87 7.41 34.49
N LEU E 480 8.74 6.97 35.03
CA LEU E 480 7.59 6.55 34.22
C LEU E 480 7.03 7.72 33.41
N THR E 481 7.03 8.92 33.98
CA THR E 481 6.63 10.14 33.29
C THR E 481 7.50 10.32 32.04
N GLN E 482 8.83 10.17 32.17
CA GLN E 482 9.73 10.29 31.02
C GLN E 482 9.43 9.20 29.99
N VAL E 483 9.15 7.96 30.43
CA VAL E 483 8.83 6.84 29.52
C VAL E 483 7.65 7.22 28.63
N ARG E 484 6.54 7.69 29.21
CA ARG E 484 5.35 8.09 28.42
C ARG E 484 5.64 9.33 27.56
N ALA E 485 6.42 10.29 28.06
CA ALA E 485 6.77 11.47 27.28
C ALA E 485 7.56 11.08 26.04
N MET E 486 8.56 10.19 26.15
CA MET E 486 9.33 9.75 24.99
C MET E 486 8.53 8.79 24.10
N MET E 487 7.51 8.11 24.64
CA MET E 487 6.63 7.27 23.83
C MET E 487 5.76 8.14 22.92
N TYR E 488 5.16 9.22 23.43
CA TYR E 488 4.33 10.11 22.63
C TYR E 488 5.17 10.95 21.65
N SER E 489 6.44 11.25 21.97
CA SER E 489 7.31 12.04 21.09
C SER E 489 7.89 11.21 19.94
N GLY E 490 7.81 9.88 19.97
CA GLY E 490 8.36 9.00 18.93
C GLY E 490 9.80 8.54 19.17
N GLU E 491 10.43 8.99 20.25
CA GLU E 491 11.79 8.60 20.62
C GLU E 491 11.86 7.15 21.11
N LEU E 492 10.85 6.66 21.84
CA LEU E 492 10.79 5.26 22.26
C LEU E 492 10.42 4.39 21.05
N LYS E 493 11.04 3.24 20.85
CA LYS E 493 10.79 2.39 19.68
C LYS E 493 10.37 0.98 20.08
N PHE E 494 9.56 0.37 19.23
CA PHE E 494 8.95 -0.94 19.41
C PHE E 494 9.15 -1.84 18.21
N GLU E 495 8.99 -3.15 18.41
CA GLU E 495 9.08 -4.14 17.35
C GLU E 495 8.09 -5.28 17.61
N LYS E 496 7.45 -5.78 16.55
CA LYS E 496 6.53 -6.92 16.61
C LYS E 496 7.29 -8.23 16.82
N ARG E 497 6.59 -9.27 17.25
CA ARG E 497 7.12 -10.62 17.40
C ARG E 497 6.22 -11.63 16.69
N THR E 498 6.81 -12.48 15.86
CA THR E 498 6.09 -13.61 15.23
C THR E 498 5.94 -14.72 16.27
N SER E 499 5.26 -15.81 15.92
CA SER E 499 5.13 -16.96 16.85
C SER E 499 6.52 -17.57 17.09
N SER E 500 7.34 -17.69 16.05
CA SER E 500 8.72 -18.21 16.19
C SER E 500 9.56 -17.26 17.06
N ALA E 501 9.35 -15.95 16.98
CA ALA E 501 10.03 -14.97 17.81
C ALA E 501 9.67 -15.14 19.29
N GLN E 502 8.40 -15.43 19.60
CA GLN E 502 7.99 -15.68 20.97
C GLN E 502 8.61 -16.99 21.51
N VAL E 503 8.65 -18.04 20.68
CA VAL E 503 9.27 -19.33 21.04
C VAL E 503 10.76 -19.14 21.34
N GLU E 504 11.48 -18.36 20.52
CA GLU E 504 12.89 -18.04 20.73
C GLU E 504 13.13 -17.13 21.98
N GLY E 505 12.22 -16.20 22.24
CA GLY E 505 12.30 -15.28 23.38
C GLY E 505 12.14 -15.95 24.74
N GLY E 506 11.31 -16.99 24.83
CA GLY E 506 11.12 -17.77 26.05
C GLY E 506 12.26 -18.78 26.27
N VAL E 507 12.25 -19.53 27.37
CA VAL E 507 13.28 -20.57 27.60
C VAL E 507 13.02 -21.70 26.60
N HIS E 508 14.06 -22.22 25.94
CA HIS E 508 13.93 -23.26 24.93
C HIS E 508 15.18 -24.13 24.83
N SER E 509 15.07 -25.28 24.16
CA SER E 509 16.14 -26.24 23.87
C SER E 509 16.91 -26.84 25.06
N LEU E 510 16.27 -27.03 26.21
CA LEU E 510 16.88 -27.60 27.42
C LEU E 510 16.17 -28.90 27.79
N HIS E 511 16.91 -29.87 28.36
CA HIS E 511 16.33 -31.14 28.79
C HIS E 511 15.42 -30.92 30.01
N SER E 512 15.88 -30.11 30.95
CA SER E 512 15.18 -29.68 32.17
C SER E 512 15.81 -28.39 32.70
N TYR E 513 15.05 -27.63 33.49
CA TYR E 513 15.49 -26.36 34.08
C TYR E 513 14.59 -25.92 35.26
N GLU E 514 15.10 -24.98 36.05
CA GLU E 514 14.39 -24.35 37.15
C GLU E 514 14.29 -22.84 36.86
N LYS E 515 13.07 -22.28 36.87
CA LYS E 515 12.83 -20.86 36.60
C LYS E 515 12.45 -20.19 37.92
N ARG E 516 13.45 -19.54 38.54
CA ARG E 516 13.35 -18.84 39.83
C ARG E 516 13.52 -17.34 39.58
N LEU E 517 12.53 -16.56 40.01
CA LEU E 517 12.46 -15.12 39.75
C LEU E 517 13.23 -14.22 40.73
N PHE E 518 13.16 -14.53 42.02
CA PHE E 518 13.82 -13.79 43.11
C PHE E 518 13.94 -14.68 44.37
N MET F 6 28.50 -8.83 -31.93
CA MET F 6 27.17 -9.50 -32.10
C MET F 6 26.16 -9.04 -31.03
N ALA F 7 24.86 -9.23 -31.26
CA ALA F 7 23.81 -8.79 -30.32
C ALA F 7 23.78 -9.58 -29.01
N ASP F 8 24.17 -10.85 -28.99
CA ASP F 8 24.14 -11.67 -27.77
C ASP F 8 25.05 -11.10 -26.66
N TYR F 9 26.07 -10.32 -27.03
CA TYR F 9 26.95 -9.63 -26.07
C TYR F 9 26.67 -8.12 -26.02
N LEU F 10 26.35 -7.44 -27.13
CA LEU F 10 26.18 -5.99 -27.15
C LEU F 10 24.92 -5.48 -26.41
N ILE F 11 23.82 -6.25 -26.33
CA ILE F 11 22.58 -5.83 -25.65
C ILE F 11 22.86 -5.53 -24.18
N SER F 12 23.51 -6.46 -23.47
CA SER F 12 23.91 -6.36 -22.06
C SER F 12 25.07 -7.34 -21.89
N GLY F 13 26.29 -6.83 -21.71
CA GLY F 13 27.52 -7.62 -21.67
C GLY F 13 27.61 -8.70 -20.60
N GLY F 14 27.52 -9.96 -21.00
CA GLY F 14 27.64 -11.13 -20.12
C GLY F 14 26.52 -11.36 -19.09
N THR F 15 25.62 -10.39 -18.90
CA THR F 15 24.51 -10.48 -17.96
C THR F 15 23.32 -11.19 -18.61
N SER F 16 23.06 -12.44 -18.23
CA SER F 16 21.92 -13.20 -18.76
C SER F 16 20.61 -12.65 -18.17
N TYR F 17 19.45 -13.08 -18.71
CA TYR F 17 18.16 -12.58 -18.24
C TYR F 17 17.92 -12.83 -16.74
N VAL F 18 18.18 -14.03 -16.22
CA VAL F 18 18.02 -14.38 -14.79
C VAL F 18 16.62 -14.00 -14.24
N PRO F 19 15.56 -14.82 -14.47
CA PRO F 19 14.20 -14.55 -14.00
C PRO F 19 14.13 -14.06 -12.54
N ASP F 20 13.33 -13.04 -12.25
CA ASP F 20 13.23 -12.48 -10.90
C ASP F 20 12.19 -13.26 -10.09
N ASP F 21 12.62 -13.82 -8.96
CA ASP F 21 11.80 -14.64 -8.07
C ASP F 21 12.42 -14.65 -6.67
N GLY F 22 11.65 -14.35 -5.63
CA GLY F 22 12.12 -14.26 -4.25
C GLY F 22 12.34 -12.82 -3.80
N LEU F 23 12.70 -12.63 -2.53
CA LEU F 23 12.93 -11.32 -1.95
C LEU F 23 14.39 -11.11 -1.59
N THR F 24 14.93 -9.89 -1.74
CA THR F 24 16.29 -9.56 -1.28
C THR F 24 16.26 -9.39 0.25
N ALA F 25 17.40 -9.45 0.93
CA ALA F 25 17.40 -9.28 2.40
C ALA F 25 16.83 -7.91 2.80
N GLN F 26 17.14 -6.88 2.02
CA GLN F 26 16.66 -5.53 2.29
C GLN F 26 15.14 -5.49 2.32
N GLN F 27 14.45 -6.04 1.31
CA GLN F 27 12.99 -6.00 1.29
C GLN F 27 12.37 -7.02 2.26
N LEU F 28 13.06 -8.09 2.65
CA LEU F 28 12.58 -9.03 3.66
C LEU F 28 12.57 -8.36 5.05
N PHE F 29 13.62 -7.61 5.42
CA PHE F 29 13.75 -6.98 6.74
C PHE F 29 13.25 -5.53 6.81
N ASN F 30 12.55 -5.05 5.77
CA ASN F 30 11.92 -3.73 5.72
C ASN F 30 10.38 -3.82 5.89
N CYS F 31 9.83 -5.02 6.11
CA CYS F 31 8.39 -5.24 6.34
C CYS F 31 7.95 -4.81 7.76
N GLY F 32 8.91 -4.54 8.66
CA GLY F 32 8.64 -4.12 10.05
C GLY F 32 8.33 -5.26 11.01
N ASP F 33 8.08 -6.46 10.49
CA ASP F 33 7.82 -7.65 11.30
C ASP F 33 9.12 -8.09 12.01
N GLY F 34 9.00 -8.69 13.18
CA GLY F 34 10.14 -9.18 13.93
C GLY F 34 10.41 -10.63 13.57
N LEU F 35 11.46 -10.88 12.79
CA LEU F 35 11.79 -12.20 12.28
C LEU F 35 12.91 -12.90 13.04
N THR F 36 12.69 -14.18 13.32
CA THR F 36 13.62 -15.16 13.90
C THR F 36 14.16 -16.05 12.79
N TYR F 37 15.24 -16.80 13.01
CA TYR F 37 15.82 -17.69 11.99
C TYR F 37 14.82 -18.65 11.34
N ASN F 38 13.87 -19.19 12.11
CA ASN F 38 12.87 -20.14 11.62
C ASN F 38 11.78 -19.51 10.73
N ASP F 39 11.68 -18.19 10.64
CA ASP F 39 10.65 -17.50 9.87
C ASP F 39 10.93 -17.35 8.37
N PHE F 40 12.14 -17.72 7.91
CA PHE F 40 12.53 -17.56 6.51
C PHE F 40 13.56 -18.60 6.07
N LEU F 41 13.77 -18.69 4.75
CA LEU F 41 14.73 -19.57 4.09
C LEU F 41 15.51 -18.80 3.03
N ILE F 42 16.61 -19.39 2.57
CA ILE F 42 17.48 -18.87 1.52
C ILE F 42 17.20 -19.70 0.25
N LEU F 43 16.87 -19.07 -0.86
CA LEU F 43 16.58 -19.77 -2.11
C LEU F 43 17.87 -20.33 -2.73
N PRO F 44 17.84 -21.49 -3.39
CA PRO F 44 19.03 -22.07 -4.01
C PRO F 44 19.50 -21.26 -5.24
N GLY F 45 20.77 -21.37 -5.60
CA GLY F 45 21.37 -20.65 -6.72
C GLY F 45 21.93 -21.56 -7.81
N TYR F 46 23.18 -21.33 -8.22
CA TYR F 46 23.89 -22.09 -9.25
C TYR F 46 25.15 -22.73 -8.67
N ILE F 47 25.41 -23.99 -9.03
CA ILE F 47 26.55 -24.76 -8.51
C ILE F 47 27.58 -25.07 -9.60
N ASP F 48 28.82 -24.62 -9.41
CA ASP F 48 29.94 -24.91 -10.31
C ASP F 48 31.23 -25.23 -9.55
N PHE F 49 31.09 -25.84 -8.37
CA PHE F 49 32.19 -26.25 -7.51
C PHE F 49 31.72 -27.30 -6.49
N THR F 50 32.64 -28.05 -5.89
CA THR F 50 32.34 -29.05 -4.86
C THR F 50 32.35 -28.41 -3.47
N ALA F 51 31.66 -28.99 -2.49
CA ALA F 51 31.59 -28.37 -1.16
C ALA F 51 32.94 -28.24 -0.45
N ASP F 52 33.94 -29.04 -0.82
CA ASP F 52 35.30 -28.99 -0.24
C ASP F 52 36.11 -27.77 -0.70
N GLN F 53 35.64 -27.01 -1.67
CA GLN F 53 36.31 -25.81 -2.18
C GLN F 53 35.77 -24.52 -1.55
N VAL F 54 34.88 -24.61 -0.56
CA VAL F 54 34.31 -23.43 0.12
C VAL F 54 35.23 -22.96 1.23
N ASP F 55 35.64 -21.70 1.19
CA ASP F 55 36.52 -21.06 2.19
C ASP F 55 35.68 -20.40 3.30
N LEU F 56 36.00 -20.73 4.55
CA LEU F 56 35.30 -20.23 5.73
C LEU F 56 36.13 -19.26 6.56
N THR F 57 37.12 -18.62 5.94
CA THR F 57 37.96 -17.61 6.61
C THR F 57 37.08 -16.43 7.03
N SER F 58 37.22 -15.94 8.26
CA SER F 58 36.39 -14.84 8.74
C SER F 58 37.13 -13.93 9.73
N ALA F 59 36.69 -12.68 9.81
CA ALA F 59 37.27 -11.68 10.69
C ALA F 59 36.55 -11.61 12.02
N LEU F 60 37.26 -11.87 13.12
CA LEU F 60 36.74 -11.76 14.47
C LEU F 60 36.64 -10.27 14.86
N THR F 61 37.63 -9.48 14.49
CA THR F 61 37.71 -8.02 14.75
C THR F 61 38.29 -7.31 13.53
N LYS F 62 38.66 -6.02 13.63
CA LYS F 62 39.27 -5.27 12.52
C LYS F 62 40.61 -5.86 12.05
N LYS F 63 41.38 -6.53 12.93
CA LYS F 63 42.67 -7.14 12.58
C LYS F 63 42.95 -8.53 13.15
N ILE F 64 41.92 -9.31 13.49
CA ILE F 64 42.07 -10.71 13.94
C ILE F 64 41.24 -11.57 12.96
N THR F 65 41.89 -12.50 12.28
CA THR F 65 41.27 -13.40 11.30
C THR F 65 41.34 -14.85 11.77
N LEU F 66 40.25 -15.59 11.61
CA LEU F 66 40.08 -17.00 11.98
C LEU F 66 39.83 -17.84 10.73
N LYS F 67 40.15 -19.13 10.79
CA LYS F 67 39.94 -20.11 9.73
C LYS F 67 38.49 -20.55 9.60
N THR F 68 37.74 -20.51 10.71
CA THR F 68 36.32 -20.88 10.82
C THR F 68 35.55 -19.76 11.54
N PRO F 69 34.24 -19.57 11.34
CA PRO F 69 33.48 -18.49 11.97
C PRO F 69 32.91 -18.84 13.36
N LEU F 70 33.38 -19.88 14.02
CA LEU F 70 32.83 -20.38 15.28
C LEU F 70 33.55 -19.86 16.53
N VAL F 71 32.77 -19.40 17.53
CA VAL F 71 33.27 -18.84 18.79
C VAL F 71 32.53 -19.45 19.99
N SER F 72 33.20 -19.62 21.14
CA SER F 72 32.56 -20.15 22.36
C SER F 72 32.13 -19.00 23.27
N SER F 73 30.90 -19.10 23.79
CA SER F 73 30.34 -18.05 24.64
C SER F 73 31.04 -17.97 26.01
N PRO F 74 31.26 -16.76 26.56
CA PRO F 74 31.90 -16.56 27.86
C PRO F 74 30.93 -16.84 29.02
N MET F 75 30.75 -18.11 29.34
CA MET F 75 29.88 -18.61 30.42
C MET F 75 30.63 -19.63 31.28
N ASP F 76 30.26 -19.75 32.55
CA ASP F 76 30.95 -20.65 33.49
C ASP F 76 30.67 -22.15 33.27
N THR F 77 29.72 -22.47 32.39
CA THR F 77 29.34 -23.82 31.96
C THR F 77 29.69 -24.08 30.50
N VAL F 78 30.45 -23.18 29.86
CA VAL F 78 30.86 -23.32 28.47
C VAL F 78 32.36 -23.15 28.26
N THR F 79 32.94 -22.02 28.67
CA THR F 79 34.34 -21.72 28.31
C THR F 79 35.36 -21.49 29.43
N GLU F 80 36.28 -22.44 29.56
CA GLU F 80 37.47 -22.39 30.42
C GLU F 80 38.68 -22.78 29.54
N ALA F 81 39.87 -23.00 30.10
CA ALA F 81 41.06 -23.31 29.31
C ALA F 81 40.90 -24.47 28.31
N GLY F 82 40.28 -25.58 28.72
CA GLY F 82 40.12 -26.75 27.86
C GLY F 82 39.27 -26.46 26.62
N MET F 83 38.15 -25.78 26.80
CA MET F 83 37.28 -25.38 25.70
C MET F 83 38.01 -24.38 24.79
N ALA F 84 38.71 -23.39 25.35
CA ALA F 84 39.43 -22.40 24.57
C ALA F 84 40.54 -23.05 23.72
N ILE F 85 41.29 -24.01 24.27
CA ILE F 85 42.32 -24.74 23.53
C ILE F 85 41.67 -25.52 22.38
N ALA F 86 40.59 -26.25 22.64
CA ALA F 86 39.92 -27.02 21.59
C ALA F 86 39.36 -26.14 20.45
N MET F 87 38.72 -25.01 20.78
CA MET F 87 38.21 -24.09 19.77
C MET F 87 39.35 -23.45 18.98
N ALA F 88 40.45 -23.09 19.64
CA ALA F 88 41.59 -22.52 18.94
C ALA F 88 42.21 -23.54 17.97
N LEU F 89 42.35 -24.81 18.38
CA LEU F 89 42.90 -25.88 17.55
C LEU F 89 42.00 -26.23 16.36
N THR F 90 40.68 -26.12 16.52
CA THR F 90 39.73 -26.39 15.43
C THR F 90 39.61 -25.25 14.43
N GLY F 91 40.17 -24.06 14.71
CA GLY F 91 40.15 -22.93 13.78
C GLY F 91 39.31 -21.72 14.19
N GLY F 92 38.71 -21.77 15.38
CA GLY F 92 37.88 -20.72 15.95
C GLY F 92 38.58 -20.06 17.14
N ILE F 93 37.84 -19.67 18.18
CA ILE F 93 38.39 -19.05 19.40
C ILE F 93 37.38 -19.22 20.57
N GLY F 94 37.83 -19.04 21.81
CA GLY F 94 36.96 -19.07 22.98
C GLY F 94 37.18 -17.86 23.88
N PHE F 95 36.12 -17.35 24.52
CA PHE F 95 36.20 -16.23 25.44
C PHE F 95 36.00 -16.78 26.85
N ILE F 96 36.98 -16.63 27.73
CA ILE F 96 36.90 -17.15 29.11
C ILE F 96 35.97 -16.29 29.95
N HIS F 97 35.08 -16.91 30.74
CA HIS F 97 34.10 -16.21 31.60
C HIS F 97 34.82 -15.47 32.74
N HIS F 98 34.16 -14.49 33.37
CA HIS F 98 34.75 -13.68 34.44
C HIS F 98 34.07 -13.75 35.81
N ASN F 99 33.14 -14.68 36.05
CA ASN F 99 32.47 -14.70 37.36
C ASN F 99 33.33 -15.33 38.48
N CYS F 100 34.55 -15.75 38.15
CA CYS F 100 35.60 -16.23 39.02
C CYS F 100 36.42 -15.03 39.56
N THR F 101 37.55 -15.29 40.22
CA THR F 101 38.45 -14.22 40.67
C THR F 101 39.37 -13.81 39.51
N PRO F 102 39.94 -12.59 39.51
CA PRO F 102 40.84 -12.15 38.44
C PRO F 102 42.07 -13.04 38.26
N GLU F 103 42.65 -13.52 39.37
CA GLU F 103 43.83 -14.40 39.38
C GLU F 103 43.54 -15.73 38.66
N PHE F 104 42.35 -16.30 38.90
CA PHE F 104 41.92 -17.53 38.25
C PHE F 104 41.76 -17.33 36.73
N GLN F 105 41.08 -16.27 36.29
CA GLN F 105 40.88 -16.03 34.85
C GLN F 105 42.23 -15.81 34.14
N ALA F 106 43.16 -15.09 34.77
CA ALA F 106 44.49 -14.87 34.22
C ALA F 106 45.27 -16.18 34.08
N ASN F 107 45.14 -17.10 35.05
CA ASN F 107 45.79 -18.41 35.00
C ASN F 107 45.19 -19.24 33.85
N GLU F 108 43.88 -19.21 33.64
CA GLU F 108 43.23 -19.92 32.52
C GLU F 108 43.70 -19.37 31.19
N VAL F 109 43.84 -18.04 31.03
CA VAL F 109 44.37 -17.45 29.78
C VAL F 109 45.81 -17.93 29.56
N ARG F 110 46.64 -17.94 30.61
CA ARG F 110 48.04 -18.38 30.51
C ARG F 110 48.14 -19.86 30.12
N LYS F 111 47.23 -20.74 30.58
CA LYS F 111 47.21 -22.16 30.18
C LYS F 111 46.99 -22.26 28.67
N VAL F 112 46.09 -21.45 28.11
CA VAL F 112 45.80 -21.41 26.67
C VAL F 112 47.01 -20.90 25.87
N LYS F 113 47.70 -19.85 26.33
CA LYS F 113 48.87 -19.27 25.66
C LYS F 113 50.14 -20.13 25.76
N LYS F 114 50.23 -21.02 26.75
CA LYS F 114 51.39 -21.93 26.99
C LYS F 114 51.26 -23.31 26.33
N TYR F 115 50.20 -23.60 25.59
CA TYR F 115 49.97 -24.90 24.95
C TYR F 115 51.00 -25.26 23.87
N PRO F 238 46.32 -27.68 11.70
CA PRO F 238 46.10 -27.38 10.30
C PRO F 238 45.43 -26.02 10.11
N LEU F 239 44.26 -25.83 10.73
CA LEU F 239 43.46 -24.61 10.73
C LEU F 239 43.57 -23.83 12.05
N ALA F 240 44.47 -24.19 12.98
CA ALA F 240 44.56 -23.56 14.30
C ALA F 240 44.78 -22.03 14.27
N SER F 241 43.99 -21.30 15.06
CA SER F 241 44.09 -19.84 15.18
C SER F 241 45.23 -19.51 16.16
N LYS F 242 46.26 -18.86 15.63
CA LYS F 242 47.50 -18.50 16.34
C LYS F 242 47.89 -17.04 16.12
N ASP F 243 48.83 -16.53 16.91
CA ASP F 243 49.37 -15.16 16.81
C ASP F 243 50.76 -15.14 16.14
N ALA F 244 51.42 -13.98 16.09
CA ALA F 244 52.74 -13.84 15.48
C ALA F 244 53.82 -14.71 16.17
N LYS F 245 53.71 -14.88 17.50
CA LYS F 245 54.59 -15.71 18.33
C LYS F 245 54.22 -17.21 18.29
N LYS F 246 53.31 -17.61 17.39
CA LYS F 246 52.82 -18.98 17.16
C LYS F 246 52.09 -19.62 18.35
N GLN F 247 51.58 -18.82 19.28
CA GLN F 247 50.81 -19.28 20.43
C GLN F 247 49.32 -19.27 20.08
N LEU F 248 48.52 -20.14 20.71
CA LEU F 248 47.09 -20.20 20.45
C LEU F 248 46.40 -18.87 20.81
N LEU F 249 45.53 -18.39 19.95
CA LEU F 249 44.77 -17.16 20.23
C LEU F 249 43.84 -17.41 21.41
N CYS F 250 43.64 -16.42 22.27
CA CYS F 250 42.73 -16.52 23.41
C CYS F 250 42.04 -15.17 23.68
N GLY F 251 40.77 -15.25 24.07
CA GLY F 251 39.96 -14.10 24.42
C GLY F 251 39.39 -14.22 25.85
N ALA F 252 38.96 -13.10 26.43
CA ALA F 252 38.40 -13.09 27.77
C ALA F 252 37.37 -11.97 27.94
N ALA F 253 36.45 -12.15 28.87
CA ALA F 253 35.42 -11.17 29.17
C ALA F 253 35.72 -10.41 30.46
N ILE F 254 35.25 -9.17 30.55
CA ILE F 254 35.35 -8.32 31.74
C ILE F 254 34.02 -7.55 31.91
N GLY F 255 33.83 -6.92 33.06
CA GLY F 255 32.68 -6.09 33.36
C GLY F 255 32.97 -4.61 33.12
N THR F 256 32.09 -3.72 33.59
CA THR F 256 32.22 -2.27 33.43
C THR F 256 32.38 -1.50 34.74
N HIS F 257 32.70 -2.17 35.84
CA HIS F 257 32.92 -1.55 37.16
C HIS F 257 34.40 -1.19 37.30
N GLU F 258 34.77 -0.34 38.26
CA GLU F 258 36.17 0.07 38.45
C GLU F 258 37.12 -1.10 38.76
N ASP F 259 36.65 -2.12 39.47
CA ASP F 259 37.45 -3.30 39.80
C ASP F 259 37.84 -4.11 38.55
N ASP F 260 37.13 -3.94 37.43
CA ASP F 260 37.48 -4.63 36.20
C ASP F 260 38.78 -4.09 35.58
N LYS F 261 39.28 -2.92 36.01
CA LYS F 261 40.55 -2.38 35.52
C LYS F 261 41.73 -3.20 36.06
N TYR F 262 41.70 -3.63 37.32
CA TYR F 262 42.75 -4.51 37.84
C TYR F 262 42.68 -5.87 37.12
N ARG F 263 41.47 -6.38 36.89
CA ARG F 263 41.25 -7.62 36.13
C ARG F 263 41.79 -7.45 34.70
N LEU F 264 41.57 -6.31 34.06
CA LEU F 264 42.06 -6.02 32.70
C LEU F 264 43.60 -6.09 32.67
N ASP F 265 44.27 -5.52 33.66
CA ASP F 265 45.72 -5.54 33.77
C ASP F 265 46.25 -6.97 33.90
N LEU F 266 45.64 -7.81 34.74
CA LEU F 266 46.05 -9.20 34.89
C LEU F 266 45.86 -9.97 33.58
N LEU F 267 44.73 -9.80 32.89
CA LEU F 267 44.45 -10.44 31.61
C LEU F 267 45.45 -9.99 30.54
N ALA F 268 45.81 -8.69 30.51
CA ALA F 268 46.79 -8.15 29.58
C ALA F 268 48.19 -8.72 29.83
N GLN F 269 48.63 -8.82 31.08
CA GLN F 269 49.93 -9.42 31.42
C GLN F 269 49.97 -10.92 31.12
N ALA F 270 48.84 -11.61 31.23
CA ALA F 270 48.73 -13.04 30.91
C ALA F 270 48.85 -13.31 29.39
N GLY F 271 48.73 -12.27 28.55
CA GLY F 271 48.85 -12.38 27.10
C GLY F 271 47.54 -12.48 26.32
N VAL F 272 46.40 -12.00 26.86
CA VAL F 272 45.12 -12.05 26.13
C VAL F 272 45.24 -11.25 24.82
N ASP F 273 44.61 -11.69 23.74
CA ASP F 273 44.68 -11.04 22.44
C ASP F 273 43.47 -10.12 22.16
N VAL F 274 42.28 -10.50 22.66
CA VAL F 274 41.02 -9.78 22.46
C VAL F 274 40.14 -9.86 23.69
N VAL F 275 39.43 -8.78 24.01
CA VAL F 275 38.59 -8.69 25.21
C VAL F 275 37.18 -8.23 24.89
N VAL F 276 36.20 -8.84 25.53
CA VAL F 276 34.79 -8.49 25.32
C VAL F 276 34.18 -7.89 26.58
N LEU F 277 33.52 -6.75 26.44
CA LEU F 277 32.84 -6.11 27.57
C LEU F 277 31.47 -6.80 27.68
N ASP F 278 31.30 -7.64 28.68
CA ASP F 278 30.10 -8.48 28.84
C ASP F 278 28.95 -7.80 29.58
N SER F 279 27.85 -7.50 28.89
CA SER F 279 26.65 -6.88 29.44
C SER F 279 25.42 -7.18 28.58
N SER F 280 24.23 -7.15 29.18
CA SER F 280 22.96 -7.37 28.47
C SER F 280 22.63 -6.20 27.52
N GLN F 281 22.85 -4.97 27.98
CA GLN F 281 22.64 -3.72 27.25
C GLN F 281 23.96 -2.94 27.31
N GLY F 282 24.68 -2.88 26.20
CA GLY F 282 25.98 -2.22 26.16
C GLY F 282 26.00 -0.77 25.72
N ASN F 283 24.87 -0.13 25.41
CA ASN F 283 24.86 1.29 25.04
C ASN F 283 24.75 2.13 26.33
N SER F 284 25.82 2.18 27.11
CA SER F 284 25.85 2.87 28.40
C SER F 284 27.10 3.71 28.64
N ILE F 285 27.00 4.70 29.54
CA ILE F 285 28.12 5.58 29.89
C ILE F 285 29.26 4.77 30.52
N PHE F 286 28.95 3.73 31.29
CA PHE F 286 29.95 2.87 31.92
C PHE F 286 30.80 2.10 30.89
N GLN F 287 30.17 1.52 29.86
CA GLN F 287 30.89 0.78 28.83
C GLN F 287 31.71 1.74 27.95
N ILE F 288 31.19 2.90 27.57
CA ILE F 288 31.90 3.90 26.76
C ILE F 288 33.12 4.42 27.51
N ASN F 289 33.02 4.68 28.82
CA ASN F 289 34.18 5.07 29.61
C ASN F 289 35.22 3.96 29.66
N MET F 290 34.81 2.69 29.83
CA MET F 290 35.72 1.57 29.85
C MET F 290 36.46 1.42 28.51
N ILE F 291 35.77 1.55 27.37
CA ILE F 291 36.38 1.43 26.03
C ILE F 291 37.47 2.48 25.84
N LYS F 292 37.19 3.73 26.20
CA LYS F 292 38.17 4.82 26.05
C LYS F 292 39.37 4.61 26.98
N TYR F 293 39.16 4.12 28.21
CA TYR F 293 40.25 3.82 29.12
C TYR F 293 41.16 2.72 28.55
N ILE F 294 40.58 1.65 27.98
CA ILE F 294 41.35 0.56 27.38
C ILE F 294 42.12 1.08 26.16
N LYS F 295 41.51 1.88 25.28
CA LYS F 295 42.20 2.41 24.10
C LYS F 295 43.36 3.33 24.45
N ASP F 296 43.22 4.17 25.47
CA ASP F 296 44.32 5.03 25.92
C ASP F 296 45.47 4.23 26.57
N LYS F 297 45.16 3.21 27.38
CA LYS F 297 46.16 2.40 28.12
C LYS F 297 46.77 1.23 27.35
N TYR F 298 46.00 0.53 26.54
CA TYR F 298 46.42 -0.61 25.73
C TYR F 298 46.03 -0.43 24.27
N PRO F 299 46.77 0.36 23.48
CA PRO F 299 46.46 0.58 22.06
C PRO F 299 46.56 -0.70 21.21
N ASN F 300 47.34 -1.69 21.66
CA ASN F 300 47.52 -2.99 20.99
C ASN F 300 46.34 -3.97 21.20
N LEU F 301 45.56 -3.84 22.28
CA LEU F 301 44.48 -4.76 22.60
C LEU F 301 43.20 -4.53 21.77
N GLN F 302 42.57 -5.61 21.32
CA GLN F 302 41.31 -5.54 20.57
C GLN F 302 40.15 -5.57 21.57
N VAL F 303 39.18 -4.65 21.44
CA VAL F 303 38.02 -4.50 22.34
C VAL F 303 36.71 -4.70 21.61
N ILE F 304 35.89 -5.62 22.11
CA ILE F 304 34.59 -5.97 21.53
C ILE F 304 33.50 -5.44 22.45
N GLY F 305 32.56 -4.67 21.90
CA GLY F 305 31.47 -4.08 22.66
C GLY F 305 30.16 -4.83 22.48
N GLY F 306 29.22 -4.63 23.40
CA GLY F 306 27.94 -5.29 23.36
C GLY F 306 27.34 -5.56 24.74
N ASN F 307 26.15 -6.14 24.79
CA ASN F 307 25.35 -6.54 23.64
C ASN F 307 24.45 -5.40 23.13
N VAL F 308 24.27 -5.33 21.80
CA VAL F 308 23.42 -4.35 21.10
C VAL F 308 22.50 -5.07 20.10
N VAL F 309 21.35 -4.48 19.77
CA VAL F 309 20.37 -5.02 18.82
C VAL F 309 19.84 -3.94 17.85
N THR F 310 20.30 -2.70 17.93
CA THR F 310 19.88 -1.59 17.06
C THR F 310 21.06 -0.79 16.52
N ALA F 311 20.88 -0.14 15.38
CA ALA F 311 21.92 0.69 14.78
C ALA F 311 22.26 1.93 15.64
N ALA F 312 21.28 2.47 16.39
CA ALA F 312 21.48 3.60 17.29
C ALA F 312 22.47 3.23 18.40
N GLN F 313 22.30 2.06 19.03
CA GLN F 313 23.24 1.56 20.03
C GLN F 313 24.62 1.29 19.40
N ALA F 314 24.65 0.73 18.19
CA ALA F 314 25.91 0.42 17.52
C ALA F 314 26.72 1.68 17.22
N LYS F 315 26.08 2.80 16.87
CA LYS F 315 26.77 4.07 16.56
C LYS F 315 27.59 4.60 17.74
N ASN F 316 27.03 4.64 18.95
CA ASN F 316 27.76 5.14 20.11
C ASN F 316 29.03 4.33 20.40
N LEU F 317 28.95 2.99 20.30
CA LEU F 317 30.09 2.11 20.54
C LEU F 317 31.13 2.20 19.41
N ILE F 318 30.72 2.33 18.13
CA ILE F 318 31.66 2.48 17.02
C ILE F 318 32.39 3.83 17.19
N ASP F 319 31.69 4.90 17.58
CA ASP F 319 32.29 6.22 17.85
C ASP F 319 33.20 6.20 19.11
N ALA F 320 32.95 5.30 20.06
CA ALA F 320 33.81 5.11 21.23
C ALA F 320 35.17 4.49 20.84
N GLY F 321 35.21 3.76 19.72
CA GLY F 321 36.41 3.12 19.18
C GLY F 321 36.47 1.60 19.29
N VAL F 322 35.35 0.87 19.29
CA VAL F 322 35.39 -0.61 19.38
C VAL F 322 35.93 -1.23 18.09
N ASP F 323 36.37 -2.49 18.17
CA ASP F 323 36.95 -3.24 17.05
C ASP F 323 35.99 -4.30 16.45
N ALA F 324 34.92 -4.64 17.17
CA ALA F 324 33.83 -5.54 16.78
C ALA F 324 32.59 -5.28 17.66
N LEU F 325 31.44 -5.89 17.33
CA LEU F 325 30.20 -5.75 18.08
C LEU F 325 29.58 -7.12 18.36
N ARG F 326 28.92 -7.25 19.51
CA ARG F 326 28.24 -8.47 19.94
C ARG F 326 26.74 -8.20 19.84
N VAL F 327 26.02 -9.02 19.08
CA VAL F 327 24.60 -8.80 18.80
C VAL F 327 23.69 -9.89 19.32
N GLY F 328 22.66 -9.47 20.07
CA GLY F 328 21.65 -10.34 20.63
C GLY F 328 21.18 -9.88 22.00
N MET F 329 19.87 -9.96 22.27
CA MET F 329 19.27 -9.55 23.54
C MET F 329 17.96 -10.32 23.76
N GLY F 330 18.02 -11.28 24.68
CA GLY F 330 16.87 -12.11 25.03
C GLY F 330 16.67 -13.33 24.12
N SER F 331 17.55 -13.57 23.15
CA SER F 331 17.48 -14.70 22.21
C SER F 331 18.16 -15.98 22.73
N GLY F 332 18.87 -15.92 23.86
CA GLY F 332 19.57 -17.08 24.42
C GLY F 332 18.64 -18.17 24.93
N SER F 333 19.05 -19.44 24.82
CA SER F 333 18.21 -20.57 25.26
C SER F 333 17.84 -20.54 26.75
N ILE F 334 18.72 -19.99 27.58
CA ILE F 334 18.59 -19.82 29.03
C ILE F 334 18.28 -18.37 29.41
N CYS F 335 17.75 -17.55 28.50
CA CYS F 335 17.51 -16.14 28.76
C CYS F 335 16.01 -15.86 28.89
N ILE F 336 15.62 -15.19 29.97
CA ILE F 336 14.23 -14.78 30.23
C ILE F 336 14.08 -13.25 30.24
N THR F 337 15.07 -12.50 29.74
CA THR F 337 15.06 -11.03 29.70
C THR F 337 13.83 -10.46 28.98
N GLN F 338 13.39 -11.04 27.86
CA GLN F 338 12.22 -10.52 27.13
C GLN F 338 10.92 -10.61 27.94
N GLU F 339 10.74 -11.64 28.76
CA GLU F 339 9.55 -11.79 29.61
C GLU F 339 9.69 -11.01 30.93
N VAL F 340 10.89 -10.88 31.46
CA VAL F 340 11.14 -10.17 32.73
C VAL F 340 11.25 -8.66 32.53
N LEU F 341 12.05 -8.17 31.60
CA LEU F 341 12.26 -6.73 31.40
C LEU F 341 11.53 -6.11 30.20
N ALA F 342 10.84 -6.91 29.38
CA ALA F 342 10.10 -6.46 28.18
C ALA F 342 10.95 -5.78 27.09
N CYS F 343 12.27 -5.98 27.14
CA CYS F 343 13.22 -5.38 26.24
C CYS F 343 14.03 -6.44 25.48
N GLY F 344 14.34 -6.17 24.22
CA GLY F 344 15.11 -7.03 23.33
C GLY F 344 14.67 -6.91 21.88
N ARG F 345 15.01 -7.90 21.06
CA ARG F 345 14.63 -7.94 19.64
C ARG F 345 14.78 -9.34 19.05
N PRO F 346 13.96 -9.75 18.07
CA PRO F 346 14.14 -11.05 17.42
C PRO F 346 15.55 -11.12 16.78
N GLN F 347 16.23 -12.26 16.88
CA GLN F 347 17.65 -12.34 16.50
C GLN F 347 17.98 -12.12 15.01
N ALA F 348 17.20 -12.62 14.05
CA ALA F 348 17.54 -12.44 12.63
C ALA F 348 17.53 -10.96 12.20
N THR F 349 16.44 -10.23 12.50
CA THR F 349 16.34 -8.80 12.19
C THR F 349 17.40 -7.99 12.94
N ALA F 350 17.68 -8.29 14.22
CA ALA F 350 18.71 -7.57 14.95
C ALA F 350 20.10 -7.74 14.29
N VAL F 351 20.46 -8.98 13.91
CA VAL F 351 21.74 -9.25 13.26
C VAL F 351 21.82 -8.51 11.93
N TYR F 352 20.79 -8.57 11.09
CA TYR F 352 20.80 -7.87 9.83
C TYR F 352 20.94 -6.34 10.01
N LYS F 353 20.10 -5.73 10.86
CA LYS F 353 20.10 -4.28 11.08
C LYS F 353 21.41 -3.77 11.68
N VAL F 354 21.99 -4.47 12.64
CA VAL F 354 23.27 -4.05 13.22
C VAL F 354 24.40 -4.27 12.21
N SER F 355 24.41 -5.37 11.47
CA SER F 355 25.46 -5.65 10.50
C SER F 355 25.45 -4.68 9.31
N GLU F 356 24.28 -4.24 8.87
CA GLU F 356 24.15 -3.29 7.78
C GLU F 356 24.82 -1.96 8.15
N TYR F 357 24.59 -1.48 9.37
CA TYR F 357 25.19 -0.26 9.85
C TYR F 357 26.70 -0.42 10.13
N ALA F 358 27.12 -1.50 10.80
CA ALA F 358 28.52 -1.71 11.15
C ALA F 358 29.44 -1.93 9.93
N ARG F 359 28.90 -2.42 8.81
CA ARG F 359 29.64 -2.60 7.54
C ARG F 359 30.15 -1.27 7.01
N ARG F 360 29.41 -0.17 7.20
CA ARG F 360 29.79 1.18 6.75
C ARG F 360 31.10 1.68 7.36
N PHE F 361 31.55 1.11 8.48
CA PHE F 361 32.78 1.48 9.17
C PHE F 361 33.82 0.35 9.25
N GLY F 362 33.63 -0.74 8.51
CA GLY F 362 34.56 -1.88 8.54
C GLY F 362 34.58 -2.64 9.86
N VAL F 363 33.51 -2.60 10.65
CA VAL F 363 33.44 -3.26 11.97
C VAL F 363 32.66 -4.58 11.85
N PRO F 364 33.26 -5.74 12.13
CA PRO F 364 32.55 -7.01 12.05
C PRO F 364 31.59 -7.22 13.22
N VAL F 365 30.57 -8.03 12.98
CA VAL F 365 29.52 -8.38 13.95
C VAL F 365 29.61 -9.85 14.36
N ILE F 366 29.51 -10.12 15.65
CA ILE F 366 29.47 -11.46 16.22
C ILE F 366 27.99 -11.73 16.52
N ALA F 367 27.42 -12.79 15.95
CA ALA F 367 26.02 -13.15 16.19
C ALA F 367 25.96 -14.03 17.44
N ASP F 368 25.24 -13.59 18.47
CA ASP F 368 25.16 -14.27 19.75
C ASP F 368 23.73 -14.61 20.20
N GLY F 369 23.45 -15.89 20.46
CA GLY F 369 22.17 -16.36 20.98
C GLY F 369 21.19 -16.89 19.95
N GLY F 370 20.49 -17.97 20.30
CA GLY F 370 19.46 -18.59 19.44
C GLY F 370 19.94 -19.65 18.44
N ILE F 371 21.22 -20.06 18.47
CA ILE F 371 21.75 -21.05 17.53
C ILE F 371 21.42 -22.47 18.06
N GLN F 372 20.64 -23.25 17.31
CA GLN F 372 20.21 -24.61 17.70
C GLN F 372 20.66 -25.71 16.73
N ASN F 373 21.06 -25.35 15.52
CA ASN F 373 21.51 -26.24 14.47
C ASN F 373 22.36 -25.48 13.46
N VAL F 374 23.06 -26.20 12.58
CA VAL F 374 23.94 -25.60 11.56
C VAL F 374 23.17 -24.71 10.57
N GLY F 375 21.89 -24.98 10.31
CA GLY F 375 21.05 -24.10 9.48
C GLY F 375 20.94 -22.71 10.11
N HIS F 376 20.85 -22.60 11.44
CA HIS F 376 20.84 -21.30 12.10
C HIS F 376 22.16 -20.58 11.88
N ILE F 377 23.30 -21.29 11.93
CA ILE F 377 24.63 -20.70 11.72
C ILE F 377 24.75 -20.12 10.31
N ALA F 378 24.29 -20.87 9.29
CA ALA F 378 24.33 -20.44 7.90
C ALA F 378 23.47 -19.18 7.65
N LYS F 379 22.29 -19.09 8.30
CA LYS F 379 21.41 -17.94 8.21
C LYS F 379 22.05 -16.71 8.86
N ALA F 380 22.61 -16.83 10.07
CA ALA F 380 23.25 -15.70 10.74
C ALA F 380 24.41 -15.15 9.88
N LEU F 381 25.25 -16.02 9.30
CA LEU F 381 26.35 -15.60 8.43
C LEU F 381 25.83 -14.94 7.15
N ALA F 382 24.77 -15.47 6.55
CA ALA F 382 24.22 -14.90 5.33
C ALA F 382 23.54 -13.54 5.55
N LEU F 383 23.04 -13.25 6.76
CA LEU F 383 22.41 -11.96 7.08
C LEU F 383 23.41 -10.84 7.40
N GLY F 384 24.71 -11.11 7.39
CA GLY F 384 25.73 -10.07 7.60
C GLY F 384 26.71 -10.30 8.75
N ALA F 385 26.48 -11.28 9.63
CA ALA F 385 27.41 -11.54 10.72
C ALA F 385 28.72 -12.13 10.16
N SER F 386 29.84 -11.84 10.80
CA SER F 386 31.15 -12.37 10.40
C SER F 386 31.55 -13.61 11.19
N THR F 387 31.06 -13.75 12.42
CA THR F 387 31.30 -14.89 13.29
C THR F 387 30.04 -15.17 14.10
N VAL F 388 29.94 -16.38 14.65
CA VAL F 388 28.79 -16.85 15.42
C VAL F 388 29.26 -17.38 16.77
N MET F 389 28.63 -16.92 17.85
CA MET F 389 28.92 -17.28 19.23
C MET F 389 27.78 -18.17 19.72
N MET F 390 28.14 -19.29 20.34
CA MET F 390 27.17 -20.28 20.80
C MET F 390 27.42 -20.73 22.24
N GLY F 391 26.32 -20.96 22.96
CA GLY F 391 26.26 -21.44 24.33
C GLY F 391 25.83 -22.89 24.37
N SER F 392 24.52 -23.13 24.51
CA SER F 392 23.95 -24.47 24.59
C SER F 392 24.35 -25.44 23.49
N LEU F 393 24.73 -24.99 22.28
CA LEU F 393 25.17 -25.90 21.23
C LEU F 393 26.46 -26.63 21.63
N LEU F 394 27.37 -25.93 22.32
CA LEU F 394 28.64 -26.45 22.83
C LEU F 394 28.53 -26.96 24.28
N ALA F 395 27.39 -26.77 24.94
CA ALA F 395 27.18 -27.27 26.29
C ALA F 395 27.07 -28.81 26.25
N ALA F 396 27.38 -29.44 27.38
CA ALA F 396 27.39 -30.90 27.52
C ALA F 396 28.37 -31.64 26.57
N THR F 397 29.44 -30.95 26.18
CA THR F 397 30.55 -31.51 25.41
C THR F 397 31.63 -31.93 26.42
N THR F 398 32.61 -32.72 25.99
CA THR F 398 33.67 -33.20 26.88
C THR F 398 34.53 -32.08 27.47
N GLU F 399 34.91 -31.07 26.67
CA GLU F 399 35.77 -29.97 27.13
C GLU F 399 35.04 -28.86 27.90
N ALA F 400 33.70 -28.86 27.94
CA ALA F 400 32.93 -27.88 28.71
C ALA F 400 33.13 -28.06 30.23
N PRO F 401 33.14 -27.00 31.03
CA PRO F 401 33.32 -27.08 32.49
C PRO F 401 32.20 -27.86 33.19
N GLY F 402 32.52 -28.51 34.30
CA GLY F 402 31.59 -29.31 35.09
C GLY F 402 31.59 -30.78 34.68
N GLU F 403 31.21 -31.68 35.58
CA GLU F 403 31.18 -33.13 35.35
C GLU F 403 29.79 -33.61 34.91
N TYR F 404 29.72 -34.76 34.25
CA TYR F 404 28.45 -35.34 33.81
C TYR F 404 27.70 -36.02 34.96
N PHE F 405 26.38 -36.20 34.81
CA PHE F 405 25.52 -36.89 35.77
C PHE F 405 24.36 -37.54 34.98
N PHE F 406 23.77 -38.58 35.55
CA PHE F 406 22.68 -39.35 34.93
C PHE F 406 21.31 -39.03 35.54
N SER F 407 20.27 -39.04 34.70
CA SER F 407 18.85 -38.82 35.04
C SER F 407 17.99 -39.34 33.89
N ASP F 408 16.83 -39.95 34.17
CA ASP F 408 15.91 -40.50 33.15
C ASP F 408 16.56 -41.56 32.24
N GLY F 409 17.66 -42.18 32.67
CA GLY F 409 18.40 -43.19 31.91
C GLY F 409 19.36 -42.65 30.84
N ILE F 410 19.59 -41.33 30.80
CA ILE F 410 20.48 -40.67 29.82
C ILE F 410 21.49 -39.73 30.53
N ARG F 411 22.65 -39.51 29.91
CA ARG F 411 23.71 -38.65 30.48
C ARG F 411 23.50 -37.20 30.05
N LEU F 412 23.81 -36.26 30.95
CA LEU F 412 23.63 -34.83 30.71
C LEU F 412 24.58 -34.01 31.60
N LYS F 413 24.70 -32.72 31.32
CA LYS F 413 25.55 -31.76 32.05
C LYS F 413 24.78 -30.47 32.31
N LYS F 414 25.11 -29.75 33.38
CA LYS F 414 24.47 -28.49 33.76
C LYS F 414 24.83 -27.35 32.81
N TYR F 415 23.85 -26.47 32.54
CA TYR F 415 23.98 -25.28 31.71
C TYR F 415 23.07 -24.22 32.33
N ARG F 416 23.60 -23.04 32.65
CA ARG F 416 22.83 -21.98 33.30
C ARG F 416 23.16 -20.61 32.74
N GLY F 417 22.21 -19.67 32.85
CA GLY F 417 22.43 -18.30 32.42
C GLY F 417 23.25 -17.53 33.45
N MET F 418 24.08 -16.59 33.02
CA MET F 418 24.91 -15.78 33.92
C MET F 418 24.08 -14.86 34.82
N GLY F 419 22.86 -14.52 34.40
CA GLY F 419 21.86 -13.72 35.11
C GLY F 419 20.88 -14.56 35.93
N SER F 420 21.06 -15.88 36.03
CA SER F 420 20.22 -16.74 36.90
C SER F 420 20.65 -16.49 38.35
N LEU F 421 19.80 -16.76 39.35
CA LEU F 421 20.17 -16.50 40.75
C LEU F 421 21.40 -17.31 41.21
N ASP F 422 21.58 -18.53 40.69
CA ASP F 422 22.71 -19.40 41.04
C ASP F 422 24.06 -18.82 40.59
N ALA F 423 24.13 -18.29 39.37
CA ALA F 423 25.35 -17.70 38.81
C ALA F 423 25.75 -16.34 39.42
N MET F 424 24.89 -15.71 40.21
CA MET F 424 25.13 -14.40 40.84
C MET F 424 24.70 -14.38 42.31
N ILE F 441 15.91 -7.22 45.71
CA ILE F 441 17.24 -6.70 45.42
C ILE F 441 17.80 -7.30 44.12
N LYS F 442 17.75 -8.63 44.00
CA LYS F 442 18.24 -9.36 42.82
C LYS F 442 17.08 -9.81 41.93
N VAL F 443 17.12 -9.45 40.66
CA VAL F 443 16.12 -9.83 39.65
C VAL F 443 16.79 -10.78 38.66
N ALA F 444 16.29 -12.00 38.57
CA ALA F 444 16.89 -12.99 37.69
C ALA F 444 16.49 -12.77 36.22
N GLN F 445 17.46 -12.82 35.33
CA GLN F 445 17.26 -12.71 33.88
C GLN F 445 17.65 -13.98 33.12
N GLY F 446 18.06 -15.03 33.84
CA GLY F 446 18.42 -16.33 33.29
C GLY F 446 17.90 -17.49 34.12
N VAL F 447 18.02 -18.71 33.61
CA VAL F 447 17.59 -19.95 34.28
C VAL F 447 18.72 -20.97 34.34
N SER F 448 18.66 -21.87 35.33
CA SER F 448 19.62 -22.96 35.49
C SER F 448 18.96 -24.25 35.03
N GLY F 449 19.65 -25.05 34.25
CA GLY F 449 19.14 -26.32 33.76
C GLY F 449 20.25 -27.28 33.35
N ALA F 450 19.94 -28.16 32.40
CA ALA F 450 20.85 -29.15 31.87
C ALA F 450 20.49 -29.56 30.44
N VAL F 451 21.49 -29.93 29.65
CA VAL F 451 21.33 -30.43 28.27
C VAL F 451 22.03 -31.78 28.20
N GLN F 452 21.63 -32.65 27.28
CA GLN F 452 22.22 -34.00 27.21
C GLN F 452 23.58 -34.04 26.50
N ASP F 453 24.32 -35.13 26.73
CA ASP F 453 25.67 -35.31 26.22
C ASP F 453 25.77 -35.13 24.69
N LYS F 454 26.88 -34.54 24.23
CA LYS F 454 27.16 -34.21 22.84
C LYS F 454 28.49 -34.77 22.32
N GLY F 455 29.30 -35.43 23.15
CA GLY F 455 30.60 -35.95 22.73
C GLY F 455 31.69 -34.88 22.79
N SER F 456 32.81 -35.07 22.08
CA SER F 456 33.91 -34.11 22.05
C SER F 456 33.74 -33.06 20.95
N ILE F 457 34.27 -31.86 21.15
CA ILE F 457 34.15 -30.84 20.09
C ILE F 457 35.11 -31.11 18.93
N HIS F 458 36.13 -31.95 19.15
CA HIS F 458 37.07 -32.38 18.10
C HIS F 458 36.36 -33.23 17.03
N LYS F 459 35.15 -33.76 17.32
CA LYS F 459 34.32 -34.49 16.34
C LYS F 459 33.05 -33.69 15.98
N PHE F 460 32.64 -32.72 16.80
CA PHE F 460 31.42 -31.94 16.57
C PHE F 460 31.69 -30.70 15.70
N VAL F 461 32.80 -29.99 15.92
CA VAL F 461 33.16 -28.83 15.09
C VAL F 461 33.36 -29.24 13.62
N PRO F 462 34.06 -30.34 13.27
CA PRO F 462 34.16 -30.73 11.86
C PRO F 462 32.79 -30.99 11.23
N TYR F 463 31.81 -31.49 12.00
CA TYR F 463 30.44 -31.66 11.50
C TYR F 463 29.82 -30.28 11.20
N LEU F 464 29.98 -29.29 12.08
CA LEU F 464 29.48 -27.92 11.84
C LEU F 464 30.14 -27.31 10.59
N ILE F 465 31.44 -27.53 10.41
CA ILE F 465 32.19 -27.04 9.24
C ILE F 465 31.63 -27.65 7.95
N ALA F 466 31.40 -28.97 7.93
CA ALA F 466 30.87 -29.65 6.75
C ALA F 466 29.48 -29.13 6.39
N GLY F 467 28.61 -28.90 7.38
CA GLY F 467 27.27 -28.36 7.17
C GLY F 467 27.30 -26.94 6.62
N ILE F 468 28.16 -26.06 7.15
CA ILE F 468 28.29 -24.68 6.65
C ILE F 468 28.73 -24.71 5.18
N GLN F 469 29.71 -25.55 4.83
CA GLN F 469 30.19 -25.69 3.45
C GLN F 469 29.08 -26.21 2.52
N HIS F 470 28.29 -27.20 2.96
CA HIS F 470 27.19 -27.73 2.14
C HIS F 470 26.10 -26.66 1.94
N SER F 471 25.81 -25.85 2.96
CA SER F 471 24.83 -24.77 2.81
C SER F 471 25.33 -23.73 1.81
N CYS F 472 26.61 -23.36 1.86
CA CYS F 472 27.21 -22.43 0.90
C CYS F 472 27.16 -23.00 -0.53
N GLN F 473 27.38 -24.30 -0.71
CA GLN F 473 27.33 -24.89 -2.03
C GLN F 473 25.90 -24.85 -2.57
N ASP F 474 24.89 -25.11 -1.75
CA ASP F 474 23.49 -25.09 -2.17
C ASP F 474 23.03 -23.70 -2.64
N ILE F 475 23.45 -22.64 -1.95
CA ILE F 475 23.09 -21.26 -2.31
C ILE F 475 23.96 -20.71 -3.46
N GLY F 476 25.09 -21.34 -3.78
CA GLY F 476 25.97 -20.98 -4.89
C GLY F 476 27.12 -20.00 -4.60
N ALA F 477 27.77 -20.05 -3.44
CA ALA F 477 28.91 -19.16 -3.13
C ALA F 477 30.14 -19.96 -2.68
N LYS F 478 31.33 -19.59 -3.19
CA LYS F 478 32.62 -20.23 -2.88
C LYS F 478 33.25 -19.80 -1.55
N SER F 479 32.68 -18.84 -0.85
CA SER F 479 33.16 -18.39 0.46
C SER F 479 32.11 -17.57 1.21
N LEU F 480 32.29 -17.40 2.52
CA LEU F 480 31.38 -16.59 3.34
C LEU F 480 31.42 -15.11 2.90
N THR F 481 32.59 -14.62 2.52
CA THR F 481 32.77 -13.28 1.96
C THR F 481 31.89 -13.12 0.73
N GLN F 482 31.90 -14.11 -0.19
CA GLN F 482 31.05 -14.05 -1.38
C GLN F 482 29.57 -14.08 -0.98
N VAL F 483 29.17 -14.89 0.02
CA VAL F 483 27.78 -14.97 0.49
C VAL F 483 27.28 -13.58 0.91
N ARG F 484 28.03 -12.86 1.76
CA ARG F 484 27.64 -11.52 2.21
C ARG F 484 27.69 -10.51 1.07
N ALA F 485 28.66 -10.60 0.15
CA ALA F 485 28.74 -9.70 -1.00
C ALA F 485 27.50 -9.86 -1.89
N MET F 486 27.06 -11.08 -2.19
CA MET F 486 25.87 -11.28 -3.01
C MET F 486 24.59 -11.00 -2.23
N MET F 487 24.62 -11.04 -0.89
CA MET F 487 23.48 -10.66 -0.07
C MET F 487 23.25 -9.14 -0.15
N TYR F 488 24.29 -8.33 -0.02
CA TYR F 488 24.17 -6.89 -0.11
C TYR F 488 23.89 -6.41 -1.54
N SER F 489 24.36 -7.14 -2.56
CA SER F 489 24.11 -6.75 -3.97
C SER F 489 22.68 -7.10 -4.45
N GLY F 490 21.93 -7.92 -3.71
CA GLY F 490 20.57 -8.32 -4.07
C GLY F 490 20.49 -9.62 -4.90
N GLU F 491 21.63 -10.22 -5.23
CA GLU F 491 21.70 -11.47 -5.97
C GLU F 491 21.23 -12.67 -5.12
N LEU F 492 21.52 -12.70 -3.81
CA LEU F 492 21.03 -13.75 -2.92
C LEU F 492 19.53 -13.50 -2.64
N LYS F 493 18.69 -14.52 -2.65
CA LYS F 493 17.23 -14.38 -2.47
C LYS F 493 16.71 -15.19 -1.29
N PHE F 494 15.66 -14.69 -0.67
CA PHE F 494 15.03 -15.22 0.52
C PHE F 494 13.52 -15.35 0.36
N GLU F 495 12.91 -16.18 1.20
CA GLU F 495 11.46 -16.37 1.25
C GLU F 495 10.99 -16.60 2.69
N LYS F 496 9.85 -16.02 3.06
CA LYS F 496 9.22 -16.20 4.37
C LYS F 496 8.62 -17.60 4.49
N ARG F 497 8.32 -18.03 5.72
CA ARG F 497 7.64 -19.28 6.02
C ARG F 497 6.48 -19.03 6.97
N THR F 498 5.31 -19.54 6.63
CA THR F 498 4.13 -19.52 7.51
C THR F 498 4.29 -20.62 8.56
N SER F 499 3.36 -20.72 9.52
CA SER F 499 3.42 -21.79 10.52
C SER F 499 3.26 -23.15 9.83
N SER F 500 2.34 -23.24 8.85
CA SER F 500 2.15 -24.48 8.07
C SER F 500 3.40 -24.82 7.27
N ALA F 501 4.12 -23.82 6.76
CA ALA F 501 5.39 -24.02 6.03
C ALA F 501 6.46 -24.60 6.94
N GLN F 502 6.56 -24.13 8.19
CA GLN F 502 7.53 -24.68 9.15
C GLN F 502 7.18 -26.14 9.50
N VAL F 503 5.89 -26.45 9.69
CA VAL F 503 5.41 -27.81 9.97
C VAL F 503 5.76 -28.75 8.82
N GLU F 504 5.57 -28.32 7.55
CA GLU F 504 5.93 -29.09 6.36
C GLU F 504 7.46 -29.24 6.18
N GLY F 505 8.23 -28.22 6.55
CA GLY F 505 9.69 -28.21 6.45
C GLY F 505 10.38 -29.19 7.42
N GLY F 506 9.82 -29.36 8.61
CA GLY F 506 10.32 -30.32 9.61
C GLY F 506 9.89 -31.75 9.29
N VAL F 507 10.33 -32.74 10.06
CA VAL F 507 9.88 -34.13 9.86
C VAL F 507 8.41 -34.23 10.27
N HIS F 508 7.57 -34.87 9.45
CA HIS F 508 6.13 -34.99 9.70
C HIS F 508 5.55 -36.27 9.11
N SER F 509 4.33 -36.63 9.51
CA SER F 509 3.53 -37.77 9.02
C SER F 509 4.14 -39.17 9.14
N LEU F 510 4.95 -39.42 10.17
CA LEU F 510 5.57 -40.73 10.42
C LEU F 510 5.09 -41.29 11.76
N HIS F 511 4.97 -42.61 11.87
CA HIS F 511 4.55 -43.26 13.12
C HIS F 511 5.65 -43.11 14.19
N SER F 512 6.89 -43.33 13.76
CA SER F 512 8.12 -43.17 14.56
C SER F 512 9.33 -43.02 13.62
N TYR F 513 10.43 -42.46 14.12
CA TYR F 513 11.68 -42.24 13.38
C TYR F 513 12.88 -41.93 14.28
N GLU F 514 14.09 -42.04 13.74
CA GLU F 514 15.34 -41.69 14.40
C GLU F 514 16.03 -40.58 13.57
N LYS F 515 16.42 -39.49 14.24
CA LYS F 515 17.07 -38.33 13.59
C LYS F 515 18.52 -38.28 14.05
N ARG F 516 19.41 -38.84 13.22
CA ARG F 516 20.87 -38.91 13.47
C ARG F 516 21.54 -37.91 12.52
N LEU F 517 22.33 -37.00 13.07
CA LEU F 517 22.95 -35.90 12.33
C LEU F 517 24.27 -36.25 11.61
N PHE F 518 25.12 -37.05 12.26
CA PHE F 518 26.43 -37.48 11.74
C PHE F 518 26.93 -38.74 12.47
N MET G 6 -30.96 -8.25 -29.71
CA MET G 6 -31.46 -7.72 -28.41
C MET G 6 -30.31 -7.29 -27.50
N ALA G 7 -30.58 -6.47 -26.48
CA ALA G 7 -29.55 -5.99 -25.54
C ALA G 7 -28.96 -7.10 -24.64
N ASP G 8 -29.74 -8.15 -24.33
CA ASP G 8 -29.26 -9.25 -23.47
C ASP G 8 -28.04 -9.96 -24.05
N TYR G 9 -27.83 -9.90 -25.37
CA TYR G 9 -26.66 -10.44 -26.03
C TYR G 9 -25.72 -9.34 -26.55
N LEU G 10 -26.23 -8.20 -27.04
CA LEU G 10 -25.38 -7.17 -27.63
C LEU G 10 -24.47 -6.42 -26.63
N ILE G 11 -24.87 -6.26 -25.36
CA ILE G 11 -24.07 -5.56 -24.33
C ILE G 11 -22.71 -6.24 -24.15
N SER G 12 -22.71 -7.56 -23.95
CA SER G 12 -21.52 -8.40 -23.79
C SER G 12 -21.95 -9.83 -24.15
N GLY G 13 -21.48 -10.34 -25.29
CA GLY G 13 -21.89 -11.63 -25.85
C GLY G 13 -21.68 -12.85 -24.98
N GLY G 14 -22.76 -13.41 -24.44
CA GLY G 14 -22.77 -14.63 -23.62
C GLY G 14 -22.12 -14.53 -22.23
N THR G 15 -21.38 -13.45 -21.94
CA THR G 15 -20.71 -13.26 -20.66
C THR G 15 -21.67 -12.64 -19.63
N SER G 16 -22.16 -13.44 -18.68
CA SER G 16 -23.04 -12.93 -17.62
C SER G 16 -22.20 -12.09 -16.65
N TYR G 17 -22.84 -11.38 -15.71
CA TYR G 17 -22.14 -10.53 -14.76
C TYR G 17 -21.09 -11.27 -13.91
N VAL G 18 -21.41 -12.45 -13.34
CA VAL G 18 -20.46 -13.25 -12.54
C VAL G 18 -19.76 -12.44 -11.43
N PRO G 19 -20.41 -12.19 -10.27
CA PRO G 19 -19.84 -11.40 -9.18
C PRO G 19 -18.38 -11.73 -8.83
N ASP G 20 -17.56 -10.72 -8.55
CA ASP G 20 -16.14 -10.92 -8.24
C ASP G 20 -15.95 -11.13 -6.73
N ASP G 21 -15.42 -12.29 -6.38
CA ASP G 21 -15.19 -12.72 -5.00
C ASP G 21 -14.06 -13.77 -4.98
N GLY G 22 -13.06 -13.58 -4.13
CA GLY G 22 -11.89 -14.46 -4.03
C GLY G 22 -10.69 -13.91 -4.77
N LEU G 23 -9.55 -14.60 -4.69
CA LEU G 23 -8.30 -14.19 -5.32
C LEU G 23 -7.88 -15.14 -6.43
N THR G 24 -7.28 -14.65 -7.51
CA THR G 24 -6.71 -15.49 -8.57
C THR G 24 -5.38 -16.07 -8.08
N ALA G 25 -4.86 -17.13 -8.70
CA ALA G 25 -3.58 -17.70 -8.25
C ALA G 25 -2.45 -16.67 -8.32
N GLN G 26 -2.46 -15.83 -9.36
CA GLN G 26 -1.46 -14.81 -9.55
C GLN G 26 -1.41 -13.85 -8.35
N GLN G 27 -2.55 -13.31 -7.91
CA GLN G 27 -2.54 -12.38 -6.79
C GLN G 27 -2.35 -13.12 -5.45
N LEU G 28 -2.69 -14.40 -5.33
CA LEU G 28 -2.44 -15.18 -4.11
C LEU G 28 -0.91 -15.40 -3.91
N PHE G 29 -0.17 -15.74 -4.97
CA PHE G 29 1.26 -16.04 -4.89
C PHE G 29 2.19 -14.84 -5.18
N ASN G 30 1.62 -13.63 -5.27
CA ASN G 30 2.35 -12.37 -5.44
C ASN G 30 2.43 -11.56 -4.12
N CYS G 31 1.93 -12.10 -3.02
CA CYS G 31 1.99 -11.46 -1.69
C CYS G 31 3.39 -11.61 -1.03
N GLY G 32 4.26 -12.44 -1.60
CA GLY G 32 5.62 -12.69 -1.11
C GLY G 32 5.71 -13.65 0.09
N ASP G 33 4.57 -14.03 0.65
CA ASP G 33 4.49 -14.97 1.76
C ASP G 33 4.80 -16.39 1.26
N GLY G 34 5.35 -17.23 2.10
CA GLY G 34 5.69 -18.61 1.77
C GLY G 34 4.54 -19.54 2.10
N LEU G 35 3.74 -19.88 1.10
CA LEU G 35 2.54 -20.70 1.26
C LEU G 35 2.76 -22.19 0.99
N THR G 36 2.20 -23.00 1.88
CA THR G 36 2.11 -24.47 1.85
C THR G 36 0.69 -24.87 1.47
N TYR G 37 0.43 -26.12 1.09
CA TYR G 37 -0.90 -26.59 0.70
C TYR G 37 -2.00 -26.27 1.73
N ASN G 38 -1.70 -26.39 3.03
CA ASN G 38 -2.66 -26.12 4.10
C ASN G 38 -3.00 -24.64 4.33
N ASP G 39 -2.31 -23.69 3.70
CA ASP G 39 -2.51 -22.25 3.88
C ASP G 39 -3.63 -21.65 3.03
N PHE G 40 -4.21 -22.39 2.10
CA PHE G 40 -5.23 -21.88 1.20
C PHE G 40 -6.22 -22.95 0.73
N LEU G 41 -7.32 -22.53 0.13
CA LEU G 41 -8.38 -23.36 -0.44
C LEU G 41 -8.77 -22.86 -1.82
N ILE G 42 -9.49 -23.70 -2.56
CA ILE G 42 -10.03 -23.40 -3.89
C ILE G 42 -11.53 -23.17 -3.72
N LEU G 43 -12.05 -22.03 -4.18
CA LEU G 43 -13.46 -21.72 -4.05
C LEU G 43 -14.29 -22.57 -5.04
N PRO G 44 -15.53 -22.96 -4.69
CA PRO G 44 -16.36 -23.77 -5.57
C PRO G 44 -16.86 -22.98 -6.78
N GLY G 45 -17.21 -23.69 -7.87
CA GLY G 45 -17.68 -23.07 -9.11
C GLY G 45 -19.10 -23.48 -9.48
N TYR G 46 -19.30 -23.92 -10.73
CA TYR G 46 -20.58 -24.35 -11.28
C TYR G 46 -20.51 -25.81 -11.76
N ILE G 47 -21.54 -26.60 -11.47
CA ILE G 47 -21.61 -28.03 -11.81
C ILE G 47 -22.66 -28.33 -12.88
N ASP G 48 -22.24 -28.90 -14.00
CA ASP G 48 -23.15 -29.36 -15.07
C ASP G 48 -22.70 -30.71 -15.65
N PHE G 49 -22.14 -31.57 -14.81
CA PHE G 49 -21.67 -32.91 -15.15
C PHE G 49 -21.48 -33.75 -13.88
N THR G 50 -21.44 -35.08 -14.01
CA THR G 50 -21.22 -36.01 -12.89
C THR G 50 -19.72 -36.26 -12.71
N ALA G 51 -19.27 -36.65 -11.51
CA ALA G 51 -17.83 -36.85 -11.27
C ALA G 51 -17.18 -37.95 -12.13
N ASP G 52 -17.96 -38.88 -12.67
CA ASP G 52 -17.46 -39.98 -13.52
C ASP G 52 -17.10 -39.51 -14.95
N GLN G 53 -17.41 -38.27 -15.31
CA GLN G 53 -17.10 -37.69 -16.61
C GLN G 53 -15.84 -36.82 -16.59
N VAL G 54 -15.09 -36.79 -15.49
CA VAL G 54 -13.86 -36.00 -15.37
C VAL G 54 -12.68 -36.80 -15.93
N ASP G 55 -11.96 -36.22 -16.89
CA ASP G 55 -10.78 -36.83 -17.53
C ASP G 55 -9.49 -36.42 -16.80
N LEU G 56 -8.69 -37.41 -16.43
CA LEU G 56 -7.44 -37.23 -15.70
C LEU G 56 -6.19 -37.50 -16.54
N THR G 57 -6.32 -37.41 -17.87
CA THR G 57 -5.17 -37.61 -18.77
C THR G 57 -4.14 -36.51 -18.51
N SER G 58 -2.87 -36.87 -18.42
CA SER G 58 -1.81 -35.90 -18.11
C SER G 58 -0.48 -36.22 -18.79
N ALA G 59 0.33 -35.21 -19.03
CA ALA G 59 1.64 -35.34 -19.66
C ALA G 59 2.75 -35.49 -18.62
N LEU G 60 3.46 -36.61 -18.66
CA LEU G 60 4.61 -36.86 -17.80
C LEU G 60 5.82 -36.05 -18.31
N THR G 61 5.99 -35.98 -19.63
CA THR G 61 7.06 -35.23 -20.32
C THR G 61 6.50 -34.58 -21.58
N LYS G 62 7.33 -34.02 -22.48
CA LYS G 62 6.87 -33.39 -23.74
C LYS G 62 6.14 -34.36 -24.69
N LYS G 63 6.45 -35.66 -24.65
CA LYS G 63 5.81 -36.69 -25.49
C LYS G 63 5.47 -38.03 -24.82
N ILE G 64 5.26 -38.04 -23.50
CA ILE G 64 4.79 -39.23 -22.76
C ILE G 64 3.51 -38.81 -22.03
N THR G 65 2.40 -39.48 -22.32
CA THR G 65 1.08 -39.19 -21.73
C THR G 65 0.58 -40.38 -20.90
N LEU G 66 0.02 -40.09 -19.74
CA LEU G 66 -0.51 -41.05 -18.78
C LEU G 66 -2.03 -40.84 -18.62
N LYS G 67 -2.74 -41.90 -18.22
CA LYS G 67 -4.18 -41.88 -17.99
C LYS G 67 -4.57 -41.19 -16.68
N THR G 68 -3.68 -41.18 -15.70
CA THR G 68 -3.81 -40.57 -14.37
C THR G 68 -2.52 -39.81 -14.03
N PRO G 69 -2.55 -38.77 -13.17
CA PRO G 69 -1.37 -37.96 -12.87
C PRO G 69 -0.48 -38.48 -11.74
N LEU G 70 -0.61 -39.74 -11.33
CA LEU G 70 0.11 -40.30 -10.18
C LEU G 70 1.43 -41.00 -10.55
N VAL G 71 2.49 -40.70 -9.80
CA VAL G 71 3.85 -41.24 -10.01
C VAL G 71 4.46 -41.72 -8.68
N SER G 72 5.28 -42.78 -8.70
CA SER G 72 5.96 -43.29 -7.49
C SER G 72 7.37 -42.73 -7.38
N SER G 73 7.73 -42.27 -6.18
CA SER G 73 9.04 -41.68 -5.93
C SER G 73 10.18 -42.68 -6.04
N PRO G 74 11.35 -42.32 -6.61
CA PRO G 74 12.51 -43.20 -6.72
C PRO G 74 13.27 -43.32 -5.40
N MET G 75 12.77 -44.16 -4.50
CA MET G 75 13.34 -44.45 -3.18
C MET G 75 13.41 -45.96 -2.95
N ASP G 76 14.37 -46.41 -2.14
CA ASP G 76 14.58 -47.85 -1.89
C ASP G 76 13.50 -48.51 -1.00
N THR G 77 12.62 -47.71 -0.41
CA THR G 77 11.47 -48.12 0.41
C THR G 77 10.15 -47.80 -0.28
N VAL G 78 10.19 -47.42 -1.56
CA VAL G 78 8.98 -47.12 -2.33
C VAL G 78 8.91 -47.84 -3.67
N THR G 79 9.91 -47.68 -4.56
CA THR G 79 9.80 -48.19 -5.93
C THR G 79 10.84 -49.20 -6.43
N GLU G 80 10.37 -50.42 -6.67
CA GLU G 80 11.08 -51.53 -7.30
C GLU G 80 10.15 -52.09 -8.39
N ALA G 81 10.47 -53.23 -9.02
CA ALA G 81 9.64 -53.78 -10.10
C ALA G 81 8.17 -53.96 -9.75
N GLY G 82 7.83 -54.47 -8.56
CA GLY G 82 6.43 -54.70 -8.17
C GLY G 82 5.63 -53.41 -8.08
N MET G 83 6.19 -52.37 -7.46
CA MET G 83 5.53 -51.07 -7.38
C MET G 83 5.39 -50.46 -8.79
N ALA G 84 6.44 -50.53 -9.63
CA ALA G 84 6.39 -49.98 -10.98
C ALA G 84 5.32 -50.68 -11.83
N ILE G 85 5.20 -52.00 -11.75
CA ILE G 85 4.17 -52.76 -12.47
C ILE G 85 2.78 -52.32 -12.00
N ALA G 86 2.55 -52.22 -10.69
CA ALA G 86 1.27 -51.82 -10.16
C ALA G 86 0.87 -50.38 -10.56
N MET G 87 1.81 -49.43 -10.49
CA MET G 87 1.53 -48.06 -10.92
C MET G 87 1.27 -48.00 -12.43
N ALA G 88 2.02 -48.76 -13.23
CA ALA G 88 1.80 -48.77 -14.67
C ALA G 88 0.42 -49.35 -15.01
N LEU G 89 0.00 -50.43 -14.34
CA LEU G 89 -1.31 -51.06 -14.55
C LEU G 89 -2.47 -50.16 -14.11
N THR G 90 -2.29 -49.36 -13.06
CA THR G 90 -3.31 -48.42 -12.58
C THR G 90 -3.41 -47.15 -13.45
N GLY G 91 -2.48 -46.93 -14.38
CA GLY G 91 -2.50 -45.80 -15.31
C GLY G 91 -1.46 -44.71 -15.09
N GLY G 92 -0.58 -44.88 -14.10
CA GLY G 92 0.49 -43.96 -13.75
C GLY G 92 1.84 -44.52 -14.18
N ILE G 93 2.90 -44.31 -13.41
CA ILE G 93 4.25 -44.82 -13.70
C ILE G 93 5.08 -44.85 -12.41
N GLY G 94 6.19 -45.59 -12.40
CA GLY G 94 7.11 -45.63 -11.26
C GLY G 94 8.56 -45.43 -11.72
N PHE G 95 9.37 -44.75 -10.90
CA PHE G 95 10.78 -44.53 -11.19
C PHE G 95 11.57 -45.41 -10.23
N ILE G 96 12.38 -46.33 -10.76
CA ILE G 96 13.15 -47.26 -9.93
C ILE G 96 14.35 -46.54 -9.31
N HIS G 97 14.60 -46.74 -8.01
CA HIS G 97 15.71 -46.12 -7.27
C HIS G 97 17.07 -46.61 -7.78
N HIS G 98 18.15 -45.87 -7.50
CA HIS G 98 19.50 -46.21 -7.98
C HIS G 98 20.55 -46.47 -6.90
N ASN G 99 20.19 -46.61 -5.61
CA ASN G 99 21.24 -46.84 -4.59
C ASN G 99 21.77 -48.29 -4.57
N CYS G 100 21.24 -49.14 -5.45
CA CYS G 100 21.66 -50.51 -5.72
C CYS G 100 22.80 -50.49 -6.76
N THR G 101 23.20 -51.64 -7.28
CA THR G 101 24.20 -51.74 -8.35
C THR G 101 23.52 -51.52 -9.71
N PRO G 102 24.24 -51.09 -10.76
CA PRO G 102 23.64 -50.87 -12.08
C PRO G 102 22.96 -52.11 -12.68
N GLU G 103 23.57 -53.28 -12.49
CA GLU G 103 23.06 -54.57 -12.97
C GLU G 103 21.70 -54.91 -12.34
N PHE G 104 21.55 -54.64 -11.03
CA PHE G 104 20.30 -54.85 -10.32
C PHE G 104 19.21 -53.91 -10.85
N GLN G 105 19.47 -52.61 -11.01
CA GLN G 105 18.46 -51.67 -11.49
C GLN G 105 18.03 -52.01 -12.92
N ALA G 106 18.96 -52.43 -13.78
CA ALA G 106 18.65 -52.84 -15.15
C ALA G 106 17.73 -54.07 -15.15
N ASN G 107 17.99 -55.05 -14.28
CA ASN G 107 17.15 -56.24 -14.18
C ASN G 107 15.75 -55.87 -13.68
N GLU G 108 15.63 -54.96 -12.72
CA GLU G 108 14.33 -54.50 -12.23
C GLU G 108 13.55 -53.81 -13.35
N VAL G 109 14.19 -53.00 -14.22
CA VAL G 109 13.49 -52.38 -15.37
C VAL G 109 13.03 -53.46 -16.35
N ARG G 110 13.86 -54.48 -16.63
CA ARG G 110 13.53 -55.58 -17.54
C ARG G 110 12.31 -56.38 -17.06
N LYS G 111 12.13 -56.55 -15.75
CA LYS G 111 10.95 -57.23 -15.17
C LYS G 111 9.68 -56.46 -15.53
N VAL G 112 9.71 -55.12 -15.45
CA VAL G 112 8.56 -54.26 -15.81
C VAL G 112 8.27 -54.31 -17.30
N LYS G 113 9.30 -54.26 -18.15
CA LYS G 113 9.16 -54.30 -19.62
C LYS G 113 8.68 -55.66 -20.15
N LYS G 114 8.93 -56.76 -19.44
CA LYS G 114 8.51 -58.12 -19.86
C LYS G 114 7.22 -58.62 -19.19
N TYR G 115 6.46 -57.78 -18.50
CA TYR G 115 5.23 -58.20 -17.82
C TYR G 115 4.11 -58.60 -18.81
N PRO G 238 -7.16 -51.55 -18.56
CA PRO G 238 -8.07 -50.53 -19.04
C PRO G 238 -7.40 -49.17 -19.24
N LEU G 239 -6.79 -48.64 -18.16
CA LEU G 239 -6.06 -47.38 -18.12
C LEU G 239 -4.53 -47.57 -18.10
N ALA G 240 -4.01 -48.79 -18.28
CA ALA G 240 -2.58 -49.06 -18.19
C ALA G 240 -1.69 -48.21 -19.13
N SER G 241 -0.61 -47.64 -18.58
CA SER G 241 0.33 -46.81 -19.33
C SER G 241 1.32 -47.74 -20.06
N LYS G 242 1.29 -47.71 -21.39
CA LYS G 242 2.09 -48.58 -22.27
C LYS G 242 2.82 -47.77 -23.36
N ASP G 243 3.78 -48.40 -24.04
CA ASP G 243 4.56 -47.80 -25.14
C ASP G 243 4.04 -48.30 -26.52
N ALA G 244 4.74 -47.97 -27.61
CA ALA G 244 4.36 -48.38 -28.96
C ALA G 244 4.35 -49.91 -29.16
N LYS G 245 5.26 -50.63 -28.49
CA LYS G 245 5.38 -52.10 -28.50
C LYS G 245 4.42 -52.78 -27.52
N LYS G 246 3.47 -52.04 -26.93
CA LYS G 246 2.46 -52.48 -25.95
C LYS G 246 3.03 -53.03 -24.64
N GLN G 247 4.25 -52.67 -24.27
CA GLN G 247 4.89 -53.03 -23.01
C GLN G 247 4.62 -51.93 -21.98
N LEU G 248 4.61 -52.26 -20.70
CA LEU G 248 4.38 -51.28 -19.63
C LEU G 248 5.45 -50.19 -19.63
N LEU G 249 5.06 -48.93 -19.51
CA LEU G 249 6.04 -47.84 -19.42
C LEU G 249 6.83 -48.00 -18.12
N CYS G 250 8.12 -47.70 -18.13
CA CYS G 250 8.96 -47.75 -16.93
C CYS G 250 9.98 -46.61 -16.94
N GLY G 251 10.23 -46.05 -15.76
CA GLY G 251 11.21 -44.99 -15.53
C GLY G 251 12.27 -45.41 -14.52
N ALA G 252 13.40 -44.71 -14.51
CA ALA G 252 14.50 -44.98 -13.59
C ALA G 252 15.30 -43.72 -13.26
N ALA G 253 15.95 -43.70 -12.11
CA ALA G 253 16.76 -42.58 -11.67
C ALA G 253 18.25 -42.89 -11.82
N ILE G 254 19.07 -41.85 -12.03
CA ILE G 254 20.54 -41.92 -12.08
C ILE G 254 21.12 -40.71 -11.35
N GLY G 255 22.42 -40.73 -11.07
CA GLY G 255 23.16 -39.64 -10.45
C GLY G 255 23.84 -38.77 -11.52
N THR G 256 24.74 -37.88 -11.09
CA THR G 256 25.48 -36.97 -11.99
C THR G 256 26.99 -37.21 -12.02
N HIS G 257 27.47 -38.33 -11.50
CA HIS G 257 28.89 -38.68 -11.52
C HIS G 257 29.25 -39.42 -12.81
N GLU G 258 30.53 -39.51 -13.17
CA GLU G 258 30.97 -40.16 -14.41
C GLU G 258 30.57 -41.64 -14.50
N ASP G 259 30.49 -42.37 -13.39
CA ASP G 259 30.09 -43.78 -13.41
C ASP G 259 28.59 -43.96 -13.72
N ASP G 260 27.77 -42.91 -13.63
CA ASP G 260 26.37 -43.01 -13.99
C ASP G 260 26.17 -43.17 -15.50
N LYS G 261 27.21 -42.92 -16.33
CA LYS G 261 27.11 -43.12 -17.79
C LYS G 261 27.06 -44.62 -18.11
N TYR G 262 27.81 -45.47 -17.41
CA TYR G 262 27.70 -46.92 -17.61
C TYR G 262 26.31 -47.40 -17.15
N ARG G 263 25.82 -46.88 -16.01
CA ARG G 263 24.47 -47.18 -15.52
C ARG G 263 23.42 -46.73 -16.54
N LEU G 264 23.59 -45.56 -17.16
CA LEU G 264 22.67 -45.05 -18.18
C LEU G 264 22.61 -46.02 -19.37
N ASP G 265 23.75 -46.55 -19.81
CA ASP G 265 23.82 -47.50 -20.90
C ASP G 265 23.09 -48.80 -20.56
N LEU G 266 23.26 -49.34 -19.36
CA LEU G 266 22.56 -50.55 -18.95
C LEU G 266 21.04 -50.31 -18.89
N LEU G 267 20.59 -49.19 -18.33
CA LEU G 267 19.17 -48.84 -18.26
C LEU G 267 18.59 -48.65 -19.66
N ALA G 268 19.35 -48.04 -20.59
CA ALA G 268 18.92 -47.85 -21.98
C ALA G 268 18.77 -49.19 -22.70
N GLN G 269 19.72 -50.11 -22.54
CA GLN G 269 19.65 -51.45 -23.16
C GLN G 269 18.53 -52.29 -22.54
N ALA G 270 18.20 -52.08 -21.27
CA ALA G 270 17.09 -52.77 -20.60
C ALA G 270 15.71 -52.31 -21.13
N GLY G 271 15.66 -51.19 -21.86
CA GLY G 271 14.43 -50.65 -22.43
C GLY G 271 13.74 -49.54 -21.64
N VAL G 272 14.45 -48.79 -20.77
CA VAL G 272 13.82 -47.69 -20.02
C VAL G 272 13.27 -46.64 -21.00
N ASP G 273 12.15 -46.00 -20.67
CA ASP G 273 11.51 -45.00 -21.54
C ASP G 273 11.81 -43.56 -21.12
N VAL G 274 11.98 -43.31 -19.81
CA VAL G 274 12.23 -41.99 -19.23
C VAL G 274 13.17 -42.09 -18.04
N VAL G 275 14.08 -41.12 -17.90
CA VAL G 275 15.09 -41.12 -16.84
C VAL G 275 15.11 -39.80 -16.08
N VAL G 276 15.24 -39.87 -14.76
CA VAL G 276 15.27 -38.68 -13.91
C VAL G 276 16.64 -38.53 -13.28
N LEU G 277 17.22 -37.34 -13.37
CA LEU G 277 18.52 -37.03 -12.75
C LEU G 277 18.20 -36.68 -11.30
N ASP G 278 18.47 -37.60 -10.38
CA ASP G 278 18.11 -37.46 -8.96
C ASP G 278 19.12 -36.67 -8.12
N SER G 279 18.73 -35.48 -7.67
CA SER G 279 19.55 -34.60 -6.83
C SER G 279 18.68 -33.63 -6.03
N SER G 280 19.17 -33.14 -4.90
CA SER G 280 18.48 -32.16 -4.06
C SER G 280 18.49 -30.77 -4.69
N GLN G 281 19.56 -30.41 -5.40
CA GLN G 281 19.76 -29.12 -6.05
C GLN G 281 20.22 -29.39 -7.49
N GLY G 282 19.29 -29.38 -8.45
CA GLY G 282 19.62 -29.70 -9.83
C GLY G 282 20.17 -28.57 -10.71
N ASN G 283 20.34 -27.34 -10.23
CA ASN G 283 20.89 -26.26 -11.04
C ASN G 283 22.43 -26.26 -10.91
N SER G 284 23.11 -27.23 -11.52
CA SER G 284 24.56 -27.39 -11.41
C SER G 284 25.26 -27.76 -12.72
N ILE G 285 26.57 -27.53 -12.77
CA ILE G 285 27.42 -27.84 -13.94
C ILE G 285 27.40 -29.34 -14.21
N PHE G 286 27.38 -30.18 -13.17
CA PHE G 286 27.35 -31.63 -13.31
C PHE G 286 26.05 -32.16 -13.96
N GLN G 287 24.88 -31.63 -13.56
CA GLN G 287 23.63 -32.05 -14.14
C GLN G 287 23.49 -31.54 -15.59
N ILE G 288 23.88 -30.30 -15.88
CA ILE G 288 23.81 -29.72 -17.23
C ILE G 288 24.73 -30.51 -18.20
N ASN G 289 25.92 -30.90 -17.76
CA ASN G 289 26.80 -31.74 -18.58
C ASN G 289 26.16 -33.11 -18.84
N MET G 290 25.56 -33.74 -17.82
CA MET G 290 24.90 -35.03 -17.96
C MET G 290 23.73 -34.94 -18.96
N ILE G 291 22.91 -33.89 -18.90
CA ILE G 291 21.76 -33.71 -19.80
C ILE G 291 22.22 -33.63 -21.26
N LYS G 292 23.27 -32.85 -21.54
CA LYS G 292 23.79 -32.70 -22.91
C LYS G 292 24.42 -34.01 -23.40
N TYR G 293 25.10 -34.75 -22.54
CA TYR G 293 25.66 -36.05 -22.91
C TYR G 293 24.54 -37.05 -23.30
N ILE G 294 23.45 -37.09 -22.53
CA ILE G 294 22.32 -37.97 -22.82
C ILE G 294 21.66 -37.55 -24.13
N LYS G 295 21.43 -36.25 -24.37
CA LYS G 295 20.79 -35.81 -25.62
C LYS G 295 21.63 -36.09 -26.85
N ASP G 296 22.94 -35.94 -26.78
CA ASP G 296 23.84 -36.26 -27.89
C ASP G 296 23.88 -37.77 -28.18
N LYS G 297 23.91 -38.61 -27.14
CA LYS G 297 24.03 -40.08 -27.26
C LYS G 297 22.73 -40.83 -27.47
N TYR G 298 21.65 -40.43 -26.80
CA TYR G 298 20.33 -41.04 -26.87
C TYR G 298 19.24 -40.00 -27.20
N PRO G 299 19.08 -39.59 -28.47
CA PRO G 299 18.07 -38.59 -28.84
C PRO G 299 16.62 -39.07 -28.61
N ASN G 300 16.40 -40.38 -28.53
CA ASN G 300 15.09 -41.00 -28.29
C ASN G 300 14.69 -41.05 -26.79
N LEU G 301 15.61 -40.86 -25.85
CA LEU G 301 15.33 -40.97 -24.42
C LEU G 301 14.82 -39.67 -23.81
N GLN G 302 13.78 -39.76 -22.97
CA GLN G 302 13.23 -38.60 -22.28
C GLN G 302 14.01 -38.36 -20.97
N VAL G 303 14.46 -37.13 -20.72
CA VAL G 303 15.26 -36.75 -19.55
C VAL G 303 14.55 -35.74 -18.68
N ILE G 304 14.40 -36.04 -17.40
CA ILE G 304 13.73 -35.20 -16.40
C ILE G 304 14.79 -34.61 -15.48
N GLY G 305 14.80 -33.29 -15.33
CA GLY G 305 15.76 -32.60 -14.47
C GLY G 305 15.18 -32.19 -13.13
N GLY G 306 16.03 -31.89 -12.17
CA GLY G 306 15.60 -31.50 -10.83
C GLY G 306 16.56 -31.95 -9.74
N ASN G 307 16.26 -31.62 -8.49
CA ASN G 307 15.08 -30.84 -8.08
C ASN G 307 15.35 -29.33 -8.12
N VAL G 308 14.35 -28.55 -8.50
CA VAL G 308 14.36 -27.09 -8.56
C VAL G 308 13.13 -26.50 -7.84
N VAL G 309 13.23 -25.28 -7.34
CA VAL G 309 12.15 -24.55 -6.66
C VAL G 309 12.00 -23.10 -7.12
N THR G 310 12.80 -22.63 -8.07
CA THR G 310 12.77 -21.26 -8.62
C THR G 310 12.80 -21.23 -10.14
N ALA G 311 12.26 -20.17 -10.74
CA ALA G 311 12.27 -20.01 -12.20
C ALA G 311 13.70 -19.83 -12.74
N ALA G 312 14.60 -19.23 -11.96
CA ALA G 312 16.00 -19.05 -12.33
C ALA G 312 16.68 -20.41 -12.53
N GLN G 313 16.51 -21.34 -11.59
CA GLN G 313 17.02 -22.70 -11.73
C GLN G 313 16.36 -23.41 -12.92
N ALA G 314 15.04 -23.24 -13.10
CA ALA G 314 14.34 -23.90 -14.19
C ALA G 314 14.84 -23.46 -15.57
N LYS G 315 15.23 -22.18 -15.75
CA LYS G 315 15.73 -21.67 -17.03
C LYS G 315 16.99 -22.38 -17.51
N ASN G 316 17.98 -22.59 -16.64
CA ASN G 316 19.22 -23.28 -17.04
C ASN G 316 18.96 -24.70 -17.52
N LEU G 317 18.09 -25.46 -16.84
CA LEU G 317 17.74 -26.82 -17.21
C LEU G 317 16.90 -26.88 -18.49
N ILE G 318 15.95 -25.96 -18.70
CA ILE G 318 15.15 -25.93 -19.93
C ILE G 318 16.09 -25.60 -21.10
N ASP G 319 17.05 -24.69 -20.94
CA ASP G 319 18.05 -24.35 -21.97
C ASP G 319 19.06 -25.49 -22.19
N ALA G 320 19.29 -26.36 -21.20
CA ALA G 320 20.13 -27.55 -21.35
C ALA G 320 19.45 -28.59 -22.26
N GLY G 321 18.11 -28.58 -22.33
CA GLY G 321 17.30 -29.47 -23.17
C GLY G 321 16.47 -30.52 -22.43
N VAL G 322 16.05 -30.30 -21.18
CA VAL G 322 15.22 -31.29 -20.45
C VAL G 322 13.82 -31.41 -21.05
N ASP G 323 13.14 -32.51 -20.75
CA ASP G 323 11.77 -32.80 -21.25
C ASP G 323 10.67 -32.61 -20.19
N ALA G 324 11.03 -32.50 -18.91
CA ALA G 324 10.18 -32.21 -17.76
C ALA G 324 11.04 -31.71 -16.58
N LEU G 325 10.41 -31.23 -15.52
CA LEU G 325 11.07 -30.72 -14.31
C LEU G 325 10.49 -31.34 -13.05
N ARG G 326 11.33 -31.55 -12.05
CA ARG G 326 10.96 -32.10 -10.75
C ARG G 326 11.04 -30.96 -9.73
N VAL G 327 9.94 -30.69 -9.04
CA VAL G 327 9.86 -29.54 -8.12
C VAL G 327 9.64 -29.91 -6.67
N GLY G 328 10.49 -29.36 -5.80
CA GLY G 328 10.43 -29.56 -4.36
C GLY G 328 11.80 -29.61 -3.71
N MET G 329 11.97 -28.98 -2.55
CA MET G 329 13.23 -28.95 -1.80
C MET G 329 12.94 -28.75 -0.32
N GLY G 330 13.11 -29.83 0.44
CA GLY G 330 12.89 -29.82 1.88
C GLY G 330 11.44 -30.04 2.32
N SER G 331 10.52 -30.27 1.39
CA SER G 331 9.09 -30.51 1.63
C SER G 331 8.74 -31.98 1.93
N GLY G 332 9.67 -32.91 1.75
CA GLY G 332 9.42 -34.33 1.98
C GLY G 332 9.17 -34.69 3.44
N SER G 333 8.33 -35.69 3.71
CA SER G 333 8.02 -36.07 5.10
C SER G 333 9.24 -36.52 5.91
N ILE G 334 10.22 -37.15 5.25
CA ILE G 334 11.49 -37.64 5.80
C ILE G 334 12.66 -36.69 5.47
N CYS G 335 12.40 -35.42 5.13
CA CYS G 335 13.45 -34.50 4.73
C CYS G 335 13.72 -33.47 5.82
N ILE G 336 14.98 -33.29 6.19
CA ILE G 336 15.43 -32.29 7.18
C ILE G 336 16.37 -31.25 6.54
N THR G 337 16.41 -31.15 5.21
CA THR G 337 17.28 -30.20 4.49
C THR G 337 17.05 -28.75 4.90
N GLN G 338 15.80 -28.29 5.13
CA GLN G 338 15.52 -26.91 5.52
C GLN G 338 16.12 -26.54 6.89
N GLU G 339 16.16 -27.48 7.84
CA GLU G 339 16.75 -27.24 9.16
C GLU G 339 18.27 -27.46 9.16
N VAL G 340 18.79 -28.36 8.33
CA VAL G 340 20.23 -28.65 8.26
C VAL G 340 20.99 -27.68 7.36
N LEU G 341 20.51 -27.41 6.15
CA LEU G 341 21.22 -26.55 5.20
C LEU G 341 20.63 -25.15 5.02
N ALA G 342 19.49 -24.83 5.66
CA ALA G 342 18.80 -23.53 5.58
C ALA G 342 18.31 -23.12 4.18
N CYS G 343 18.25 -24.07 3.26
CA CYS G 343 17.87 -23.86 1.87
C CYS G 343 16.62 -24.66 1.48
N GLY G 344 15.77 -24.09 0.63
CA GLY G 344 14.54 -24.69 0.15
C GLY G 344 13.45 -23.65 -0.10
N ARG G 345 12.19 -24.11 -0.18
CA ARG G 345 11.03 -23.24 -0.39
C ARG G 345 9.73 -23.94 -0.01
N PRO G 346 8.69 -23.23 0.46
CA PRO G 346 7.38 -23.87 0.72
C PRO G 346 6.84 -24.48 -0.59
N GLN G 347 6.25 -25.67 -0.53
CA GLN G 347 5.90 -26.43 -1.74
C GLN G 347 4.85 -25.78 -2.66
N ALA G 348 3.77 -25.17 -2.15
CA ALA G 348 2.74 -24.61 -3.03
C ALA G 348 3.27 -23.46 -3.90
N THR G 349 3.94 -22.47 -3.32
CA THR G 349 4.54 -21.35 -4.06
C THR G 349 5.62 -21.85 -5.01
N ALA G 350 6.47 -22.80 -4.60
CA ALA G 350 7.49 -23.33 -5.50
C ALA G 350 6.86 -23.99 -6.75
N VAL G 351 5.83 -24.82 -6.56
CA VAL G 351 5.13 -25.46 -7.67
C VAL G 351 4.51 -24.42 -8.60
N TYR G 352 3.80 -23.43 -8.07
CA TYR G 352 3.20 -22.39 -8.88
C TYR G 352 4.25 -21.60 -9.68
N LYS G 353 5.29 -21.09 -9.02
CA LYS G 353 6.33 -20.28 -9.65
C LYS G 353 7.11 -21.04 -10.71
N VAL G 354 7.46 -22.30 -10.47
CA VAL G 354 8.18 -23.09 -11.47
C VAL G 354 7.24 -23.47 -12.63
N SER G 355 5.99 -23.84 -12.35
CA SER G 355 5.05 -24.22 -13.40
C SER G 355 4.68 -23.05 -14.30
N GLU G 356 4.56 -21.85 -13.77
CA GLU G 356 4.23 -20.67 -14.55
C GLU G 356 5.34 -20.41 -15.58
N TYR G 357 6.62 -20.53 -15.18
CA TYR G 357 7.73 -20.33 -16.08
C TYR G 357 7.88 -21.49 -17.09
N ALA G 358 7.77 -22.75 -16.64
CA ALA G 358 7.93 -23.90 -17.53
C ALA G 358 6.82 -24.03 -18.59
N ARG G 359 5.64 -23.47 -18.33
CA ARG G 359 4.50 -23.43 -19.29
C ARG G 359 4.87 -22.65 -20.55
N ARG G 360 5.70 -21.61 -20.45
CA ARG G 360 6.15 -20.78 -21.58
C ARG G 360 6.93 -21.55 -22.65
N PHE G 361 7.47 -22.72 -22.31
CA PHE G 361 8.25 -23.57 -23.21
C PHE G 361 7.64 -24.96 -23.44
N GLY G 362 6.39 -25.20 -23.03
CA GLY G 362 5.74 -26.50 -23.20
C GLY G 362 6.35 -27.62 -22.35
N VAL G 363 6.99 -27.29 -21.23
CA VAL G 363 7.66 -28.28 -20.36
C VAL G 363 6.78 -28.58 -19.14
N PRO G 364 6.32 -29.82 -18.93
CA PRO G 364 5.49 -30.15 -17.77
C PRO G 364 6.31 -30.22 -16.47
N VAL G 365 5.64 -29.99 -15.34
CA VAL G 365 6.21 -30.03 -14.00
C VAL G 365 5.65 -31.20 -13.20
N ILE G 366 6.54 -31.92 -12.52
CA ILE G 366 6.19 -33.00 -11.60
C ILE G 366 6.26 -32.40 -10.18
N ALA G 367 5.18 -32.45 -9.42
CA ALA G 367 5.17 -31.94 -8.05
C ALA G 367 5.65 -33.05 -7.12
N ASP G 368 6.74 -32.82 -6.40
CA ASP G 368 7.37 -33.82 -5.53
C ASP G 368 7.54 -33.37 -4.07
N GLY G 369 6.99 -34.14 -3.14
CA GLY G 369 7.14 -33.90 -1.70
C GLY G 369 6.02 -33.13 -1.03
N GLY G 370 5.65 -33.56 0.18
CA GLY G 370 4.63 -32.90 0.99
C GLY G 370 3.19 -33.34 0.77
N ILE G 371 2.90 -34.42 0.03
CA ILE G 371 1.52 -34.86 -0.23
C ILE G 371 1.06 -35.79 0.91
N GLN G 372 0.03 -35.40 1.67
CA GLN G 372 -0.49 -36.20 2.79
C GLN G 372 -1.90 -36.77 2.55
N ASN G 373 -2.66 -36.21 1.62
CA ASN G 373 -4.03 -36.61 1.30
C ASN G 373 -4.41 -36.19 -0.12
N VAL G 374 -5.54 -36.68 -0.64
CA VAL G 374 -6.01 -36.37 -1.99
C VAL G 374 -6.27 -34.85 -2.19
N GLY G 375 -6.63 -34.11 -1.14
CA GLY G 375 -6.78 -32.65 -1.22
C GLY G 375 -5.45 -31.98 -1.60
N HIS G 376 -4.32 -32.48 -1.10
CA HIS G 376 -3.00 -31.97 -1.47
C HIS G 376 -2.73 -32.23 -2.96
N ILE G 377 -3.11 -33.41 -3.47
CA ILE G 377 -2.91 -33.75 -4.89
C ILE G 377 -3.70 -32.80 -5.78
N ALA G 378 -4.97 -32.52 -5.44
CA ALA G 378 -5.82 -31.62 -6.19
C ALA G 378 -5.28 -30.19 -6.21
N LYS G 379 -4.73 -29.71 -5.09
CA LYS G 379 -4.11 -28.39 -5.00
C LYS G 379 -2.85 -28.31 -5.86
N ALA G 380 -1.96 -29.30 -5.80
CA ALA G 380 -0.74 -29.28 -6.62
C ALA G 380 -1.09 -29.23 -8.12
N LEU G 381 -2.07 -30.03 -8.57
CA LEU G 381 -2.51 -30.04 -9.98
C LEU G 381 -3.15 -28.70 -10.36
N ALA G 382 -3.95 -28.11 -9.49
CA ALA G 382 -4.60 -26.83 -9.78
C ALA G 382 -3.61 -25.66 -9.82
N LEU G 383 -2.46 -25.73 -9.14
CA LEU G 383 -1.45 -24.69 -9.16
C LEU G 383 -0.52 -24.74 -10.38
N GLY G 384 -0.69 -25.70 -11.28
CA GLY G 384 0.09 -25.79 -12.52
C GLY G 384 0.87 -27.07 -12.75
N ALA G 385 1.01 -27.95 -11.76
CA ALA G 385 1.72 -29.21 -11.95
C ALA G 385 0.93 -30.13 -12.90
N SER G 386 1.61 -30.94 -13.69
CA SER G 386 0.98 -31.89 -14.61
C SER G 386 0.88 -33.30 -14.02
N THR G 387 1.80 -33.65 -13.12
CA THR G 387 1.82 -34.94 -12.42
C THR G 387 2.30 -34.72 -10.98
N VAL G 388 2.01 -35.66 -10.11
CA VAL G 388 2.35 -35.63 -8.68
C VAL G 388 3.13 -36.89 -8.30
N MET G 389 4.26 -36.70 -7.64
CA MET G 389 5.15 -37.76 -7.18
C MET G 389 5.03 -37.84 -5.66
N MET G 390 4.87 -39.06 -5.16
CA MET G 390 4.65 -39.31 -3.74
C MET G 390 5.53 -40.44 -3.18
N GLY G 391 5.98 -40.26 -1.95
CA GLY G 391 6.79 -41.18 -1.17
C GLY G 391 5.95 -41.84 -0.09
N SER G 392 5.92 -41.27 1.11
CA SER G 392 5.17 -41.77 2.26
C SER G 392 3.69 -42.11 2.01
N LEU G 393 3.01 -41.48 1.05
CA LEU G 393 1.62 -41.83 0.76
C LEU G 393 1.50 -43.27 0.24
N LEU G 394 2.48 -43.72 -0.56
CA LEU G 394 2.57 -45.08 -1.11
C LEU G 394 3.43 -46.01 -0.24
N ALA G 395 4.07 -45.51 0.81
CA ALA G 395 4.85 -46.33 1.73
C ALA G 395 3.90 -47.22 2.56
N ALA G 396 4.43 -48.34 3.04
CA ALA G 396 3.67 -49.35 3.79
C ALA G 396 2.48 -49.97 3.04
N THR G 397 2.57 -49.99 1.71
CA THR G 397 1.63 -50.67 0.82
C THR G 397 2.20 -52.07 0.56
N THR G 398 1.39 -52.98 0.02
CA THR G 398 1.82 -54.36 -0.24
C THR G 398 2.96 -54.45 -1.25
N GLU G 399 2.93 -53.67 -2.33
CA GLU G 399 3.95 -53.68 -3.39
C GLU G 399 5.22 -52.88 -3.07
N ALA G 400 5.26 -52.09 -1.99
CA ALA G 400 6.44 -51.35 -1.60
C ALA G 400 7.55 -52.32 -1.13
N PRO G 401 8.84 -52.04 -1.37
CA PRO G 401 9.94 -52.90 -0.95
C PRO G 401 10.07 -53.02 0.58
N GLY G 402 10.54 -54.17 1.06
CA GLY G 402 10.71 -54.46 2.48
C GLY G 402 9.49 -55.19 3.05
N GLU G 403 9.69 -55.96 4.13
CA GLU G 403 8.63 -56.73 4.79
C GLU G 403 8.01 -55.98 5.97
N TYR G 404 6.79 -56.36 6.35
CA TYR G 404 6.08 -55.76 7.48
C TYR G 404 6.60 -56.27 8.82
N PHE G 405 6.37 -55.50 9.89
CA PHE G 405 6.72 -55.86 11.26
C PHE G 405 5.70 -55.19 12.21
N PHE G 406 5.54 -55.74 13.41
CA PHE G 406 4.58 -55.26 14.40
C PHE G 406 5.25 -54.49 15.55
N SER G 407 4.56 -53.48 16.07
CA SER G 407 4.96 -52.64 17.22
C SER G 407 3.73 -51.91 17.73
N ASP G 408 3.59 -51.74 19.06
CA ASP G 408 2.44 -51.08 19.69
C ASP G 408 1.08 -51.75 19.37
N GLY G 409 1.09 -53.01 18.94
CA GLY G 409 -0.12 -53.77 18.56
C GLY G 409 -0.63 -53.51 17.14
N ILE G 410 0.09 -52.77 16.30
CA ILE G 410 -0.29 -52.45 14.91
C ILE G 410 0.84 -52.76 13.91
N ARG G 411 0.49 -53.04 12.65
CA ARG G 411 1.45 -53.39 11.60
C ARG G 411 1.98 -52.14 10.89
N LEU G 412 3.26 -52.15 10.53
CA LEU G 412 3.91 -51.01 9.88
C LEU G 412 5.12 -51.48 9.05
N LYS G 413 5.65 -50.60 8.20
CA LYS G 413 6.80 -50.87 7.32
C LYS G 413 7.78 -49.69 7.40
N LYS G 414 9.06 -49.95 7.17
CA LYS G 414 10.13 -48.93 7.21
C LYS G 414 10.05 -47.99 6.01
N TYR G 415 10.35 -46.71 6.26
CA TYR G 415 10.40 -45.65 5.26
C TYR G 415 11.53 -44.71 5.70
N ARG G 416 12.49 -44.45 4.82
CA ARG G 416 13.66 -43.62 5.14
C ARG G 416 14.02 -42.68 3.99
N GLY G 417 14.66 -41.55 4.32
CA GLY G 417 15.12 -40.62 3.30
C GLY G 417 16.42 -41.11 2.66
N MET G 418 16.62 -40.82 1.38
CA MET G 418 17.82 -41.25 0.65
C MET G 418 19.10 -40.57 1.17
N GLY G 419 18.96 -39.41 1.81
CA GLY G 419 20.01 -38.62 2.44
C GLY G 419 20.18 -38.92 3.94
N SER G 420 19.49 -39.92 4.49
CA SER G 420 19.68 -40.35 5.88
C SER G 420 20.99 -41.13 5.96
N LEU G 421 21.63 -41.25 7.13
CA LEU G 421 22.91 -41.96 7.25
C LEU G 421 22.82 -43.45 6.86
N ASP G 422 21.68 -44.09 7.10
CA ASP G 422 21.43 -45.49 6.78
C ASP G 422 21.41 -45.75 5.26
N ALA G 423 20.75 -44.89 4.49
CA ALA G 423 20.65 -45.00 3.04
C ALA G 423 21.95 -44.67 2.28
N MET G 424 22.98 -44.12 2.95
CA MET G 424 24.25 -43.74 2.34
C MET G 424 25.45 -44.15 3.20
N ILE G 441 32.38 -35.82 7.91
CA ILE G 441 32.51 -36.14 6.48
C ILE G 441 31.13 -36.27 5.82
N LYS G 442 30.22 -37.01 6.45
CA LYS G 442 28.85 -37.24 5.97
C LYS G 442 27.86 -36.39 6.76
N VAL G 443 27.03 -35.60 6.08
CA VAL G 443 26.00 -34.75 6.69
C VAL G 443 24.64 -35.30 6.27
N ALA G 444 23.84 -35.71 7.24
CA ALA G 444 22.53 -36.30 6.96
C ALA G 444 21.48 -35.22 6.65
N GLN G 445 20.71 -35.45 5.59
CA GLN G 445 19.62 -34.58 5.15
C GLN G 445 18.25 -35.27 5.20
N GLY G 446 18.20 -36.53 5.66
CA GLY G 446 16.98 -37.31 5.81
C GLY G 446 16.96 -38.12 7.11
N VAL G 447 15.82 -38.73 7.42
CA VAL G 447 15.63 -39.56 8.62
C VAL G 447 15.09 -40.95 8.25
N SER G 448 15.33 -41.92 9.11
CA SER G 448 14.82 -43.29 8.95
C SER G 448 13.69 -43.50 9.95
N GLY G 449 12.57 -44.03 9.51
CA GLY G 449 11.41 -44.28 10.35
C GLY G 449 10.52 -45.37 9.80
N ALA G 450 9.22 -45.27 10.12
CA ALA G 450 8.20 -46.22 9.71
C ALA G 450 6.81 -45.58 9.66
N VAL G 451 5.96 -46.09 8.76
CA VAL G 451 4.56 -45.67 8.61
C VAL G 451 3.70 -46.93 8.71
N GLN G 452 2.44 -46.80 9.12
CA GLN G 452 1.58 -47.99 9.29
C GLN G 452 0.98 -48.50 7.98
N ASP G 453 0.50 -49.75 8.01
CA ASP G 453 -0.01 -50.46 6.84
C ASP G 453 -1.13 -49.68 6.11
N LYS G 454 -1.14 -49.76 4.79
CA LYS G 454 -2.06 -49.08 3.87
C LYS G 454 -2.79 -50.02 2.91
N GLY G 455 -2.52 -51.32 2.90
CA GLY G 455 -3.18 -52.25 1.98
C GLY G 455 -2.48 -52.29 0.62
N SER G 456 -3.16 -52.76 -0.43
CA SER G 456 -2.62 -52.82 -1.78
C SER G 456 -2.88 -51.54 -2.58
N ILE G 457 -2.00 -51.20 -3.53
CA ILE G 457 -2.23 -49.99 -4.33
C ILE G 457 -3.33 -50.20 -5.38
N HIS G 458 -3.66 -51.45 -5.73
CA HIS G 458 -4.77 -51.77 -6.65
C HIS G 458 -6.13 -51.38 -6.04
N LYS G 459 -6.18 -51.15 -4.72
CA LYS G 459 -7.35 -50.68 -3.97
C LYS G 459 -7.19 -49.22 -3.52
N PHE G 460 -5.96 -48.75 -3.29
CA PHE G 460 -5.71 -47.37 -2.85
C PHE G 460 -5.69 -46.35 -4.00
N VAL G 461 -5.08 -46.67 -5.14
CA VAL G 461 -5.06 -45.76 -6.30
C VAL G 461 -6.47 -45.44 -6.80
N PRO G 462 -7.41 -46.39 -6.96
CA PRO G 462 -8.78 -46.03 -7.39
C PRO G 462 -9.45 -45.07 -6.40
N TYR G 463 -9.14 -45.15 -5.10
CA TYR G 463 -9.66 -44.18 -4.13
C TYR G 463 -9.09 -42.78 -4.43
N LEU G 464 -7.77 -42.65 -4.70
CA LEU G 464 -7.15 -41.38 -5.06
C LEU G 464 -7.77 -40.81 -6.35
N ILE G 465 -8.06 -41.67 -7.34
CA ILE G 465 -8.70 -41.27 -8.60
C ILE G 465 -10.09 -40.70 -8.33
N ALA G 466 -10.91 -41.39 -7.52
CA ALA G 466 -12.26 -40.93 -7.22
C ALA G 466 -12.23 -39.57 -6.49
N GLY G 467 -11.30 -39.38 -5.55
CA GLY G 467 -11.14 -38.12 -4.83
C GLY G 467 -10.73 -36.97 -5.75
N ILE G 468 -9.78 -37.19 -6.67
CA ILE G 468 -9.35 -36.17 -7.63
C ILE G 468 -10.54 -35.76 -8.50
N GLN G 469 -11.33 -36.73 -8.98
CA GLN G 469 -12.51 -36.45 -9.81
C GLN G 469 -13.57 -35.68 -9.01
N HIS G 470 -13.82 -36.02 -7.73
CA HIS G 470 -14.79 -35.30 -6.90
C HIS G 470 -14.31 -33.86 -6.66
N SER G 471 -13.01 -33.65 -6.45
CA SER G 471 -12.48 -32.29 -6.27
C SER G 471 -12.68 -31.47 -7.55
N CYS G 472 -12.42 -32.05 -8.73
CA CYS G 472 -12.65 -31.39 -10.01
C CYS G 472 -14.13 -31.04 -10.22
N GLN G 473 -15.04 -31.92 -9.81
CA GLN G 473 -16.46 -31.65 -9.97
C GLN G 473 -16.87 -30.46 -9.06
N ASP G 474 -16.37 -30.41 -7.84
CA ASP G 474 -16.67 -29.33 -6.90
C ASP G 474 -16.21 -27.95 -7.41
N ILE G 475 -15.03 -27.86 -8.01
CA ILE G 475 -14.50 -26.60 -8.55
C ILE G 475 -15.10 -26.23 -9.92
N GLY G 476 -15.74 -27.19 -10.61
CA GLY G 476 -16.41 -26.97 -11.89
C GLY G 476 -15.61 -27.19 -13.17
N ALA G 477 -14.70 -28.17 -13.23
CA ALA G 477 -13.93 -28.48 -14.45
C ALA G 477 -14.05 -29.94 -14.86
N LYS G 478 -14.24 -30.20 -16.16
CA LYS G 478 -14.37 -31.55 -16.76
C LYS G 478 -13.04 -32.27 -16.98
N SER G 479 -11.90 -31.64 -16.74
CA SER G 479 -10.57 -32.26 -16.88
C SER G 479 -9.49 -31.44 -16.17
N LEU G 480 -8.34 -32.05 -15.92
CA LEU G 480 -7.20 -31.38 -15.30
C LEU G 480 -6.67 -30.26 -16.22
N THR G 481 -6.68 -30.49 -17.53
CA THR G 481 -6.31 -29.49 -18.53
C THR G 481 -7.21 -28.27 -18.36
N GLN G 482 -8.54 -28.47 -18.22
CA GLN G 482 -9.46 -27.35 -18.02
C GLN G 482 -9.17 -26.64 -16.70
N VAL G 483 -8.85 -27.37 -15.62
CA VAL G 483 -8.51 -26.80 -14.31
C VAL G 483 -7.37 -25.81 -14.45
N ARG G 484 -6.25 -26.20 -15.08
CA ARG G 484 -5.09 -25.33 -15.27
C ARG G 484 -5.40 -24.18 -16.23
N ALA G 485 -6.18 -24.41 -17.28
CA ALA G 485 -6.57 -23.37 -18.21
C ALA G 485 -7.37 -22.28 -17.49
N MET G 486 -8.35 -22.66 -16.65
CA MET G 486 -9.13 -21.67 -15.91
C MET G 486 -8.34 -21.05 -14.74
N MET G 487 -7.30 -21.73 -14.25
CA MET G 487 -6.40 -21.16 -13.24
C MET G 487 -5.57 -20.02 -13.84
N TYR G 488 -4.99 -20.22 -15.02
CA TYR G 488 -4.20 -19.18 -15.67
C TYR G 488 -5.06 -18.03 -16.19
N SER G 489 -6.31 -18.30 -16.60
CA SER G 489 -7.20 -17.25 -17.10
C SER G 489 -7.79 -16.37 -15.99
N GLY G 490 -7.71 -16.77 -14.72
CA GLY G 490 -8.24 -16.01 -13.59
C GLY G 490 -9.67 -16.40 -13.18
N GLU G 491 -10.29 -17.33 -13.89
CA GLU G 491 -11.62 -17.83 -13.61
C GLU G 491 -11.65 -18.69 -12.33
N LEU G 492 -10.62 -19.51 -12.07
CA LEU G 492 -10.54 -20.30 -10.83
C LEU G 492 -10.17 -19.33 -9.68
N LYS G 493 -10.78 -19.45 -8.50
CA LYS G 493 -10.55 -18.54 -7.37
C LYS G 493 -10.08 -19.29 -6.13
N PHE G 494 -9.28 -18.61 -5.33
CA PHE G 494 -8.64 -19.12 -4.13
C PHE G 494 -8.85 -18.20 -2.94
N GLU G 495 -8.66 -18.75 -1.74
CA GLU G 495 -8.74 -18.00 -0.49
C GLU G 495 -7.73 -18.53 0.53
N LYS G 496 -7.09 -17.64 1.28
CA LYS G 496 -6.15 -17.99 2.35
C LYS G 496 -6.88 -18.57 3.56
N ARG G 497 -6.16 -19.23 4.46
CA ARG G 497 -6.68 -19.74 5.73
C ARG G 497 -5.76 -19.31 6.87
N THR G 498 -6.33 -18.74 7.92
CA THR G 498 -5.60 -18.43 9.16
C THR G 498 -5.40 -19.73 9.96
N SER G 499 -4.70 -19.67 11.09
CA SER G 499 -4.55 -20.85 11.95
C SER G 499 -5.92 -21.27 12.50
N SER G 500 -6.75 -20.31 12.92
CA SER G 500 -8.12 -20.61 13.38
C SER G 500 -8.96 -21.23 12.26
N ALA G 501 -8.78 -20.79 11.00
CA ALA G 501 -9.47 -21.35 9.85
C ALA G 501 -9.08 -22.82 9.62
N GLN G 502 -7.81 -23.16 9.79
CA GLN G 502 -7.35 -24.55 9.65
C GLN G 502 -7.94 -25.43 10.78
N VAL G 503 -7.98 -24.92 12.02
CA VAL G 503 -8.59 -25.60 13.17
C VAL G 503 -10.07 -25.87 12.92
N GLU G 504 -10.81 -24.89 12.39
CA GLU G 504 -12.23 -25.04 12.04
C GLU G 504 -12.47 -26.00 10.86
N GLY G 505 -11.58 -25.98 9.86
CA GLY G 505 -11.67 -26.85 8.68
C GLY G 505 -11.47 -28.33 8.98
N GLY G 506 -10.61 -28.67 9.94
CA GLY G 506 -10.38 -30.05 10.38
C GLY G 506 -11.49 -30.54 11.32
N VAL G 507 -11.44 -31.80 11.74
CA VAL G 507 -12.43 -32.33 12.71
C VAL G 507 -12.17 -31.65 14.07
N HIS G 508 -13.22 -31.18 14.74
CA HIS G 508 -13.10 -30.46 16.02
C HIS G 508 -14.34 -30.64 16.90
N SER G 509 -14.21 -30.29 18.18
CA SER G 509 -15.28 -30.29 19.21
C SER G 509 -16.02 -31.61 19.47
N LEU G 510 -15.36 -32.75 19.32
CA LEU G 510 -15.93 -34.09 19.57
C LEU G 510 -15.17 -34.78 20.72
N HIS G 511 -15.87 -35.59 21.52
CA HIS G 511 -15.24 -36.33 22.63
C HIS G 511 -14.32 -37.43 22.06
N SER G 512 -14.81 -38.14 21.04
CA SER G 512 -14.10 -39.19 20.29
C SER G 512 -14.74 -39.37 18.91
N TYR G 513 -14.01 -39.93 17.95
CA TYR G 513 -14.47 -40.18 16.58
C TYR G 513 -13.57 -41.16 15.82
N GLU G 514 -14.07 -41.72 14.72
CA GLU G 514 -13.33 -42.59 13.82
C GLU G 514 -13.26 -41.90 12.44
N LYS G 515 -12.06 -41.72 11.89
CA LYS G 515 -11.86 -41.10 10.56
C LYS G 515 -11.46 -42.20 9.59
N ARG G 516 -12.42 -42.59 8.75
CA ARG G 516 -12.29 -43.65 7.73
C ARG G 516 -12.49 -43.03 6.35
N LEU G 517 -11.52 -43.23 5.47
CA LEU G 517 -11.48 -42.61 4.15
C LEU G 517 -12.29 -43.31 3.05
N PHE G 518 -12.24 -44.63 2.99
CA PHE G 518 -12.92 -45.49 2.01
C PHE G 518 -13.06 -46.93 2.51
N MET H 6 -28.82 27.75 17.59
CA MET H 6 -27.45 27.81 18.19
C MET H 6 -26.45 26.95 17.41
N ALA H 7 -25.14 27.18 17.59
CA ALA H 7 -24.10 26.42 16.88
C ALA H 7 -24.02 24.95 17.29
N ASP H 8 -24.39 24.59 18.53
CA ASP H 8 -24.34 23.21 19.01
C ASP H 8 -25.24 22.26 18.18
N TYR H 9 -26.26 22.80 17.52
CA TYR H 9 -27.13 22.04 16.61
C TYR H 9 -26.89 22.41 15.13
N LEU H 10 -26.59 23.66 14.80
CA LEU H 10 -26.43 24.08 13.39
C LEU H 10 -25.18 23.53 12.68
N ILE H 11 -24.06 23.28 13.37
CA ILE H 11 -22.83 22.75 12.78
C ILE H 11 -23.10 21.40 12.11
N SER H 12 -23.74 20.49 12.83
CA SER H 12 -24.14 19.16 12.38
C SER H 12 -25.33 18.75 13.27
N GLY H 13 -26.49 18.49 12.69
CA GLY H 13 -27.72 18.23 13.44
C GLY H 13 -27.75 16.95 14.25
N GLY H 14 -27.64 17.06 15.57
CA GLY H 14 -27.70 15.93 16.52
C GLY H 14 -26.54 14.93 16.48
N THR H 15 -25.69 14.97 15.46
CA THR H 15 -24.55 14.06 15.31
C THR H 15 -23.36 14.54 16.14
N SER H 16 -23.07 13.86 17.25
CA SER H 16 -21.90 14.21 18.09
C SER H 16 -20.61 13.80 17.37
N TYR H 17 -19.45 14.20 17.88
CA TYR H 17 -18.17 13.88 17.26
C TYR H 17 -17.92 12.38 17.10
N VAL H 18 -18.15 11.55 18.13
CA VAL H 18 -17.95 10.08 18.08
C VAL H 18 -16.57 9.67 17.52
N PRO H 19 -15.49 9.68 18.33
CA PRO H 19 -14.14 9.33 17.90
C PRO H 19 -14.05 8.05 17.04
N ASP H 20 -13.19 8.06 16.01
CA ASP H 20 -13.05 6.92 15.10
C ASP H 20 -12.01 5.93 15.64
N ASP H 21 -12.45 4.70 15.89
CA ASP H 21 -11.63 3.63 16.45
C ASP H 21 -12.23 2.27 16.07
N GLY H 22 -11.43 1.37 15.51
CA GLY H 22 -11.87 0.06 15.06
C GLY H 22 -12.13 0.01 13.55
N LEU H 23 -12.46 -1.16 13.03
CA LEU H 23 -12.72 -1.37 11.61
C LEU H 23 -14.19 -1.71 11.34
N THR H 24 -14.75 -1.26 10.22
CA THR H 24 -16.11 -1.66 9.79
C THR H 24 -16.05 -3.08 9.23
N ALA H 25 -17.18 -3.79 9.12
CA ALA H 25 -17.17 -5.15 8.55
C ALA H 25 -16.62 -5.16 7.13
N GLN H 26 -16.96 -4.15 6.34
CA GLN H 26 -16.51 -4.02 4.97
C GLN H 26 -14.98 -4.01 4.90
N GLN H 27 -14.31 -3.16 5.68
CA GLN H 27 -12.85 -3.11 5.63
C GLN H 27 -12.19 -4.29 6.35
N LEU H 28 -12.87 -4.96 7.30
CA LEU H 28 -12.34 -6.18 7.93
C LEU H 28 -12.31 -7.34 6.92
N PHE H 29 -13.37 -7.51 6.12
CA PHE H 29 -13.50 -8.63 5.18
C PHE H 29 -13.02 -8.32 3.73
N ASN H 30 -12.35 -7.18 3.54
CA ASN H 30 -11.74 -6.76 2.27
C ASN H 30 -10.21 -6.94 2.28
N CYS H 31 -9.63 -7.46 3.36
CA CYS H 31 -8.19 -7.72 3.48
C CYS H 31 -7.75 -8.98 2.70
N GLY H 32 -8.71 -9.78 2.24
CA GLY H 32 -8.46 -11.02 1.47
C GLY H 32 -8.06 -12.22 2.33
N ASP H 33 -7.81 -12.01 3.62
CA ASP H 33 -7.49 -13.09 4.54
C ASP H 33 -8.73 -13.94 4.82
N GLY H 34 -8.55 -15.22 5.10
CA GLY H 34 -9.63 -16.14 5.39
C GLY H 34 -9.94 -16.16 6.87
N LEU H 35 -10.96 -15.42 7.29
CA LEU H 35 -11.32 -15.26 8.69
C LEU H 35 -12.41 -16.21 9.17
N THR H 36 -12.19 -16.78 10.34
CA THR H 36 -13.10 -17.64 11.12
C THR H 36 -13.64 -16.83 12.29
N TYR H 37 -14.69 -17.29 12.96
CA TYR H 37 -15.28 -16.57 14.10
C TYR H 37 -14.26 -16.18 15.19
N ASN H 38 -13.29 -17.05 15.49
CA ASN H 38 -12.28 -16.81 16.51
C ASN H 38 -11.22 -15.75 16.13
N ASP H 39 -11.16 -15.30 14.88
CA ASP H 39 -10.14 -14.35 14.41
C ASP H 39 -10.46 -12.88 14.66
N PHE H 40 -11.65 -12.55 15.15
CA PHE H 40 -12.08 -11.18 15.38
C PHE H 40 -13.09 -11.05 16.51
N LEU H 41 -13.32 -9.81 16.95
CA LEU H 41 -14.28 -9.43 17.99
C LEU H 41 -15.10 -8.22 17.53
N ILE H 42 -16.18 -7.96 18.25
CA ILE H 42 -17.07 -6.82 18.04
C ILE H 42 -16.80 -5.82 19.18
N LEU H 43 -16.49 -4.57 18.85
CA LEU H 43 -16.19 -3.56 19.86
C LEU H 43 -17.49 -3.12 20.57
N PRO H 44 -17.45 -2.79 21.87
CA PRO H 44 -18.65 -2.37 22.60
C PRO H 44 -19.15 -0.98 22.16
N GLY H 45 -20.44 -0.70 22.39
CA GLY H 45 -21.07 0.55 22.00
C GLY H 45 -21.61 1.35 23.19
N TYR H 46 -22.86 1.78 23.11
CA TYR H 46 -23.57 2.56 24.13
C TYR H 46 -24.81 1.82 24.61
N ILE H 47 -25.06 1.81 25.92
CA ILE H 47 -26.18 1.10 26.54
C ILE H 47 -27.21 2.05 27.13
N ASP H 48 -28.45 1.96 26.67
CA ASP H 48 -29.58 2.74 27.20
C ASP H 48 -30.86 1.89 27.33
N PHE H 49 -30.69 0.61 27.62
CA PHE H 49 -31.78 -0.37 27.81
C PHE H 49 -31.26 -1.62 28.52
N THR H 50 -32.16 -2.41 29.11
CA THR H 50 -31.83 -3.67 29.80
C THR H 50 -31.84 -4.83 28.81
N ALA H 51 -31.11 -5.92 29.08
CA ALA H 51 -31.04 -7.05 28.13
C ALA H 51 -32.39 -7.72 27.85
N ASP H 52 -33.38 -7.60 28.73
CA ASP H 52 -34.71 -8.19 28.54
C ASP H 52 -35.56 -7.44 27.51
N GLN H 53 -35.12 -6.29 27.02
CA GLN H 53 -35.83 -5.48 26.01
C GLN H 53 -35.29 -5.71 24.59
N VAL H 54 -34.41 -6.69 24.39
CA VAL H 54 -33.84 -7.02 23.08
C VAL H 54 -34.74 -7.99 22.33
N ASP H 55 -35.17 -7.63 21.12
CA ASP H 55 -36.04 -8.44 20.26
C ASP H 55 -35.21 -9.33 19.31
N LEU H 56 -35.49 -10.63 19.32
CA LEU H 56 -34.79 -11.62 18.52
C LEU H 56 -35.64 -12.17 17.35
N THR H 57 -36.65 -11.42 16.93
CA THR H 57 -37.49 -11.82 15.80
C THR H 57 -36.62 -11.88 14.53
N SER H 58 -36.77 -12.93 13.74
CA SER H 58 -35.95 -13.12 12.54
C SER H 58 -36.69 -13.82 11.40
N ALA H 59 -36.27 -13.56 10.16
CA ALA H 59 -36.87 -14.15 8.98
C ALA H 59 -36.11 -15.41 8.56
N LEU H 60 -36.81 -16.54 8.52
CA LEU H 60 -36.28 -17.81 8.04
C LEU H 60 -36.20 -17.79 6.51
N THR H 61 -37.21 -17.23 5.85
CA THR H 61 -37.30 -17.10 4.38
C THR H 61 -37.93 -15.74 4.03
N LYS H 62 -38.33 -15.50 2.77
CA LYS H 62 -38.97 -14.25 2.35
C LYS H 62 -40.30 -13.98 3.08
N LYS H 63 -41.05 -15.02 3.48
CA LYS H 63 -42.33 -14.86 4.17
C LYS H 63 -42.58 -15.81 5.36
N ILE H 64 -41.53 -16.30 6.02
CA ILE H 64 -41.63 -17.10 7.26
C ILE H 64 -40.80 -16.39 8.33
N THR H 65 -41.44 -15.99 9.42
CA THR H 65 -40.80 -15.27 10.54
C THR H 65 -40.84 -16.11 11.81
N LEU H 66 -39.74 -16.13 12.55
CA LEU H 66 -39.54 -16.86 13.80
C LEU H 66 -39.29 -15.87 14.95
N LYS H 67 -39.60 -16.30 16.18
CA LYS H 67 -39.39 -15.50 17.40
C LYS H 67 -37.94 -15.44 17.85
N THR H 68 -37.14 -16.45 17.49
CA THR H 68 -35.71 -16.60 17.78
C THR H 68 -34.98 -17.06 16.51
N PRO H 69 -33.67 -16.79 16.35
CA PRO H 69 -32.94 -17.14 15.13
C PRO H 69 -32.34 -18.55 15.10
N LEU H 70 -32.76 -19.47 15.97
CA LEU H 70 -32.18 -20.81 16.09
C LEU H 70 -32.89 -21.89 15.27
N VAL H 71 -32.11 -22.70 14.54
CA VAL H 71 -32.60 -23.79 13.68
C VAL H 71 -31.83 -25.09 13.92
N SER H 72 -32.48 -26.25 13.79
CA SER H 72 -31.82 -27.56 13.96
C SER H 72 -31.39 -28.12 12.61
N SER H 73 -30.16 -28.62 12.54
CA SER H 73 -29.61 -29.15 11.30
C SER H 73 -30.29 -30.46 10.87
N PRO H 74 -30.53 -30.67 9.56
CA PRO H 74 -31.15 -31.87 9.04
C PRO H 74 -30.15 -33.05 8.98
N MET H 75 -29.93 -33.70 10.12
CA MET H 75 -29.03 -34.84 10.29
C MET H 75 -29.75 -35.97 11.06
N ASP H 76 -29.37 -37.22 10.83
CA ASP H 76 -30.02 -38.39 11.45
C ASP H 76 -29.72 -38.56 12.94
N THR H 77 -28.77 -37.78 13.48
CA THR H 77 -28.37 -37.74 14.88
C THR H 77 -28.72 -36.39 15.52
N VAL H 78 -29.52 -35.56 14.84
CA VAL H 78 -29.94 -34.27 15.36
C VAL H 78 -31.45 -34.04 15.28
N THR H 79 -32.07 -34.15 14.09
CA THR H 79 -33.47 -33.74 13.93
C THR H 79 -34.48 -34.78 13.43
N GLU H 80 -35.40 -35.15 14.32
CA GLU H 80 -36.57 -35.99 14.07
C GLU H 80 -37.79 -35.27 14.69
N ALA H 81 -38.96 -35.90 14.77
CA ALA H 81 -40.15 -35.24 15.30
C ALA H 81 -39.98 -34.61 16.68
N GLY H 82 -39.32 -35.28 17.63
CA GLY H 82 -39.15 -34.76 18.99
C GLY H 82 -38.32 -33.48 19.02
N MET H 83 -37.20 -33.45 18.29
CA MET H 83 -36.36 -32.26 18.18
C MET H 83 -37.14 -31.14 17.47
N ALA H 84 -37.84 -31.43 16.37
CA ALA H 84 -38.60 -30.43 15.65
C ALA H 84 -39.70 -29.81 16.51
N ILE H 85 -40.43 -30.61 17.30
CA ILE H 85 -41.46 -30.11 18.22
C ILE H 85 -40.81 -29.20 19.27
N ALA H 86 -39.69 -29.61 19.87
CA ALA H 86 -39.03 -28.81 20.89
C ALA H 86 -38.51 -27.48 20.34
N MET H 87 -37.90 -27.49 19.15
CA MET H 87 -37.42 -26.25 18.54
C MET H 87 -38.60 -25.35 18.16
N ALA H 88 -39.69 -25.89 17.63
CA ALA H 88 -40.85 -25.08 17.30
C ALA H 88 -41.47 -24.43 18.55
N LEU H 89 -41.57 -25.18 19.66
CA LEU H 89 -42.12 -24.68 20.92
C LEU H 89 -41.22 -23.60 21.56
N THR H 90 -39.90 -23.70 21.39
CA THR H 90 -38.97 -22.69 21.90
C THR H 90 -38.90 -21.42 21.04
N GLY H 91 -39.52 -21.41 19.86
CA GLY H 91 -39.61 -20.25 18.98
C GLY H 91 -38.77 -20.30 17.70
N GLY H 92 -38.08 -21.42 17.48
CA GLY H 92 -37.24 -21.67 16.30
C GLY H 92 -37.91 -22.64 15.36
N ILE H 93 -37.17 -23.53 14.70
CA ILE H 93 -37.70 -24.55 13.78
C ILE H 93 -36.68 -25.69 13.61
N GLY H 94 -37.10 -26.83 13.11
CA GLY H 94 -36.22 -27.95 12.81
C GLY H 94 -36.46 -28.50 11.41
N PHE H 95 -35.40 -28.96 10.74
CA PHE H 95 -35.50 -29.56 9.41
C PHE H 95 -35.26 -31.06 9.57
N ILE H 96 -36.24 -31.88 9.20
CA ILE H 96 -36.12 -33.35 9.35
C ILE H 96 -35.20 -33.90 8.27
N HIS H 97 -34.26 -34.81 8.65
CA HIS H 97 -33.30 -35.44 7.75
C HIS H 97 -34.01 -36.35 6.74
N HIS H 98 -33.36 -36.67 5.62
CA HIS H 98 -33.95 -37.50 4.56
C HIS H 98 -33.24 -38.82 4.25
N ASN H 99 -32.29 -39.30 5.07
CA ASN H 99 -31.61 -40.55 4.73
C ASN H 99 -32.45 -41.82 5.06
N CYS H 100 -33.66 -41.62 5.57
CA CYS H 100 -34.69 -42.62 5.83
C CYS H 100 -35.52 -42.83 4.55
N THR H 101 -36.62 -43.58 4.63
CA THR H 101 -37.53 -43.74 3.49
C THR H 101 -38.49 -42.54 3.41
N PRO H 102 -39.07 -42.22 2.25
CA PRO H 102 -40.00 -41.10 2.12
C PRO H 102 -41.23 -41.19 3.04
N GLU H 103 -41.77 -42.39 3.23
CA GLU H 103 -42.93 -42.66 4.09
C GLU H 103 -42.63 -42.30 5.55
N PHE H 104 -41.43 -42.65 6.03
CA PHE H 104 -40.99 -42.33 7.38
C PHE H 104 -40.85 -40.83 7.59
N GLN H 105 -40.20 -40.09 6.68
CA GLN H 105 -40.02 -38.65 6.83
C GLN H 105 -41.38 -37.93 6.83
N ALA H 106 -42.31 -38.35 5.98
CA ALA H 106 -43.65 -37.80 5.91
C ALA H 106 -44.39 -38.03 7.24
N ASN H 107 -44.25 -39.21 7.85
CA ASN H 107 -44.89 -39.51 9.13
C ASN H 107 -44.30 -38.63 10.24
N GLU H 108 -42.99 -38.39 10.25
CA GLU H 108 -42.35 -37.49 11.23
C GLU H 108 -42.87 -36.06 11.06
N VAL H 109 -43.03 -35.55 9.82
CA VAL H 109 -43.60 -34.20 9.61
C VAL H 109 -45.04 -34.18 10.13
N ARG H 110 -45.83 -35.23 9.88
CA ARG H 110 -47.22 -35.31 10.35
C ARG H 110 -47.29 -35.29 11.87
N LYS H 111 -46.37 -35.93 12.59
CA LYS H 111 -46.31 -35.90 14.06
C LYS H 111 -46.10 -34.47 14.55
N VAL H 112 -45.23 -33.70 13.90
CA VAL H 112 -44.96 -32.30 14.24
C VAL H 112 -46.20 -31.41 14.00
N LYS H 113 -46.89 -31.59 12.87
CA LYS H 113 -48.09 -30.80 12.53
C LYS H 113 -49.32 -31.15 13.36
N LYS H 114 -49.41 -32.37 13.93
CA LYS H 114 -50.55 -32.84 14.76
C LYS H 114 -50.42 -32.56 16.26
N TYR H 115 -49.34 -31.92 16.71
CA TYR H 115 -49.10 -31.64 18.13
C TYR H 115 -50.12 -30.69 18.76
N PRO H 238 -45.65 -19.46 24.25
CA PRO H 238 -45.44 -18.01 24.30
C PRO H 238 -44.77 -17.49 23.03
N LEU H 239 -43.60 -18.05 22.71
CA LEU H 239 -42.80 -17.73 21.52
C LEU H 239 -42.89 -18.80 20.42
N ALA H 240 -43.76 -19.81 20.54
CA ALA H 240 -43.84 -20.92 19.59
C ALA H 240 -44.10 -20.50 18.13
N SER H 241 -43.33 -21.06 17.18
CA SER H 241 -43.46 -20.78 15.76
C SER H 241 -44.60 -21.64 15.19
N LYS H 242 -45.66 -20.98 14.71
CA LYS H 242 -46.91 -21.58 14.19
C LYS H 242 -47.34 -20.98 12.84
N ASP H 243 -48.26 -21.64 12.15
CA ASP H 243 -48.83 -21.21 10.86
C ASP H 243 -50.24 -20.58 11.06
N ALA H 244 -50.93 -20.27 9.96
CA ALA H 244 -52.28 -19.67 10.03
C ALA H 244 -53.32 -20.62 10.69
N LYS H 245 -53.15 -21.94 10.54
CA LYS H 245 -54.00 -22.98 11.14
C LYS H 245 -53.59 -23.31 12.59
N LYS H 246 -52.67 -22.53 13.18
CA LYS H 246 -52.13 -22.64 14.54
C LYS H 246 -51.35 -23.94 14.82
N GLN H 247 -50.91 -24.65 13.78
CA GLN H 247 -50.11 -25.87 13.90
C GLN H 247 -48.62 -25.48 13.96
N LEU H 248 -47.80 -26.29 14.62
CA LEU H 248 -46.36 -26.02 14.73
C LEU H 248 -45.70 -25.98 13.36
N LEU H 249 -44.86 -24.99 13.10
CA LEU H 249 -44.11 -24.92 11.83
C LEU H 249 -43.15 -26.11 11.75
N CYS H 250 -42.97 -26.68 10.56
CA CYS H 250 -42.04 -27.80 10.36
C CYS H 250 -41.37 -27.67 8.99
N GLY H 251 -40.09 -28.05 8.93
CA GLY H 251 -39.29 -28.06 7.72
C GLY H 251 -38.73 -29.45 7.46
N ALA H 252 -38.30 -29.71 6.23
CA ALA H 252 -37.72 -30.99 5.84
C ALA H 252 -36.72 -30.83 4.70
N ALA H 253 -35.78 -31.77 4.60
CA ALA H 253 -34.76 -31.78 3.58
C ALA H 253 -35.05 -32.83 2.50
N ILE H 254 -34.60 -32.58 1.27
CA ILE H 254 -34.68 -33.51 0.14
C ILE H 254 -33.37 -33.45 -0.67
N GLY H 255 -33.17 -34.39 -1.57
CA GLY H 255 -32.03 -34.45 -2.48
C GLY H 255 -32.35 -33.83 -3.83
N THR H 256 -31.50 -34.03 -4.84
CA THR H 256 -31.68 -33.49 -6.20
C THR H 256 -31.84 -34.57 -7.28
N HIS H 257 -32.11 -35.81 -6.91
CA HIS H 257 -32.32 -36.91 -7.86
C HIS H 257 -33.79 -36.98 -8.25
N GLU H 258 -34.13 -37.65 -9.36
CA GLU H 258 -35.52 -37.72 -9.82
C GLU H 258 -36.48 -38.37 -8.80
N ASP H 259 -36.02 -39.33 -8.01
CA ASP H 259 -36.87 -39.98 -6.99
C ASP H 259 -37.22 -39.03 -5.83
N ASP H 260 -36.52 -37.90 -5.66
CA ASP H 260 -36.86 -36.93 -4.63
C ASP H 260 -38.17 -36.21 -4.94
N LYS H 261 -38.69 -36.27 -6.17
CA LYS H 261 -39.98 -35.66 -6.55
C LYS H 261 -41.13 -36.42 -5.90
N TYR H 262 -41.07 -37.75 -5.80
CA TYR H 262 -42.09 -38.51 -5.08
C TYR H 262 -42.01 -38.17 -3.58
N ARG H 263 -40.78 -38.08 -3.03
CA ARG H 263 -40.56 -37.67 -1.63
C ARG H 263 -41.11 -36.26 -1.40
N LEU H 264 -40.93 -35.33 -2.35
CA LEU H 264 -41.44 -33.96 -2.26
C LEU H 264 -42.97 -33.97 -2.17
N ASP H 265 -43.65 -34.80 -2.96
CA ASP H 265 -45.10 -34.93 -2.94
C ASP H 265 -45.60 -35.44 -1.59
N LEU H 266 -44.94 -36.46 -1.02
CA LEU H 266 -45.33 -36.99 0.29
C LEU H 266 -45.14 -35.93 1.38
N LEU H 267 -44.01 -35.20 1.38
CA LEU H 267 -43.76 -34.12 2.35
C LEU H 267 -44.79 -33.00 2.19
N ALA H 268 -45.16 -32.64 0.96
CA ALA H 268 -46.17 -31.61 0.69
C ALA H 268 -47.55 -32.03 1.21
N GLN H 269 -47.98 -33.28 0.99
CA GLN H 269 -49.26 -33.78 1.51
C GLN H 269 -49.26 -33.89 3.03
N ALA H 270 -48.11 -34.15 3.66
CA ALA H 270 -47.98 -34.21 5.11
C ALA H 270 -48.12 -32.81 5.76
N GLY H 271 -48.04 -31.73 4.98
CA GLY H 271 -48.19 -30.36 5.46
C GLY H 271 -46.89 -29.61 5.75
N VAL H 272 -45.75 -29.97 5.13
CA VAL H 272 -44.48 -29.26 5.35
C VAL H 272 -44.63 -27.79 4.93
N ASP H 273 -44.00 -26.86 5.64
CA ASP H 273 -44.08 -25.41 5.36
C ASP H 273 -42.89 -24.90 4.54
N VAL H 274 -41.70 -25.47 4.76
CA VAL H 274 -40.45 -25.06 4.10
C VAL H 274 -39.55 -26.27 3.83
N VAL H 275 -38.87 -26.27 2.68
CA VAL H 275 -38.02 -27.39 2.26
C VAL H 275 -36.64 -26.92 1.87
N VAL H 276 -35.63 -27.68 2.28
CA VAL H 276 -34.23 -27.35 2.00
C VAL H 276 -33.62 -28.40 1.07
N LEU H 277 -32.98 -27.96 0.01
CA LEU H 277 -32.31 -28.86 -0.94
C LEU H 277 -30.93 -29.12 -0.33
N ASP H 278 -30.72 -30.31 0.24
CA ASP H 278 -29.50 -30.65 0.97
C ASP H 278 -28.34 -31.17 0.10
N SER H 279 -27.27 -30.38 -0.01
CA SER H 279 -26.08 -30.72 -0.79
C SER H 279 -24.85 -29.95 -0.28
N SER H 280 -23.65 -30.48 -0.50
CA SER H 280 -22.40 -29.84 -0.11
C SER H 280 -22.08 -28.63 -1.00
N GLN H 281 -22.33 -28.73 -2.30
CA GLN H 281 -22.14 -27.70 -3.31
C GLN H 281 -23.47 -27.57 -4.06
N GLY H 282 -24.20 -26.49 -3.82
CA GLY H 282 -25.52 -26.29 -4.41
C GLY H 282 -25.58 -25.49 -5.71
N ASN H 283 -24.46 -25.01 -6.25
CA ASN H 283 -24.49 -24.28 -7.53
C ASN H 283 -24.38 -25.31 -8.68
N SER H 284 -25.45 -26.06 -8.92
CA SER H 284 -25.47 -27.14 -9.93
C SER H 284 -26.74 -27.16 -10.78
N ILE H 285 -26.65 -27.77 -11.97
CA ILE H 285 -27.78 -27.88 -12.89
C ILE H 285 -28.90 -28.73 -12.26
N PHE H 286 -28.56 -29.74 -11.47
CA PHE H 286 -29.53 -30.60 -10.78
C PHE H 286 -30.37 -29.84 -9.76
N GLN H 287 -29.74 -28.98 -8.95
CA GLN H 287 -30.46 -28.20 -7.95
C GLN H 287 -31.31 -27.11 -8.62
N ILE H 288 -30.81 -26.43 -9.65
CA ILE H 288 -31.56 -25.39 -10.38
C ILE H 288 -32.79 -25.99 -11.06
N ASN H 289 -32.67 -27.18 -11.67
CA ASN H 289 -33.82 -27.86 -12.25
C ASN H 289 -34.86 -28.22 -11.16
N MET H 290 -34.40 -28.71 -10.00
CA MET H 290 -35.30 -29.06 -8.90
C MET H 290 -36.05 -27.81 -8.39
N ILE H 291 -35.38 -26.66 -8.23
CA ILE H 291 -35.99 -25.42 -7.74
C ILE H 291 -37.11 -24.97 -8.68
N LYS H 292 -36.85 -24.99 -10.00
CA LYS H 292 -37.86 -24.58 -10.97
C LYS H 292 -39.04 -25.56 -11.01
N TYR H 293 -38.81 -26.86 -10.86
CA TYR H 293 -39.88 -27.85 -10.80
C TYR H 293 -40.79 -27.60 -9.57
N ILE H 294 -40.19 -27.33 -8.41
CA ILE H 294 -40.95 -27.05 -7.18
C ILE H 294 -41.75 -25.76 -7.34
N LYS H 295 -41.18 -24.69 -7.89
CA LYS H 295 -41.90 -23.42 -8.08
C LYS H 295 -43.07 -23.54 -9.04
N ASP H 296 -42.92 -24.30 -10.12
CA ASP H 296 -44.01 -24.53 -11.07
C ASP H 296 -45.14 -25.37 -10.46
N LYS H 297 -44.81 -26.42 -9.70
CA LYS H 297 -45.76 -27.37 -9.11
C LYS H 297 -46.38 -26.96 -7.77
N TYR H 298 -45.61 -26.35 -6.89
CA TYR H 298 -46.02 -25.89 -5.56
C TYR H 298 -45.66 -24.41 -5.35
N PRO H 299 -46.43 -23.46 -5.89
CA PRO H 299 -46.14 -22.02 -5.73
C PRO H 299 -46.22 -21.54 -4.27
N ASN H 300 -46.94 -22.26 -3.41
CA ASN H 300 -47.10 -21.97 -1.99
C ASN H 300 -45.92 -22.43 -1.11
N LEU H 301 -45.07 -23.35 -1.57
CA LEU H 301 -43.98 -23.91 -0.77
C LEU H 301 -42.72 -23.03 -0.78
N GLN H 302 -42.09 -22.85 0.39
CA GLN H 302 -40.85 -22.10 0.50
C GLN H 302 -39.67 -23.05 0.25
N VAL H 303 -38.73 -22.66 -0.62
CA VAL H 303 -37.58 -23.47 -1.03
C VAL H 303 -36.27 -22.79 -0.65
N ILE H 304 -35.42 -23.51 0.09
CA ILE H 304 -34.13 -23.03 0.56
C ILE H 304 -33.05 -23.74 -0.22
N GLY H 305 -32.14 -22.98 -0.82
CA GLY H 305 -31.03 -23.54 -1.61
C GLY H 305 -29.72 -23.55 -0.85
N GLY H 306 -28.77 -24.35 -1.32
CA GLY H 306 -27.47 -24.47 -0.68
C GLY H 306 -26.85 -25.86 -0.82
N ASN H 307 -25.65 -26.04 -0.29
CA ASN H 307 -24.87 -25.01 0.40
C ASN H 307 -23.98 -24.21 -0.57
N VAL H 308 -23.83 -22.92 -0.30
CA VAL H 308 -23.02 -21.96 -1.05
C VAL H 308 -22.10 -21.16 -0.12
N VAL H 309 -20.97 -20.68 -0.62
CA VAL H 309 -19.98 -19.88 0.13
C VAL H 309 -19.49 -18.65 -0.66
N THR H 310 -19.98 -18.40 -1.86
CA THR H 310 -19.60 -17.26 -2.71
C THR H 310 -20.80 -16.55 -3.34
N ALA H 311 -20.66 -15.27 -3.65
CA ALA H 311 -21.73 -14.49 -4.28
C ALA H 311 -22.05 -15.00 -5.69
N ALA H 312 -21.08 -15.55 -6.41
CA ALA H 312 -21.28 -16.13 -7.75
C ALA H 312 -22.24 -17.32 -7.67
N GLN H 313 -22.04 -18.24 -6.72
CA GLN H 313 -22.95 -19.35 -6.48
C GLN H 313 -24.33 -18.84 -6.04
N ALA H 314 -24.37 -17.83 -5.16
CA ALA H 314 -25.63 -17.28 -4.68
C ALA H 314 -26.48 -16.67 -5.80
N LYS H 315 -25.86 -16.02 -6.80
CA LYS H 315 -26.57 -15.40 -7.92
C LYS H 315 -27.39 -16.41 -8.73
N ASN H 316 -26.82 -17.57 -9.09
CA ASN H 316 -27.56 -18.56 -9.87
C ASN H 316 -28.79 -19.08 -9.14
N LEU H 317 -28.70 -19.34 -7.83
CA LEU H 317 -29.81 -19.82 -7.02
C LEU H 317 -30.87 -18.73 -6.80
N ILE H 318 -30.48 -17.46 -6.58
CA ILE H 318 -31.45 -16.36 -6.43
C ILE H 318 -32.19 -16.18 -7.77
N ASP H 319 -31.51 -16.26 -8.92
CA ASP H 319 -32.13 -16.20 -10.25
C ASP H 319 -33.01 -17.43 -10.55
N ALA H 320 -32.73 -18.59 -9.95
CA ALA H 320 -33.56 -19.78 -10.06
C ALA H 320 -34.91 -19.59 -9.34
N GLY H 321 -34.95 -18.72 -8.33
CA GLY H 321 -36.15 -18.38 -7.56
C GLY H 321 -36.18 -18.90 -6.11
N VAL H 322 -35.05 -19.09 -5.42
CA VAL H 322 -35.07 -19.57 -4.02
C VAL H 322 -35.62 -18.49 -3.08
N ASP H 323 -36.03 -18.90 -1.88
CA ASP H 323 -36.60 -18.02 -0.85
C ASP H 323 -35.64 -17.72 0.32
N ALA H 324 -34.54 -18.48 0.44
CA ALA H 324 -33.46 -18.32 1.40
C ALA H 324 -32.20 -19.08 0.90
N LEU H 325 -31.06 -18.89 1.56
CA LEU H 325 -29.80 -19.54 1.22
C LEU H 325 -29.14 -20.17 2.44
N ARG H 326 -28.47 -21.30 2.25
CA ARG H 326 -27.76 -22.03 3.30
C ARG H 326 -26.26 -21.83 3.04
N VAL H 327 -25.54 -21.30 4.02
CA VAL H 327 -24.13 -20.95 3.86
C VAL H 327 -23.18 -21.73 4.74
N GLY H 328 -22.14 -22.30 4.13
CA GLY H 328 -21.10 -23.07 4.81
C GLY H 328 -20.62 -24.24 3.97
N MET H 329 -19.31 -24.50 3.97
CA MET H 329 -18.70 -25.62 3.23
C MET H 329 -17.39 -26.02 3.90
N GLY H 330 -17.42 -27.16 4.57
CA GLY H 330 -16.27 -27.71 5.27
C GLY H 330 -16.05 -27.17 6.69
N SER H 331 -16.93 -26.29 7.19
CA SER H 331 -16.87 -25.69 8.53
C SER H 331 -17.53 -26.53 9.63
N GLY H 332 -18.22 -27.63 9.29
CA GLY H 332 -18.89 -28.47 10.28
C GLY H 332 -17.92 -29.23 11.18
N SER H 333 -18.31 -29.48 12.43
CA SER H 333 -17.43 -30.17 13.38
C SER H 333 -17.03 -31.59 12.96
N ILE H 334 -17.92 -32.27 12.22
CA ILE H 334 -17.76 -33.63 11.68
C ILE H 334 -17.46 -33.60 10.16
N CYS H 335 -16.98 -32.48 9.60
CA CYS H 335 -16.74 -32.37 8.16
C CYS H 335 -15.25 -32.39 7.87
N ILE H 336 -14.84 -33.22 6.91
CA ILE H 336 -13.45 -33.34 6.44
C ILE H 336 -13.34 -32.97 4.96
N THR H 337 -14.36 -32.30 4.40
CA THR H 337 -14.40 -31.89 2.98
C THR H 337 -13.21 -31.01 2.59
N GLN H 338 -12.76 -30.07 3.44
CA GLN H 338 -11.63 -29.20 3.12
C GLN H 338 -10.30 -29.97 2.97
N GLU H 339 -10.08 -31.03 3.74
CA GLU H 339 -8.88 -31.87 3.63
C GLU H 339 -9.01 -32.92 2.53
N VAL H 340 -10.22 -33.44 2.28
CA VAL H 340 -10.45 -34.46 1.25
C VAL H 340 -10.59 -33.89 -0.15
N LEU H 341 -11.41 -32.86 -0.36
CA LEU H 341 -11.66 -32.31 -1.69
C LEU H 341 -10.97 -30.96 -1.99
N ALA H 342 -10.27 -30.37 -1.01
CA ALA H 342 -9.56 -29.08 -1.13
C ALA H 342 -10.45 -27.87 -1.47
N CYS H 343 -11.75 -28.00 -1.28
CA CYS H 343 -12.73 -26.98 -1.60
C CYS H 343 -13.53 -26.54 -0.37
N GLY H 344 -13.86 -25.26 -0.29
CA GLY H 344 -14.62 -24.66 0.79
C GLY H 344 -14.21 -23.21 1.06
N ARG H 345 -14.54 -22.69 2.25
CA ARG H 345 -14.18 -21.33 2.67
C ARG H 345 -14.31 -21.13 4.17
N PRO H 346 -13.49 -20.29 4.82
CA PRO H 346 -13.66 -20.00 6.25
C PRO H 346 -15.07 -19.43 6.51
N GLN H 347 -15.74 -19.85 7.58
CA GLN H 347 -17.15 -19.53 7.78
C GLN H 347 -17.51 -18.04 7.95
N ALA H 348 -16.74 -17.24 8.68
CA ALA H 348 -17.09 -15.83 8.88
C ALA H 348 -17.10 -15.02 7.57
N THR H 349 -16.04 -15.10 6.77
CA THR H 349 -15.98 -14.40 5.47
C THR H 349 -17.04 -14.91 4.51
N ALA H 350 -17.29 -16.23 4.44
CA ALA H 350 -18.33 -16.76 3.57
C ALA H 350 -19.71 -16.22 3.95
N VAL H 351 -20.05 -16.20 5.25
CA VAL H 351 -21.33 -15.66 5.71
C VAL H 351 -21.45 -14.18 5.36
N TYR H 352 -20.41 -13.37 5.61
CA TYR H 352 -20.46 -11.96 5.28
C TYR H 352 -20.64 -11.73 3.76
N LYS H 353 -19.81 -12.34 2.92
CA LYS H 353 -19.86 -12.18 1.45
C LYS H 353 -21.18 -12.63 0.85
N VAL H 354 -21.69 -13.80 1.25
CA VAL H 354 -22.98 -14.27 0.74
C VAL H 354 -24.12 -13.39 1.25
N SER H 355 -24.13 -12.98 2.52
CA SER H 355 -25.19 -12.15 3.06
C SER H 355 -25.22 -10.76 2.43
N GLU H 356 -24.05 -10.17 2.14
CA GLU H 356 -23.94 -8.87 1.51
C GLU H 356 -24.62 -8.91 0.13
N TYR H 357 -24.36 -9.95 -0.66
CA TYR H 357 -24.97 -10.12 -1.96
C TYR H 357 -26.48 -10.43 -1.86
N ALA H 358 -26.88 -11.37 -0.99
CA ALA H 358 -28.29 -11.78 -0.87
C ALA H 358 -29.22 -10.68 -0.32
N ARG H 359 -28.68 -9.70 0.42
CA ARG H 359 -29.43 -8.55 0.95
C ARG H 359 -30.00 -7.69 -0.18
N ARG H 360 -29.31 -7.57 -1.31
CA ARG H 360 -29.72 -6.79 -2.48
C ARG H 360 -31.03 -7.27 -3.11
N PHE H 361 -31.46 -8.50 -2.84
CA PHE H 361 -32.69 -9.10 -3.38
C PHE H 361 -33.70 -9.49 -2.29
N GLY H 362 -33.51 -9.08 -1.04
CA GLY H 362 -34.41 -9.42 0.07
C GLY H 362 -34.39 -10.90 0.45
N VAL H 363 -33.30 -11.62 0.19
CA VAL H 363 -33.20 -13.05 0.48
C VAL H 363 -32.38 -13.29 1.76
N PRO H 364 -32.95 -13.88 2.82
CA PRO H 364 -32.22 -14.13 4.05
C PRO H 364 -31.23 -15.29 3.92
N VAL H 365 -30.19 -15.26 4.74
CA VAL H 365 -29.12 -16.26 4.81
C VAL H 365 -29.18 -17.03 6.13
N ILE H 366 -29.07 -18.34 6.04
CA ILE H 366 -28.98 -19.25 7.18
C ILE H 366 -27.49 -19.58 7.34
N ALA H 367 -26.90 -19.31 8.50
CA ALA H 367 -25.50 -19.61 8.76
C ALA H 367 -25.40 -21.05 9.28
N ASP H 368 -24.69 -21.92 8.58
CA ASP H 368 -24.56 -23.34 8.90
C ASP H 368 -23.13 -23.83 9.08
N GLY H 369 -22.80 -24.41 10.25
CA GLY H 369 -21.51 -25.00 10.53
C GLY H 369 -20.53 -24.13 11.31
N GLY H 370 -19.80 -24.73 12.24
CA GLY H 370 -18.78 -24.04 13.06
C GLY H 370 -19.27 -23.37 14.35
N ILE H 371 -20.53 -23.53 14.76
CA ILE H 371 -21.05 -22.90 15.99
C ILE H 371 -20.69 -23.78 17.20
N GLN H 372 -19.89 -23.25 18.13
CA GLN H 372 -19.42 -23.97 19.34
C GLN H 372 -19.89 -23.36 20.66
N ASN H 373 -20.30 -22.10 20.64
CA ASN H 373 -20.76 -21.33 21.79
C ASN H 373 -21.65 -20.17 21.32
N VAL H 374 -22.35 -19.53 22.26
CA VAL H 374 -23.25 -18.41 21.99
C VAL H 374 -22.52 -17.21 21.37
N GLY H 375 -21.23 -16.99 21.67
CA GLY H 375 -20.43 -15.94 21.02
C GLY H 375 -20.34 -16.17 19.51
N HIS H 376 -20.23 -17.43 19.06
CA HIS H 376 -20.24 -17.73 17.63
C HIS H 376 -21.59 -17.35 17.01
N ILE H 377 -22.71 -17.60 17.69
CA ILE H 377 -24.06 -17.26 17.19
C ILE H 377 -24.19 -15.76 17.02
N ALA H 378 -23.74 -14.96 18.00
CA ALA H 378 -23.80 -13.50 17.95
C ALA H 378 -22.97 -12.93 16.79
N LYS H 379 -21.79 -13.50 16.53
CA LYS H 379 -20.91 -13.09 15.43
C LYS H 379 -21.57 -13.41 14.08
N ALA H 380 -22.12 -14.61 13.88
CA ALA H 380 -22.78 -14.97 12.62
C ALA H 380 -23.95 -14.01 12.34
N LEU H 381 -24.79 -13.70 13.34
CA LEU H 381 -25.91 -12.78 13.17
C LEU H 381 -25.42 -11.35 12.87
N ALA H 382 -24.36 -10.89 13.52
CA ALA H 382 -23.83 -9.55 13.29
C ALA H 382 -23.16 -9.41 11.91
N LEU H 383 -22.67 -10.49 11.31
CA LEU H 383 -22.06 -10.45 9.97
C LEU H 383 -23.07 -10.48 8.82
N GLY H 384 -24.38 -10.55 9.09
CA GLY H 384 -25.41 -10.49 8.06
C GLY H 384 -26.37 -11.68 7.99
N ALA H 385 -26.12 -12.78 8.68
CA ALA H 385 -27.03 -13.92 8.67
C ALA H 385 -28.32 -13.57 9.42
N SER H 386 -29.45 -14.14 8.99
CA SER H 386 -30.75 -13.92 9.64
C SER H 386 -31.10 -15.04 10.63
N THR H 387 -30.59 -16.24 10.42
CA THR H 387 -30.80 -17.41 11.29
C THR H 387 -29.52 -18.23 11.33
N VAL H 388 -29.38 -19.06 12.35
CA VAL H 388 -28.21 -19.92 12.59
C VAL H 388 -28.65 -21.37 12.74
N MET H 389 -28.01 -22.27 11.99
CA MET H 389 -28.26 -23.70 11.99
C MET H 389 -27.10 -24.39 12.69
N MET H 390 -27.43 -25.30 13.60
CA MET H 390 -26.44 -26.00 14.41
C MET H 390 -26.66 -27.50 14.48
N GLY H 391 -25.55 -28.24 14.48
CA GLY H 391 -25.47 -29.68 14.59
C GLY H 391 -25.01 -30.10 15.98
N SER H 392 -23.70 -30.27 16.13
CA SER H 392 -23.08 -30.70 17.40
C SER H 392 -23.48 -29.90 18.63
N LEU H 393 -23.86 -28.62 18.53
CA LEU H 393 -24.29 -27.85 19.69
C LEU H 393 -25.59 -28.46 20.29
N LEU H 394 -26.48 -28.95 19.43
CA LEU H 394 -27.74 -29.59 19.84
C LEU H 394 -27.61 -31.13 19.95
N ALA H 395 -26.46 -31.68 19.59
CA ALA H 395 -26.21 -33.11 19.71
C ALA H 395 -26.08 -33.48 21.20
N ALA H 396 -26.35 -34.73 21.53
CA ALA H 396 -26.35 -35.26 22.90
C ALA H 396 -27.32 -34.57 23.86
N THR H 397 -28.42 -34.03 23.31
CA THR H 397 -29.53 -33.46 24.07
C THR H 397 -30.57 -34.57 24.22
N THR H 398 -31.55 -34.38 25.10
CA THR H 398 -32.58 -35.40 25.35
C THR H 398 -33.44 -35.68 24.11
N GLU H 399 -33.84 -34.65 23.36
CA GLU H 399 -34.70 -34.80 22.18
C GLU H 399 -33.99 -35.24 20.90
N ALA H 400 -32.65 -35.26 20.87
CA ALA H 400 -31.89 -35.71 19.71
C ALA H 400 -32.07 -37.23 19.50
N PRO H 401 -32.09 -37.75 18.25
CA PRO H 401 -32.24 -39.17 17.97
C PRO H 401 -31.08 -40.03 18.50
N GLY H 402 -31.38 -41.28 18.84
CA GLY H 402 -30.41 -42.23 19.39
C GLY H 402 -30.41 -42.23 20.93
N GLU H 403 -30.02 -43.33 21.55
CA GLU H 403 -29.97 -43.48 23.01
C GLU H 403 -28.57 -43.18 23.57
N TYR H 404 -28.47 -42.84 24.85
CA TYR H 404 -27.19 -42.56 25.51
C TYR H 404 -26.42 -43.85 25.83
N PHE H 405 -25.11 -43.71 26.06
CA PHE H 405 -24.20 -44.79 26.44
C PHE H 405 -23.05 -44.19 27.26
N PHE H 406 -22.40 -45.00 28.09
CA PHE H 406 -21.32 -44.58 28.99
C PHE H 406 -19.94 -45.03 28.50
N SER H 407 -18.93 -44.20 28.72
CA SER H 407 -17.51 -44.43 28.42
C SER H 407 -16.66 -43.42 29.20
N ASP H 408 -15.48 -43.82 29.69
CA ASP H 408 -14.59 -42.96 30.48
C ASP H 408 -15.23 -42.40 31.77
N GLY H 409 -16.31 -43.03 32.24
CA GLY H 409 -17.05 -42.61 33.45
C GLY H 409 -18.06 -41.48 33.23
N ILE H 410 -18.32 -41.07 31.97
CA ILE H 410 -19.26 -39.98 31.62
C ILE H 410 -20.24 -40.41 30.53
N ARG H 411 -21.43 -39.77 30.49
CA ARG H 411 -22.48 -40.10 29.53
C ARG H 411 -22.31 -39.31 28.23
N LEU H 412 -22.61 -39.94 27.10
CA LEU H 412 -22.45 -39.32 25.77
C LEU H 412 -23.40 -39.98 24.76
N LYS H 413 -23.55 -39.36 23.59
CA LYS H 413 -24.40 -39.82 22.49
C LYS H 413 -23.66 -39.71 21.16
N LYS H 414 -24.00 -40.57 20.20
CA LYS H 414 -23.38 -40.60 18.87
C LYS H 414 -23.77 -39.39 18.02
N TYR H 415 -22.83 -38.89 17.24
CA TYR H 415 -22.98 -37.78 16.31
C TYR H 415 -22.08 -38.07 15.11
N ARG H 416 -22.64 -38.08 13.90
CA ARG H 416 -21.88 -38.41 12.69
C ARG H 416 -22.24 -37.51 11.52
N GLY H 417 -21.32 -37.35 10.58
CA GLY H 417 -21.56 -36.57 9.37
C GLY H 417 -22.37 -37.38 8.36
N MET H 418 -23.23 -36.72 7.59
CA MET H 418 -24.06 -37.40 6.58
C MET H 418 -23.22 -38.01 5.44
N GLY H 419 -22.02 -37.47 5.22
CA GLY H 419 -21.04 -37.92 4.24
C GLY H 419 -20.02 -38.93 4.81
N SER H 420 -20.18 -39.37 6.06
CA SER H 420 -19.31 -40.41 6.65
C SER H 420 -19.72 -41.76 6.03
N LEU H 421 -18.85 -42.77 6.00
CA LEU H 421 -19.20 -44.06 5.38
C LEU H 421 -20.39 -44.75 6.06
N ASP H 422 -20.56 -44.58 7.36
CA ASP H 422 -21.64 -45.18 8.14
C ASP H 422 -23.02 -44.63 7.72
N ALA H 423 -23.13 -43.31 7.53
CA ALA H 423 -24.37 -42.65 7.13
C ALA H 423 -24.77 -42.89 5.65
N MET H 424 -23.88 -43.47 4.83
CA MET H 424 -24.13 -43.73 3.40
C MET H 424 -23.66 -45.13 2.99
N ILE H 441 -15.02 -46.40 -4.90
CA ILE H 441 -16.36 -46.00 -5.35
C ILE H 441 -16.92 -44.90 -4.43
N LYS H 442 -16.85 -45.10 -3.11
CA LYS H 442 -17.35 -44.17 -2.09
C LYS H 442 -16.21 -43.39 -1.46
N VAL H 443 -16.29 -42.06 -1.46
CA VAL H 443 -15.30 -41.16 -0.86
C VAL H 443 -15.98 -40.48 0.33
N ALA H 444 -15.44 -40.68 1.53
CA ALA H 444 -16.05 -40.11 2.73
C ALA H 444 -15.66 -38.64 2.91
N GLN H 445 -16.65 -37.81 3.24
CA GLN H 445 -16.48 -36.39 3.53
C GLN H 445 -16.86 -36.02 4.97
N GLY H 446 -17.23 -37.00 5.79
CA GLY H 446 -17.59 -36.82 7.20
C GLY H 446 -17.01 -37.92 8.09
N VAL H 447 -17.12 -37.75 9.41
CA VAL H 447 -16.66 -38.72 10.40
C VAL H 447 -17.78 -39.07 11.38
N SER H 448 -17.68 -40.25 12.00
CA SER H 448 -18.63 -40.72 13.01
C SER H 448 -17.95 -40.61 14.37
N GLY H 449 -18.62 -40.05 15.35
CA GLY H 449 -18.09 -39.91 16.70
C GLY H 449 -19.17 -39.78 17.76
N ALA H 450 -18.85 -39.09 18.84
CA ALA H 450 -19.75 -38.86 19.95
C ALA H 450 -19.40 -37.57 20.72
N VAL H 451 -20.42 -36.95 21.31
CA VAL H 451 -20.28 -35.75 22.16
C VAL H 451 -20.96 -36.07 23.49
N GLN H 452 -20.57 -35.40 24.57
CA GLN H 452 -21.13 -35.71 25.90
C GLN H 452 -22.49 -35.05 26.15
N ASP H 453 -23.22 -35.56 27.14
CA ASP H 453 -24.57 -35.13 27.47
C ASP H 453 -24.67 -33.61 27.72
N LYS H 454 -25.78 -33.02 27.28
CA LYS H 454 -26.09 -31.60 27.34
C LYS H 454 -27.43 -31.28 28.02
N GLY H 455 -28.22 -32.27 28.42
CA GLY H 455 -29.52 -32.02 29.06
C GLY H 455 -30.65 -31.84 28.04
N SER H 456 -31.76 -31.24 28.44
CA SER H 456 -32.90 -30.98 27.54
C SER H 456 -32.78 -29.63 26.82
N ILE H 457 -33.34 -29.52 25.61
CA ILE H 457 -33.26 -28.24 24.89
C ILE H 457 -34.23 -27.20 25.47
N HIS H 458 -35.26 -27.62 26.21
CA HIS H 458 -36.19 -26.71 26.90
C HIS H 458 -35.45 -25.91 28.00
N LYS H 459 -34.27 -26.35 28.42
CA LYS H 459 -33.38 -25.68 29.38
C LYS H 459 -32.14 -25.08 28.68
N PHE H 460 -31.69 -25.64 27.56
CA PHE H 460 -30.51 -25.14 26.84
C PHE H 460 -30.84 -23.98 25.89
N VAL H 461 -31.95 -24.02 25.16
CA VAL H 461 -32.33 -22.90 24.27
C VAL H 461 -32.54 -21.60 25.04
N PRO H 462 -33.24 -21.53 26.19
CA PRO H 462 -33.36 -20.27 26.93
C PRO H 462 -31.98 -19.71 27.34
N TYR H 463 -30.99 -20.56 27.62
CA TYR H 463 -29.64 -20.09 27.91
C TYR H 463 -29.03 -19.41 26.66
N LEU H 464 -29.18 -20.01 25.47
CA LEU H 464 -28.71 -19.41 24.22
C LEU H 464 -29.42 -18.06 23.96
N ILE H 465 -30.72 -17.97 24.24
CA ILE H 465 -31.50 -16.73 24.10
C ILE H 465 -30.94 -15.64 25.01
N ALA H 466 -30.69 -15.96 26.30
CA ALA H 466 -30.17 -14.98 27.24
C ALA H 466 -28.79 -14.49 26.82
N GLY H 467 -27.91 -15.38 26.34
CA GLY H 467 -26.58 -15.01 25.86
C GLY H 467 -26.64 -14.10 24.63
N ILE H 468 -27.52 -14.39 23.66
CA ILE H 468 -27.69 -13.55 22.46
C ILE H 468 -28.15 -12.15 22.88
N GLN H 469 -29.11 -12.05 23.81
CA GLN H 469 -29.61 -10.77 24.30
C GLN H 469 -28.49 -9.99 25.04
N HIS H 470 -27.68 -10.65 25.86
CA HIS H 470 -26.58 -9.98 26.57
C HIS H 470 -25.53 -9.47 25.58
N SER H 471 -25.23 -10.24 24.53
CA SER H 471 -24.28 -9.79 23.50
C SER H 471 -24.82 -8.56 22.76
N CYS H 472 -26.12 -8.54 22.42
CA CYS H 472 -26.74 -7.37 21.79
C CYS H 472 -26.70 -6.14 22.71
N GLN H 473 -26.91 -6.32 24.01
CA GLN H 473 -26.87 -5.20 24.94
C GLN H 473 -25.45 -4.63 25.01
N ASP H 474 -24.42 -5.48 25.05
CA ASP H 474 -23.02 -5.05 25.10
C ASP H 474 -22.62 -4.22 23.88
N ILE H 475 -23.04 -4.61 22.68
CA ILE H 475 -22.72 -3.87 21.45
C ILE H 475 -23.61 -2.64 21.24
N GLY H 476 -24.73 -2.52 21.94
CA GLY H 476 -25.63 -1.36 21.90
C GLY H 476 -26.80 -1.40 20.91
N ALA H 477 -27.42 -2.55 20.65
CA ALA H 477 -28.58 -2.65 19.75
C ALA H 477 -29.78 -3.31 20.42
N LYS H 478 -30.98 -2.76 20.21
CA LYS H 478 -32.25 -3.25 20.76
C LYS H 478 -32.87 -4.42 20.01
N SER H 479 -32.30 -4.84 18.88
CA SER H 479 -32.78 -5.99 18.10
C SER H 479 -31.73 -6.48 17.10
N LEU H 480 -31.89 -7.70 16.58
CA LEU H 480 -30.98 -8.25 15.58
C LEU H 480 -31.07 -7.44 14.28
N THR H 481 -32.26 -6.96 13.91
CA THR H 481 -32.46 -6.07 12.77
C THR H 481 -31.59 -4.83 12.93
N GLN H 482 -31.61 -4.20 14.12
CA GLN H 482 -30.78 -3.03 14.37
C GLN H 482 -29.29 -3.38 14.27
N VAL H 483 -28.86 -4.55 14.78
CA VAL H 483 -27.46 -5.00 14.70
C VAL H 483 -27.00 -5.00 13.25
N ARG H 484 -27.75 -5.65 12.35
CA ARG H 484 -27.37 -5.72 10.91
C ARG H 484 -27.45 -4.35 10.25
N ALA H 485 -28.44 -3.52 10.60
CA ALA H 485 -28.56 -2.17 10.05
C ALA H 485 -27.32 -1.33 10.42
N MET H 486 -26.87 -1.37 11.68
CA MET H 486 -25.68 -0.61 12.08
C MET H 486 -24.39 -1.25 11.57
N MET H 487 -24.39 -2.55 11.26
CA MET H 487 -23.25 -3.21 10.65
C MET H 487 -23.06 -2.74 9.21
N TYR H 488 -24.12 -2.67 8.42
CA TYR H 488 -24.03 -2.20 7.03
C TYR H 488 -23.78 -0.70 6.95
N SER H 489 -24.23 0.09 7.93
CA SER H 489 -24.00 1.55 7.93
C SER H 489 -22.59 1.94 8.37
N GLY H 490 -21.80 1.04 8.95
CA GLY H 490 -20.44 1.31 9.42
C GLY H 490 -20.35 1.76 10.88
N GLU H 491 -21.47 1.90 11.57
CA GLU H 491 -21.54 2.28 12.98
C GLU H 491 -21.03 1.14 13.90
N LEU H 492 -21.30 -0.14 13.58
CA LEU H 492 -20.77 -1.26 14.36
C LEU H 492 -19.29 -1.41 14.01
N LYS H 493 -18.41 -1.68 14.98
CA LYS H 493 -16.96 -1.78 14.77
C LYS H 493 -16.41 -3.12 15.23
N PHE H 494 -15.37 -3.56 14.56
CA PHE H 494 -14.72 -4.85 14.74
C PHE H 494 -13.20 -4.71 14.89
N GLU H 495 -12.56 -5.73 15.46
CA GLU H 495 -11.12 -5.78 15.61
C GLU H 495 -10.61 -7.22 15.45
N LYS H 496 -9.46 -7.40 14.79
CA LYS H 496 -8.81 -8.70 14.61
C LYS H 496 -8.17 -9.18 15.91
N ARG H 497 -7.87 -10.48 15.99
CA ARG H 497 -7.14 -11.09 17.10
C ARG H 497 -5.98 -11.91 16.59
N THR H 498 -4.79 -11.69 17.15
CA THR H 498 -3.61 -12.53 16.88
C THR H 498 -3.75 -13.84 17.65
N SER H 499 -2.80 -14.78 17.50
CA SER H 499 -2.83 -16.02 18.28
C SER H 499 -2.65 -15.70 19.77
N SER H 500 -1.75 -14.76 20.10
CA SER H 500 -1.54 -14.33 21.49
C SER H 500 -2.80 -13.66 22.05
N ALA H 501 -3.54 -12.91 21.23
CA ALA H 501 -4.80 -12.30 21.62
C ALA H 501 -5.86 -13.33 21.97
N GLN H 502 -5.95 -14.42 21.20
CA GLN H 502 -6.89 -15.51 21.49
C GLN H 502 -6.50 -16.23 22.79
N VAL H 503 -5.20 -16.47 23.02
CA VAL H 503 -4.68 -17.09 24.26
C VAL H 503 -5.04 -16.22 25.47
N GLU H 504 -4.87 -14.89 25.38
CA GLU H 504 -5.25 -13.96 26.44
C GLU H 504 -6.78 -13.86 26.66
N GLY H 505 -7.57 -13.94 25.59
CA GLY H 505 -9.02 -13.87 25.63
C GLY H 505 -9.69 -15.08 26.32
N GLY H 506 -9.11 -16.27 26.16
CA GLY H 506 -9.58 -17.49 26.83
C GLY H 506 -9.13 -17.56 28.30
N VAL H 507 -9.52 -18.58 29.05
CA VAL H 507 -9.06 -18.75 30.45
C VAL H 507 -7.57 -19.13 30.39
N HIS H 508 -6.74 -18.51 31.23
CA HIS H 508 -5.29 -18.76 31.24
C HIS H 508 -4.67 -18.52 32.62
N SER H 509 -3.44 -18.99 32.83
CA SER H 509 -2.62 -18.82 34.04
C SER H 509 -3.19 -19.31 35.39
N LEU H 510 -3.99 -20.37 35.38
CA LEU H 510 -4.59 -20.97 36.59
C LEU H 510 -4.07 -22.41 36.75
N HIS H 511 -3.91 -22.86 38.01
CA HIS H 511 -3.46 -24.23 38.30
C HIS H 511 -4.57 -25.22 37.90
N SER H 512 -5.81 -24.89 38.26
CA SER H 512 -7.04 -25.63 37.94
C SER H 512 -8.25 -24.70 38.03
N TYR H 513 -9.36 -25.06 37.38
CA TYR H 513 -10.61 -24.30 37.36
C TYR H 513 -11.80 -25.11 36.86
N GLU H 514 -13.01 -24.62 37.12
CA GLU H 514 -14.27 -25.19 36.64
C GLU H 514 -14.97 -24.15 35.74
N LYS H 515 -15.31 -24.54 34.50
CA LYS H 515 -16.01 -23.65 33.55
C LYS H 515 -17.44 -24.14 33.44
N ARG H 516 -18.35 -23.39 34.06
CA ARG H 516 -19.80 -23.66 34.13
C ARG H 516 -20.53 -22.50 33.47
N LEU H 517 -21.37 -22.82 32.49
CA LEU H 517 -22.06 -21.83 31.66
C LEU H 517 -23.36 -21.26 32.23
N PHE H 518 -24.20 -22.11 32.82
CA PHE H 518 -25.50 -21.77 33.42
C PHE H 518 -25.95 -22.85 34.42
P IMP I . 20.58 30.42 -10.60
O1P IMP I . 20.72 31.51 -11.59
O2P IMP I . 20.73 31.00 -9.26
O3P IMP I . 19.22 29.87 -10.78
O5' IMP I . 21.66 29.26 -10.82
C5' IMP I . 23.06 29.54 -10.70
C4' IMP I . 23.83 28.19 -10.75
O4' IMP I . 23.80 27.67 -12.08
C3' IMP I . 25.33 28.27 -10.51
O3' IMP I . 25.70 28.51 -9.16
C2' IMP I . 25.80 26.91 -11.03
O2' IMP I . 25.60 25.85 -10.10
C1' IMP I . 24.83 26.67 -12.21
N9 IMP I . 25.44 26.80 -13.52
C8 IMP I . 26.37 27.74 -13.95
N7 IMP I . 26.63 27.64 -15.25
C5 IMP I . 25.78 26.62 -15.69
C6 IMP I . 25.54 26.14 -17.06
O6 IMP I . 26.10 26.57 -18.05
N1 IMP I . 24.62 25.14 -17.10
C2 IMP I . 24.00 24.63 -16.01
N3 IMP I . 24.18 25.07 -14.77
C4 IMP I . 25.10 26.10 -14.63
PA NAD J . 34.61 20.23 -15.88
O1A NAD J . 34.30 19.04 -15.01
O2A NAD J . 35.95 20.93 -15.74
O5B NAD J . 34.43 19.80 -17.41
C5B NAD J . 35.55 19.34 -18.17
C4B NAD J . 35.36 17.86 -18.50
O4B NAD J . 36.65 17.24 -18.65
C3B NAD J . 34.61 17.14 -17.40
O3B NAD J . 33.37 16.63 -17.92
C2B NAD J . 35.54 16.05 -16.90
O2B NAD J . 34.97 14.74 -17.02
C1B NAD J . 36.80 16.14 -17.74
N9A NAD J . 37.98 16.37 -16.86
C8A NAD J . 37.97 17.10 -15.72
N7A NAD J . 39.20 17.12 -15.15
C5A NAD J . 40.02 16.39 -15.93
C6A NAD J . 41.45 16.00 -15.92
N6A NAD J . 42.27 16.41 -14.92
N1A NAD J . 41.91 15.22 -16.93
C2A NAD J . 41.10 14.82 -17.92
N3A NAD J . 39.79 15.12 -18.00
C4A NAD J . 39.20 15.90 -17.06
O3 NAD J . 33.45 21.32 -15.68
PN NAD J . 31.95 21.01 -16.16
O1N NAD J . 31.32 20.06 -15.16
O2N NAD J . 31.98 20.64 -17.62
O5D NAD J . 31.22 22.44 -16.01
C5D NAD J . 31.63 23.54 -16.81
C4D NAD J . 31.07 24.83 -16.22
O4D NAD J . 29.69 24.93 -16.50
C3D NAD J . 31.26 24.87 -14.71
O3D NAD J . 32.06 26.00 -14.35
C2D NAD J . 29.85 24.93 -14.12
O2D NAD J . 29.66 26.07 -13.26
C1D NAD J . 28.90 25.00 -15.30
N1N NAD J . 27.95 23.90 -15.25
C2N NAD J . 27.25 23.68 -14.12
C3N NAD J . 26.35 22.63 -14.04
C7N NAD J . 25.58 22.40 -12.76
O7N NAD J . 25.98 22.89 -11.72
N7N NAD J . 24.48 21.66 -12.81
C4N NAD J . 26.15 21.81 -15.13
C5N NAD J . 26.87 22.05 -16.28
C6N NAD J . 27.77 23.11 -16.32
P IMP K . -10.35 36.77 -1.70
O1P IMP K . -10.24 38.00 -2.53
O2P IMP K . -11.76 36.54 -1.36
O3P IMP K . -9.84 35.67 -2.54
O5' IMP K . -9.46 36.83 -0.35
C5' IMP K . -9.77 37.76 0.70
C4' IMP K . -8.90 37.38 1.94
O4' IMP K . -7.52 37.71 1.69
C3' IMP K . -9.14 38.20 3.20
O3' IMP K . -10.34 37.88 3.88
C2' IMP K . -7.88 37.90 4.02
O2' IMP K . -7.95 36.65 4.73
C1' IMP K . -6.80 37.73 2.92
N9 IMP K . -5.85 38.82 2.88
C8 IMP K . -6.08 40.18 3.01
N7 IMP K . -5.00 40.91 2.78
C5 IMP K . -4.03 39.97 2.42
C6 IMP K . -2.64 40.20 1.97
O6 IMP K . -2.13 41.30 1.84
N1 IMP K . -1.99 39.04 1.70
C2 IMP K . -2.54 37.79 1.84
N3 IMP K . -3.79 37.57 2.22
C4 IMP K . -4.53 38.72 2.52
PA NAD L . 0.06 41.28 12.48
O1A NAD L . 0.11 39.90 13.09
O2A NAD L . -0.47 42.44 13.28
O5B NAD L . 1.53 41.66 11.96
C5B NAD L . 2.42 42.40 12.79
C4B NAD L . 3.59 41.52 13.22
O4B NAD L . 4.09 41.96 14.48
C3B NAD L . 3.16 40.06 13.35
O3B NAD L . 3.88 39.26 12.41
C2B NAD L . 3.45 39.68 14.80
O2B NAD L . 4.36 38.58 14.90
C1B NAD L . 4.05 40.92 15.46
N9A NAD L . 3.21 41.32 16.61
C8A NAD L . 1.87 41.23 16.69
N7A NAD L . 1.41 41.69 17.87
C5A NAD L . 2.47 42.10 18.59
C6A NAD L . 2.70 42.70 19.92
N6A NAD L . 1.65 42.96 20.76
N1A NAD L . 3.97 42.97 20.29
C2A NAD L . 5.01 42.72 19.46
N3A NAD L . 4.88 42.18 18.24
C4A NAD L . 3.65 41.86 17.76
O3 NAD L . -0.79 41.19 11.10
PN NAD L . -0.22 40.34 9.86
O1N NAD L . -0.41 38.88 10.16
O2N NAD L . 1.15 40.87 9.51
O5D NAD L . -1.24 40.75 8.68
C5D NAD L . -1.29 42.08 8.19
C4D NAD L . -2.55 42.26 7.34
O4D NAD L . -2.36 41.62 6.07
C3D NAD L . -3.76 41.64 8.00
O3D NAD L . -4.75 42.65 8.25
C2D NAD L . -4.25 40.55 7.06
O2D NAD L . -5.63 40.72 6.67
C1D NAD L . -3.35 40.61 5.83
N1N NAD L . -2.71 39.32 5.63
C2N NAD L . -3.46 38.21 5.59
C3N NAD L . -2.88 36.96 5.39
C7N NAD L . -3.74 35.73 5.35
O7N NAD L . -4.86 35.77 5.83
N7N NAD L . -3.24 34.62 4.79
C4N NAD L . -1.51 36.86 5.23
C5N NAD L . -0.75 38.02 5.27
C6N NAD L . -1.38 39.25 5.48
P IMP M . -21.31 17.92 -26.09
O1P IMP M . -21.36 19.34 -26.50
O2P IMP M . -21.52 17.08 -27.28
O3P IMP M . -19.96 17.72 -25.56
O5' IMP M . -22.39 17.59 -24.97
C5' IMP M . -23.80 17.66 -25.24
C4' IMP M . -24.56 17.33 -23.93
O4' IMP M . -24.54 18.48 -23.06
C3' IMP M . -26.06 17.11 -24.07
O3' IMP M . -26.43 15.87 -24.65
C2' IMP M . -26.54 17.28 -22.62
O2' IMP M . -26.36 16.09 -21.83
C1' IMP M . -25.57 18.35 -22.06
N9 IMP M . -26.17 19.65 -21.84
C8 IMP M . -27.13 20.29 -22.62
N7 IMP M . -27.39 21.51 -22.17
C5 IMP M . -26.52 21.68 -21.10
C6 IMP M . -26.29 22.88 -20.27
O6 IMP M . -26.87 23.94 -20.43
N1 IMP M . -25.36 22.68 -19.30
C2 IMP M . -24.70 21.50 -19.11
N3 IMP M . -24.87 20.42 -19.87
C4 IMP M . -25.82 20.54 -20.88
PA NAD N . -35.25 19.98 -14.76
O1A NAD N . -34.89 18.83 -13.86
O2A NAD N . -36.59 20.02 -15.45
O5B NAD N . -35.07 21.36 -13.94
C5B NAD N . -36.19 21.94 -13.28
C4B NAD N . -35.99 21.88 -11.76
O4B NAD N . -37.25 21.82 -11.11
C3B NAD N . -35.19 20.63 -11.37
O3B NAD N . -33.95 21.02 -10.77
C2B NAD N . -36.10 19.85 -10.43
O2B NAD N . -35.50 19.65 -9.13
C1B NAD N . -37.38 20.66 -10.28
N9A NAD N . -38.53 19.85 -10.72
C8A NAD N . -38.53 18.95 -11.73
N7A NAD N . -39.75 18.37 -11.88
C5A NAD N . -40.56 18.92 -10.95
C6A NAD N . -41.99 18.76 -10.56
N6A NAD N . -42.80 17.89 -11.21
N1A NAD N . -42.44 19.52 -9.54
C2A NAD N . -41.65 20.39 -8.90
N3A NAD N . -40.35 20.58 -9.19
C4A NAD N . -39.77 19.89 -10.20
O3 NAD N . -34.10 20.11 -15.89
PN NAD N . -32.60 20.51 -15.50
O1N NAD N . -31.94 19.31 -14.85
O2N NAD N . -32.63 21.82 -14.75
O5D NAD N . -31.91 20.77 -16.92
C5D NAD N . -32.37 21.80 -17.78
C4D NAD N . -31.82 21.59 -19.19
O4D NAD N . -30.43 21.93 -19.20
C3D NAD N . -31.96 20.14 -19.62
O3D NAD N . -32.77 20.08 -20.80
C2D NAD N . -30.54 19.63 -19.85
O2D NAD N . -30.34 19.13 -21.18
C1D NAD N . -29.62 20.81 -19.61
N1N NAD N . -28.66 20.48 -18.57
C2N NAD N . -27.94 19.35 -18.66
C3N NAD N . -27.02 19.00 -17.68
C7N NAD N . -26.22 17.74 -17.82
O7N NAD N . -26.62 16.86 -18.56
N7N NAD N . -25.10 17.61 -17.10
C4N NAD N . -26.83 19.84 -16.59
C5N NAD N . -27.58 21.01 -16.51
C6N NAD N . -28.49 21.31 -17.52
P IMP O . 9.59 11.60 -35.16
O1P IMP O . 9.47 12.70 -36.15
O2P IMP O . 11.03 11.24 -35.02
O3P IMP O . 9.08 12.15 -33.89
O5' IMP O . 8.73 10.31 -35.54
C5' IMP O . 9.02 9.53 -36.71
C4' IMP O . 8.19 8.23 -36.66
O4' IMP O . 6.79 8.52 -36.86
C3' IMP O . 8.43 7.22 -37.78
O3' IMP O . 9.65 6.52 -37.69
C2' IMP O . 7.19 6.34 -37.68
O2' IMP O . 7.31 5.34 -36.66
C1' IMP O . 6.10 7.33 -37.23
N9 IMP O . 5.12 7.64 -38.25
C8 IMP O . 5.34 7.85 -39.60
N7 IMP O . 4.24 8.24 -40.24
C5 IMP O . 3.28 8.33 -39.24
C6 IMP O . 1.89 8.82 -39.32
O6 IMP O . 1.36 9.22 -40.34
N1 IMP O . 1.25 8.77 -38.12
C2 IMP O . 1.82 8.33 -36.97
N3 IMP O . 3.08 7.92 -36.86
C4 IMP O . 3.81 7.93 -38.05
PA NAD P . -0.69 -1.07 -43.10
O1A NAD P . -0.70 -2.02 -41.93
O2A NAD P . -0.18 -1.53 -44.44
O5B NAD P . -2.18 -0.50 -43.31
C5B NAD P . -3.07 -1.12 -44.23
C4B NAD P . -4.21 -1.79 -43.48
O4B NAD P . -4.69 -2.90 -44.23
C3B NAD P . -3.75 -2.30 -42.12
O3B NAD P . -4.46 -1.62 -41.08
C2B NAD P . -4.01 -3.80 -42.13
O2B NAD P . -4.90 -4.21 -41.08
C1B NAD P . -4.63 -4.13 -43.48
N9A NAD P . -3.77 -5.10 -44.20
C8A NAD P . -2.43 -5.17 -44.14
N7A NAD P . -1.97 -6.18 -44.92
C5A NAD P . -3.02 -6.78 -45.48
C6A NAD P . -3.23 -7.92 -46.42
N6A NAD P . -2.19 -8.64 -46.89
N1A NAD P . -4.51 -8.23 -46.75
C2A NAD P . -5.55 -7.53 -46.28
N3A NAD P . -5.44 -6.48 -45.43
C4A NAD P . -4.22 -6.08 -45.01
O3 NAD P . 0.14 0.25 -42.67
PN NAD P . -0.42 1.22 -41.52
O1N NAD P . -0.21 0.54 -40.19
O2N NAD P . -1.80 1.68 -41.91
O5D NAD P . 0.57 2.48 -41.60
C5D NAD P . 0.61 3.29 -42.78
C4D NAD P . 1.83 4.19 -42.73
O4D NAD P . 1.63 5.24 -41.77
C3D NAD P . 3.07 3.42 -42.32
O3D NAD P . 4.04 3.47 -43.37
C2D NAD P . 3.57 4.05 -41.03
O2D NAD P . 4.92 4.51 -41.12
C1D NAD P . 2.64 5.22 -40.75
N1N NAD P . 2.01 5.07 -39.44
C2N NAD P . 2.79 4.82 -38.37
C3N NAD P . 2.23 4.67 -37.11
C7N NAD P . 3.11 4.40 -35.92
O7N NAD P . 4.24 3.97 -36.10
N7N NAD P . 2.63 4.64 -34.70
C4N NAD P . 0.85 4.76 -36.95
C5N NAD P . 0.07 5.01 -38.07
C6N NAD P . 0.68 5.15 -39.31
P IMP Q . -6.27 -10.78 36.15
O1P IMP Q . -6.42 -11.97 37.04
O2P IMP Q . -5.73 -11.31 34.88
O3P IMP Q . -5.30 -9.84 36.76
O5' IMP Q . -7.66 -10.04 35.85
C5' IMP Q . -8.39 -9.40 36.90
C4' IMP Q . -9.54 -8.57 36.25
O4' IMP Q . -10.56 -9.45 35.74
C3' IMP Q . -10.37 -7.71 37.19
O3' IMP Q . -9.71 -6.55 37.67
C2' IMP Q . -11.61 -7.41 36.34
O2' IMP Q . -11.42 -6.34 35.42
C1' IMP Q . -11.77 -8.71 35.52
N9 IMP Q . -12.89 -9.53 35.91
C8 IMP Q . -13.33 -9.82 37.20
N7 IMP Q . -14.30 -10.72 37.21
C5 IMP Q . -14.46 -11.07 35.87
C6 IMP Q . -15.32 -12.11 35.29
O6 IMP Q . -16.08 -12.83 35.93
N1 IMP Q . -15.20 -12.20 33.93
C2 IMP Q . -14.37 -11.40 33.20
N3 IMP Q . -13.56 -10.48 33.71
C4 IMP Q . -13.63 -10.33 35.10
PA NAD R . -23.40 -4.79 35.90
O1A NAD R . -23.20 -3.80 34.79
O2A NAD R . -23.91 -4.34 37.25
O5B NAD R . -24.37 -5.96 35.37
C5B NAD R . -25.78 -5.90 35.61
C4B NAD R . -26.51 -5.69 34.30
O4B NAD R . -27.73 -4.99 34.54
C3B NAD R . -25.68 -4.87 33.32
O3B NAD R . -25.38 -5.65 32.16
C2B NAD R . -26.51 -3.63 33.00
O2B NAD R . -26.80 -3.50 31.60
C1B NAD R . -27.81 -3.78 33.79
N9A NAD R . -27.97 -2.63 34.71
C8A NAD R . -26.98 -1.98 35.35
N7A NAD R . -27.46 -0.98 36.12
C5A NAD R . -28.80 -0.96 35.97
C6A NAD R . -29.92 -0.15 36.50
N6A NAD R . -29.70 0.88 37.37
N1A NAD R . -31.17 -0.46 36.09
C2A NAD R . -31.39 -1.47 35.24
N3A NAD R . -30.43 -2.25 34.71
C4A NAD R . -29.13 -2.04 35.04
O3 NAD R . -22.01 -5.57 36.14
PN NAD R . -21.40 -6.53 34.99
O1N NAD R . -20.84 -5.65 33.89
O2N NAD R . -22.44 -7.58 34.65
O5D NAD R . -20.19 -7.26 35.74
C5D NAD R . -20.43 -8.12 36.84
C4D NAD R . -19.11 -8.40 37.56
O4D NAD R . -18.31 -9.29 36.78
C3D NAD R . -18.31 -7.13 37.76
O3D NAD R . -18.12 -6.90 39.17
C2D NAD R . -17.01 -7.31 37.01
O2D NAD R . -15.85 -7.16 37.85
C1D NAD R . -17.05 -8.73 36.44
N1N NAD R . -16.89 -8.69 34.99
C2N NAD R . -15.86 -8.01 34.46
C3N NAD R . -15.68 -7.95 33.08
C7N NAD R . -14.52 -7.18 32.51
O7N NAD R . -13.96 -6.34 33.19
N7N NAD R . -14.15 -7.44 31.26
C4N NAD R . -16.58 -8.60 32.25
C5N NAD R . -17.63 -9.30 32.82
C6N NAD R . -17.76 -9.32 34.20
P IMP S . 22.60 -19.92 23.53
O1P IMP S . 22.60 -21.01 24.55
O2P IMP S . 23.64 -20.21 22.52
O3P IMP S . 21.25 -19.98 22.92
O5' IMP S . 22.83 -18.46 24.15
C5' IMP S . 24.08 -18.08 24.75
C4' IMP S . 24.04 -16.56 25.03
O4' IMP S . 23.12 -16.28 26.11
C3' IMP S . 25.32 -15.95 25.62
O3' IMP S . 26.39 -15.80 24.69
C2' IMP S . 24.80 -14.60 26.17
O2' IMP S . 24.68 -13.59 25.16
C1' IMP S . 23.37 -14.96 26.62
N9 IMP S . 23.20 -14.98 28.06
C8 IMP S . 24.06 -15.49 29.02
N7 IMP S . 23.53 -15.46 30.23
C5 IMP S . 22.25 -14.96 30.04
C6 IMP S . 21.15 -14.80 31.02
O6 IMP S . 21.23 -15.08 32.20
N1 IMP S . 20.02 -14.28 30.46
C2 IMP S . 19.92 -13.95 29.14
N3 IMP S . 20.87 -14.12 28.23
C4 IMP S . 22.07 -14.63 28.73
PA NAD T . 25.98 -5.49 33.98
O1A NAD T . 25.69 -4.45 32.93
O2A NAD T . 27.32 -5.53 34.66
O5B NAD T . 24.84 -5.38 35.13
C5B NAD T . 25.07 -4.59 36.29
C4B NAD T . 24.15 -3.38 36.29
O4B NAD T . 24.76 -2.29 37.00
C3B NAD T . 23.86 -2.92 34.88
O3B NAD T . 22.45 -3.05 34.60
C2B NAD T . 24.34 -1.47 34.80
O2B NAD T . 23.29 -0.55 34.45
C1B NAD T . 24.88 -1.13 36.18
N9A NAD T . 26.30 -0.73 36.08
C8A NAD T . 27.20 -1.24 35.21
N7A NAD T . 28.42 -0.66 35.37
C5A NAD T . 28.31 0.24 36.36
C6A NAD T . 29.22 1.20 37.04
N6A NAD T . 30.51 1.31 36.67
N1A NAD T . 28.70 1.96 38.03
C2A NAD T . 27.42 1.86 38.40
N3A NAD T . 26.53 1.01 37.83
C4A NAD T . 26.92 0.18 36.82
O3 NAD T . 25.68 -6.94 33.35
PN NAD T . 24.19 -7.37 32.92
O1N NAD T . 23.85 -6.66 31.63
O2N NAD T . 23.28 -7.21 34.12
O5D NAD T . 24.34 -8.93 32.61
C5D NAD T . 24.72 -9.85 33.64
C4D NAD T . 25.15 -11.17 33.01
O4D NAD T . 24.00 -11.87 32.53
C3D NAD T . 26.08 -10.94 31.82
O3D NAD T . 27.34 -11.59 32.07
C2D NAD T . 25.36 -11.51 30.61
O2D NAD T . 26.13 -12.51 29.93
C1D NAD T . 24.07 -12.13 31.13
N1N NAD T . 22.92 -11.52 30.45
C2N NAD T . 22.90 -11.47 29.11
C3N NAD T . 21.83 -10.91 28.44
C7N NAD T . 21.82 -10.86 26.93
O7N NAD T . 22.87 -11.00 26.33
N7N NAD T . 20.66 -10.68 26.31
C4N NAD T . 20.77 -10.38 29.15
C5N NAD T . 20.81 -10.43 30.54
C6N NAD T . 21.91 -11.01 31.17
P IMP U . 7.03 -37.60 0.68
O1P IMP U . 7.21 -38.79 1.58
O2P IMP U . 6.04 -37.94 -0.36
O3P IMP U . 6.51 -36.53 1.56
O5' IMP U . 8.39 -37.09 0.02
C5' IMP U . 9.12 -37.91 -0.90
C4' IMP U . 10.25 -37.04 -1.54
O4' IMP U . 11.27 -36.77 -0.56
C3' IMP U . 11.08 -37.70 -2.63
O3' IMP U . 10.42 -37.85 -3.88
C2' IMP U . 12.29 -36.76 -2.71
O2' IMP U . 12.03 -35.57 -3.47
C1' IMP U . 12.47 -36.32 -1.23
N9 IMP U . 13.62 -36.91 -0.57
C8 IMP U . 14.07 -38.21 -0.65
N7 IMP U . 15.07 -38.45 0.20
C5 IMP U . 15.21 -37.25 0.90
C6 IMP U . 16.08 -36.95 2.04
O6 IMP U . 16.86 -37.74 2.56
N1 IMP U . 15.94 -35.66 2.48
C2 IMP U . 15.09 -34.76 1.92
N3 IMP U . 14.27 -35.02 0.91
C4 IMP U . 14.36 -36.31 0.40
PA NAD V . 24.03 -35.42 -5.27
O1A NAD V . 23.80 -34.09 -5.95
O2A NAD V . 24.55 -36.59 -6.07
O5B NAD V . 25.02 -35.19 -4.02
C5B NAD V . 26.41 -35.38 -4.17
C4B NAD V . 27.14 -34.05 -4.03
O4B NAD V . 28.34 -34.07 -4.79
C3B NAD V . 26.27 -32.90 -4.56
O3B NAD V . 25.98 -32.00 -3.49
C2B NAD V . 27.07 -32.25 -5.68
O2B NAD V . 27.33 -30.86 -5.44
C1B NAD V . 28.39 -33.01 -5.77
N9A NAD V . 28.53 -33.59 -7.13
C8A NAD V . 27.53 -34.07 -7.89
N7A NAD V . 28.01 -34.53 -9.09
C5A NAD V . 29.34 -34.35 -9.08
C6A NAD V . 30.46 -34.62 -10.02
N6A NAD V . 30.24 -35.19 -11.24
N1A NAD V . 31.71 -34.29 -9.62
C2A NAD V . 31.95 -33.73 -8.42
N3A NAD V . 30.99 -33.45 -7.52
C4A NAD V . 29.68 -33.74 -7.79
O3 NAD V . 22.66 -35.86 -4.57
PN NAD V . 22.07 -35.02 -3.32
O1N NAD V . 21.47 -33.74 -3.86
O2N NAD V . 23.12 -34.96 -2.24
O5D NAD V . 20.87 -35.96 -2.80
C5D NAD V . 21.14 -37.24 -2.24
C4D NAD V . 19.85 -38.05 -2.16
O4D NAD V . 19.04 -37.56 -1.08
C3D NAD V . 19.05 -37.92 -3.44
O3D NAD V . 18.86 -39.21 -4.02
C2D NAD V . 17.73 -37.27 -3.05
O2D NAD V . 16.58 -38.05 -3.42
C1D NAD V . 17.77 -37.11 -1.54
N1N NAD V . 17.58 -35.70 -1.18
C2N NAD V . 16.54 -35.03 -1.68
C3N NAD V . 16.33 -33.69 -1.37
C7N NAD V . 15.15 -32.95 -1.93
O7N NAD V . 14.58 -33.39 -2.91
N7N NAD V . 14.76 -31.82 -1.35
C4N NAD V . 17.22 -33.04 -0.52
C5N NAD V . 18.30 -33.76 -0.01
C6N NAD V . 18.46 -35.09 -0.37
P IMP W . -21.84 -28.43 13.31
O1P IMP W . -21.80 -29.70 14.09
O2P IMP W . -22.89 -27.56 13.87
O3P IMP W . -20.51 -27.82 13.51
O5' IMP W . -22.07 -28.66 11.74
C5' IMP W . -23.32 -29.18 11.25
C4' IMP W . -23.30 -29.03 9.69
O4' IMP W . -22.37 -29.97 9.12
C3' IMP W . -24.58 -29.45 8.97
O3' IMP W . -25.66 -28.55 9.11
C2' IMP W . -24.10 -29.58 7.52
O2' IMP W . -24.01 -28.34 6.83
C1' IMP W . -22.65 -30.10 7.72
N9 IMP W . -22.45 -31.48 7.33
C8 IMP W . -23.28 -32.56 7.58
N7 IMP W . -22.74 -33.71 7.22
C5 IMP W . -21.46 -33.36 6.77
C6 IMP W . -20.36 -34.24 6.34
O6 IMP W . -20.41 -35.46 6.30
N1 IMP W . -19.26 -33.54 5.97
C2 IMP W . -19.17 -32.18 5.99
N3 IMP W . -20.15 -31.37 6.41
C4 IMP W . -21.32 -32.01 6.79
PA NAD X . -25.34 -34.73 -3.35
O1A NAD X . -25.08 -33.44 -4.08
O2A NAD X . -26.68 -35.41 -3.47
O5B NAD X . -24.20 -35.79 -3.78
C5B NAD X . -24.44 -36.70 -4.85
C4B NAD X . -23.53 -36.36 -6.02
O4B NAD X . -24.15 -36.76 -7.25
C3B NAD X . -23.27 -34.86 -6.11
O3B NAD X . -21.87 -34.61 -5.91
C2B NAD X . -23.78 -34.41 -7.47
O2B NAD X . -22.76 -33.81 -8.27
C1B NAD X . -24.30 -35.67 -8.15
N9A NAD X . -25.74 -35.48 -8.49
C8A NAD X . -26.64 -34.81 -7.75
N7A NAD X . -27.87 -34.83 -8.33
C5A NAD X . -27.76 -35.55 -9.47
C6A NAD X . -28.67 -35.96 -10.56
N6A NAD X . -29.99 -35.61 -10.55
N1A NAD X . -28.16 -36.71 -11.56
C2A NAD X . -26.86 -37.07 -11.58
N3A NAD X . -25.97 -36.72 -10.63
C4A NAD X . -26.36 -35.98 -9.57
O3 NAD X . -25.03 -34.49 -1.79
PN NAD X . -23.54 -34.16 -1.29
O1N NAD X . -23.23 -32.73 -1.64
O2N NAD X . -22.62 -35.27 -1.78
O5D NAD X . -23.66 -34.28 0.31
C5D NAD X . -24.01 -35.52 0.92
C4D NAD X . -24.42 -35.28 2.37
O4D NAD X . -23.25 -34.99 3.15
C3D NAD X . -25.36 -34.10 2.49
O3D NAD X . -26.61 -34.54 3.04
C2D NAD X . -24.65 -33.07 3.35
O2D NAD X . -25.41 -32.70 4.50
C1D NAD X . -23.34 -33.71 3.78
N1N NAD X . -22.23 -32.87 3.36
C2N NAD X . -22.23 -31.56 3.67
C3N NAD X . -21.18 -30.73 3.28
C7N NAD X . -21.19 -29.28 3.64
O7N NAD X . -22.25 -28.75 3.96
N7N NAD X . -20.04 -28.59 3.61
C4N NAD X . -20.11 -31.27 2.57
C5N NAD X . -20.13 -32.62 2.25
C6N NAD X . -21.20 -33.41 2.66
#